data_6QXA
#
_entry.id   6QXA
#
_cell.length_a   98.101
_cell.length_b   141.594
_cell.length_c   251.980
_cell.angle_alpha   90.000
_cell.angle_beta   90.000
_cell.angle_gamma   90.000
#
_symmetry.space_group_name_H-M   'P 21 21 21'
#
loop_
_entity.id
_entity.type
_entity.pdbx_description
1 polymer 'K(+)-stimulated pyrophosphate-energized sodium pump'
2 non-polymer 'MAGNESIUM ION'
3 non-polymer 'IMIDODIPHOSPHORIC ACID'
4 non-polymer 'SODIUM ION'
5 non-polymer 'POTASSIUM ION'
6 non-polymer ~{N}-[(2-azanyl-3~{H}-1,3-benzothiazol-6-yl)methyl]-1~{H}-indole-2-carboxamide
7 non-polymer (4S,5S)-1,2-DITHIANE-4,5-DIOL
8 water water
#
_entity_poly.entity_id   1
_entity_poly.type   'polypeptide(L)'
_entity_poly.pdbx_seq_one_letter_code
;MRGSHHHHHHYVAALFFLIPLVALGFAAANFAAVVRKPEGTERMKEISSYIRSGADSFLAHETKAIFKVAIVIAILLMIF
TTWQTGVAFLLGAVMSASAGIVGMKMATRANVRVAEAARTTKKIGPALKVAYQGGSVMGLSVGGFALLGLVLVYLIFGKW
MGQVDNLNIYTNWLGINFVPFAMTVSGYALGCSIIAMFDRVGGGVYTKAADMAADLVGKTELNLPEDDPRNPATIADNVG
DNVGDVAGLGADLLESFVGAIVSSIILASYMFPIYVQKIGENLVHQVPKETIQALISYPIFFALVGLGCSMLGILYVIVK
KPSDNPQRELNISLWTSALLTVVLTAFLTYFYLKDLQGLDVLGFRFGAISPWFSAIIGIFSGILIGFWAEYYTSYRYKPT
QFLGKSSIEGTGMVISNGLSLGMKSVFPPTLTLVLGILFADYFAGLYGVAIAALGMLSFVATSVSVDSYGPIADNAGGIS
EMCELDPEVRKITDHLDAVGNTTAAIGKGFAIGSAIFAALSLFASYMFSQISPSDIGKPPSLVLLLNMLDARVIAGALLG
AAITYYFSGYLISAVTKAAMKMVDEIRRQAREIPGLLEGKAKPDYNRCIEITSDNALKQMGYPAFIAILTPLVTGFLLGA
EFVGGVLIGTVLSGAMLAILTANSGGAWDNAKKYLEAGNLEGYGKGSEPHKALVIGDTVGDPLKDTVGPSLDILIKIMSV
VSVIAVSIFKHVHLF
;
_entity_poly.pdbx_strand_id   A,B,C,D
#
loop_
_chem_comp.id
_chem_comp.type
_chem_comp.name
_chem_comp.formula
2PN non-polymer 'IMIDODIPHOSPHORIC ACID' 'H5 N O6 P2'
D1D non-polymer (4S,5S)-1,2-DITHIANE-4,5-DIOL 'C4 H8 O2 S2'
GQB non-polymer ~{N}-[(2-azanyl-3~{H}-1,3-benzothiazol-6-yl)methyl]-1~{H}-indole-2-carboxamide 'C17 H16 N4 O S'
K non-polymer 'POTASSIUM ION' 'K 1'
MG non-polymer 'MAGNESIUM ION' 'Mg 2'
NA non-polymer 'SODIUM ION' 'Na 1'
#
# COMPACT_ATOMS: atom_id res chain seq x y z
N TYR A 11 44.23 18.91 45.16
CA TYR A 11 45.53 18.67 44.55
C TYR A 11 45.74 19.62 43.37
N VAL A 12 46.19 19.07 42.24
CA VAL A 12 46.32 19.87 41.04
C VAL A 12 45.00 19.96 40.28
N ALA A 13 44.06 19.06 40.57
CA ALA A 13 42.75 19.13 39.92
C ALA A 13 42.03 20.43 40.28
N ALA A 14 42.16 20.87 41.53
CA ALA A 14 41.57 22.14 41.93
C ALA A 14 42.25 23.30 41.21
N LEU A 15 43.58 23.27 41.11
CA LEU A 15 44.29 24.31 40.39
C LEU A 15 43.83 24.38 38.93
N PHE A 16 43.58 23.22 38.31
CA PHE A 16 43.09 23.22 36.94
C PHE A 16 41.68 23.78 36.86
N PHE A 17 40.79 23.32 37.75
CA PHE A 17 39.39 23.71 37.73
C PHE A 17 39.18 25.19 38.01
N LEU A 18 40.19 25.89 38.53
CA LEU A 18 40.06 27.32 38.82
C LEU A 18 40.49 28.20 37.66
N ILE A 19 40.88 27.61 36.53
CA ILE A 19 41.38 28.37 35.39
C ILE A 19 40.23 29.15 34.76
N PRO A 20 39.06 28.54 34.56
CA PRO A 20 37.94 29.31 33.96
C PRO A 20 37.57 30.55 34.76
N LEU A 21 37.62 30.48 36.09
CA LEU A 21 37.36 31.67 36.89
C LEU A 21 38.41 32.75 36.64
N VAL A 22 39.67 32.34 36.52
CA VAL A 22 40.73 33.31 36.21
C VAL A 22 40.49 33.93 34.84
N ALA A 23 40.03 33.14 33.88
CA ALA A 23 39.76 33.68 32.55
C ALA A 23 38.61 34.67 32.58
N LEU A 24 37.54 34.35 33.32
CA LEU A 24 36.42 35.29 33.42
C LEU A 24 36.86 36.58 34.12
N GLY A 25 37.70 36.46 35.14
CA GLY A 25 38.21 37.66 35.80
C GLY A 25 39.10 38.47 34.87
N PHE A 26 39.92 37.82 34.06
CA PHE A 26 40.73 38.51 33.08
C PHE A 26 39.84 39.25 32.07
N ALA A 27 38.75 38.62 31.64
CA ALA A 27 37.83 39.29 30.73
C ALA A 27 37.20 40.52 31.39
N ALA A 28 36.80 40.39 32.65
CA ALA A 28 36.24 41.53 33.36
C ALA A 28 37.26 42.66 33.50
N ALA A 29 38.52 42.30 33.76
CA ALA A 29 39.57 43.31 33.87
C ALA A 29 39.80 44.01 32.54
N ASN A 30 39.79 43.25 31.44
CA ASN A 30 39.92 43.86 30.12
C ASN A 30 38.77 44.81 29.85
N PHE A 31 37.56 44.42 30.26
CA PHE A 31 36.40 45.31 30.10
C PHE A 31 36.60 46.60 30.89
N ALA A 32 37.03 46.47 32.15
CA ALA A 32 37.26 47.66 32.97
C ALA A 32 38.36 48.54 32.40
N ALA A 33 39.37 47.94 31.77
CA ALA A 33 40.44 48.73 31.17
C ALA A 33 39.98 49.46 29.92
N VAL A 34 39.21 48.77 29.07
CA VAL A 34 38.72 49.40 27.85
C VAL A 34 37.74 50.51 28.18
N VAL A 35 36.86 50.28 29.16
CA VAL A 35 35.89 51.31 29.53
C VAL A 35 36.59 52.53 30.11
N ARG A 36 37.73 52.33 30.78
CA ARG A 36 38.50 53.46 31.29
C ARG A 36 39.19 54.25 30.19
N LYS A 37 39.16 53.74 28.95
CA LYS A 37 39.77 54.44 27.84
C LYS A 37 38.91 55.64 27.44
N PRO A 38 39.49 56.59 26.71
CA PRO A 38 38.74 57.77 26.32
C PRO A 38 37.86 57.52 25.10
N GLU A 39 36.63 57.99 25.19
CA GLU A 39 35.70 57.87 24.07
C GLU A 39 35.94 59.01 23.09
N GLY A 40 35.09 59.08 22.07
CA GLY A 40 35.25 60.04 21.00
C GLY A 40 34.60 61.37 21.31
N THR A 41 34.11 62.03 20.26
CA THR A 41 33.48 63.34 20.40
C THR A 41 32.04 63.16 20.85
N GLU A 42 31.26 64.25 20.83
CA GLU A 42 29.86 64.15 21.22
C GLU A 42 29.06 63.38 20.19
N ARG A 43 29.30 63.64 18.90
CA ARG A 43 28.64 62.87 17.84
C ARG A 43 29.02 61.40 17.92
N MET A 44 30.28 61.11 18.22
CA MET A 44 30.71 59.73 18.39
C MET A 44 29.94 59.06 19.53
N LYS A 45 29.80 59.77 20.65
CA LYS A 45 29.03 59.23 21.77
C LYS A 45 27.58 58.99 21.38
N GLU A 46 26.99 59.92 20.62
CA GLU A 46 25.60 59.74 20.20
C GLU A 46 25.45 58.53 19.29
N ILE A 47 26.35 58.36 18.32
CA ILE A 47 26.27 57.23 17.41
C ILE A 47 26.46 55.93 18.17
N SER A 48 27.44 55.89 19.07
CA SER A 48 27.64 54.69 19.88
C SER A 48 26.41 54.39 20.72
N SER A 49 25.75 55.44 21.24
CA SER A 49 24.54 55.23 22.02
C SER A 49 23.42 54.65 21.16
N TYR A 50 23.26 55.17 19.95
CA TYR A 50 22.22 54.63 19.06
C TYR A 50 22.46 53.15 18.80
N ILE A 51 23.68 52.80 18.36
CA ILE A 51 23.98 51.41 18.03
C ILE A 51 23.86 50.52 19.27
N ARG A 52 24.37 50.99 20.40
CA ARG A 52 24.34 50.22 21.63
C ARG A 52 22.91 49.98 22.09
N SER A 53 22.05 50.99 22.01
CA SER A 53 20.65 50.83 22.40
C SER A 53 19.96 49.82 21.50
N GLY A 54 20.16 49.94 20.18
CA GLY A 54 19.55 48.97 19.28
C GLY A 54 19.99 47.55 19.58
N ALA A 55 21.30 47.36 19.74
CA ALA A 55 21.82 46.03 20.04
C ALA A 55 21.27 45.50 21.36
N ASP A 56 21.25 46.35 22.39
CA ASP A 56 20.74 45.92 23.69
C ASP A 56 19.28 45.49 23.59
N SER A 57 18.45 46.29 22.92
CA SER A 57 17.04 45.96 22.80
C SER A 57 16.84 44.64 22.06
N PHE A 58 17.49 44.49 20.90
CA PHE A 58 17.30 43.26 20.14
C PHE A 58 17.81 42.05 20.91
N LEU A 59 18.97 42.17 21.55
CA LEU A 59 19.50 41.05 22.31
C LEU A 59 18.61 40.72 23.49
N ALA A 60 17.99 41.72 24.11
CA ALA A 60 17.07 41.45 25.22
C ALA A 60 15.86 40.66 24.73
N HIS A 61 15.26 41.10 23.63
CA HIS A 61 14.11 40.37 23.09
C HIS A 61 14.50 38.95 22.71
N GLU A 62 15.61 38.81 21.99
CA GLU A 62 16.10 37.49 21.60
C GLU A 62 16.32 36.61 22.81
N THR A 63 16.93 37.16 23.87
CA THR A 63 17.23 36.37 25.05
C THR A 63 15.96 35.94 25.77
N LYS A 64 14.99 36.85 25.91
CA LYS A 64 13.72 36.49 26.52
C LYS A 64 13.08 35.33 25.79
N ALA A 65 12.93 35.45 24.46
CA ALA A 65 12.30 34.38 23.70
C ALA A 65 13.09 33.08 23.80
N ILE A 66 14.39 33.14 23.60
CA ILE A 66 15.23 31.95 23.60
C ILE A 66 15.19 31.27 24.96
N PHE A 67 15.10 32.05 26.04
CA PHE A 67 15.09 31.43 27.37
C PHE A 67 13.73 30.88 27.73
N LYS A 68 12.65 31.47 27.23
CA LYS A 68 11.34 30.80 27.36
C LYS A 68 11.39 29.44 26.68
N VAL A 69 11.87 29.41 25.43
CA VAL A 69 11.98 28.13 24.72
C VAL A 69 12.90 27.18 25.47
N ALA A 70 13.96 27.72 26.08
CA ALA A 70 14.93 26.88 26.79
C ALA A 70 14.30 26.28 28.04
N ILE A 71 13.50 27.04 28.76
CA ILE A 71 12.79 26.50 29.93
C ILE A 71 11.84 25.39 29.50
N VAL A 72 11.11 25.60 28.39
CA VAL A 72 10.20 24.56 27.91
C VAL A 72 10.98 23.29 27.58
N ILE A 73 12.10 23.44 26.85
CA ILE A 73 12.88 22.26 26.47
C ILE A 73 13.49 21.60 27.69
N ALA A 74 13.87 22.37 28.70
CA ALA A 74 14.43 21.80 29.92
C ALA A 74 13.38 20.99 30.67
N ILE A 75 12.15 21.51 30.73
CA ILE A 75 11.07 20.75 31.37
C ILE A 75 10.82 19.45 30.63
N LEU A 76 10.81 19.49 29.29
CA LEU A 76 10.62 18.27 28.52
C LEU A 76 11.75 17.27 28.78
N LEU A 77 12.99 17.76 28.78
CA LEU A 77 14.13 16.86 29.05
C LEU A 77 14.02 16.25 30.43
N MET A 78 13.59 17.04 31.42
CA MET A 78 13.41 16.50 32.76
C MET A 78 12.33 15.43 32.79
N ILE A 79 11.25 15.63 32.02
CA ILE A 79 10.17 14.65 32.01
C ILE A 79 10.63 13.34 31.38
N PHE A 80 11.21 13.40 30.18
CA PHE A 80 11.49 12.20 29.41
C PHE A 80 12.82 11.53 29.78
N THR A 81 13.71 12.21 30.49
CA THR A 81 14.96 11.61 30.93
C THR A 81 15.17 11.98 32.40
N THR A 82 16.42 11.93 32.84
CA THR A 82 16.74 12.29 34.22
C THR A 82 16.72 13.81 34.37
N TRP A 83 16.41 14.26 35.58
CA TRP A 83 16.38 15.70 35.84
C TRP A 83 17.77 16.32 35.68
N GLN A 84 18.82 15.54 35.94
CA GLN A 84 20.18 16.06 35.73
C GLN A 84 20.36 16.54 34.30
N THR A 85 19.75 15.85 33.35
CA THR A 85 19.83 16.28 31.95
C THR A 85 19.25 17.67 31.76
N GLY A 86 18.08 17.92 32.34
CA GLY A 86 17.47 19.24 32.22
C GLY A 86 18.29 20.31 32.92
N VAL A 87 18.84 19.98 34.09
CA VAL A 87 19.67 20.96 34.80
C VAL A 87 20.90 21.32 33.96
N ALA A 88 21.56 20.31 33.37
CA ALA A 88 22.71 20.58 32.52
C ALA A 88 22.31 21.38 31.29
N PHE A 89 21.14 21.09 30.72
CA PHE A 89 20.64 21.85 29.59
C PHE A 89 20.50 23.32 29.95
N LEU A 90 19.84 23.60 31.07
CA LEU A 90 19.68 24.99 31.51
C LEU A 90 21.03 25.64 31.77
N LEU A 91 21.96 24.91 32.38
CA LEU A 91 23.29 25.46 32.64
C LEU A 91 23.96 25.87 31.36
N GLY A 92 23.93 25.01 30.34
CA GLY A 92 24.56 25.34 29.07
C GLY A 92 23.87 26.49 28.36
N ALA A 93 22.53 26.52 28.40
CA ALA A 93 21.80 27.64 27.83
C ALA A 93 22.26 28.95 28.46
N VAL A 94 22.32 28.99 29.79
CA VAL A 94 22.75 30.20 30.49
C VAL A 94 24.19 30.55 30.10
N MET A 95 25.06 29.53 30.03
CA MET A 95 26.47 29.79 29.71
C MET A 95 26.60 30.45 28.33
N SER A 96 25.99 29.87 27.31
CA SER A 96 26.13 30.42 25.97
C SER A 96 25.50 31.80 25.87
N ALA A 97 24.29 31.96 26.42
CA ALA A 97 23.64 33.26 26.38
C ALA A 97 24.48 34.32 27.08
N SER A 98 25.10 33.95 28.21
CA SER A 98 25.92 34.90 28.95
C SER A 98 27.19 35.27 28.18
N ALA A 99 27.83 34.28 27.56
CA ALA A 99 29.00 34.59 26.74
C ALA A 99 28.63 35.58 25.64
N GLY A 100 27.53 35.31 24.93
CA GLY A 100 27.11 36.22 23.88
C GLY A 100 26.79 37.62 24.39
N ILE A 101 26.06 37.70 25.51
CA ILE A 101 25.68 39.00 26.04
C ILE A 101 26.90 39.77 26.52
N VAL A 102 27.86 39.08 27.14
CA VAL A 102 29.08 39.73 27.59
C VAL A 102 29.86 40.28 26.40
N GLY A 103 30.05 39.45 25.37
CA GLY A 103 30.74 39.92 24.18
C GLY A 103 30.08 41.14 23.57
N MET A 104 28.74 41.11 23.47
CA MET A 104 28.04 42.23 22.84
C MET A 104 28.13 43.49 23.70
N LYS A 105 27.95 43.36 25.02
CA LYS A 105 28.04 44.51 25.91
C LYS A 105 29.45 45.09 25.94
N MET A 106 30.46 44.27 25.69
CA MET A 106 31.82 44.79 25.62
C MET A 106 32.08 45.50 24.29
N ALA A 107 31.63 44.89 23.19
CA ALA A 107 31.88 45.48 21.88
C ALA A 107 31.14 46.81 21.72
N THR A 108 29.88 46.88 22.19
CA THR A 108 29.11 48.10 22.06
C THR A 108 29.81 49.30 22.68
N ARG A 109 30.75 49.05 23.60
CA ARG A 109 31.53 50.12 24.20
C ARG A 109 32.93 50.25 23.61
N ALA A 110 33.52 49.14 23.17
CA ALA A 110 34.87 49.19 22.63
C ALA A 110 34.93 49.71 21.20
N ASN A 111 33.81 49.70 20.47
CA ASN A 111 33.82 50.20 19.10
C ASN A 111 34.25 51.66 19.04
N VAL A 112 33.56 52.52 19.79
CA VAL A 112 33.89 53.94 19.76
C VAL A 112 35.27 54.19 20.36
N ARG A 113 35.70 53.36 21.31
CA ARG A 113 37.05 53.49 21.84
C ARG A 113 38.09 53.27 20.76
N VAL A 114 37.93 52.19 19.98
CA VAL A 114 38.84 51.92 18.88
C VAL A 114 38.80 53.07 17.88
N ALA A 115 37.60 53.57 17.58
CA ALA A 115 37.47 54.67 16.63
C ALA A 115 38.25 55.90 17.09
N GLU A 116 38.04 56.31 18.34
CA GLU A 116 38.71 57.49 18.87
C GLU A 116 40.22 57.28 18.94
N ALA A 117 40.67 56.07 19.28
CA ALA A 117 42.09 55.79 19.32
C ALA A 117 42.71 55.94 17.94
N ALA A 118 42.10 55.32 16.93
CA ALA A 118 42.63 55.43 15.58
C ALA A 118 42.54 56.87 15.06
N ARG A 119 41.58 57.64 15.55
CA ARG A 119 41.44 59.03 15.11
C ARG A 119 42.52 59.91 15.71
N THR A 120 42.79 59.77 17.02
CA THR A 120 43.77 60.62 17.67
C THR A 120 45.19 60.20 17.31
N THR A 121 45.52 58.92 17.48
CA THR A 121 46.89 58.48 17.24
C THR A 121 47.25 58.46 15.76
N LYS A 122 46.26 58.40 14.87
CA LYS A 122 46.46 58.34 13.43
C LYS A 122 47.28 57.13 13.00
N LYS A 123 47.49 56.17 13.89
CA LYS A 123 48.23 54.95 13.58
C LYS A 123 47.35 53.74 13.81
N ILE A 124 47.79 52.60 13.28
CA ILE A 124 47.03 51.36 13.41
C ILE A 124 47.29 50.66 14.74
N GLY A 125 48.41 50.96 15.40
CA GLY A 125 48.80 50.28 16.62
C GLY A 125 47.78 50.38 17.73
N PRO A 126 47.44 51.62 18.12
CA PRO A 126 46.50 51.79 19.25
C PRO A 126 45.11 51.24 18.98
N ALA A 127 44.56 51.52 17.80
CA ALA A 127 43.24 51.00 17.46
C ALA A 127 43.25 49.47 17.43
N LEU A 128 44.30 48.88 16.84
CA LEU A 128 44.42 47.43 16.86
C LEU A 128 44.48 46.91 18.29
N LYS A 129 45.21 47.60 19.16
CA LYS A 129 45.35 47.13 20.54
C LYS A 129 44.00 47.16 21.25
N VAL A 130 43.23 48.24 21.10
CA VAL A 130 41.95 48.34 21.79
C VAL A 130 40.96 47.32 21.22
N ALA A 131 40.95 47.14 19.90
CA ALA A 131 40.07 46.15 19.30
C ALA A 131 40.43 44.75 19.77
N TYR A 132 41.72 44.45 19.88
CA TYR A 132 42.14 43.15 20.39
C TYR A 132 41.81 43.00 21.87
N GLN A 133 41.82 44.10 22.62
CA GLN A 133 41.36 44.06 24.00
C GLN A 133 39.91 43.60 24.08
N GLY A 134 39.05 44.20 23.24
CA GLY A 134 37.65 43.77 23.23
C GLY A 134 37.49 42.33 22.79
N GLY A 135 38.19 41.95 21.73
CA GLY A 135 38.16 40.57 21.28
C GLY A 135 38.61 39.60 22.36
N SER A 136 39.63 39.98 23.12
CA SER A 136 40.11 39.15 24.22
C SER A 136 39.06 39.06 25.32
N VAL A 137 38.38 40.17 25.61
CA VAL A 137 37.26 40.12 26.54
C VAL A 137 36.30 39.01 26.13
N MET A 138 35.85 39.06 24.87
CA MET A 138 34.86 38.08 24.44
C MET A 138 35.43 36.66 24.43
N GLY A 139 36.66 36.47 23.96
CA GLY A 139 37.22 35.13 23.88
C GLY A 139 37.44 34.50 25.25
N LEU A 140 38.00 35.27 26.18
CA LEU A 140 38.14 34.79 27.55
C LEU A 140 36.79 34.50 28.17
N SER A 141 35.80 35.36 27.92
CA SER A 141 34.46 35.09 28.43
C SER A 141 33.93 33.76 27.91
N VAL A 142 34.08 33.53 26.60
CA VAL A 142 33.59 32.28 26.00
C VAL A 142 34.29 31.08 26.62
N GLY A 143 35.62 31.08 26.60
CA GLY A 143 36.35 29.96 27.16
C GLY A 143 36.02 29.71 28.61
N GLY A 144 36.01 30.78 29.42
CA GLY A 144 35.72 30.63 30.83
C GLY A 144 34.32 30.12 31.08
N PHE A 145 33.32 30.65 30.38
CA PHE A 145 31.95 30.18 30.56
C PHE A 145 31.82 28.71 30.20
N ALA A 146 32.34 28.32 29.03
CA ALA A 146 32.25 26.94 28.61
C ALA A 146 32.91 26.01 29.63
N LEU A 147 34.16 26.29 30.00
CA LEU A 147 34.87 25.42 30.91
C LEU A 147 34.26 25.44 32.31
N LEU A 148 33.70 26.58 32.73
CA LEU A 148 33.08 26.67 34.05
C LEU A 148 31.81 25.84 34.11
N GLY A 149 30.94 25.98 33.11
CA GLY A 149 29.77 25.12 33.06
C GLY A 149 30.14 23.65 33.03
N LEU A 150 31.12 23.29 32.20
CA LEU A 150 31.51 21.89 32.10
C LEU A 150 32.07 21.37 33.41
N VAL A 151 32.89 22.17 34.09
CA VAL A 151 33.51 21.72 35.33
C VAL A 151 32.48 21.65 36.45
N LEU A 152 31.53 22.59 36.48
CA LEU A 152 30.46 22.51 37.46
C LEU A 152 29.62 21.26 37.26
N VAL A 153 29.31 20.93 36.00
CA VAL A 153 28.59 19.69 35.73
C VAL A 153 29.41 18.48 36.17
N TYR A 154 30.70 18.48 35.83
CA TYR A 154 31.56 17.35 36.16
C TYR A 154 31.71 17.17 37.66
N LEU A 155 31.62 18.26 38.42
CA LEU A 155 31.78 18.19 39.88
C LEU A 155 30.47 17.88 40.61
N ILE A 156 29.36 18.44 40.15
CA ILE A 156 28.08 18.25 40.83
C ILE A 156 27.42 16.95 40.40
N PHE A 157 27.22 16.78 39.09
CA PHE A 157 26.58 15.58 38.58
C PHE A 157 27.54 14.44 38.31
N GLY A 158 28.84 14.73 38.24
CA GLY A 158 29.83 13.70 38.01
C GLY A 158 30.50 13.22 39.28
N LYS A 159 30.73 14.13 40.23
CA LYS A 159 31.44 13.81 41.46
C LYS A 159 30.52 13.84 42.68
N TRP A 160 29.90 14.98 42.98
CA TRP A 160 29.04 15.07 44.16
C TRP A 160 27.99 13.96 44.15
N MET A 161 27.31 13.78 43.02
CA MET A 161 26.34 12.72 42.85
C MET A 161 26.98 11.43 42.35
N GLY A 162 28.21 11.51 41.86
CA GLY A 162 28.95 10.31 41.50
C GLY A 162 28.54 9.61 40.23
N GLN A 163 27.95 10.34 39.28
CA GLN A 163 27.62 9.71 38.00
C GLN A 163 28.88 9.26 37.27
N VAL A 164 30.05 9.84 37.58
CA VAL A 164 31.31 9.38 37.02
C VAL A 164 31.86 8.17 37.76
N ASP A 165 31.20 7.74 38.85
CA ASP A 165 31.68 6.60 39.62
C ASP A 165 31.00 5.31 39.19
N ASN A 166 29.70 5.35 38.93
CA ASN A 166 28.97 4.18 38.47
C ASN A 166 29.03 4.06 36.95
N LEU A 167 28.61 5.12 36.24
CA LEU A 167 28.67 5.18 34.79
C LEU A 167 28.18 3.87 34.16
N ASN A 168 26.99 3.45 34.55
CA ASN A 168 26.39 2.21 34.09
C ASN A 168 25.20 2.50 33.18
N ILE A 169 24.74 1.45 32.50
CA ILE A 169 23.65 1.56 31.52
C ILE A 169 22.33 1.30 32.24
N TYR A 170 21.64 2.37 32.60
CA TYR A 170 20.33 2.30 33.23
C TYR A 170 19.25 2.51 32.17
N THR A 171 17.99 2.29 32.59
CA THR A 171 16.83 2.51 31.74
C THR A 171 15.81 3.30 32.53
N ASN A 172 15.34 4.40 31.96
CA ASN A 172 14.40 5.27 32.65
C ASN A 172 12.95 4.81 32.43
N TRP A 173 12.01 5.56 33.01
CA TRP A 173 10.62 5.12 33.05
C TRP A 173 10.00 5.04 31.66
N LEU A 174 10.49 5.82 30.70
CA LEU A 174 9.94 5.82 29.35
C LEU A 174 10.59 4.76 28.47
N GLY A 175 11.38 3.86 29.04
CA GLY A 175 12.06 2.85 28.25
C GLY A 175 13.21 3.40 27.45
N ILE A 176 13.97 4.31 28.03
CA ILE A 176 15.12 4.94 27.37
C ILE A 176 16.38 4.43 28.06
N ASN A 177 17.32 3.89 27.27
CA ASN A 177 18.59 3.42 27.79
C ASN A 177 19.58 4.58 27.82
N PHE A 178 20.26 4.75 28.95
CA PHE A 178 21.09 5.94 29.15
C PHE A 178 22.17 5.65 30.17
N VAL A 179 23.29 6.34 30.04
CA VAL A 179 24.32 6.40 31.07
C VAL A 179 24.18 7.74 31.80
N PRO A 180 24.23 7.75 33.14
CA PRO A 180 23.96 8.99 33.88
C PRO A 180 24.79 10.19 33.41
N PHE A 181 26.11 10.12 33.59
CA PHE A 181 26.96 11.24 33.20
C PHE A 181 26.87 11.51 31.71
N ALA A 182 26.74 10.45 30.92
CA ALA A 182 26.56 10.64 29.48
C ALA A 182 25.33 11.48 29.19
N MET A 183 24.20 11.14 29.80
CA MET A 183 22.96 11.90 29.58
C MET A 183 23.11 13.33 30.08
N THR A 184 23.79 13.52 31.21
CA THR A 184 23.95 14.87 31.75
C THR A 184 24.77 15.75 30.80
N VAL A 185 25.91 15.25 30.35
CA VAL A 185 26.74 16.02 29.43
C VAL A 185 26.02 16.22 28.10
N SER A 186 25.22 15.24 27.67
CA SER A 186 24.43 15.43 26.46
C SER A 186 23.46 16.58 26.63
N GLY A 187 22.79 16.66 27.76
CA GLY A 187 21.89 17.78 28.03
C GLY A 187 22.63 19.11 28.05
N TYR A 188 23.79 19.14 28.70
CA TYR A 188 24.58 20.37 28.73
C TYR A 188 24.93 20.84 27.33
N ALA A 189 25.48 19.94 26.52
CA ALA A 189 25.86 20.30 25.16
C ALA A 189 24.64 20.70 24.33
N LEU A 190 23.51 20.02 24.53
CA LEU A 190 22.31 20.35 23.78
C LEU A 190 21.81 21.74 24.12
N GLY A 191 21.80 22.09 25.41
CA GLY A 191 21.41 23.44 25.79
C GLY A 191 22.33 24.49 25.19
N CYS A 192 23.64 24.28 25.32
CA CYS A 192 24.60 25.19 24.71
C CYS A 192 24.30 25.39 23.23
N SER A 193 24.16 24.28 22.50
CA SER A 193 24.03 24.35 21.04
C SER A 193 22.69 24.95 20.63
N ILE A 194 21.62 24.68 21.38
CA ILE A 194 20.32 25.23 21.02
C ILE A 194 20.28 26.73 21.26
N ILE A 195 20.82 27.20 22.38
CA ILE A 195 20.86 28.64 22.62
C ILE A 195 21.75 29.31 21.57
N ALA A 196 22.88 28.68 21.24
CA ALA A 196 23.74 29.23 20.20
C ALA A 196 23.02 29.27 18.86
N MET A 197 22.21 28.24 18.57
CA MET A 197 21.45 28.21 17.32
C MET A 197 20.48 29.38 17.26
N PHE A 198 19.72 29.59 18.33
CA PHE A 198 18.80 30.72 18.37
C PHE A 198 19.55 32.04 18.16
N ASP A 199 20.61 32.25 18.94
CA ASP A 199 21.36 33.50 18.85
C ASP A 199 21.90 33.71 17.44
N ARG A 200 22.55 32.69 16.88
CA ARG A 200 23.16 32.82 15.57
C ARG A 200 22.12 33.11 14.50
N VAL A 201 21.04 32.31 14.47
CA VAL A 201 20.02 32.52 13.44
C VAL A 201 19.43 33.91 13.55
N GLY A 202 19.02 34.32 14.75
CA GLY A 202 18.43 35.63 14.92
C GLY A 202 19.36 36.77 14.52
N GLY A 203 20.54 36.80 15.12
CA GLY A 203 21.48 37.87 14.81
C GLY A 203 21.90 37.88 13.35
N GLY A 204 22.08 36.69 12.76
CA GLY A 204 22.44 36.63 11.36
C GLY A 204 21.37 37.18 10.46
N VAL A 205 20.13 36.73 10.66
CA VAL A 205 19.01 37.28 9.87
C VAL A 205 19.00 38.79 9.99
N TYR A 206 19.02 39.30 11.23
CA TYR A 206 18.99 40.74 11.46
C TYR A 206 20.09 41.45 10.67
N THR A 207 21.35 41.12 10.98
CA THR A 207 22.47 41.87 10.44
C THR A 207 22.56 41.71 8.92
N LYS A 208 22.25 40.52 8.40
CA LYS A 208 22.40 40.30 6.96
C LYS A 208 21.31 41.02 6.18
N ALA A 209 20.07 41.01 6.68
CA ALA A 209 19.03 41.80 6.02
C ALA A 209 19.41 43.28 6.02
N ALA A 210 19.83 43.81 7.18
CA ALA A 210 20.20 45.22 7.24
C ALA A 210 21.34 45.52 6.28
N ASP A 211 22.38 44.68 6.27
CA ASP A 211 23.54 44.92 5.42
C ASP A 211 23.17 44.86 3.95
N MET A 212 22.45 43.81 3.53
CA MET A 212 21.99 43.71 2.16
C MET A 212 21.26 44.98 1.74
N ALA A 213 20.20 45.33 2.47
CA ALA A 213 19.41 46.50 2.10
C ALA A 213 20.29 47.74 1.99
N ALA A 214 21.01 48.07 3.07
CA ALA A 214 21.79 49.30 3.10
C ALA A 214 22.81 49.32 1.98
N ASP A 215 23.71 48.35 1.94
CA ASP A 215 24.75 48.33 0.92
C ASP A 215 24.15 48.43 -0.47
N LEU A 216 23.27 47.50 -0.83
CA LEU A 216 22.71 47.50 -2.18
C LEU A 216 22.12 48.85 -2.54
N VAL A 217 21.10 49.29 -1.79
CA VAL A 217 20.39 50.52 -2.14
C VAL A 217 21.36 51.70 -2.19
N GLY A 218 22.08 51.94 -1.09
CA GLY A 218 22.95 53.09 -1.02
C GLY A 218 24.03 53.14 -2.09
N LYS A 219 24.86 52.10 -2.18
CA LYS A 219 26.00 52.16 -3.09
C LYS A 219 25.56 52.02 -4.55
N THR A 220 24.70 51.04 -4.84
CA THR A 220 24.39 50.76 -6.24
C THR A 220 23.37 51.75 -6.82
N GLU A 221 22.44 52.25 -6.02
CA GLU A 221 21.35 53.08 -6.52
C GLU A 221 21.49 54.55 -6.11
N LEU A 222 21.52 54.84 -4.82
CA LEU A 222 21.54 56.23 -4.36
C LEU A 222 22.91 56.88 -4.56
N ASN A 223 23.97 56.10 -4.77
CA ASN A 223 25.31 56.63 -4.97
C ASN A 223 25.79 57.38 -3.73
N LEU A 224 25.88 56.65 -2.63
CA LEU A 224 26.36 57.13 -1.34
C LEU A 224 27.57 56.33 -0.87
N PRO A 225 28.36 56.90 0.04
CA PRO A 225 29.50 56.15 0.58
C PRO A 225 29.03 55.05 1.52
N GLU A 226 29.95 54.14 1.82
CA GLU A 226 29.64 53.01 2.70
C GLU A 226 29.34 53.51 4.11
N ASP A 227 28.14 53.23 4.60
CA ASP A 227 27.72 53.59 5.95
C ASP A 227 27.58 55.11 6.11
N ASP A 228 26.94 55.72 5.12
CA ASP A 228 26.73 57.17 5.15
C ASP A 228 25.56 57.52 6.07
N PRO A 229 25.63 58.64 6.79
CA PRO A 229 24.53 58.98 7.70
C PRO A 229 23.21 59.21 6.98
N ARG A 230 23.24 59.67 5.73
CA ARG A 230 21.99 59.82 4.98
C ARG A 230 21.29 58.48 4.80
N ASN A 231 22.05 57.40 4.79
CA ASN A 231 21.50 56.07 4.63
C ASN A 231 20.71 55.67 5.87
N PRO A 232 19.39 55.51 5.80
CA PRO A 232 18.60 55.22 7.00
C PRO A 232 18.80 53.82 7.56
N ALA A 233 19.72 53.04 6.98
CA ALA A 233 19.94 51.67 7.40
C ALA A 233 21.32 51.43 8.02
N THR A 234 22.21 52.44 8.04
CA THR A 234 23.55 52.23 8.54
C THR A 234 23.54 51.85 10.02
N ILE A 235 22.72 52.53 10.83
CA ILE A 235 22.65 52.20 12.25
C ILE A 235 22.09 50.80 12.45
N ALA A 236 21.10 50.41 11.63
CA ALA A 236 20.62 49.03 11.68
C ALA A 236 21.73 48.05 11.33
N ASP A 237 22.55 48.38 10.33
CA ASP A 237 23.66 47.52 9.94
C ASP A 237 24.65 47.34 11.09
N ASN A 238 24.96 48.43 11.81
CA ASN A 238 25.93 48.32 12.90
C ASN A 238 25.34 47.61 14.10
N VAL A 239 24.05 47.84 14.39
CA VAL A 239 23.39 47.08 15.44
C VAL A 239 23.42 45.60 15.12
N GLY A 240 23.29 45.26 13.84
CA GLY A 240 23.41 43.87 13.45
C GLY A 240 24.82 43.33 13.61
N ASP A 241 25.82 44.11 13.19
CA ASP A 241 27.20 43.72 13.42
C ASP A 241 27.45 43.39 14.88
N ASN A 242 26.88 44.18 15.80
CA ASN A 242 27.09 43.91 17.22
C ASN A 242 26.23 42.75 17.72
N VAL A 243 25.04 42.56 17.15
CA VAL A 243 24.12 41.53 17.62
C VAL A 243 24.40 40.18 16.98
N GLY A 244 24.46 40.14 15.64
CA GLY A 244 24.61 38.88 14.95
C GLY A 244 26.04 38.41 14.77
N ASP A 245 26.96 39.35 14.59
CA ASP A 245 28.37 39.00 14.36
C ASP A 245 29.18 38.91 15.64
N VAL A 246 28.60 39.23 16.79
CA VAL A 246 29.32 39.17 18.07
C VAL A 246 28.70 38.08 18.95
N ALA A 247 27.56 38.41 19.56
CA ALA A 247 26.90 37.46 20.45
C ALA A 247 26.71 36.11 19.78
N GLY A 248 26.22 36.12 18.53
CA GLY A 248 26.09 34.87 17.80
C GLY A 248 27.41 34.16 17.61
N LEU A 249 28.47 34.93 17.33
CA LEU A 249 29.79 34.33 17.16
C LEU A 249 30.26 33.65 18.44
N GLY A 250 30.17 34.36 19.57
CA GLY A 250 30.57 33.76 20.83
C GLY A 250 29.73 32.54 21.17
N ALA A 251 28.42 32.61 20.94
CA ALA A 251 27.56 31.46 21.18
C ALA A 251 27.99 30.26 20.35
N ASP A 252 28.20 30.47 19.04
CA ASP A 252 28.58 29.39 18.16
C ASP A 252 29.91 28.78 18.57
N LEU A 253 30.90 29.61 18.90
CA LEU A 253 32.22 29.08 19.22
C LEU A 253 32.22 28.37 20.57
N LEU A 254 31.53 28.93 21.57
CA LEU A 254 31.39 28.22 22.84
C LEU A 254 30.68 26.89 22.64
N GLU A 255 29.67 26.87 21.77
CA GLU A 255 28.98 25.62 21.47
C GLU A 255 29.93 24.61 20.86
N SER A 256 30.78 25.06 19.93
CA SER A 256 31.72 24.13 19.29
C SER A 256 32.73 23.59 20.31
N PHE A 257 33.26 24.46 21.16
CA PHE A 257 34.17 24.03 22.22
C PHE A 257 33.52 22.99 23.12
N VAL A 258 32.36 23.34 23.70
CA VAL A 258 31.64 22.42 24.58
C VAL A 258 31.28 21.14 23.84
N GLY A 259 30.99 21.23 22.54
CA GLY A 259 30.60 20.05 21.80
C GLY A 259 31.75 19.08 21.61
N ALA A 260 32.92 19.59 21.24
CA ALA A 260 34.10 18.74 21.17
C ALA A 260 34.36 18.06 22.51
N ILE A 261 34.36 18.86 23.58
CA ILE A 261 34.70 18.29 24.89
C ILE A 261 33.66 17.26 25.31
N VAL A 262 32.38 17.56 25.10
CA VAL A 262 31.31 16.65 25.53
C VAL A 262 31.28 15.40 24.66
N SER A 263 31.66 15.51 23.38
CA SER A 263 31.76 14.31 22.57
C SER A 263 32.85 13.38 23.10
N SER A 264 34.02 13.95 23.39
CA SER A 264 35.08 13.16 24.00
C SER A 264 34.58 12.49 25.28
N ILE A 265 33.93 13.27 26.16
CA ILE A 265 33.50 12.75 27.45
C ILE A 265 32.44 11.68 27.28
N ILE A 266 31.49 11.89 26.36
CA ILE A 266 30.43 10.90 26.15
C ILE A 266 31.01 9.59 25.66
N LEU A 267 31.95 9.65 24.71
CA LEU A 267 32.57 8.41 24.24
C LEU A 267 33.31 7.71 25.37
N ALA A 268 34.10 8.48 26.13
CA ALA A 268 34.83 7.89 27.25
C ALA A 268 33.89 7.20 28.23
N SER A 269 32.77 7.85 28.56
CA SER A 269 31.83 7.28 29.53
C SER A 269 31.18 6.02 28.97
N TYR A 270 30.70 6.07 27.72
CA TYR A 270 30.07 4.91 27.12
C TYR A 270 31.02 3.74 26.94
N MET A 271 32.34 3.99 26.90
CA MET A 271 33.28 2.91 26.67
C MET A 271 33.20 1.83 27.75
N PHE A 272 33.00 2.22 29.02
CA PHE A 272 33.10 1.26 30.11
C PHE A 272 32.08 0.14 30.03
N PRO A 273 30.77 0.40 30.14
CA PRO A 273 29.79 -0.71 30.22
C PRO A 273 29.65 -1.51 28.94
N ILE A 274 30.13 -1.01 27.80
CA ILE A 274 29.99 -1.74 26.55
C ILE A 274 31.15 -2.71 26.34
N TYR A 275 32.38 -2.28 26.61
CA TYR A 275 33.56 -3.14 26.44
C TYR A 275 33.57 -4.18 27.55
N VAL A 276 32.73 -5.21 27.38
CA VAL A 276 32.61 -6.32 28.31
C VAL A 276 32.59 -7.62 27.53
N GLN A 277 32.90 -8.71 28.23
CA GLN A 277 32.92 -10.04 27.65
C GLN A 277 31.91 -10.91 28.37
N LYS A 278 30.99 -11.50 27.61
CA LYS A 278 30.02 -12.43 28.16
C LYS A 278 30.64 -13.82 28.20
N ILE A 279 30.78 -14.37 29.41
CA ILE A 279 31.48 -15.64 29.64
C ILE A 279 30.60 -16.45 30.60
N GLY A 280 29.69 -17.24 30.04
CA GLY A 280 28.77 -18.02 30.84
C GLY A 280 27.72 -17.18 31.52
N GLU A 281 27.18 -16.18 30.81
CA GLU A 281 26.23 -15.23 31.38
C GLU A 281 26.85 -14.38 32.47
N ASN A 282 28.17 -14.30 32.51
CA ASN A 282 28.91 -13.48 33.46
C ASN A 282 29.67 -12.41 32.69
N LEU A 283 29.37 -11.15 32.98
CA LEU A 283 30.03 -10.04 32.29
C LEU A 283 31.36 -9.73 32.97
N VAL A 284 32.43 -9.72 32.18
CA VAL A 284 33.75 -9.34 32.67
C VAL A 284 34.17 -8.07 31.94
N HIS A 285 34.41 -7.01 32.70
CA HIS A 285 34.78 -5.72 32.12
C HIS A 285 36.20 -5.79 31.57
N GLN A 286 36.34 -5.46 30.27
CA GLN A 286 37.64 -5.48 29.62
C GLN A 286 38.57 -4.34 30.06
N VAL A 287 38.04 -3.33 30.75
CA VAL A 287 38.84 -2.18 31.14
C VAL A 287 38.49 -1.74 32.56
N PRO A 288 39.48 -1.39 33.39
CA PRO A 288 39.18 -0.92 34.74
C PRO A 288 38.52 0.46 34.71
N LYS A 289 37.69 0.71 35.73
CA LYS A 289 36.98 1.98 35.80
C LYS A 289 37.93 3.17 35.92
N GLU A 290 39.10 2.96 36.53
CA GLU A 290 40.04 4.06 36.70
C GLU A 290 40.49 4.61 35.35
N THR A 291 40.69 3.74 34.36
CA THR A 291 41.09 4.21 33.04
C THR A 291 40.01 5.08 32.41
N ILE A 292 38.75 4.65 32.50
CA ILE A 292 37.65 5.43 31.93
C ILE A 292 37.51 6.76 32.65
N GLN A 293 37.68 6.77 33.98
CA GLN A 293 37.58 8.03 34.72
C GLN A 293 38.71 8.99 34.33
N ALA A 294 39.93 8.46 34.17
CA ALA A 294 41.03 9.29 33.73
C ALA A 294 40.74 9.87 32.34
N LEU A 295 40.22 9.04 31.43
CA LEU A 295 39.89 9.53 30.10
C LEU A 295 38.78 10.57 30.13
N ILE A 296 37.86 10.45 31.09
CA ILE A 296 36.76 11.41 31.19
C ILE A 296 37.29 12.75 31.70
N SER A 297 38.12 12.73 32.74
CA SER A 297 38.66 13.98 33.27
C SER A 297 39.72 14.59 32.35
N TYR A 298 40.31 13.78 31.46
CA TYR A 298 41.37 14.28 30.60
C TYR A 298 40.95 15.44 29.71
N PRO A 299 39.83 15.36 28.98
CA PRO A 299 39.48 16.49 28.10
C PRO A 299 39.24 17.78 28.85
N ILE A 300 38.74 17.73 30.08
CA ILE A 300 38.51 18.95 30.84
C ILE A 300 39.83 19.61 31.21
N PHE A 301 40.80 18.82 31.70
CA PHE A 301 42.11 19.36 32.00
C PHE A 301 42.78 19.87 30.73
N PHE A 302 42.59 19.18 29.61
CA PHE A 302 43.10 19.64 28.33
C PHE A 302 42.56 21.03 28.00
N ALA A 303 41.23 21.18 28.08
CA ALA A 303 40.62 22.47 27.77
C ALA A 303 41.08 23.55 28.74
N LEU A 304 41.30 23.19 30.00
CA LEU A 304 41.78 24.18 30.97
C LEU A 304 43.20 24.64 30.64
N VAL A 305 44.08 23.70 30.31
CA VAL A 305 45.43 24.07 29.90
C VAL A 305 45.39 24.93 28.64
N GLY A 306 44.50 24.59 27.71
CA GLY A 306 44.38 25.39 26.50
C GLY A 306 43.90 26.81 26.79
N LEU A 307 42.94 26.94 27.70
CA LEU A 307 42.47 28.28 28.09
C LEU A 307 43.59 29.07 28.76
N GLY A 308 44.39 28.41 29.60
CA GLY A 308 45.52 29.09 30.20
C GLY A 308 46.53 29.56 29.16
N CYS A 309 46.83 28.72 28.19
CA CYS A 309 47.77 29.11 27.14
C CYS A 309 47.21 30.25 26.30
N SER A 310 45.90 30.22 26.03
CA SER A 310 45.25 31.33 25.32
C SER A 310 45.36 32.61 26.13
N MET A 311 45.16 32.53 27.44
CA MET A 311 45.32 33.70 28.30
C MET A 311 46.74 34.24 28.21
N LEU A 312 47.74 33.35 28.25
CA LEU A 312 49.12 33.80 28.14
C LEU A 312 49.36 34.53 26.82
N GLY A 313 48.91 33.95 25.72
CA GLY A 313 49.11 34.59 24.42
C GLY A 313 48.39 35.92 24.31
N ILE A 314 47.15 35.98 24.79
CA ILE A 314 46.38 37.22 24.73
C ILE A 314 47.05 38.31 25.54
N LEU A 315 47.55 37.96 26.73
CA LEU A 315 48.25 38.94 27.55
C LEU A 315 49.51 39.43 26.86
N TYR A 316 50.28 38.52 26.27
CA TYR A 316 51.49 38.92 25.57
C TYR A 316 51.16 39.86 24.41
N VAL A 317 50.05 39.61 23.71
CA VAL A 317 49.73 40.43 22.55
C VAL A 317 49.12 41.77 22.97
N ILE A 318 48.49 41.84 24.13
CA ILE A 318 47.95 43.12 24.60
C ILE A 318 49.00 43.96 25.34
N VAL A 319 50.07 43.34 25.84
CA VAL A 319 51.13 44.12 26.47
C VAL A 319 52.24 44.45 25.48
N LYS A 320 52.44 43.62 24.46
CA LYS A 320 53.48 43.87 23.47
C LYS A 320 53.29 45.24 22.80
N LYS A 321 54.39 45.77 22.28
CA LYS A 321 54.33 47.03 21.56
C LYS A 321 53.45 46.87 20.32
N PRO A 322 52.49 47.77 20.09
CA PRO A 322 51.61 47.61 18.94
C PRO A 322 52.38 47.71 17.63
N SER A 323 51.89 46.99 16.62
CA SER A 323 52.50 46.98 15.29
C SER A 323 51.52 47.55 14.28
N ASP A 324 52.07 47.94 13.13
CA ASP A 324 51.24 48.47 12.04
C ASP A 324 50.55 47.38 11.24
N ASN A 325 51.11 46.16 11.23
CA ASN A 325 50.51 45.03 10.54
C ASN A 325 49.69 44.22 11.53
N PRO A 326 48.35 44.36 11.55
CA PRO A 326 47.57 43.66 12.57
C PRO A 326 47.56 42.15 12.40
N GLN A 327 47.58 41.67 11.15
CA GLN A 327 47.63 40.23 10.93
C GLN A 327 48.84 39.62 11.63
N ARG A 328 49.96 40.35 11.66
CA ARG A 328 51.13 39.85 12.36
C ARG A 328 50.84 39.64 13.84
N GLU A 329 50.22 40.62 14.49
CA GLU A 329 49.91 40.49 15.91
C GLU A 329 48.94 39.35 16.17
N LEU A 330 47.89 39.24 15.33
CA LEU A 330 46.90 38.18 15.56
C LEU A 330 47.52 36.81 15.36
N ASN A 331 48.32 36.63 14.31
CA ASN A 331 48.99 35.35 14.09
C ASN A 331 50.00 35.05 15.19
N ILE A 332 50.66 36.07 15.73
CA ILE A 332 51.59 35.85 16.83
C ILE A 332 50.84 35.34 18.04
N SER A 333 49.70 35.96 18.36
CA SER A 333 48.87 35.47 19.44
C SER A 333 48.46 34.01 19.23
N LEU A 334 47.95 33.70 18.03
CA LEU A 334 47.49 32.34 17.76
C LEU A 334 48.62 31.34 17.89
N TRP A 335 49.79 31.65 17.30
CA TRP A 335 50.91 30.72 17.34
C TRP A 335 51.43 30.51 18.76
N THR A 336 51.56 31.59 19.54
CA THR A 336 52.04 31.43 20.91
C THR A 336 51.07 30.59 21.73
N SER A 337 49.77 30.88 21.62
CA SER A 337 48.78 30.08 22.34
C SER A 337 48.88 28.62 21.92
N ALA A 338 48.98 28.35 20.62
CA ALA A 338 49.01 26.98 20.13
C ALA A 338 50.23 26.24 20.63
N LEU A 339 51.41 26.89 20.60
CA LEU A 339 52.63 26.21 21.03
C LEU A 339 52.61 25.93 22.53
N LEU A 340 52.21 26.93 23.33
CA LEU A 340 52.08 26.70 24.76
C LEU A 340 51.11 25.55 25.04
N THR A 341 49.98 25.54 24.33
CA THR A 341 49.01 24.45 24.49
C THR A 341 49.64 23.11 24.14
N VAL A 342 50.37 23.05 23.03
CA VAL A 342 50.99 21.79 22.61
C VAL A 342 51.90 21.25 23.70
N VAL A 343 52.79 22.11 24.20
CA VAL A 343 53.78 21.64 25.19
C VAL A 343 53.08 21.24 26.48
N LEU A 344 52.26 22.14 27.04
CA LEU A 344 51.61 21.86 28.31
C LEU A 344 50.71 20.64 28.22
N THR A 345 50.04 20.46 27.08
CA THR A 345 49.17 19.30 26.90
C THR A 345 49.98 18.02 26.70
N ALA A 346 51.15 18.11 26.08
CA ALA A 346 52.04 16.95 26.04
C ALA A 346 52.38 16.50 27.45
N PHE A 347 52.75 17.46 28.31
CA PHE A 347 53.05 17.11 29.69
C PHE A 347 51.83 16.54 30.40
N LEU A 348 50.67 17.16 30.22
CA LEU A 348 49.44 16.69 30.85
C LEU A 348 49.10 15.26 30.42
N THR A 349 49.22 14.98 29.12
CA THR A 349 48.91 13.65 28.62
C THR A 349 49.91 12.61 29.13
N TYR A 350 51.20 12.97 29.18
CA TYR A 350 52.19 12.03 29.68
C TYR A 350 51.93 11.69 31.14
N PHE A 351 51.69 12.70 31.97
CA PHE A 351 51.61 12.45 33.41
C PHE A 351 50.23 11.94 33.82
N TYR A 352 49.17 12.66 33.46
CA TYR A 352 47.83 12.27 33.88
C TYR A 352 47.51 10.84 33.46
N LEU A 353 47.83 10.49 32.21
CA LEU A 353 47.58 9.15 31.68
C LEU A 353 48.79 8.23 31.83
N LYS A 354 49.61 8.43 32.86
CA LYS A 354 50.87 7.70 33.00
C LYS A 354 50.67 6.19 32.92
N ASP A 355 50.08 5.58 33.95
CA ASP A 355 49.87 4.14 34.01
C ASP A 355 48.39 3.88 34.29
N LEU A 356 47.64 3.54 33.24
CA LEU A 356 46.23 3.24 33.37
C LEU A 356 45.88 1.78 33.13
N GLN A 357 46.67 1.06 32.33
CA GLN A 357 46.62 -0.38 32.14
C GLN A 357 45.47 -0.83 31.24
N GLY A 358 44.66 0.09 30.69
CA GLY A 358 43.51 -0.34 29.91
C GLY A 358 43.35 0.36 28.57
N LEU A 359 44.34 1.19 28.19
CA LEU A 359 44.23 1.93 26.93
C LEU A 359 44.27 0.99 25.73
N ASP A 360 45.10 -0.05 25.78
CA ASP A 360 45.26 -0.92 24.62
C ASP A 360 43.91 -1.47 24.15
N VAL A 361 43.00 -1.76 25.08
CA VAL A 361 41.73 -2.38 24.72
C VAL A 361 40.91 -1.47 23.81
N LEU A 362 41.05 -0.15 23.96
CA LEU A 362 40.25 0.80 23.20
C LEU A 362 41.14 1.93 22.69
N GLY A 363 41.18 2.10 21.37
CA GLY A 363 41.84 3.24 20.78
C GLY A 363 43.35 3.25 20.86
N PHE A 364 43.90 3.98 21.83
CA PHE A 364 45.33 4.24 21.91
C PHE A 364 46.17 3.03 21.58
N ARG A 365 47.02 3.17 20.55
CA ARG A 365 48.00 2.16 20.20
C ARG A 365 49.42 2.54 20.58
N PHE A 366 49.67 3.81 20.90
CA PHE A 366 50.98 4.29 21.35
C PHE A 366 50.96 4.71 22.81
N GLY A 367 50.16 4.03 23.63
CA GLY A 367 50.17 4.32 25.05
C GLY A 367 49.56 5.66 25.41
N ALA A 368 50.01 6.17 26.57
CA ALA A 368 49.41 7.38 27.14
C ALA A 368 49.52 8.57 26.21
N ILE A 369 50.53 8.60 25.34
CA ILE A 369 50.70 9.76 24.45
C ILE A 369 49.81 9.68 23.22
N SER A 370 49.11 8.57 23.02
CA SER A 370 48.23 8.44 21.85
C SER A 370 47.21 9.56 21.74
N PRO A 371 46.46 9.92 22.78
CA PRO A 371 45.49 11.01 22.63
C PRO A 371 46.14 12.33 22.26
N TRP A 372 47.23 12.69 22.94
CA TRP A 372 47.90 13.96 22.65
C TRP A 372 48.15 14.12 21.16
N PHE A 373 48.78 13.11 20.54
CA PHE A 373 49.01 13.17 19.10
C PHE A 373 47.74 13.58 18.36
N SER A 374 46.63 12.87 18.61
CA SER A 374 45.37 13.24 17.98
C SER A 374 45.10 14.73 18.16
N ALA A 375 45.14 15.20 19.41
CA ALA A 375 44.94 16.62 19.67
C ALA A 375 45.83 17.47 18.77
N ILE A 376 47.12 17.15 18.72
CA ILE A 376 48.05 17.86 17.85
C ILE A 376 47.45 17.99 16.46
N ILE A 377 47.10 16.85 15.87
CA ILE A 377 46.45 16.80 14.56
C ILE A 377 45.44 17.94 14.49
N GLY A 378 44.44 17.90 15.35
CA GLY A 378 43.43 18.93 15.41
C GLY A 378 44.03 20.31 15.24
N ILE A 379 44.88 20.72 16.18
CA ILE A 379 45.52 22.03 16.08
C ILE A 379 46.05 22.24 14.68
N PHE A 380 46.99 21.40 14.25
CA PHE A 380 47.57 21.54 12.92
C PHE A 380 46.48 21.62 11.87
N SER A 381 45.55 20.67 11.88
CA SER A 381 44.42 20.72 10.96
C SER A 381 43.82 22.12 10.93
N GLY A 382 43.35 22.58 12.09
CA GLY A 382 42.81 23.92 12.20
C GLY A 382 43.72 24.93 11.55
N ILE A 383 44.98 24.97 12.00
CA ILE A 383 45.94 25.92 11.45
C ILE A 383 45.92 25.86 9.93
N LEU A 384 46.03 24.67 9.37
CA LEU A 384 45.97 24.51 7.91
C LEU A 384 44.76 25.25 7.35
N ILE A 385 43.57 24.88 7.82
CA ILE A 385 42.35 25.56 7.36
C ILE A 385 42.54 27.06 7.45
N GLY A 386 42.97 27.54 8.62
CA GLY A 386 43.25 28.95 8.81
C GLY A 386 44.06 29.49 7.65
N PHE A 387 45.24 28.91 7.44
CA PHE A 387 46.09 29.35 6.33
C PHE A 387 45.29 29.40 5.04
N TRP A 388 44.63 28.29 4.69
CA TRP A 388 43.87 28.25 3.45
C TRP A 388 42.87 29.39 3.39
N ALA A 389 42.18 29.65 4.51
CA ALA A 389 41.27 30.80 4.57
C ALA A 389 41.99 32.07 4.13
N GLU A 390 43.09 32.39 4.80
CA GLU A 390 43.83 33.60 4.45
C GLU A 390 44.26 33.61 2.99
N TYR A 391 44.42 32.45 2.36
CA TYR A 391 44.78 32.42 0.95
C TYR A 391 43.58 32.75 0.06
N TYR A 392 42.40 32.28 0.42
CA TYR A 392 41.21 32.48 -0.39
C TYR A 392 40.45 33.75 -0.03
N THR A 393 40.57 34.22 1.20
CA THR A 393 39.83 35.38 1.67
C THR A 393 40.63 36.67 1.59
N SER A 394 41.95 36.61 1.80
CA SER A 394 42.77 37.81 1.81
C SER A 394 42.99 38.34 0.41
N TYR A 395 42.88 39.66 0.26
CA TYR A 395 43.07 40.36 -1.00
C TYR A 395 44.54 40.54 -1.36
N ARG A 396 45.45 39.95 -0.60
CA ARG A 396 46.88 39.98 -0.92
C ARG A 396 47.35 38.70 -1.61
N TYR A 397 46.42 37.91 -2.16
CA TYR A 397 46.80 36.66 -2.81
C TYR A 397 46.17 36.52 -4.20
N LYS A 398 46.30 35.35 -4.80
CA LYS A 398 45.87 35.18 -6.19
C LYS A 398 44.36 35.13 -6.34
N PRO A 399 43.61 34.33 -5.57
CA PRO A 399 42.18 34.17 -5.87
C PRO A 399 41.38 35.45 -5.69
N THR A 400 41.52 36.12 -4.55
CA THR A 400 40.76 37.34 -4.31
C THR A 400 41.13 38.43 -5.31
N GLN A 401 42.42 38.53 -5.65
CA GLN A 401 42.85 39.52 -6.63
C GLN A 401 42.28 39.22 -8.01
N PHE A 402 42.26 37.94 -8.41
CA PHE A 402 41.66 37.59 -9.69
C PHE A 402 40.17 37.89 -9.69
N LEU A 403 39.51 37.70 -8.55
CA LEU A 403 38.10 38.06 -8.45
C LEU A 403 37.91 39.57 -8.63
N GLY A 404 38.72 40.36 -7.91
CA GLY A 404 38.64 41.81 -8.07
C GLY A 404 38.90 42.25 -9.50
N LYS A 405 39.80 41.57 -10.20
CA LYS A 405 40.06 41.89 -11.59
C LYS A 405 38.87 41.53 -12.47
N SER A 406 38.33 40.33 -12.29
CA SER A 406 37.13 39.93 -13.02
C SER A 406 35.98 40.90 -12.78
N SER A 407 35.99 41.60 -11.65
CA SER A 407 34.98 42.62 -11.39
C SER A 407 34.82 43.60 -12.55
N ILE A 408 35.83 43.73 -13.42
CA ILE A 408 35.75 44.65 -14.54
C ILE A 408 34.84 44.14 -15.66
N GLU A 409 34.51 42.85 -15.67
CA GLU A 409 33.77 42.25 -16.77
C GLU A 409 32.26 42.24 -16.55
N GLY A 410 31.80 42.57 -15.35
CA GLY A 410 30.37 42.60 -15.10
C GLY A 410 29.97 41.93 -13.80
N THR A 411 28.78 42.27 -13.29
CA THR A 411 28.32 41.71 -12.03
C THR A 411 28.17 40.19 -12.12
N GLY A 412 27.62 39.70 -13.22
CA GLY A 412 27.50 38.25 -13.39
C GLY A 412 28.85 37.56 -13.33
N MET A 413 29.88 38.18 -13.92
CA MET A 413 31.23 37.64 -13.81
C MET A 413 31.68 37.57 -12.36
N VAL A 414 31.41 38.63 -11.58
CA VAL A 414 31.79 38.63 -10.17
C VAL A 414 31.11 37.49 -9.44
N ILE A 415 29.81 37.31 -9.68
CA ILE A 415 29.05 36.26 -8.98
C ILE A 415 29.60 34.89 -9.33
N SER A 416 29.79 34.63 -10.63
CA SER A 416 30.27 33.32 -11.06
C SER A 416 31.66 33.04 -10.51
N ASN A 417 32.56 34.03 -10.58
CA ASN A 417 33.91 33.81 -10.09
C ASN A 417 33.93 33.60 -8.58
N GLY A 418 33.06 34.30 -7.84
CA GLY A 418 32.99 34.08 -6.40
C GLY A 418 32.50 32.67 -6.07
N LEU A 419 31.44 32.23 -6.75
CA LEU A 419 30.94 30.88 -6.52
C LEU A 419 32.01 29.84 -6.86
N SER A 420 32.72 30.03 -7.98
CA SER A 420 33.77 29.09 -8.36
C SER A 420 34.90 29.08 -7.35
N LEU A 421 35.29 30.27 -6.87
CA LEU A 421 36.35 30.35 -5.86
C LEU A 421 35.95 29.61 -4.60
N GLY A 422 34.72 29.80 -4.13
CA GLY A 422 34.26 29.07 -2.96
C GLY A 422 34.29 27.56 -3.18
N MET A 423 33.69 27.11 -4.28
CA MET A 423 33.61 25.67 -4.54
C MET A 423 34.99 25.06 -4.70
N LYS A 424 35.96 25.84 -5.19
CA LYS A 424 37.32 25.33 -5.32
C LYS A 424 37.99 25.27 -3.96
N SER A 425 37.92 26.35 -3.19
CA SER A 425 38.50 26.37 -1.85
C SER A 425 37.90 25.29 -0.96
N VAL A 426 36.72 24.77 -1.32
CA VAL A 426 36.11 23.67 -0.58
C VAL A 426 37.08 22.50 -0.44
N PHE A 427 38.08 22.42 -1.33
CA PHE A 427 38.92 21.23 -1.40
C PHE A 427 40.01 21.18 -0.34
N PRO A 428 40.98 22.10 -0.38
CA PRO A 428 42.17 21.97 0.48
C PRO A 428 41.82 21.72 1.93
N PRO A 429 40.92 22.52 2.51
CA PRO A 429 40.52 22.26 3.91
C PRO A 429 39.84 20.91 4.08
N THR A 430 39.06 20.46 3.10
CA THR A 430 38.44 19.14 3.20
C THR A 430 39.50 18.04 3.20
N LEU A 431 40.53 18.19 2.38
CA LEU A 431 41.63 17.22 2.39
C LEU A 431 42.37 17.26 3.72
N THR A 432 42.54 18.46 4.28
CA THR A 432 43.11 18.58 5.62
C THR A 432 42.30 17.79 6.63
N LEU A 433 40.97 17.94 6.60
CA LEU A 433 40.11 17.22 7.53
C LEU A 433 40.15 15.71 7.29
N VAL A 434 40.25 15.31 6.02
CA VAL A 434 40.37 13.88 5.71
C VAL A 434 41.62 13.30 6.33
N LEU A 435 42.76 13.95 6.09
CA LEU A 435 44.03 13.48 6.66
C LEU A 435 43.97 13.49 8.17
N GLY A 436 43.35 14.52 8.75
CA GLY A 436 43.23 14.58 10.20
C GLY A 436 42.41 13.44 10.77
N ILE A 437 41.27 13.16 10.14
CA ILE A 437 40.45 12.02 10.57
C ILE A 437 41.27 10.74 10.51
N LEU A 438 41.94 10.50 9.37
CA LEU A 438 42.70 9.27 9.22
C LEU A 438 43.78 9.16 10.28
N PHE A 439 44.52 10.24 10.52
CA PHE A 439 45.64 10.19 11.47
C PHE A 439 45.14 10.03 12.91
N ALA A 440 44.11 10.78 13.29
CA ALA A 440 43.57 10.65 14.64
C ALA A 440 43.04 9.24 14.86
N ASP A 441 42.39 8.65 13.85
CA ASP A 441 41.98 7.27 13.93
C ASP A 441 43.19 6.37 14.20
N TYR A 442 44.16 6.40 13.29
CA TYR A 442 45.37 5.58 13.45
C TYR A 442 45.97 5.73 14.84
N PHE A 443 45.97 6.95 15.38
CA PHE A 443 46.66 7.21 16.64
C PHE A 443 45.88 6.67 17.83
N ALA A 444 44.59 6.96 17.90
CA ALA A 444 43.86 6.60 19.11
C ALA A 444 42.37 6.40 18.87
N GLY A 445 41.98 5.71 17.81
CA GLY A 445 40.59 5.45 17.56
C GLY A 445 39.66 6.64 17.60
N LEU A 446 38.39 6.36 17.88
CA LEU A 446 37.38 7.41 17.88
C LEU A 446 37.55 8.36 19.06
N TYR A 447 38.07 7.87 20.19
CA TYR A 447 38.35 8.77 21.30
C TYR A 447 39.36 9.83 20.90
N GLY A 448 40.40 9.43 20.16
CA GLY A 448 41.36 10.40 19.65
C GLY A 448 40.78 11.28 18.57
N VAL A 449 39.85 10.74 17.78
CA VAL A 449 39.11 11.60 16.84
C VAL A 449 38.45 12.74 17.60
N ALA A 450 37.78 12.42 18.71
CA ALA A 450 37.12 13.46 19.51
C ALA A 450 38.14 14.37 20.18
N ILE A 451 39.26 13.82 20.65
CA ILE A 451 40.29 14.64 21.27
C ILE A 451 40.90 15.60 20.26
N ALA A 452 40.99 15.18 19.00
CA ALA A 452 41.46 16.08 17.96
C ALA A 452 40.43 17.15 17.66
N ALA A 453 39.15 16.78 17.60
CA ALA A 453 38.10 17.78 17.49
C ALA A 453 38.25 18.84 18.58
N LEU A 454 38.56 18.41 19.80
CA LEU A 454 38.73 19.37 20.90
C LEU A 454 40.01 20.19 20.72
N GLY A 455 41.14 19.53 20.51
CA GLY A 455 42.41 20.23 20.38
C GLY A 455 42.41 21.26 19.27
N MET A 456 41.65 21.00 18.20
CA MET A 456 41.51 22.01 17.15
C MET A 456 40.97 23.31 17.73
N LEU A 457 40.21 23.23 18.82
CA LEU A 457 39.73 24.40 19.54
C LEU A 457 40.35 24.52 20.93
N SER A 458 41.40 23.75 21.21
CA SER A 458 42.03 23.81 22.54
C SER A 458 42.35 25.25 22.92
N PHE A 459 42.88 26.02 21.97
CA PHE A 459 43.09 27.45 22.16
C PHE A 459 41.90 28.25 21.64
N VAL A 460 40.69 27.82 22.02
CA VAL A 460 39.48 28.45 21.52
C VAL A 460 39.39 29.91 21.97
N ALA A 461 39.98 30.24 23.12
CA ALA A 461 39.93 31.61 23.60
C ALA A 461 40.62 32.56 22.64
N THR A 462 41.84 32.21 22.21
CA THR A 462 42.57 33.07 21.29
C THR A 462 41.88 33.15 19.93
N SER A 463 41.29 32.05 19.46
CA SER A 463 40.57 32.07 18.20
C SER A 463 39.37 32.99 18.27
N VAL A 464 38.55 32.85 19.31
CA VAL A 464 37.39 33.72 19.48
C VAL A 464 37.82 35.17 19.59
N SER A 465 38.94 35.42 20.29
CA SER A 465 39.43 36.79 20.43
C SER A 465 39.80 37.38 19.06
N VAL A 466 40.67 36.68 18.33
CA VAL A 466 41.12 37.18 17.03
C VAL A 466 39.95 37.32 16.06
N ASP A 467 38.89 36.53 16.25
CA ASP A 467 37.75 36.61 15.36
C ASP A 467 36.87 37.82 15.70
N SER A 468 36.49 37.95 16.97
CA SER A 468 35.67 39.07 17.40
C SER A 468 36.39 40.41 17.26
N TYR A 469 37.72 40.40 17.13
CA TYR A 469 38.44 41.65 16.89
C TYR A 469 37.87 42.42 15.71
N GLY A 470 37.33 41.72 14.71
CA GLY A 470 36.89 42.34 13.48
C GLY A 470 35.70 43.27 13.63
N PRO A 471 34.58 42.74 14.13
CA PRO A 471 33.37 43.56 14.26
C PRO A 471 33.60 44.88 14.99
N ILE A 472 34.50 44.91 15.97
CA ILE A 472 34.80 46.17 16.65
C ILE A 472 35.38 47.17 15.67
N ALA A 473 36.30 46.73 14.80
CA ALA A 473 36.87 47.62 13.80
C ALA A 473 35.83 48.04 12.78
N ASP A 474 34.95 47.12 12.38
CA ASP A 474 33.87 47.46 11.47
C ASP A 474 32.98 48.56 12.06
N ASN A 475 32.65 48.43 13.34
CA ASN A 475 31.83 49.44 14.01
C ASN A 475 32.58 50.76 14.14
N ALA A 476 33.89 50.70 14.40
CA ALA A 476 34.68 51.92 14.45
C ALA A 476 34.64 52.66 13.11
N GLY A 477 34.76 51.90 12.01
CA GLY A 477 34.66 52.52 10.69
C GLY A 477 33.28 53.11 10.45
N GLY A 478 32.22 52.38 10.82
CA GLY A 478 30.88 52.91 10.67
C GLY A 478 30.66 54.19 11.46
N ILE A 479 31.21 54.24 12.68
CA ILE A 479 31.05 55.42 13.52
C ILE A 479 31.83 56.59 12.96
N SER A 480 33.03 56.32 12.42
CA SER A 480 33.81 57.39 11.81
C SER A 480 33.12 57.92 10.56
N GLU A 481 32.46 57.05 9.80
CA GLU A 481 31.76 57.49 8.61
C GLU A 481 30.49 58.26 8.94
N MET A 482 29.80 57.87 10.02
CA MET A 482 28.59 58.60 10.42
C MET A 482 28.92 59.98 10.95
N CYS A 483 30.04 60.11 11.65
CA CYS A 483 30.44 61.37 12.24
C CYS A 483 31.33 62.20 11.32
N GLU A 484 31.55 61.73 10.09
CA GLU A 484 32.39 62.47 9.14
C GLU A 484 33.77 62.72 9.73
N LEU A 485 34.62 61.72 9.74
CA LEU A 485 35.94 61.82 10.33
C LEU A 485 37.00 62.04 9.26
N ASP A 486 38.26 61.92 9.64
CA ASP A 486 39.37 62.04 8.70
C ASP A 486 39.51 60.74 7.92
N PRO A 487 39.66 60.81 6.59
CA PRO A 487 39.75 59.58 5.79
C PRO A 487 40.84 58.62 6.28
N GLU A 488 41.83 59.13 7.01
CA GLU A 488 42.83 58.24 7.59
C GLU A 488 42.20 57.27 8.59
N VAL A 489 41.24 57.75 9.38
CA VAL A 489 40.51 56.85 10.28
C VAL A 489 39.77 55.78 9.48
N ARG A 490 39.15 56.17 8.37
CA ARG A 490 38.44 55.20 7.55
C ARG A 490 39.39 54.17 6.96
N LYS A 491 40.60 54.59 6.56
CA LYS A 491 41.56 53.64 6.03
C LYS A 491 42.04 52.67 7.10
N ILE A 492 42.30 53.18 8.31
CA ILE A 492 42.67 52.30 9.42
C ILE A 492 41.58 51.27 9.67
N THR A 493 40.32 51.74 9.74
CA THR A 493 39.21 50.82 9.99
C THR A 493 39.06 49.82 8.86
N ASP A 494 39.33 50.24 7.62
CA ASP A 494 39.18 49.33 6.49
C ASP A 494 40.26 48.23 6.53
N HIS A 495 41.50 48.60 6.84
CA HIS A 495 42.54 47.61 7.01
C HIS A 495 42.18 46.62 8.12
N LEU A 496 41.75 47.14 9.27
CA LEU A 496 41.38 46.28 10.38
C LEU A 496 40.22 45.37 9.99
N ASP A 497 39.28 45.88 9.18
CA ASP A 497 38.11 45.10 8.80
C ASP A 497 38.48 44.00 7.80
N ALA A 498 39.43 44.27 6.90
CA ALA A 498 39.92 43.20 6.03
C ALA A 498 40.58 42.09 6.85
N VAL A 499 41.43 42.48 7.80
CA VAL A 499 42.02 41.49 8.68
C VAL A 499 40.93 40.72 9.43
N GLY A 500 39.85 41.42 9.80
CA GLY A 500 38.77 40.77 10.51
C GLY A 500 37.99 39.79 9.65
N ASN A 501 37.82 40.11 8.37
CA ASN A 501 37.19 39.15 7.45
C ASN A 501 38.04 37.90 7.31
N THR A 502 39.35 38.07 7.18
CA THR A 502 40.23 36.90 7.12
C THR A 502 40.12 36.08 8.40
N THR A 503 40.13 36.73 9.56
CA THR A 503 40.05 36.01 10.82
C THR A 503 38.70 35.31 10.98
N ALA A 504 37.62 35.94 10.51
CA ALA A 504 36.31 35.31 10.58
C ALA A 504 36.23 34.08 9.69
N ALA A 505 36.81 34.15 8.50
CA ALA A 505 36.89 32.95 7.66
C ALA A 505 37.67 31.85 8.37
N ILE A 506 38.79 32.20 8.99
CA ILE A 506 39.58 31.21 9.72
C ILE A 506 38.77 30.59 10.84
N GLY A 507 38.01 31.41 11.56
CA GLY A 507 37.20 30.89 12.66
C GLY A 507 36.09 29.97 12.19
N LYS A 508 35.42 30.35 11.10
CA LYS A 508 34.41 29.46 10.53
C LYS A 508 35.01 28.13 10.11
N GLY A 509 36.20 28.16 9.50
CA GLY A 509 36.84 26.91 9.13
C GLY A 509 37.16 26.06 10.34
N PHE A 510 37.73 26.68 11.38
CA PHE A 510 37.99 25.97 12.63
C PHE A 510 36.72 25.32 13.17
N ALA A 511 35.63 26.09 13.22
CA ALA A 511 34.39 25.58 13.78
C ALA A 511 33.88 24.40 12.98
N ILE A 512 33.91 24.50 11.64
CA ILE A 512 33.37 23.41 10.82
C ILE A 512 34.23 22.17 10.94
N GLY A 513 35.55 22.33 11.03
CA GLY A 513 36.41 21.17 11.20
C GLY A 513 36.17 20.47 12.53
N SER A 514 36.14 21.25 13.62
CA SER A 514 35.81 20.69 14.92
C SER A 514 34.46 19.98 14.87
N ALA A 515 33.49 20.57 14.17
CA ALA A 515 32.18 19.96 14.07
C ALA A 515 32.23 18.62 13.36
N ILE A 516 33.02 18.53 12.29
CA ILE A 516 33.13 17.27 11.54
C ILE A 516 33.75 16.19 12.43
N PHE A 517 34.84 16.53 13.10
CA PHE A 517 35.50 15.55 13.98
C PHE A 517 34.53 15.09 15.08
N ALA A 518 33.89 16.03 15.76
CA ALA A 518 32.95 15.68 16.81
C ALA A 518 31.76 14.92 16.24
N ALA A 519 31.41 15.15 14.98
CA ALA A 519 30.29 14.44 14.38
C ALA A 519 30.64 12.99 14.11
N LEU A 520 31.89 12.72 13.72
CA LEU A 520 32.32 11.33 13.62
C LEU A 520 32.30 10.65 15.00
N SER A 521 32.86 11.33 16.00
CA SER A 521 32.85 10.77 17.35
C SER A 521 31.42 10.53 17.83
N LEU A 522 30.50 11.42 17.47
CA LEU A 522 29.11 11.28 17.89
C LEU A 522 28.38 10.21 17.10
N PHE A 523 28.74 9.99 15.84
CA PHE A 523 28.25 8.81 15.13
C PHE A 523 28.63 7.54 15.89
N ALA A 524 29.88 7.49 16.36
CA ALA A 524 30.30 6.36 17.18
C ALA A 524 29.43 6.24 18.43
N SER A 525 29.32 7.34 19.19
CA SER A 525 28.53 7.30 20.42
C SER A 525 27.07 6.95 20.15
N TYR A 526 26.56 7.29 18.97
CA TYR A 526 25.16 7.04 18.63
C TYR A 526 24.94 5.58 18.27
N MET A 527 25.88 4.98 17.54
CA MET A 527 25.86 3.54 17.37
C MET A 527 26.00 2.83 18.72
N PHE A 528 26.68 3.46 19.67
CA PHE A 528 26.84 2.87 21.00
C PHE A 528 25.53 2.91 21.78
N SER A 529 24.84 4.06 21.78
CA SER A 529 23.64 4.22 22.59
C SER A 529 22.55 3.20 22.25
N GLN A 530 22.57 2.66 21.03
CA GLN A 530 21.55 1.70 20.63
C GLN A 530 21.62 0.40 21.43
N ILE A 531 22.73 0.14 22.11
CA ILE A 531 22.88 -1.09 22.88
C ILE A 531 21.96 -1.04 24.10
N SER A 532 21.22 -2.12 24.32
CA SER A 532 20.34 -2.27 25.46
C SER A 532 20.94 -3.23 26.49
N PRO A 533 20.52 -3.14 27.75
CA PRO A 533 21.07 -4.05 28.77
C PRO A 533 20.85 -5.51 28.45
N SER A 534 19.81 -5.84 27.68
CA SER A 534 19.55 -7.23 27.34
C SER A 534 20.73 -7.84 26.60
N ASP A 535 21.22 -7.16 25.56
CA ASP A 535 22.35 -7.63 24.78
C ASP A 535 23.58 -6.77 25.07
N ILE A 536 23.99 -6.70 26.33
CA ILE A 536 25.12 -5.87 26.74
C ILE A 536 26.41 -6.68 26.78
N GLY A 537 26.68 -7.45 25.73
CA GLY A 537 27.89 -8.24 25.70
C GLY A 537 28.56 -8.33 24.35
N LYS A 538 27.81 -8.04 23.28
CA LYS A 538 28.35 -8.18 21.93
C LYS A 538 29.57 -7.29 21.73
N PRO A 539 30.53 -7.74 20.91
CA PRO A 539 31.78 -6.99 20.74
C PRO A 539 31.55 -5.66 20.06
N PRO A 540 32.19 -4.59 20.55
CA PRO A 540 32.05 -3.28 19.90
C PRO A 540 32.35 -3.30 18.41
N SER A 541 33.23 -4.20 17.96
CA SER A 541 33.51 -4.27 16.52
C SER A 541 32.24 -4.54 15.72
N LEU A 542 31.29 -5.26 16.32
CA LEU A 542 30.00 -5.49 15.67
C LEU A 542 29.00 -4.39 16.00
N VAL A 543 29.17 -3.72 17.14
CA VAL A 543 28.27 -2.64 17.51
C VAL A 543 28.48 -1.44 16.60
N LEU A 544 29.70 -0.92 16.55
CA LEU A 544 30.05 0.21 15.69
C LEU A 544 29.98 -0.26 14.24
N LEU A 545 28.77 -0.27 13.71
CA LEU A 545 28.53 -0.76 12.36
C LEU A 545 27.29 -0.09 11.81
N LEU A 546 27.47 0.71 10.75
CA LEU A 546 26.38 1.41 10.07
C LEU A 546 26.53 1.11 8.57
N ASN A 547 26.05 -0.05 8.15
CA ASN A 547 26.23 -0.48 6.77
C ASN A 547 25.63 0.54 5.82
N MET A 548 26.44 1.01 4.87
CA MET A 548 25.99 2.00 3.90
C MET A 548 25.19 1.36 2.76
N LEU A 549 25.28 0.05 2.58
CA LEU A 549 24.50 -0.63 1.55
C LEU A 549 23.06 -0.90 1.99
N ASP A 550 22.73 -0.65 3.24
CA ASP A 550 21.34 -0.69 3.68
C ASP A 550 20.57 0.45 3.04
N ALA A 551 19.56 0.10 2.24
CA ALA A 551 18.81 1.12 1.51
C ALA A 551 18.34 2.23 2.44
N ARG A 552 17.98 1.89 3.68
CA ARG A 552 17.53 2.90 4.63
C ARG A 552 18.63 3.92 4.91
N VAL A 553 19.87 3.47 5.07
CA VAL A 553 20.96 4.38 5.42
C VAL A 553 21.25 5.34 4.27
N ILE A 554 21.29 4.83 3.03
CA ILE A 554 21.59 5.70 1.90
C ILE A 554 20.44 6.66 1.64
N ALA A 555 19.20 6.18 1.81
CA ALA A 555 18.05 7.07 1.71
C ALA A 555 18.13 8.17 2.76
N GLY A 556 18.53 7.82 3.98
CA GLY A 556 18.71 8.82 5.02
C GLY A 556 19.81 9.81 4.70
N ALA A 557 20.88 9.35 4.05
CA ALA A 557 21.95 10.26 3.64
C ALA A 557 21.43 11.25 2.61
N LEU A 558 20.70 10.76 1.61
CA LEU A 558 20.07 11.66 0.65
C LEU A 558 19.18 12.68 1.34
N LEU A 559 18.33 12.20 2.26
CA LEU A 559 17.41 13.09 2.94
C LEU A 559 18.15 14.11 3.80
N GLY A 560 19.26 13.70 4.41
CA GLY A 560 20.02 14.63 5.24
C GLY A 560 20.70 15.71 4.42
N ALA A 561 21.27 15.33 3.28
CA ALA A 561 21.82 16.33 2.37
C ALA A 561 20.73 17.32 1.93
N ALA A 562 19.57 16.79 1.57
CA ALA A 562 18.46 17.65 1.15
C ALA A 562 18.03 18.57 2.29
N ILE A 563 18.00 18.05 3.52
CA ILE A 563 17.57 18.85 4.66
C ILE A 563 18.58 19.96 4.94
N THR A 564 19.87 19.67 4.83
CA THR A 564 20.89 20.71 4.99
C THR A 564 20.71 21.80 3.94
N TYR A 565 20.55 21.41 2.67
CA TYR A 565 20.37 22.39 1.62
C TYR A 565 19.11 23.22 1.84
N TYR A 566 18.03 22.58 2.29
CA TYR A 566 16.79 23.32 2.52
C TYR A 566 16.91 24.27 3.71
N PHE A 567 17.64 23.84 4.75
CA PHE A 567 17.93 24.74 5.87
C PHE A 567 18.64 25.99 5.39
N SER A 568 19.69 25.80 4.58
CA SER A 568 20.42 26.95 4.04
C SER A 568 19.50 27.85 3.20
N GLY A 569 18.68 27.23 2.34
CA GLY A 569 17.79 28.02 1.50
C GLY A 569 16.77 28.80 2.30
N TYR A 570 16.22 28.19 3.36
CA TYR A 570 15.26 28.88 4.20
C TYR A 570 15.91 30.05 4.93
N LEU A 571 17.15 29.87 5.40
CA LEU A 571 17.85 30.99 6.01
C LEU A 571 18.04 32.13 5.01
N ILE A 572 18.47 31.79 3.79
CA ILE A 572 18.65 32.81 2.76
C ILE A 572 17.35 33.55 2.50
N SER A 573 16.24 32.83 2.42
CA SER A 573 14.96 33.48 2.14
C SER A 573 14.51 34.37 3.30
N ALA A 574 14.69 33.90 4.53
CA ALA A 574 14.37 34.70 5.69
C ALA A 574 15.17 35.99 5.70
N VAL A 575 16.42 35.93 5.23
CA VAL A 575 17.22 37.14 5.12
C VAL A 575 16.68 38.06 4.03
N THR A 576 16.42 37.50 2.85
CA THR A 576 16.03 38.31 1.70
C THR A 576 14.70 39.01 1.92
N LYS A 577 13.79 38.42 2.71
CA LYS A 577 12.52 39.09 2.98
C LYS A 577 12.75 40.47 3.58
N ALA A 578 13.44 40.51 4.73
CA ALA A 578 13.74 41.79 5.37
C ALA A 578 14.65 42.64 4.50
N ALA A 579 15.54 42.01 3.72
CA ALA A 579 16.39 42.77 2.82
C ALA A 579 15.55 43.59 1.85
N MET A 580 14.57 42.94 1.21
CA MET A 580 13.69 43.65 0.28
C MET A 580 12.85 44.69 0.99
N LYS A 581 12.31 44.36 2.16
CA LYS A 581 11.52 45.33 2.91
C LYS A 581 12.32 46.59 3.18
N MET A 582 13.55 46.44 3.67
CA MET A 582 14.37 47.60 4.00
C MET A 582 14.85 48.33 2.75
N VAL A 583 15.11 47.61 1.65
CA VAL A 583 15.46 48.27 0.40
C VAL A 583 14.32 49.19 -0.03
N ASP A 584 13.09 48.68 -0.01
CA ASP A 584 11.94 49.49 -0.39
C ASP A 584 11.76 50.67 0.56
N GLU A 585 11.96 50.44 1.86
CA GLU A 585 11.81 51.53 2.82
C GLU A 585 12.85 52.61 2.60
N ILE A 586 14.09 52.22 2.29
CA ILE A 586 15.14 53.21 2.06
C ILE A 586 14.83 54.02 0.80
N ARG A 587 14.38 53.36 -0.27
CA ARG A 587 13.97 54.11 -1.45
C ARG A 587 12.86 55.11 -1.11
N ARG A 588 11.86 54.66 -0.35
CA ARG A 588 10.76 55.55 0.03
C ARG A 588 11.27 56.75 0.81
N GLN A 589 12.12 56.52 1.81
CA GLN A 589 12.67 57.64 2.57
C GLN A 589 13.45 58.59 1.67
N ALA A 590 14.29 58.04 0.78
CA ALA A 590 15.08 58.89 -0.09
C ALA A 590 14.21 59.78 -0.97
N ARG A 591 13.05 59.28 -1.41
CA ARG A 591 12.23 60.05 -2.33
C ARG A 591 11.12 60.85 -1.65
N GLU A 592 10.83 60.59 -0.38
CA GLU A 592 9.73 61.26 0.32
C GLU A 592 10.16 62.12 1.50
N ILE A 593 11.45 62.16 1.82
CA ILE A 593 11.97 62.99 2.89
C ILE A 593 12.76 64.12 2.26
N PRO A 594 12.33 65.38 2.42
CA PRO A 594 13.02 66.49 1.74
C PRO A 594 14.40 66.74 2.33
N GLY A 595 15.37 66.95 1.45
CA GLY A 595 16.72 67.29 1.86
C GLY A 595 17.52 66.18 2.47
N LEU A 596 17.05 64.94 2.43
CA LEU A 596 17.81 63.83 3.00
C LEU A 596 19.09 63.60 2.22
N LEU A 597 19.00 63.53 0.88
CA LEU A 597 20.19 63.34 0.07
C LEU A 597 21.09 64.56 0.08
N GLU A 598 20.49 65.76 0.06
CA GLU A 598 21.29 66.98 0.13
C GLU A 598 22.08 67.07 1.43
N GLY A 599 21.61 66.41 2.49
CA GLY A 599 22.28 66.40 3.76
C GLY A 599 21.75 67.37 4.79
N LYS A 600 20.65 68.07 4.50
CA LYS A 600 20.07 69.03 5.41
C LYS A 600 18.89 68.46 6.19
N ALA A 601 18.68 67.14 6.14
CA ALA A 601 17.59 66.49 6.86
C ALA A 601 18.09 65.21 7.48
N LYS A 602 17.39 64.78 8.53
CA LYS A 602 17.77 63.56 9.25
C LYS A 602 16.84 62.42 8.87
N PRO A 603 17.39 61.27 8.47
CA PRO A 603 16.53 60.12 8.13
C PRO A 603 15.94 59.46 9.37
N ASP A 604 15.16 58.39 9.17
CA ASP A 604 14.51 57.66 10.25
C ASP A 604 15.08 56.23 10.30
N TYR A 605 16.13 56.05 11.10
CA TYR A 605 16.75 54.74 11.23
C TYR A 605 15.82 53.74 11.93
N ASN A 606 14.90 54.24 12.75
CA ASN A 606 13.99 53.38 13.49
C ASN A 606 13.23 52.45 12.57
N ARG A 607 12.90 52.89 11.35
CA ARG A 607 12.15 52.03 10.44
C ARG A 607 12.91 50.76 10.15
N CYS A 608 14.16 50.88 9.69
CA CYS A 608 14.97 49.70 9.39
C CYS A 608 15.26 48.90 10.65
N ILE A 609 15.54 49.57 11.76
CA ILE A 609 15.78 48.86 13.02
C ILE A 609 14.61 47.93 13.33
N GLU A 610 13.39 48.47 13.27
CA GLU A 610 12.20 47.69 13.60
C GLU A 610 11.95 46.59 12.59
N ILE A 611 12.15 46.89 11.30
CA ILE A 611 11.97 45.87 10.26
C ILE A 611 12.86 44.67 10.54
N THR A 612 14.17 44.91 10.70
CA THR A 612 15.10 43.81 10.94
C THR A 612 14.79 43.10 12.24
N SER A 613 14.45 43.85 13.30
CA SER A 613 14.16 43.20 14.57
C SER A 613 12.96 42.27 14.46
N ASP A 614 11.88 42.74 13.83
CA ASP A 614 10.70 41.91 13.69
C ASP A 614 10.99 40.67 12.86
N ASN A 615 11.67 40.83 11.72
CA ASN A 615 11.96 39.66 10.89
C ASN A 615 12.82 38.65 11.63
N ALA A 616 13.87 39.12 12.32
CA ALA A 616 14.76 38.21 13.02
C ALA A 616 14.02 37.48 14.15
N LEU A 617 13.23 38.22 14.93
CA LEU A 617 12.50 37.59 16.03
C LEU A 617 11.48 36.58 15.50
N LYS A 618 10.88 36.85 14.35
CA LYS A 618 9.91 35.92 13.81
C LYS A 618 10.57 34.67 13.24
N GLN A 619 11.70 34.82 12.54
CA GLN A 619 12.32 33.69 11.86
C GLN A 619 13.31 32.91 12.71
N MET A 620 13.70 33.42 13.88
CA MET A 620 14.75 32.74 14.63
C MET A 620 14.31 31.40 15.20
N GLY A 621 13.01 31.16 15.31
CA GLY A 621 12.53 29.98 16.01
C GLY A 621 12.55 28.71 15.19
N TYR A 622 12.16 28.80 13.92
CA TYR A 622 11.96 27.59 13.12
C TYR A 622 13.23 26.76 12.96
N PRO A 623 14.41 27.35 12.71
CA PRO A 623 15.59 26.51 12.50
C PRO A 623 15.97 25.66 13.70
N ALA A 624 15.94 26.24 14.91
CA ALA A 624 16.26 25.46 16.11
C ALA A 624 15.29 24.30 16.28
N PHE A 625 14.00 24.56 16.07
CA PHE A 625 13.00 23.51 16.23
C PHE A 625 13.18 22.41 15.19
N ILE A 626 13.53 22.78 13.96
CA ILE A 626 13.86 21.79 12.94
C ILE A 626 15.03 20.94 13.40
N ALA A 627 16.11 21.60 13.83
CA ALA A 627 17.31 20.88 14.25
C ALA A 627 17.01 19.94 15.42
N ILE A 628 16.02 20.28 16.25
CA ILE A 628 15.69 19.44 17.39
C ILE A 628 14.79 18.29 16.99
N LEU A 629 13.87 18.51 16.04
CA LEU A 629 12.85 17.52 15.73
C LEU A 629 13.27 16.53 14.64
N THR A 630 13.93 17.00 13.59
CA THR A 630 14.32 16.14 12.47
C THR A 630 14.77 14.74 12.89
N PRO A 631 15.72 14.57 13.81
CA PRO A 631 16.08 13.20 14.22
C PRO A 631 14.90 12.41 14.76
N LEU A 632 14.11 13.01 15.65
CA LEU A 632 13.00 12.30 16.28
C LEU A 632 11.99 11.83 15.23
N VAL A 633 11.58 12.73 14.32
CA VAL A 633 10.58 12.36 13.32
C VAL A 633 11.14 11.31 12.37
N THR A 634 12.34 11.55 11.84
CA THR A 634 12.91 10.59 10.90
C THR A 634 13.06 9.21 11.55
N GLY A 635 13.46 9.17 12.82
CA GLY A 635 13.57 7.92 13.53
C GLY A 635 12.25 7.22 13.72
N PHE A 636 11.29 7.92 14.35
CA PHE A 636 9.98 7.33 14.56
C PHE A 636 9.32 6.92 13.25
N LEU A 637 9.82 7.41 12.12
CA LEU A 637 9.27 6.96 10.85
C LEU A 637 10.00 5.74 10.30
N LEU A 638 11.33 5.74 10.29
CA LEU A 638 12.08 4.70 9.58
C LEU A 638 13.28 4.21 10.38
N GLY A 639 13.09 3.95 11.67
CA GLY A 639 14.13 3.28 12.42
C GLY A 639 15.35 4.15 12.71
N ALA A 640 16.44 3.47 13.09
CA ALA A 640 17.69 4.14 13.46
C ALA A 640 18.71 4.20 12.33
N GLU A 641 18.71 3.23 11.42
CA GLU A 641 19.65 3.30 10.29
C GLU A 641 19.37 4.51 9.41
N PHE A 642 18.09 4.83 9.23
CA PHE A 642 17.73 6.02 8.46
C PHE A 642 18.26 7.28 9.14
N VAL A 643 18.19 7.34 10.47
CA VAL A 643 18.72 8.48 11.19
C VAL A 643 20.24 8.55 11.04
N GLY A 644 20.90 7.39 11.03
CA GLY A 644 22.34 7.39 10.79
C GLY A 644 22.70 7.93 9.42
N GLY A 645 21.97 7.49 8.40
CA GLY A 645 22.18 8.04 7.07
C GLY A 645 21.92 9.53 7.02
N VAL A 646 20.88 9.99 7.71
CA VAL A 646 20.58 11.42 7.76
C VAL A 646 21.74 12.18 8.40
N LEU A 647 22.29 11.65 9.50
CA LEU A 647 23.43 12.30 10.13
C LEU A 647 24.62 12.36 9.19
N ILE A 648 24.87 11.28 8.45
CA ILE A 648 26.00 11.26 7.52
C ILE A 648 25.82 12.31 6.44
N GLY A 649 24.65 12.33 5.81
CA GLY A 649 24.38 13.32 4.78
C GLY A 649 24.45 14.73 5.32
N THR A 650 23.95 14.94 6.54
CA THR A 650 24.04 16.25 7.17
C THR A 650 25.48 16.68 7.33
N VAL A 651 26.33 15.80 7.86
CA VAL A 651 27.74 16.13 8.01
C VAL A 651 28.34 16.53 6.66
N LEU A 652 28.13 15.70 5.65
CA LEU A 652 28.73 15.97 4.34
C LEU A 652 28.27 17.32 3.79
N SER A 653 26.96 17.48 3.63
CA SER A 653 26.42 18.68 3.01
C SER A 653 26.75 19.92 3.84
N GLY A 654 26.68 19.83 5.16
CA GLY A 654 26.95 20.98 5.99
C GLY A 654 28.40 21.41 5.92
N ALA A 655 29.32 20.46 6.03
CA ALA A 655 30.74 20.79 5.86
C ALA A 655 30.97 21.47 4.53
N MET A 656 30.47 20.86 3.44
CA MET A 656 30.72 21.42 2.12
C MET A 656 30.18 22.84 2.00
N LEU A 657 28.90 23.03 2.32
CA LEU A 657 28.29 24.34 2.15
C LEU A 657 28.91 25.37 3.08
N ALA A 658 29.25 24.98 4.31
CA ALA A 658 29.82 25.93 5.25
C ALA A 658 31.19 26.41 4.77
N ILE A 659 32.07 25.47 4.40
CA ILE A 659 33.37 25.86 3.87
C ILE A 659 33.20 26.76 2.65
N LEU A 660 32.33 26.35 1.72
CA LEU A 660 32.13 27.11 0.50
C LEU A 660 31.68 28.53 0.81
N THR A 661 30.63 28.67 1.62
CA THR A 661 30.08 29.98 1.90
C THR A 661 31.07 30.85 2.65
N ALA A 662 31.78 30.28 3.64
CA ALA A 662 32.78 31.07 4.36
C ALA A 662 33.83 31.62 3.41
N ASN A 663 34.45 30.74 2.61
CA ASN A 663 35.48 31.21 1.69
C ASN A 663 34.94 32.23 0.70
N SER A 664 33.75 31.97 0.14
CA SER A 664 33.21 32.84 -0.89
C SER A 664 32.85 34.21 -0.34
N GLY A 665 32.19 34.25 0.82
CA GLY A 665 31.87 35.52 1.43
C GLY A 665 33.11 36.31 1.81
N GLY A 666 34.11 35.63 2.38
CA GLY A 666 35.36 36.32 2.68
C GLY A 666 35.99 36.91 1.44
N ALA A 667 36.07 36.13 0.37
CA ALA A 667 36.68 36.62 -0.86
C ALA A 667 35.92 37.81 -1.41
N TRP A 668 34.58 37.72 -1.45
CA TRP A 668 33.78 38.82 -1.98
C TRP A 668 33.98 40.10 -1.17
N ASP A 669 33.88 39.99 0.16
CA ASP A 669 33.99 41.19 0.99
C ASP A 669 35.38 41.80 0.88
N ASN A 670 36.41 40.96 0.88
CA ASN A 670 37.77 41.50 0.81
C ASN A 670 38.09 42.07 -0.57
N ALA A 671 37.48 41.53 -1.62
CA ALA A 671 37.65 42.14 -2.95
C ALA A 671 36.94 43.48 -3.02
N LYS A 672 35.74 43.57 -2.44
CA LYS A 672 35.06 44.85 -2.35
C LYS A 672 35.92 45.87 -1.61
N LYS A 673 36.50 45.47 -0.48
CA LYS A 673 37.34 46.39 0.28
C LYS A 673 38.60 46.77 -0.49
N TYR A 674 39.17 45.82 -1.23
CA TYR A 674 40.37 46.10 -2.01
C TYR A 674 40.07 47.08 -3.14
N LEU A 675 38.91 46.95 -3.78
CA LEU A 675 38.53 47.94 -4.79
C LEU A 675 38.20 49.29 -4.15
N GLU A 676 37.65 49.29 -2.94
CA GLU A 676 37.35 50.56 -2.27
C GLU A 676 38.62 51.32 -1.92
N ALA A 677 39.72 50.62 -1.68
CA ALA A 677 40.99 51.25 -1.41
C ALA A 677 41.66 51.84 -2.66
N GLY A 678 40.96 51.82 -3.79
CA GLY A 678 41.50 52.33 -5.03
C GLY A 678 42.54 51.45 -5.70
N ASN A 679 42.87 50.30 -5.11
CA ASN A 679 43.90 49.43 -5.67
C ASN A 679 43.55 48.92 -7.06
N LEU A 680 42.29 49.02 -7.47
CA LEU A 680 41.89 48.61 -8.81
C LEU A 680 42.24 49.72 -9.79
N GLU A 681 43.13 49.40 -10.74
CA GLU A 681 43.65 50.41 -11.65
C GLU A 681 42.52 51.05 -12.45
N GLY A 682 42.43 52.38 -12.39
CA GLY A 682 41.50 53.17 -13.18
C GLY A 682 40.14 53.39 -12.56
N TYR A 683 39.58 52.35 -11.94
CA TYR A 683 38.23 52.41 -11.38
C TYR A 683 38.30 52.71 -9.89
N GLY A 684 37.46 53.64 -9.44
CA GLY A 684 37.43 54.06 -8.05
C GLY A 684 36.27 53.46 -7.29
N LYS A 685 35.92 54.10 -6.17
CA LYS A 685 34.87 53.60 -5.30
C LYS A 685 33.48 53.83 -5.86
N GLY A 686 33.32 54.68 -6.88
CA GLY A 686 32.01 54.96 -7.42
C GLY A 686 31.78 54.36 -8.80
N SER A 687 32.79 53.67 -9.33
CA SER A 687 32.71 53.15 -10.68
C SER A 687 31.79 51.94 -10.75
N GLU A 688 31.39 51.60 -11.99
CA GLU A 688 30.54 50.44 -12.19
C GLU A 688 31.17 49.15 -11.67
N PRO A 689 32.48 48.91 -11.83
CA PRO A 689 33.06 47.73 -11.19
C PRO A 689 32.84 47.70 -9.70
N HIS A 690 32.88 48.86 -9.04
CA HIS A 690 32.59 48.89 -7.61
C HIS A 690 31.14 48.50 -7.32
N LYS A 691 30.21 48.93 -8.18
CA LYS A 691 28.82 48.52 -7.99
C LYS A 691 28.66 47.02 -8.19
N ALA A 692 29.37 46.45 -9.17
CA ALA A 692 29.32 45.00 -9.35
C ALA A 692 29.88 44.28 -8.14
N LEU A 693 31.00 44.77 -7.60
CA LEU A 693 31.56 44.17 -6.40
C LEU A 693 30.63 44.34 -5.20
N VAL A 694 29.86 45.43 -5.15
CA VAL A 694 28.89 45.61 -4.08
C VAL A 694 27.77 44.59 -4.21
N ILE A 695 27.31 44.34 -5.43
CA ILE A 695 26.29 43.31 -5.64
C ILE A 695 26.83 41.95 -5.23
N GLY A 696 28.08 41.65 -5.60
CA GLY A 696 28.68 40.40 -5.17
C GLY A 696 28.78 40.29 -3.66
N ASP A 697 29.18 41.38 -3.00
CA ASP A 697 29.30 41.37 -1.56
C ASP A 697 27.95 41.17 -0.89
N THR A 698 26.90 41.79 -1.43
CA THR A 698 25.56 41.58 -0.89
C THR A 698 25.09 40.14 -1.11
N VAL A 699 25.49 39.53 -2.23
CA VAL A 699 25.14 38.13 -2.46
C VAL A 699 25.92 37.21 -1.53
N GLY A 700 27.10 37.64 -1.10
CA GLY A 700 27.92 36.83 -0.21
C GLY A 700 27.57 36.98 1.26
N ASP A 701 27.03 38.14 1.63
CA ASP A 701 26.70 38.48 3.01
C ASP A 701 25.86 37.40 3.68
N PRO A 702 24.69 37.05 3.13
CA PRO A 702 23.85 36.06 3.82
C PRO A 702 24.45 34.67 3.84
N LEU A 703 25.20 34.29 2.81
CA LEU A 703 25.85 32.97 2.82
C LEU A 703 27.05 32.93 3.76
N LYS A 704 27.62 34.08 4.08
CA LYS A 704 28.80 34.12 4.93
C LYS A 704 28.47 34.32 6.41
N ASP A 705 27.43 35.09 6.72
CA ASP A 705 27.11 35.42 8.11
C ASP A 705 25.87 34.70 8.63
N THR A 706 25.30 33.76 7.88
CA THR A 706 24.11 33.07 8.34
C THR A 706 24.16 31.57 8.09
N VAL A 707 24.30 31.17 6.82
CA VAL A 707 24.25 29.74 6.48
C VAL A 707 25.46 29.02 7.07
N GLY A 708 26.66 29.49 6.72
CA GLY A 708 27.89 28.87 7.13
C GLY A 708 27.95 28.58 8.62
N PRO A 709 27.81 29.63 9.44
CA PRO A 709 27.87 29.42 10.89
C PRO A 709 26.80 28.48 11.42
N SER A 710 25.55 28.64 10.97
CA SER A 710 24.45 27.82 11.45
C SER A 710 24.60 26.35 11.05
N LEU A 711 25.35 26.05 10.00
CA LEU A 711 25.43 24.66 9.53
C LEU A 711 26.07 23.75 10.58
N ASP A 712 27.18 24.17 11.18
CA ASP A 712 27.84 23.31 12.17
C ASP A 712 27.00 23.19 13.44
N ILE A 713 26.34 24.27 13.84
CA ILE A 713 25.42 24.20 14.98
C ILE A 713 24.33 23.18 14.70
N LEU A 714 23.78 23.19 13.49
CA LEU A 714 22.75 22.21 13.14
C LEU A 714 23.31 20.80 13.20
N ILE A 715 24.51 20.60 12.63
CA ILE A 715 25.13 19.28 12.68
C ILE A 715 25.19 18.78 14.12
N LYS A 716 25.77 19.59 15.02
CA LYS A 716 25.96 19.13 16.40
C LYS A 716 24.64 18.94 17.12
N ILE A 717 23.68 19.86 16.95
CA ILE A 717 22.40 19.75 17.64
C ILE A 717 21.68 18.46 17.20
N MET A 718 21.65 18.22 15.88
CA MET A 718 20.96 17.04 15.38
C MET A 718 21.64 15.76 15.84
N SER A 719 22.97 15.73 15.81
CA SER A 719 23.69 14.53 16.24
C SER A 719 23.48 14.27 17.73
N VAL A 720 23.44 15.32 18.55
CA VAL A 720 23.23 15.13 19.98
C VAL A 720 21.80 14.65 20.25
N VAL A 721 20.81 15.26 19.59
CA VAL A 721 19.44 14.82 19.77
C VAL A 721 19.29 13.35 19.38
N SER A 722 19.89 12.95 18.26
CA SER A 722 19.82 11.54 17.85
C SER A 722 20.51 10.64 18.87
N VAL A 723 21.70 11.04 19.34
CA VAL A 723 22.41 10.23 20.31
C VAL A 723 21.59 10.05 21.58
N ILE A 724 20.79 11.06 21.94
CA ILE A 724 20.00 10.96 23.17
C ILE A 724 18.74 10.12 22.94
N ALA A 725 18.11 10.25 21.79
CA ALA A 725 16.77 9.71 21.58
C ALA A 725 16.73 8.43 20.74
N VAL A 726 17.88 7.91 20.30
CA VAL A 726 17.85 6.71 19.46
C VAL A 726 17.30 5.50 20.21
N SER A 727 17.46 5.48 21.54
CA SER A 727 17.02 4.32 22.32
C SER A 727 15.53 4.04 22.12
N ILE A 728 14.75 5.06 21.76
CA ILE A 728 13.30 4.91 21.63
C ILE A 728 12.96 4.39 20.23
N PHE A 729 13.17 5.22 19.20
CA PHE A 729 12.74 4.83 17.87
C PHE A 729 13.50 3.64 17.31
N LYS A 730 14.51 3.13 18.03
CA LYS A 730 15.19 1.92 17.57
C LYS A 730 14.21 0.78 17.40
N HIS A 731 13.18 0.71 18.25
CA HIS A 731 12.12 -0.28 18.12
C HIS A 731 10.73 0.32 18.10
N VAL A 732 10.59 1.63 18.30
CA VAL A 732 9.28 2.27 18.25
C VAL A 732 9.10 2.96 16.90
N HIS A 733 9.58 2.35 15.84
CA HIS A 733 9.43 2.90 14.49
C HIS A 733 8.13 2.41 13.86
N LEU A 734 7.68 3.14 12.84
CA LEU A 734 6.46 2.76 12.13
C LEU A 734 6.73 1.74 11.03
N PHE A 735 7.93 1.74 10.47
CA PHE A 735 8.31 0.78 9.42
C PHE A 735 9.65 0.14 9.73
N TYR B 11 12.31 -17.01 -32.47
CA TYR B 11 11.01 -16.77 -31.86
C TYR B 11 10.66 -15.28 -31.85
N VAL B 12 10.23 -14.78 -30.69
CA VAL B 12 9.90 -13.36 -30.54
C VAL B 12 11.11 -12.50 -30.23
N ALA B 13 12.24 -13.10 -29.86
CA ALA B 13 13.42 -12.30 -29.51
C ALA B 13 13.91 -11.43 -30.68
N ALA B 14 13.82 -11.94 -31.90
CA ALA B 14 14.25 -11.13 -33.05
C ALA B 14 13.36 -9.90 -33.23
N LEU B 15 12.05 -10.07 -33.06
CA LEU B 15 11.14 -8.94 -33.14
C LEU B 15 11.55 -7.86 -32.15
N PHE B 16 11.99 -8.27 -30.95
CA PHE B 16 12.47 -7.31 -29.98
C PHE B 16 13.77 -6.65 -30.44
N PHE B 17 14.72 -7.47 -30.92
CA PHE B 17 16.01 -6.92 -31.33
C PHE B 17 15.88 -5.94 -32.48
N LEU B 18 14.74 -5.93 -33.17
CA LEU B 18 14.58 -5.00 -34.28
C LEU B 18 13.98 -3.65 -33.89
N ILE B 19 13.73 -3.39 -32.61
CA ILE B 19 13.07 -2.15 -32.19
C ILE B 19 13.96 -0.91 -32.36
N PRO B 20 15.22 -0.94 -31.92
CA PRO B 20 16.06 0.26 -32.08
C PRO B 20 16.22 0.70 -33.53
N LEU B 21 16.29 -0.25 -34.46
CA LEU B 21 16.35 0.12 -35.87
C LEU B 21 15.07 0.84 -36.30
N VAL B 22 13.92 0.37 -35.81
CA VAL B 22 12.66 1.05 -36.12
C VAL B 22 12.66 2.46 -35.55
N ALA B 23 13.23 2.64 -34.36
CA ALA B 23 13.30 3.98 -33.78
C ALA B 23 14.19 4.89 -34.62
N LEU B 24 15.34 4.38 -35.07
CA LEU B 24 16.22 5.18 -35.92
C LEU B 24 15.53 5.54 -37.23
N GLY B 25 14.79 4.59 -37.81
CA GLY B 25 14.06 4.88 -39.03
C GLY B 25 12.97 5.91 -38.83
N PHE B 26 12.24 5.83 -37.70
CA PHE B 26 11.25 6.83 -37.38
C PHE B 26 11.88 8.21 -37.24
N ALA B 27 13.06 8.27 -36.60
CA ALA B 27 13.75 9.55 -36.47
C ALA B 27 14.15 10.09 -37.84
N ALA B 28 14.67 9.23 -38.72
CA ALA B 28 15.04 9.68 -40.06
C ALA B 28 13.80 10.17 -40.83
N ALA B 29 12.68 9.48 -40.65
CA ALA B 29 11.45 9.91 -41.32
C ALA B 29 10.98 11.26 -40.81
N ASN B 30 11.05 11.47 -39.50
CA ASN B 30 10.69 12.77 -38.94
C ASN B 30 11.61 13.86 -39.47
N PHE B 31 12.91 13.56 -39.60
CA PHE B 31 13.84 14.53 -40.16
C PHE B 31 13.46 14.87 -41.59
N ALA B 32 13.15 13.85 -42.40
CA ALA B 32 12.75 14.08 -43.78
C ALA B 32 11.45 14.88 -43.86
N ALA B 33 10.55 14.68 -42.90
CA ALA B 33 9.29 15.41 -42.90
C ALA B 33 9.51 16.87 -42.52
N VAL B 34 10.33 17.13 -41.51
CA VAL B 34 10.60 18.51 -41.11
C VAL B 34 11.35 19.24 -42.20
N VAL B 35 12.33 18.58 -42.84
CA VAL B 35 13.07 19.21 -43.91
C VAL B 35 12.17 19.49 -45.11
N ARG B 36 11.13 18.66 -45.31
CA ARG B 36 10.19 18.91 -46.38
C ARG B 36 9.30 20.11 -46.12
N LYS B 37 9.31 20.65 -44.91
CA LYS B 37 8.54 21.84 -44.59
C LYS B 37 9.21 23.07 -45.18
N PRO B 38 8.47 24.16 -45.35
CA PRO B 38 9.07 25.37 -45.94
C PRO B 38 9.80 26.19 -44.88
N GLU B 39 11.02 26.60 -45.21
CA GLU B 39 11.79 27.48 -44.33
C GLU B 39 11.44 28.94 -44.67
N GLY B 40 12.13 29.88 -44.05
CA GLY B 40 11.79 31.29 -44.14
C GLY B 40 12.34 32.02 -45.34
N THR B 41 12.64 33.31 -45.13
CA THR B 41 13.10 34.19 -46.19
C THR B 41 14.59 34.00 -46.44
N GLU B 42 15.18 34.91 -47.21
CA GLU B 42 16.60 34.85 -47.50
C GLU B 42 17.44 35.13 -46.26
N ARG B 43 17.05 36.11 -45.46
CA ARG B 43 17.78 36.38 -44.22
C ARG B 43 17.72 35.19 -43.27
N MET B 44 16.56 34.55 -43.17
CA MET B 44 16.45 33.34 -42.35
C MET B 44 17.34 32.23 -42.89
N LYS B 45 17.36 32.04 -44.21
CA LYS B 45 18.21 31.01 -44.79
C LYS B 45 19.68 31.30 -44.51
N GLU B 46 20.10 32.55 -44.65
CA GLU B 46 21.50 32.90 -44.41
C GLU B 46 21.88 32.68 -42.94
N ILE B 47 21.02 33.12 -42.02
CA ILE B 47 21.32 32.95 -40.60
C ILE B 47 21.35 31.47 -40.23
N SER B 48 20.39 30.70 -40.71
CA SER B 48 20.38 29.26 -40.45
C SER B 48 21.63 28.60 -41.00
N SER B 49 22.06 29.01 -42.21
CA SER B 49 23.26 28.43 -42.79
C SER B 49 24.49 28.76 -41.95
N TYR B 50 24.60 30.02 -41.51
CA TYR B 50 25.73 30.39 -40.65
C TYR B 50 25.74 29.55 -39.37
N ILE B 51 24.59 29.48 -38.69
CA ILE B 51 24.51 28.74 -37.43
C ILE B 51 24.83 27.27 -37.65
N ARG B 52 24.28 26.68 -38.73
CA ARG B 52 24.53 25.28 -39.02
C ARG B 52 26.00 25.04 -39.31
N SER B 53 26.64 25.94 -40.06
CA SER B 53 28.07 25.79 -40.34
C SER B 53 28.89 25.85 -39.07
N GLY B 54 28.62 26.83 -38.21
CA GLY B 54 29.34 26.92 -36.95
C GLY B 54 29.17 25.67 -36.11
N ALA B 55 27.93 25.22 -35.94
CA ALA B 55 27.67 24.02 -35.14
C ALA B 55 28.37 22.81 -35.73
N ASP B 56 28.28 22.63 -37.05
CA ASP B 56 28.93 21.49 -37.69
C ASP B 56 30.43 21.53 -37.49
N SER B 57 31.05 22.70 -37.67
CA SER B 57 32.49 22.81 -37.51
C SER B 57 32.92 22.46 -36.09
N PHE B 58 32.28 23.07 -35.09
CA PHE B 58 32.68 22.80 -33.72
C PHE B 58 32.43 21.34 -33.36
N LEU B 59 31.28 20.79 -33.78
CA LEU B 59 31.00 19.39 -33.46
C LEU B 59 31.97 18.46 -34.16
N ALA B 60 32.42 18.80 -35.37
CA ALA B 60 33.41 17.98 -36.06
C ALA B 60 34.72 17.96 -35.30
N HIS B 61 35.21 19.14 -34.90
CA HIS B 61 36.46 19.19 -34.14
C HIS B 61 36.32 18.43 -32.82
N GLU B 62 35.24 18.70 -32.08
CA GLU B 62 34.99 18.02 -30.81
C GLU B 62 34.94 16.51 -31.00
N THR B 63 34.25 16.06 -32.06
CA THR B 63 34.11 14.63 -32.29
C THR B 63 35.44 13.99 -32.65
N LYS B 64 36.24 14.64 -33.50
CA LYS B 64 37.56 14.13 -33.82
C LYS B 64 38.40 13.95 -32.56
N ALA B 65 38.48 15.00 -31.74
CA ALA B 65 39.28 14.92 -30.52
C ALA B 65 38.77 13.83 -29.60
N ILE B 66 37.45 13.82 -29.33
CA ILE B 66 36.87 12.86 -28.41
C ILE B 66 37.06 11.44 -28.92
N PHE B 67 37.04 11.24 -30.24
CA PHE B 67 37.19 9.88 -30.76
C PHE B 67 38.63 9.43 -30.76
N LYS B 68 39.58 10.35 -30.94
CA LYS B 68 40.98 9.99 -30.67
C LYS B 68 41.15 9.53 -29.23
N VAL B 69 40.62 10.32 -28.30
CA VAL B 69 40.70 9.94 -26.88
C VAL B 69 40.00 8.62 -26.64
N ALA B 70 38.90 8.37 -27.35
CA ALA B 70 38.14 7.14 -27.17
C ALA B 70 38.92 5.93 -27.66
N ILE B 71 39.61 6.07 -28.81
CA ILE B 71 40.46 4.99 -29.29
C ILE B 71 41.57 4.70 -28.29
N VAL B 72 42.18 5.75 -27.74
CA VAL B 72 43.24 5.56 -26.75
C VAL B 72 42.69 4.81 -25.53
N ILE B 73 41.53 5.25 -25.03
CA ILE B 73 40.95 4.62 -23.85
C ILE B 73 40.54 3.18 -24.14
N ALA B 74 40.08 2.89 -25.36
CA ALA B 74 39.74 1.52 -25.71
C ALA B 74 40.97 0.63 -25.74
N ILE B 75 42.07 1.15 -26.27
CA ILE B 75 43.32 0.38 -26.26
C ILE B 75 43.76 0.12 -24.83
N LEU B 76 43.67 1.13 -23.96
CA LEU B 76 44.03 0.93 -22.56
C LEU B 76 43.15 -0.13 -21.91
N LEU B 77 41.84 -0.06 -22.14
CA LEU B 77 40.92 -1.04 -21.57
C LEU B 77 41.25 -2.45 -22.07
N MET B 78 41.59 -2.57 -23.36
CA MET B 78 41.98 -3.86 -23.89
C MET B 78 43.26 -4.37 -23.22
N ILE B 79 44.18 -3.46 -22.93
CA ILE B 79 45.43 -3.85 -22.30
C ILE B 79 45.19 -4.37 -20.88
N PHE B 80 44.48 -3.60 -20.07
CA PHE B 80 44.36 -3.92 -18.65
C PHE B 80 43.24 -4.91 -18.34
N THR B 81 42.30 -5.09 -19.27
CA THR B 81 41.23 -6.07 -19.07
C THR B 81 41.06 -6.84 -20.38
N THR B 82 39.87 -7.40 -20.57
CA THR B 82 39.57 -8.15 -21.79
C THR B 82 39.32 -7.20 -22.96
N TRP B 83 39.60 -7.69 -24.17
CA TRP B 83 39.39 -6.89 -25.37
C TRP B 83 37.93 -6.56 -25.59
N GLN B 84 37.02 -7.43 -25.14
CA GLN B 84 35.59 -7.15 -25.29
C GLN B 84 35.24 -5.82 -24.64
N THR B 85 35.89 -5.49 -23.53
CA THR B 85 35.63 -4.21 -22.89
C THR B 85 35.96 -3.04 -23.82
N GLY B 86 37.12 -3.11 -24.47
CA GLY B 86 37.50 -2.04 -25.39
C GLY B 86 36.59 -1.96 -26.62
N VAL B 87 36.21 -3.10 -27.17
CA VAL B 87 35.31 -3.09 -28.33
C VAL B 87 33.96 -2.49 -27.95
N ALA B 88 33.41 -2.89 -26.80
CA ALA B 88 32.15 -2.32 -26.35
C ALA B 88 32.30 -0.83 -26.06
N PHE B 89 33.45 -0.44 -25.52
CA PHE B 89 33.73 0.97 -25.27
C PHE B 89 33.64 1.78 -26.57
N LEU B 90 34.32 1.30 -27.62
CA LEU B 90 34.28 2.00 -28.90
C LEU B 90 32.85 2.02 -29.46
N LEU B 91 32.14 0.90 -29.34
CA LEU B 91 30.77 0.85 -29.85
C LEU B 91 29.89 1.88 -29.15
N GLY B 92 29.98 1.96 -27.83
CA GLY B 92 29.17 2.92 -27.10
C GLY B 92 29.56 4.36 -27.38
N ALA B 93 30.86 4.62 -27.52
CA ALA B 93 31.31 5.93 -27.93
C ALA B 93 30.66 6.34 -29.25
N VAL B 94 30.72 5.44 -30.24
CA VAL B 94 30.14 5.73 -31.55
C VAL B 94 28.63 5.95 -31.42
N MET B 95 27.96 5.12 -30.61
CA MET B 95 26.50 5.23 -30.46
C MET B 95 26.12 6.59 -29.91
N SER B 96 26.73 7.00 -28.80
CA SER B 96 26.37 8.27 -28.18
C SER B 96 26.73 9.44 -29.08
N ALA B 97 27.93 9.42 -29.67
CA ALA B 97 28.31 10.50 -30.57
C ALA B 97 27.36 10.59 -31.75
N SER B 98 26.90 9.45 -32.26
CA SER B 98 25.99 9.47 -33.40
C SER B 98 24.63 10.02 -33.02
N ALA B 99 24.11 9.61 -31.86
CA ALA B 99 22.85 10.19 -31.40
C ALA B 99 22.94 11.70 -31.28
N GLY B 100 24.02 12.19 -30.65
CA GLY B 100 24.19 13.62 -30.50
C GLY B 100 24.32 14.35 -31.83
N ILE B 101 25.12 13.78 -32.74
CA ILE B 101 25.35 14.43 -34.04
C ILE B 101 24.06 14.46 -34.86
N VAL B 102 23.27 13.38 -34.80
CA VAL B 102 22.01 13.35 -35.52
C VAL B 102 21.06 14.41 -34.96
N GLY B 103 20.93 14.46 -33.63
CA GLY B 103 20.10 15.49 -33.03
C GLY B 103 20.52 16.89 -33.43
N MET B 104 21.83 17.16 -33.43
CA MET B 104 22.31 18.50 -33.76
C MET B 104 22.07 18.82 -35.23
N LYS B 105 22.35 17.87 -36.12
CA LYS B 105 22.12 18.09 -37.54
C LYS B 105 20.65 18.26 -37.86
N MET B 106 19.77 17.69 -37.03
CA MET B 106 18.34 17.91 -37.20
C MET B 106 17.92 19.29 -36.70
N ALA B 107 18.42 19.69 -35.53
CA ALA B 107 18.02 20.98 -34.97
C ALA B 107 18.53 22.14 -35.82
N THR B 108 19.77 22.05 -36.30
CA THR B 108 20.35 23.13 -37.09
C THR B 108 19.51 23.44 -38.33
N ARG B 109 18.68 22.49 -38.77
CA ARG B 109 17.78 22.70 -39.90
C ARG B 109 16.35 22.98 -39.47
N ALA B 110 15.91 22.42 -38.34
CA ALA B 110 14.54 22.61 -37.89
C ALA B 110 14.30 23.95 -37.23
N ASN B 111 15.36 24.63 -36.77
CA ASN B 111 15.16 25.92 -36.10
C ASN B 111 14.47 26.92 -37.01
N VAL B 112 15.04 27.17 -38.20
CA VAL B 112 14.46 28.16 -39.10
C VAL B 112 13.10 27.71 -39.62
N ARG B 113 12.89 26.41 -39.78
CA ARG B 113 11.58 25.92 -40.20
C ARG B 113 10.52 26.24 -39.15
N VAL B 114 10.82 25.96 -37.87
CA VAL B 114 9.89 26.30 -36.80
C VAL B 114 9.65 27.81 -36.78
N ALA B 115 10.71 28.59 -36.96
CA ALA B 115 10.58 30.05 -36.94
C ALA B 115 9.64 30.53 -38.03
N GLU B 116 9.85 30.06 -39.27
CA GLU B 116 9.02 30.48 -40.38
C GLU B 116 7.57 30.02 -40.19
N ALA B 117 7.38 28.82 -39.64
CA ALA B 117 6.02 28.35 -39.38
C ALA B 117 5.30 29.27 -38.39
N ALA B 118 5.96 29.58 -37.27
CA ALA B 118 5.35 30.46 -36.28
C ALA B 118 5.15 31.87 -36.84
N ARG B 119 5.99 32.29 -37.79
CA ARG B 119 5.83 33.62 -38.37
C ARG B 119 4.64 33.67 -39.31
N THR B 120 4.49 32.65 -40.16
CA THR B 120 3.41 32.66 -41.14
C THR B 120 2.06 32.42 -40.47
N THR B 121 1.94 31.34 -39.68
CA THR B 121 0.65 30.99 -39.10
C THR B 121 0.22 31.97 -38.01
N LYS B 122 1.15 32.71 -37.43
CA LYS B 122 0.88 33.64 -36.34
C LYS B 122 0.28 32.96 -35.11
N LYS B 123 0.31 31.63 -35.07
CA LYS B 123 -0.20 30.84 -33.95
C LYS B 123 0.92 29.99 -33.38
N ILE B 124 0.66 29.43 -32.20
CA ILE B 124 1.65 28.60 -31.52
C ILE B 124 1.64 27.17 -32.04
N GLY B 125 0.55 26.73 -32.66
CA GLY B 125 0.38 25.37 -33.08
C GLY B 125 1.43 24.85 -34.04
N PRO B 126 1.62 25.53 -35.18
CA PRO B 126 2.58 25.03 -36.18
C PRO B 126 4.01 25.00 -35.68
N ALA B 127 4.46 26.07 -35.04
CA ALA B 127 5.81 26.10 -34.50
C ALA B 127 6.00 25.01 -33.45
N LEU B 128 5.01 24.85 -32.56
CA LEU B 128 5.09 23.77 -31.57
C LEU B 128 5.20 22.42 -32.26
N LYS B 129 4.41 22.20 -33.31
CA LYS B 129 4.42 20.91 -33.98
C LYS B 129 5.78 20.61 -34.61
N VAL B 130 6.35 21.60 -35.31
CA VAL B 130 7.63 21.38 -35.97
C VAL B 130 8.75 21.22 -34.95
N ALA B 131 8.73 22.02 -33.89
CA ALA B 131 9.75 21.89 -32.85
C ALA B 131 9.68 20.52 -32.18
N TYR B 132 8.46 20.03 -31.91
CA TYR B 132 8.34 18.69 -31.34
C TYR B 132 8.72 17.62 -32.34
N GLN B 133 8.55 17.89 -33.64
CA GLN B 133 9.06 16.97 -34.65
C GLN B 133 10.57 16.82 -34.53
N GLY B 134 11.28 17.95 -34.42
CA GLY B 134 12.73 17.89 -34.24
C GLY B 134 13.12 17.19 -32.95
N GLY B 135 12.44 17.53 -31.86
CA GLY B 135 12.71 16.87 -30.60
C GLY B 135 12.51 15.37 -30.67
N SER B 136 11.46 14.95 -31.38
CA SER B 136 11.20 13.53 -31.56
C SER B 136 12.29 12.88 -32.40
N VAL B 137 12.75 13.57 -33.44
CA VAL B 137 13.90 13.09 -34.19
C VAL B 137 15.04 12.76 -33.25
N MET B 138 15.43 13.73 -32.42
CA MET B 138 16.59 13.51 -31.55
C MET B 138 16.31 12.41 -30.52
N GLY B 139 15.12 12.39 -29.92
CA GLY B 139 14.84 11.41 -28.90
C GLY B 139 14.80 9.99 -29.45
N LEU B 140 14.17 9.81 -30.61
CA LEU B 140 14.18 8.51 -31.27
C LEU B 140 15.60 8.11 -31.65
N SER B 141 16.40 9.06 -32.14
CA SER B 141 17.79 8.75 -32.45
C SER B 141 18.52 8.23 -31.21
N VAL B 142 18.38 8.93 -30.10
CA VAL B 142 19.07 8.54 -28.86
C VAL B 142 18.63 7.15 -28.44
N GLY B 143 17.32 6.96 -28.28
CA GLY B 143 16.81 5.67 -27.84
C GLY B 143 17.24 4.54 -28.75
N GLY B 144 17.06 4.72 -30.06
CA GLY B 144 17.40 3.68 -31.00
C GLY B 144 18.88 3.34 -31.01
N PHE B 145 19.73 4.36 -31.00
CA PHE B 145 21.17 4.10 -30.99
C PHE B 145 21.58 3.39 -29.72
N ALA B 146 21.12 3.86 -28.56
CA ALA B 146 21.48 3.22 -27.30
C ALA B 146 21.05 1.76 -27.31
N LEU B 147 19.78 1.50 -27.62
CA LEU B 147 19.28 0.13 -27.58
C LEU B 147 19.93 -0.74 -28.65
N LEU B 148 20.27 -0.17 -29.81
CA LEU B 148 20.91 -0.94 -30.86
C LEU B 148 22.32 -1.35 -30.46
N GLY B 149 23.11 -0.41 -29.95
CA GLY B 149 24.42 -0.77 -29.43
C GLY B 149 24.34 -1.82 -28.33
N LEU B 150 23.42 -1.61 -27.38
CA LEU B 150 23.30 -2.54 -26.26
C LEU B 150 22.90 -3.93 -26.74
N VAL B 151 21.96 -4.01 -27.69
CA VAL B 151 21.48 -5.31 -28.16
C VAL B 151 22.54 -5.98 -29.01
N LEU B 152 23.30 -5.21 -29.79
CA LEU B 152 24.40 -5.79 -30.55
C LEU B 152 25.44 -6.37 -29.60
N VAL B 153 25.74 -5.68 -28.50
CA VAL B 153 26.65 -6.22 -27.51
C VAL B 153 26.09 -7.50 -26.90
N TYR B 154 24.80 -7.46 -26.53
CA TYR B 154 24.17 -8.62 -25.90
C TYR B 154 24.12 -9.82 -26.83
N LEU B 155 24.05 -9.60 -28.14
CA LEU B 155 23.96 -10.69 -29.10
C LEU B 155 25.33 -11.20 -29.52
N ILE B 156 26.31 -10.32 -29.66
CA ILE B 156 27.63 -10.73 -30.11
C ILE B 156 28.45 -11.28 -28.96
N PHE B 157 28.59 -10.49 -27.90
CA PHE B 157 29.37 -10.91 -26.74
C PHE B 157 28.54 -11.66 -25.70
N GLY B 158 27.22 -11.55 -25.77
CA GLY B 158 26.36 -12.25 -24.83
C GLY B 158 25.80 -13.54 -25.36
N LYS B 159 25.48 -13.57 -26.66
CA LYS B 159 24.87 -14.73 -27.30
C LYS B 159 25.84 -15.41 -28.27
N TRP B 160 26.31 -14.69 -29.29
CA TRP B 160 27.20 -15.30 -30.27
C TRP B 160 28.40 -15.95 -29.58
N MET B 161 29.05 -15.21 -28.68
CA MET B 161 30.17 -15.75 -27.91
C MET B 161 29.72 -16.40 -26.60
N GLY B 162 28.51 -16.13 -26.14
CA GLY B 162 27.99 -16.84 -24.99
C GLY B 162 28.57 -16.42 -23.64
N GLN B 163 29.02 -15.17 -23.51
CA GLN B 163 29.52 -14.72 -22.22
C GLN B 163 28.46 -14.76 -21.13
N VAL B 164 27.18 -14.80 -21.51
CA VAL B 164 26.09 -14.92 -20.55
C VAL B 164 25.89 -16.36 -20.07
N ASP B 165 26.69 -17.31 -20.57
CA ASP B 165 26.53 -18.72 -20.25
C ASP B 165 27.38 -19.16 -19.06
N ASN B 166 28.60 -18.64 -18.93
CA ASN B 166 29.47 -19.07 -17.84
C ASN B 166 29.18 -18.30 -16.55
N LEU B 167 29.16 -16.98 -16.63
CA LEU B 167 28.87 -16.14 -15.46
C LEU B 167 29.71 -16.54 -14.26
N ASN B 168 31.02 -16.63 -14.47
CA ASN B 168 31.96 -17.00 -13.43
C ASN B 168 32.85 -15.80 -13.09
N ILE B 169 33.50 -15.89 -11.93
CA ILE B 169 34.38 -14.85 -11.41
C ILE B 169 35.81 -15.22 -11.83
N TYR B 170 36.29 -14.60 -12.90
CA TYR B 170 37.66 -14.81 -13.36
C TYR B 170 38.59 -13.72 -12.85
N THR B 171 39.88 -13.94 -13.06
CA THR B 171 40.92 -12.99 -12.69
C THR B 171 41.88 -12.84 -13.86
N ASN B 172 42.11 -11.61 -14.30
CA ASN B 172 42.97 -11.37 -15.44
C ASN B 172 44.43 -11.24 -14.99
N TRP B 173 45.32 -11.01 -15.96
CA TRP B 173 46.75 -11.03 -15.68
C TRP B 173 47.18 -9.91 -14.75
N LEU B 174 46.45 -8.80 -14.75
CA LEU B 174 46.79 -7.65 -13.92
C LEU B 174 46.16 -7.72 -12.54
N GLY B 175 45.60 -8.87 -12.17
CA GLY B 175 44.95 -9.01 -10.88
C GLY B 175 43.60 -8.35 -10.76
N ILE B 176 42.78 -8.41 -11.80
CA ILE B 176 41.44 -7.84 -11.81
C ILE B 176 40.43 -8.98 -11.81
N ASN B 177 39.51 -8.96 -10.85
CA ASN B 177 38.42 -9.92 -10.79
C ASN B 177 37.25 -9.39 -11.62
N PHE B 178 36.70 -10.24 -12.48
CA PHE B 178 35.72 -9.77 -13.43
C PHE B 178 34.84 -10.93 -13.88
N VAL B 179 33.61 -10.59 -14.25
CA VAL B 179 32.72 -11.50 -14.96
C VAL B 179 32.74 -11.10 -16.43
N PRO B 180 32.84 -12.04 -17.37
CA PRO B 180 32.98 -11.68 -18.78
C PRO B 180 31.94 -10.67 -19.26
N PHE B 181 30.66 -11.07 -19.28
CA PHE B 181 29.62 -10.17 -19.74
C PHE B 181 29.55 -8.91 -18.89
N ALA B 182 29.80 -9.05 -17.59
CA ALA B 182 29.86 -7.87 -16.72
C ALA B 182 30.89 -6.88 -17.24
N MET B 183 32.10 -7.36 -17.52
CA MET B 183 33.16 -6.48 -18.02
C MET B 183 32.79 -5.89 -19.37
N THR B 184 32.15 -6.68 -20.24
CA THR B 184 31.78 -6.18 -21.56
C THR B 184 30.77 -5.04 -21.45
N VAL B 185 29.69 -5.24 -20.69
CA VAL B 185 28.69 -4.20 -20.53
C VAL B 185 29.29 -3.00 -19.78
N SER B 186 30.20 -3.25 -18.84
CA SER B 186 30.89 -2.15 -18.17
C SER B 186 31.66 -1.30 -19.17
N GLY B 187 32.39 -1.94 -20.08
CA GLY B 187 33.11 -1.18 -21.10
C GLY B 187 32.18 -0.39 -22.00
N TYR B 188 31.07 -1.01 -22.42
CA TYR B 188 30.11 -0.29 -23.25
C TYR B 188 29.59 0.96 -22.54
N ALA B 189 29.11 0.78 -21.31
CA ALA B 189 28.57 1.92 -20.56
C ALA B 189 29.66 2.96 -20.28
N LEU B 190 30.88 2.53 -20.01
CA LEU B 190 31.96 3.47 -19.75
C LEU B 190 32.29 4.30 -20.98
N GLY B 191 32.34 3.67 -22.15
CA GLY B 191 32.55 4.44 -23.37
C GLY B 191 31.43 5.45 -23.59
N CYS B 192 30.18 4.98 -23.45
CA CYS B 192 29.05 5.90 -23.56
C CYS B 192 29.22 7.10 -22.65
N SER B 193 29.52 6.85 -21.37
CA SER B 193 29.56 7.92 -20.38
C SER B 193 30.74 8.86 -20.62
N ILE B 194 31.88 8.32 -21.06
CA ILE B 194 33.04 9.19 -21.30
C ILE B 194 32.80 10.09 -22.51
N ILE B 195 32.24 9.53 -23.59
CA ILE B 195 31.93 10.37 -24.74
C ILE B 195 30.89 11.42 -24.37
N ALA B 196 29.87 11.02 -23.60
CA ALA B 196 28.87 11.99 -23.15
C ALA B 196 29.50 13.07 -22.29
N MET B 197 30.46 12.69 -21.44
CA MET B 197 31.14 13.67 -20.59
C MET B 197 31.89 14.69 -21.43
N PHE B 198 32.70 14.21 -22.38
CA PHE B 198 33.43 15.13 -23.25
C PHE B 198 32.47 16.06 -23.99
N ASP B 199 31.46 15.49 -24.65
CA ASP B 199 30.52 16.29 -25.41
C ASP B 199 29.84 17.33 -24.52
N ARG B 200 29.35 16.89 -23.36
CA ARG B 200 28.62 17.77 -22.48
C ARG B 200 29.51 18.91 -21.98
N VAL B 201 30.71 18.59 -21.50
CA VAL B 201 31.60 19.63 -20.98
C VAL B 201 31.93 20.63 -22.08
N GLY B 202 32.36 20.14 -23.25
CA GLY B 202 32.70 21.04 -24.32
C GLY B 202 31.57 21.93 -24.77
N GLY B 203 30.43 21.33 -25.12
CA GLY B 203 29.30 22.12 -25.57
C GLY B 203 28.79 23.08 -24.52
N GLY B 204 28.80 22.66 -23.25
CA GLY B 204 28.35 23.53 -22.20
C GLY B 204 29.25 24.75 -22.05
N VAL B 205 30.56 24.52 -21.97
CA VAL B 205 31.50 25.64 -21.90
C VAL B 205 31.25 26.58 -23.07
N TYR B 206 31.22 26.04 -24.29
CA TYR B 206 31.01 26.85 -25.49
C TYR B 206 29.75 27.71 -25.36
N THR B 207 28.60 27.06 -25.25
CA THR B 207 27.32 27.77 -25.31
C THR B 207 27.15 28.73 -24.13
N LYS B 208 27.61 28.33 -22.93
CA LYS B 208 27.40 29.17 -21.76
C LYS B 208 28.32 30.38 -21.79
N ALA B 209 29.56 30.22 -22.22
CA ALA B 209 30.43 31.39 -22.39
C ALA B 209 29.80 32.35 -23.39
N ALA B 210 29.35 31.84 -24.54
CA ALA B 210 28.74 32.69 -25.55
C ALA B 210 27.52 33.43 -24.99
N ASP B 211 26.64 32.70 -24.30
CA ASP B 211 25.42 33.30 -23.78
C ASP B 211 25.72 34.36 -22.72
N MET B 212 26.58 34.03 -21.76
CA MET B 212 26.98 35.01 -20.76
C MET B 212 27.48 36.28 -21.43
N ALA B 213 28.48 36.16 -22.30
CA ALA B 213 29.04 37.32 -22.96
C ALA B 213 27.95 38.14 -23.64
N ALA B 214 27.19 37.50 -24.53
CA ALA B 214 26.19 38.23 -25.31
C ALA B 214 25.19 38.93 -24.40
N ASP B 215 24.50 38.16 -23.55
CA ASP B 215 23.50 38.75 -22.68
C ASP B 215 24.06 39.91 -21.88
N LEU B 216 25.11 39.65 -21.09
CA LEU B 216 25.65 40.70 -20.24
C LEU B 216 25.99 41.95 -21.04
N VAL B 217 26.92 41.82 -22.01
CA VAL B 217 27.39 43.01 -22.71
C VAL B 217 26.24 43.74 -23.39
N GLY B 218 25.49 43.02 -24.25
CA GLY B 218 24.43 43.66 -24.99
C GLY B 218 23.32 44.28 -24.16
N LYS B 219 22.70 43.48 -23.29
CA LYS B 219 21.53 43.97 -22.56
C LYS B 219 21.93 44.93 -21.44
N THR B 220 22.96 44.58 -20.67
CA THR B 220 23.30 45.37 -19.48
C THR B 220 24.05 46.64 -19.81
N GLU B 221 24.88 46.62 -20.86
CA GLU B 221 25.74 47.75 -21.19
C GLU B 221 25.26 48.48 -22.45
N LEU B 222 25.22 47.80 -23.59
CA LEU B 222 24.84 48.46 -24.84
C LEU B 222 23.34 48.70 -24.94
N ASN B 223 22.53 48.04 -24.12
CA ASN B 223 21.08 48.19 -24.14
C ASN B 223 20.50 47.77 -25.50
N LEU B 224 20.72 46.49 -25.82
CA LEU B 224 20.23 45.87 -27.04
C LEU B 224 19.32 44.70 -26.71
N PRO B 225 18.45 44.30 -27.64
CA PRO B 225 17.56 43.17 -27.38
C PRO B 225 18.31 41.84 -27.37
N GLU B 226 17.62 40.82 -26.87
CA GLU B 226 18.20 39.49 -26.76
C GLU B 226 18.43 38.90 -28.14
N ASP B 227 19.69 38.56 -28.45
CA ASP B 227 20.06 37.97 -29.74
C ASP B 227 19.90 38.97 -30.88
N ASP B 228 20.39 40.19 -30.65
CA ASP B 228 20.32 41.23 -31.66
C ASP B 228 21.45 41.03 -32.69
N PRO B 229 21.19 41.31 -33.97
CA PRO B 229 22.24 41.13 -34.97
C PRO B 229 23.45 42.01 -34.74
N ARG B 230 23.27 43.19 -34.15
CA ARG B 230 24.42 44.04 -33.81
C ARG B 230 25.33 43.36 -32.79
N ASN B 231 24.76 42.52 -31.94
CA ASN B 231 25.54 41.82 -30.93
C ASN B 231 26.42 40.78 -31.61
N PRO B 232 27.75 40.91 -31.55
CA PRO B 232 28.62 39.98 -32.29
C PRO B 232 28.65 38.57 -31.70
N ALA B 233 27.85 38.28 -30.66
CA ALA B 233 27.87 36.97 -30.04
C ALA B 233 26.57 36.20 -30.19
N THR B 234 25.53 36.80 -30.76
CA THR B 234 24.25 36.11 -30.87
C THR B 234 24.36 34.87 -31.75
N ILE B 235 25.08 34.98 -32.87
CA ILE B 235 25.29 33.81 -33.73
C ILE B 235 26.13 32.77 -32.99
N ALA B 236 27.14 33.21 -32.26
CA ALA B 236 27.91 32.30 -31.42
C ALA B 236 27.03 31.67 -30.35
N ASP B 237 26.15 32.47 -29.73
CA ASP B 237 25.25 31.95 -28.71
C ASP B 237 24.34 30.86 -29.26
N ASN B 238 23.81 31.06 -30.48
CA ASN B 238 22.92 30.06 -31.05
C ASN B 238 23.69 28.82 -31.52
N VAL B 239 24.90 29.01 -32.05
CA VAL B 239 25.73 27.86 -32.36
C VAL B 239 26.00 27.06 -31.09
N GLY B 240 26.17 27.74 -29.96
CA GLY B 240 26.33 27.05 -28.70
C GLY B 240 25.07 26.32 -28.27
N ASP B 241 23.92 26.99 -28.40
CA ASP B 241 22.65 26.32 -28.14
C ASP B 241 22.55 25.01 -28.90
N ASN B 242 23.00 25.01 -30.16
CA ASN B 242 22.93 23.80 -30.98
C ASN B 242 24.00 22.78 -30.61
N VAL B 243 25.17 23.23 -30.15
CA VAL B 243 26.27 22.30 -29.91
C VAL B 243 26.16 21.67 -28.52
N GLY B 244 26.03 22.50 -27.48
CA GLY B 244 26.05 22.02 -26.11
C GLY B 244 24.69 21.59 -25.59
N ASP B 245 23.64 22.25 -26.03
CA ASP B 245 22.29 21.94 -25.57
C ASP B 245 21.61 20.86 -26.40
N VAL B 246 22.23 20.41 -27.48
CA VAL B 246 21.66 19.37 -28.34
C VAL B 246 22.53 18.13 -28.26
N ALA B 247 23.66 18.16 -28.97
CA ALA B 247 24.55 16.99 -28.99
C ALA B 247 24.89 16.54 -27.58
N GLY B 248 25.26 17.49 -26.71
CA GLY B 248 25.53 17.15 -25.33
C GLY B 248 24.32 16.56 -24.62
N LEU B 249 23.14 17.10 -24.90
CA LEU B 249 21.92 16.59 -24.29
C LEU B 249 21.67 15.15 -24.68
N GLY B 250 21.70 14.86 -25.98
CA GLY B 250 21.51 13.49 -26.42
C GLY B 250 22.56 12.54 -25.86
N ALA B 251 23.82 12.98 -25.84
CA ALA B 251 24.88 12.16 -25.27
C ALA B 251 24.59 11.84 -23.81
N ASP B 252 24.25 12.87 -23.02
CA ASP B 252 23.98 12.67 -21.60
C ASP B 252 22.81 11.72 -21.38
N LEU B 253 21.73 11.89 -22.15
CA LEU B 253 20.54 11.08 -21.91
C LEU B 253 20.76 9.63 -22.34
N LEU B 254 21.43 9.42 -23.47
CA LEU B 254 21.79 8.06 -23.87
C LEU B 254 22.72 7.44 -22.84
N GLU B 255 23.65 8.22 -22.29
CA GLU B 255 24.55 7.71 -21.26
C GLU B 255 23.78 7.26 -20.03
N SER B 256 22.80 8.05 -19.60
CA SER B 256 22.02 7.67 -18.43
C SER B 256 21.20 6.40 -18.70
N PHE B 257 20.56 6.34 -19.86
CA PHE B 257 19.79 5.15 -20.24
C PHE B 257 20.66 3.90 -20.23
N VAL B 258 21.74 3.92 -21.01
CA VAL B 258 22.65 2.78 -21.08
C VAL B 258 23.24 2.47 -19.72
N GLY B 259 23.46 3.48 -18.89
CA GLY B 259 24.05 3.23 -17.58
C GLY B 259 23.10 2.51 -16.65
N ALA B 260 21.83 2.92 -16.62
CA ALA B 260 20.85 2.18 -15.85
C ALA B 260 20.77 0.73 -16.32
N ILE B 261 20.68 0.53 -17.64
CA ILE B 261 20.53 -0.83 -18.16
C ILE B 261 21.77 -1.67 -17.83
N VAL B 262 22.95 -1.08 -18.00
CA VAL B 262 24.19 -1.82 -17.76
C VAL B 262 24.41 -2.09 -16.29
N SER B 263 23.94 -1.20 -15.41
CA SER B 263 23.99 -1.49 -13.98
C SER B 263 23.11 -2.67 -13.64
N SER B 264 21.89 -2.68 -14.17
CA SER B 264 21.02 -3.84 -13.99
C SER B 264 21.73 -5.12 -14.44
N ILE B 265 22.31 -5.09 -15.64
CA ILE B 265 22.94 -6.28 -16.20
C ILE B 265 24.13 -6.72 -15.36
N ILE B 266 24.96 -5.77 -14.92
CA ILE B 266 26.15 -6.11 -14.13
C ILE B 266 25.75 -6.75 -12.82
N LEU B 267 24.76 -6.17 -12.13
CA LEU B 267 24.31 -6.75 -10.87
C LEU B 267 23.75 -8.15 -11.09
N ALA B 268 22.91 -8.32 -12.12
CA ALA B 268 22.35 -9.63 -12.41
C ALA B 268 23.46 -10.66 -12.64
N SER B 269 24.49 -10.28 -13.40
CA SER B 269 25.56 -11.22 -13.71
C SER B 269 26.35 -11.58 -12.46
N TYR B 270 26.74 -10.58 -11.67
CA TYR B 270 27.52 -10.85 -10.46
C TYR B 270 26.72 -11.61 -9.41
N MET B 271 25.39 -11.55 -9.46
CA MET B 271 24.59 -12.23 -8.44
C MET B 271 24.83 -13.74 -8.43
N PHE B 272 25.00 -14.34 -9.61
CA PHE B 272 25.03 -15.79 -9.71
C PHE B 272 26.17 -16.43 -8.93
N PRO B 273 27.43 -16.17 -9.29
CA PRO B 273 28.54 -16.92 -8.66
C PRO B 273 28.74 -16.57 -7.19
N ILE B 274 28.18 -15.48 -6.69
CA ILE B 274 28.37 -15.10 -5.29
C ILE B 274 27.35 -15.79 -4.39
N TYR B 275 26.09 -15.83 -4.80
CA TYR B 275 25.02 -16.46 -4.02
C TYR B 275 25.19 -17.97 -4.13
N VAL B 276 26.09 -18.51 -3.31
CA VAL B 276 26.35 -19.94 -3.25
C VAL B 276 26.35 -20.39 -1.80
N GLN B 277 26.09 -21.68 -1.60
CA GLN B 277 26.05 -22.25 -0.26
C GLN B 277 27.04 -23.40 -0.11
N VAL B 284 27.47 -25.01 -3.94
CA VAL B 284 26.18 -25.09 -4.63
C VAL B 284 25.62 -23.70 -4.86
N HIS B 285 25.36 -23.36 -6.12
CA HIS B 285 24.85 -22.05 -6.46
C HIS B 285 23.42 -21.88 -5.94
N GLN B 286 23.20 -20.80 -5.18
CA GLN B 286 21.89 -20.55 -4.60
C GLN B 286 20.84 -20.20 -5.64
N VAL B 287 21.22 -19.95 -6.89
CA VAL B 287 20.26 -19.56 -7.92
C VAL B 287 20.61 -20.29 -9.22
N PRO B 288 19.61 -20.78 -9.96
CA PRO B 288 19.90 -21.45 -11.22
C PRO B 288 20.39 -20.48 -12.28
N LYS B 289 21.22 -21.00 -13.20
CA LYS B 289 21.81 -20.14 -14.23
C LYS B 289 20.75 -19.56 -15.16
N GLU B 290 19.67 -20.30 -15.42
CA GLU B 290 18.63 -19.78 -16.30
C GLU B 290 17.98 -18.53 -15.70
N THR B 291 17.79 -18.51 -14.38
CA THR B 291 17.21 -17.34 -13.74
C THR B 291 18.11 -16.12 -13.91
N ILE B 292 19.42 -16.30 -13.71
CA ILE B 292 20.35 -15.19 -13.87
C ILE B 292 20.37 -14.71 -15.31
N GLN B 293 20.30 -15.64 -16.27
CA GLN B 293 20.29 -15.24 -17.67
C GLN B 293 19.02 -14.46 -18.02
N ALA B 294 17.88 -14.91 -17.50
CA ALA B 294 16.63 -14.19 -17.73
C ALA B 294 16.68 -12.80 -17.10
N LEU B 295 17.22 -12.70 -15.89
CA LEU B 295 17.33 -11.39 -15.25
C LEU B 295 18.31 -10.48 -16.00
N ILE B 296 19.33 -11.07 -16.64
CA ILE B 296 20.26 -10.27 -17.42
C ILE B 296 19.59 -9.73 -18.68
N SER B 297 18.84 -10.58 -19.38
CA SER B 297 18.15 -10.15 -20.59
C SER B 297 16.94 -9.26 -20.29
N TYR B 298 16.42 -9.30 -19.07
CA TYR B 298 15.21 -8.56 -18.75
C TYR B 298 15.33 -7.06 -18.96
N PRO B 299 16.38 -6.39 -18.49
CA PRO B 299 16.46 -4.93 -18.69
C PRO B 299 16.48 -4.54 -20.16
N ILE B 300 17.03 -5.38 -21.04
CA ILE B 300 17.03 -5.05 -22.46
C ILE B 300 15.62 -5.06 -23.02
N PHE B 301 14.85 -6.10 -22.70
CA PHE B 301 13.45 -6.14 -23.13
C PHE B 301 12.65 -4.99 -22.53
N PHE B 302 12.94 -4.65 -21.27
CA PHE B 302 12.29 -3.49 -20.66
C PHE B 302 12.57 -2.22 -21.43
N ALA B 303 13.84 -1.96 -21.75
CA ALA B 303 14.20 -0.76 -22.49
C ALA B 303 13.56 -0.76 -23.88
N LEU B 304 13.44 -1.94 -24.49
CA LEU B 304 12.82 -2.03 -25.81
C LEU B 304 11.33 -1.68 -25.72
N VAL B 305 10.63 -2.23 -24.73
CA VAL B 305 9.21 -1.89 -24.54
C VAL B 305 9.06 -0.40 -24.26
N GLY B 306 9.98 0.16 -23.47
CA GLY B 306 9.92 1.59 -23.21
C GLY B 306 10.12 2.43 -24.45
N LEU B 307 11.05 2.02 -25.31
CA LEU B 307 11.26 2.73 -26.57
C LEU B 307 10.04 2.63 -27.47
N GLY B 308 9.40 1.45 -27.50
CA GLY B 308 8.17 1.32 -28.27
C GLY B 308 7.06 2.22 -27.76
N CYS B 309 6.89 2.27 -26.44
CA CYS B 309 5.86 3.14 -25.87
C CYS B 309 6.17 4.60 -26.11
N SER B 310 7.46 4.98 -26.04
CA SER B 310 7.84 6.35 -26.35
C SER B 310 7.52 6.69 -27.80
N MET B 311 7.79 5.77 -28.72
CA MET B 311 7.44 5.99 -30.11
C MET B 311 5.93 6.16 -30.28
N LEU B 312 5.14 5.31 -29.61
CA LEU B 312 3.69 5.42 -29.70
C LEU B 312 3.23 6.79 -29.20
N GLY B 313 3.72 7.22 -28.05
CA GLY B 313 3.32 8.50 -27.51
C GLY B 313 3.72 9.66 -28.41
N ILE B 314 4.94 9.61 -28.96
CA ILE B 314 5.40 10.65 -29.86
C ILE B 314 4.52 10.71 -31.10
N LEU B 315 4.15 9.53 -31.64
CA LEU B 315 3.29 9.50 -32.81
C LEU B 315 1.92 10.10 -32.49
N TYR B 316 1.33 9.72 -31.36
CA TYR B 316 0.03 10.27 -31.00
C TYR B 316 0.09 11.77 -30.83
N VAL B 317 1.18 12.29 -30.23
CA VAL B 317 1.25 13.72 -29.97
C VAL B 317 1.62 14.51 -31.21
N ILE B 318 2.29 13.91 -32.19
CA ILE B 318 2.56 14.62 -33.43
C ILE B 318 1.39 14.51 -34.40
N VAL B 319 0.53 13.51 -34.24
CA VAL B 319 -0.66 13.42 -35.07
C VAL B 319 -1.86 14.06 -34.39
N LYS B 320 -1.89 14.10 -33.06
CA LYS B 320 -2.99 14.69 -32.33
C LYS B 320 -3.22 16.14 -32.78
N LYS B 321 -4.43 16.62 -32.57
CA LYS B 321 -4.76 18.00 -32.93
C LYS B 321 -3.87 18.95 -32.13
N PRO B 322 -3.19 19.89 -32.79
CA PRO B 322 -2.32 20.82 -32.05
C PRO B 322 -3.11 21.73 -31.12
N SER B 323 -2.48 22.10 -30.01
CA SER B 323 -3.07 22.98 -29.02
C SER B 323 -2.25 24.26 -28.91
N ASP B 324 -2.86 25.28 -28.31
CA ASP B 324 -2.17 26.54 -28.08
C ASP B 324 -1.27 26.48 -26.86
N ASN B 325 -1.55 25.60 -25.91
CA ASN B 325 -0.72 25.40 -24.74
C ASN B 325 0.23 24.25 -25.01
N PRO B 326 1.50 24.53 -25.35
CA PRO B 326 2.40 23.42 -25.72
C PRO B 326 2.74 22.53 -24.55
N GLN B 327 2.86 23.08 -23.34
CA GLN B 327 3.13 22.23 -22.18
C GLN B 327 2.04 21.18 -22.02
N ARG B 328 0.79 21.52 -22.34
CA ARG B 328 -0.28 20.54 -22.27
C ARG B 328 -0.01 19.36 -23.22
N GLU B 329 0.38 19.67 -24.46
CA GLU B 329 0.67 18.62 -25.43
C GLU B 329 1.85 17.77 -24.97
N LEU B 330 2.91 18.41 -24.46
CA LEU B 330 4.08 17.66 -24.02
C LEU B 330 3.75 16.77 -22.82
N ASN B 331 2.98 17.29 -21.87
CA ASN B 331 2.57 16.49 -20.71
C ASN B 331 1.67 15.34 -21.14
N ILE B 332 0.82 15.57 -22.15
CA ILE B 332 -0.02 14.49 -22.66
C ILE B 332 0.84 13.41 -23.29
N SER B 333 1.86 13.81 -24.07
CA SER B 333 2.81 12.85 -24.62
C SER B 333 3.46 12.03 -23.52
N LEU B 334 3.98 12.71 -22.49
CA LEU B 334 4.65 12.01 -21.40
C LEU B 334 3.71 11.05 -20.70
N TRP B 335 2.48 11.49 -20.40
CA TRP B 335 1.55 10.63 -19.70
C TRP B 335 1.18 9.40 -20.53
N THR B 336 0.90 9.59 -21.82
CA THR B 336 0.54 8.47 -22.67
C THR B 336 1.70 7.48 -22.78
N SER B 337 2.92 7.99 -23.03
CA SER B 337 4.08 7.12 -23.10
C SER B 337 4.27 6.35 -21.79
N ALA B 338 4.15 7.04 -20.65
CA ALA B 338 4.38 6.40 -19.36
C ALA B 338 3.34 5.31 -19.11
N LEU B 339 2.07 5.58 -19.41
CA LEU B 339 1.03 4.59 -19.17
C LEU B 339 1.22 3.38 -20.09
N LEU B 340 1.49 3.62 -21.37
CA LEU B 340 1.76 2.52 -22.29
C LEU B 340 2.93 1.69 -21.80
N THR B 341 4.01 2.35 -21.36
CA THR B 341 5.17 1.63 -20.84
C THR B 341 4.79 0.79 -19.62
N VAL B 342 4.04 1.37 -18.69
CA VAL B 342 3.66 0.64 -17.49
C VAL B 342 2.88 -0.62 -17.86
N VAL B 343 1.89 -0.48 -18.72
CA VAL B 343 1.04 -1.63 -19.05
C VAL B 343 1.83 -2.69 -19.82
N LEU B 344 2.51 -2.28 -20.88
CA LEU B 344 3.26 -3.23 -21.70
C LEU B 344 4.35 -3.91 -20.89
N THR B 345 4.99 -3.18 -19.97
CA THR B 345 6.03 -3.76 -19.15
C THR B 345 5.46 -4.69 -18.09
N ALA B 346 4.26 -4.39 -17.59
CA ALA B 346 3.56 -5.35 -16.72
C ALA B 346 3.36 -6.67 -17.46
N PHE B 347 2.86 -6.59 -18.69
CA PHE B 347 2.66 -7.80 -19.47
C PHE B 347 3.98 -8.54 -19.71
N LEU B 348 5.02 -7.79 -20.09
CA LEU B 348 6.33 -8.39 -20.36
C LEU B 348 6.88 -9.09 -19.12
N THR B 349 6.77 -8.44 -17.96
CA THR B 349 7.29 -9.04 -16.73
C THR B 349 6.47 -10.27 -16.35
N TYR B 350 5.15 -10.21 -16.52
CA TYR B 350 4.31 -11.36 -16.20
C TYR B 350 4.67 -12.56 -17.06
N PHE B 351 4.80 -12.37 -18.37
CA PHE B 351 4.99 -13.51 -19.26
C PHE B 351 6.45 -13.95 -19.32
N TYR B 352 7.35 -13.03 -19.65
CA TYR B 352 8.77 -13.40 -19.79
C TYR B 352 9.30 -14.03 -18.50
N LEU B 353 8.97 -13.46 -17.35
CA LEU B 353 9.43 -13.96 -16.07
C LEU B 353 8.48 -14.97 -15.45
N LYS B 354 7.73 -15.70 -16.27
CA LYS B 354 6.72 -16.64 -15.79
C LYS B 354 7.33 -17.64 -14.81
N LEU B 359 13.75 -16.83 -7.30
CA LEU B 359 13.80 -15.39 -7.07
C LEU B 359 13.89 -15.08 -5.59
N ASP B 360 13.16 -15.86 -4.78
CA ASP B 360 13.11 -15.61 -3.34
C ASP B 360 14.49 -15.51 -2.72
N VAL B 361 15.46 -16.30 -3.21
CA VAL B 361 16.77 -16.33 -2.58
C VAL B 361 17.44 -14.95 -2.64
N LEU B 362 17.15 -14.17 -3.68
CA LEU B 362 17.76 -12.86 -3.85
C LEU B 362 16.70 -11.86 -4.29
N GLY B 363 16.51 -10.81 -3.49
CA GLY B 363 15.65 -9.70 -3.88
C GLY B 363 14.15 -9.98 -3.86
N PHE B 364 13.58 -10.23 -5.03
CA PHE B 364 12.13 -10.31 -5.21
C PHE B 364 11.44 -11.02 -4.06
N ARG B 365 10.50 -10.31 -3.42
CA ARG B 365 9.66 -10.89 -2.38
C ARG B 365 8.23 -11.12 -2.83
N PHE B 366 7.80 -10.52 -3.94
CA PHE B 366 6.47 -10.75 -4.49
C PHE B 366 6.51 -11.51 -5.81
N GLY B 367 7.46 -12.42 -5.96
CA GLY B 367 7.53 -13.24 -7.14
C GLY B 367 7.96 -12.47 -8.39
N ALA B 368 7.56 -13.02 -9.54
CA ALA B 368 8.02 -12.50 -10.82
C ALA B 368 7.63 -11.03 -11.01
N ILE B 369 6.55 -10.59 -10.37
CA ILE B 369 6.09 -9.21 -10.53
C ILE B 369 6.87 -8.22 -9.67
N SER B 370 7.75 -8.70 -8.79
CA SER B 370 8.51 -7.81 -7.93
C SER B 370 9.29 -6.74 -8.69
N PRO B 371 10.06 -7.07 -9.74
CA PRO B 371 10.79 -6.00 -10.44
C PRO B 371 9.89 -4.96 -11.06
N TRP B 372 8.83 -5.37 -11.74
CA TRP B 372 7.92 -4.42 -12.39
C TRP B 372 7.51 -3.31 -11.44
N PHE B 373 7.04 -3.69 -10.24
CA PHE B 373 6.66 -2.69 -9.25
C PHE B 373 7.73 -1.63 -9.09
N SER B 374 8.97 -2.05 -8.85
CA SER B 374 10.08 -1.10 -8.74
C SER B 374 10.09 -0.13 -9.91
N ALA B 375 10.07 -0.67 -11.13
CA ALA B 375 10.04 0.17 -12.33
C ALA B 375 8.96 1.24 -12.21
N ILE B 376 7.74 0.82 -11.84
CA ILE B 376 6.64 1.78 -11.67
C ILE B 376 7.10 2.96 -10.83
N ILE B 377 7.62 2.68 -9.63
CA ILE B 377 8.17 3.71 -8.75
C ILE B 377 8.96 4.69 -9.60
N GLY B 378 10.03 4.20 -10.22
CA GLY B 378 10.85 5.03 -11.09
C GLY B 378 10.00 5.93 -11.95
N ILE B 379 9.20 5.33 -12.82
CA ILE B 379 8.32 6.12 -13.69
C ILE B 379 7.61 7.19 -12.88
N PHE B 380 6.80 6.76 -11.90
CA PHE B 380 6.07 7.72 -11.08
C PHE B 380 7.02 8.75 -10.49
N SER B 381 8.11 8.28 -9.87
CA SER B 381 9.13 9.20 -9.36
C SER B 381 9.45 10.25 -10.42
N GLY B 382 9.91 9.81 -11.59
CA GLY B 382 10.17 10.72 -12.68
C GLY B 382 9.00 11.66 -12.87
N ILE B 383 7.81 11.09 -13.08
CA ILE B 383 6.62 11.92 -13.27
C ILE B 383 6.53 12.95 -12.14
N LEU B 384 6.59 12.47 -10.90
CA LEU B 384 6.58 13.38 -9.76
C LEU B 384 7.60 14.49 -9.96
N ILE B 385 8.87 14.11 -10.15
CA ILE B 385 9.92 15.10 -10.38
C ILE B 385 9.46 16.10 -11.43
N GLY B 386 8.95 15.59 -12.56
CA GLY B 386 8.44 16.45 -13.60
C GLY B 386 7.56 17.54 -13.04
N PHE B 387 6.49 17.17 -12.35
CA PHE B 387 5.61 18.19 -11.77
C PHE B 387 6.42 19.19 -10.96
N TRP B 388 7.24 18.70 -10.03
CA TRP B 388 8.02 19.61 -9.20
C TRP B 388 8.83 20.55 -10.07
N ALA B 389 9.48 20.03 -11.11
CA ALA B 389 10.20 20.88 -12.04
C ALA B 389 9.29 21.97 -12.56
N GLU B 390 8.17 21.57 -13.19
CA GLU B 390 7.22 22.54 -13.72
C GLU B 390 6.72 23.49 -12.65
N TYR B 391 6.76 23.08 -11.38
CA TYR B 391 6.32 23.96 -10.31
C TYR B 391 7.36 25.03 -9.99
N TYR B 392 8.65 24.68 -10.05
CA TYR B 392 9.70 25.62 -9.69
C TYR B 392 10.24 26.39 -10.88
N THR B 393 10.17 25.85 -12.09
CA THR B 393 10.76 26.48 -13.26
C THR B 393 9.77 27.31 -14.07
N SER B 394 8.51 26.90 -14.14
CA SER B 394 7.54 27.61 -14.95
C SER B 394 7.11 28.91 -14.25
N TYR B 395 7.04 29.98 -15.01
CA TYR B 395 6.61 31.27 -14.48
C TYR B 395 5.10 31.36 -14.31
N ARG B 396 4.39 30.24 -14.46
CA ARG B 396 2.96 30.18 -14.20
C ARG B 396 2.66 29.66 -12.80
N TYR B 397 3.65 29.67 -11.91
CA TYR B 397 3.49 29.21 -10.54
C TYR B 397 4.01 30.25 -9.56
N LYS B 398 4.08 29.90 -8.28
CA LYS B 398 4.41 30.86 -7.23
C LYS B 398 5.89 31.24 -7.20
N PRO B 399 6.83 30.27 -7.21
CA PRO B 399 8.25 30.61 -7.01
C PRO B 399 8.85 31.49 -8.10
N THR B 400 8.66 31.12 -9.36
CA THR B 400 9.24 31.91 -10.45
C THR B 400 8.63 33.30 -10.50
N GLN B 401 7.32 33.40 -10.25
CA GLN B 401 6.67 34.70 -10.22
C GLN B 401 7.19 35.55 -9.07
N PHE B 402 7.41 34.93 -7.90
CA PHE B 402 7.98 35.67 -6.79
C PHE B 402 9.39 36.14 -7.10
N LEU B 403 10.15 35.34 -7.84
CA LEU B 403 11.48 35.78 -8.27
C LEU B 403 11.38 36.99 -9.19
N GLY B 404 10.50 36.91 -10.19
CA GLY B 404 10.29 38.05 -11.06
C GLY B 404 9.87 39.30 -10.31
N LYS B 405 9.06 39.13 -9.27
CA LYS B 405 8.64 40.28 -8.46
C LYS B 405 9.83 40.83 -7.66
N SER B 406 10.58 39.95 -7.01
CA SER B 406 11.78 40.38 -6.29
C SER B 406 12.75 41.12 -7.22
N SER B 407 12.69 40.83 -8.52
CA SER B 407 13.53 41.55 -9.47
C SER B 407 13.42 43.07 -9.30
N ILE B 408 12.34 43.56 -8.70
CA ILE B 408 12.17 45.00 -8.50
C ILE B 408 13.07 45.53 -7.40
N GLU B 409 13.59 44.66 -6.54
CA GLU B 409 14.33 45.11 -5.37
C GLU B 409 15.85 45.20 -5.60
N GLY B 410 16.35 44.67 -6.71
CA GLY B 410 17.78 44.76 -6.97
C GLY B 410 18.41 43.47 -7.44
N THR B 411 19.56 43.58 -8.09
CA THR B 411 20.24 42.39 -8.61
C THR B 411 20.62 41.44 -7.48
N GLY B 412 21.14 41.97 -6.38
CA GLY B 412 21.47 41.12 -5.25
C GLY B 412 20.26 40.37 -4.73
N MET B 413 19.10 41.03 -4.70
CA MET B 413 17.88 40.35 -4.31
C MET B 413 17.57 39.20 -5.25
N VAL B 414 17.72 39.41 -6.55
CA VAL B 414 17.46 38.35 -7.52
C VAL B 414 18.38 37.17 -7.26
N ILE B 415 19.68 37.45 -7.05
CA ILE B 415 20.65 36.37 -6.85
C ILE B 415 20.31 35.58 -5.58
N SER B 416 20.08 36.28 -4.48
CA SER B 416 19.80 35.60 -3.22
C SER B 416 18.52 34.78 -3.30
N ASN B 417 17.47 35.35 -3.89
CA ASN B 417 16.20 34.62 -3.97
C ASN B 417 16.32 33.43 -4.91
N GLY B 418 17.12 33.55 -5.98
CA GLY B 418 17.33 32.40 -6.85
C GLY B 418 18.05 31.27 -6.14
N LEU B 419 19.13 31.61 -5.43
CA LEU B 419 19.83 30.59 -4.66
C LEU B 419 18.91 29.93 -3.64
N SER B 420 18.08 30.73 -2.96
CA SER B 420 17.16 30.18 -1.98
C SER B 420 16.13 29.27 -2.63
N LEU B 421 15.60 29.67 -3.78
CA LEU B 421 14.63 28.86 -4.50
C LEU B 421 15.23 27.51 -4.89
N GLY B 422 16.44 27.53 -5.42
CA GLY B 422 17.11 26.28 -5.75
C GLY B 422 17.31 25.39 -4.54
N MET B 423 17.88 25.96 -3.48
CA MET B 423 18.18 25.17 -2.29
C MET B 423 16.93 24.60 -1.65
N LYS B 424 15.79 25.30 -1.75
CA LYS B 424 14.55 24.76 -1.22
C LYS B 424 13.98 23.67 -2.13
N SER B 425 13.90 23.94 -3.43
CA SER B 425 13.41 22.94 -4.37
C SER B 425 14.25 21.67 -4.32
N VAL B 426 15.47 21.75 -3.80
CA VAL B 426 16.32 20.56 -3.64
C VAL B 426 15.59 19.47 -2.86
N PHE B 427 14.57 19.83 -2.07
CA PHE B 427 13.98 18.89 -1.12
C PHE B 427 12.98 17.94 -1.77
N PRO B 428 11.86 18.45 -2.29
CA PRO B 428 10.76 17.56 -2.72
C PRO B 428 11.26 16.43 -3.60
N PRO B 429 12.08 16.72 -4.62
CA PRO B 429 12.64 15.64 -5.42
C PRO B 429 13.52 14.69 -4.62
N THR B 430 14.26 15.20 -3.62
CA THR B 430 15.06 14.32 -2.79
C THR B 430 14.19 13.37 -1.98
N LEU B 431 13.07 13.87 -1.46
CA LEU B 431 12.15 13.00 -0.74
C LEU B 431 11.50 11.99 -1.68
N THR B 432 11.17 12.41 -2.90
CA THR B 432 10.67 11.47 -3.89
C THR B 432 11.67 10.35 -4.13
N LEU B 433 12.94 10.71 -4.32
CA LEU B 433 13.98 9.71 -4.55
C LEU B 433 14.18 8.82 -3.32
N VAL B 434 14.07 9.39 -2.13
CA VAL B 434 14.19 8.60 -0.91
C VAL B 434 13.10 7.54 -0.85
N LEU B 435 11.84 7.97 -1.02
CA LEU B 435 10.73 7.03 -1.00
C LEU B 435 10.86 6.00 -2.11
N GLY B 436 11.31 6.42 -3.29
CA GLY B 436 11.49 5.46 -4.38
C GLY B 436 12.54 4.42 -4.05
N ILE B 437 13.68 4.84 -3.52
CA ILE B 437 14.71 3.89 -3.10
C ILE B 437 14.14 2.93 -2.07
N LEU B 438 13.48 3.46 -1.04
CA LEU B 438 12.97 2.61 0.03
C LEU B 438 11.97 1.59 -0.51
N PHE B 439 11.03 2.03 -1.35
CA PHE B 439 9.99 1.14 -1.83
C PHE B 439 10.55 0.11 -2.80
N ALA B 440 11.42 0.53 -3.73
CA ALA B 440 12.02 -0.42 -4.66
C ALA B 440 12.86 -1.44 -3.90
N ASP B 441 13.58 -1.02 -2.87
CA ASP B 441 14.29 -1.97 -2.02
C ASP B 441 13.32 -2.97 -1.42
N TYR B 442 12.34 -2.48 -0.65
CA TYR B 442 11.35 -3.35 -0.04
C TYR B 442 10.79 -4.35 -1.04
N PHE B 443 10.60 -3.91 -2.29
CA PHE B 443 9.95 -4.77 -3.27
C PHE B 443 10.88 -5.86 -3.80
N ALA B 444 12.11 -5.49 -4.19
CA ALA B 444 12.94 -6.48 -4.87
C ALA B 444 14.44 -6.17 -4.72
N GLY B 445 14.87 -5.83 -3.52
CA GLY B 445 16.28 -5.62 -3.30
C GLY B 445 16.95 -4.69 -4.30
N LEU B 446 18.26 -4.90 -4.45
CA LEU B 446 19.07 -4.03 -5.31
C LEU B 446 18.73 -4.22 -6.78
N TYR B 447 18.33 -5.44 -7.18
CA TYR B 447 17.93 -5.64 -8.56
C TYR B 447 16.73 -4.76 -8.91
N GLY B 448 15.75 -4.67 -8.02
CA GLY B 448 14.63 -3.79 -8.24
C GLY B 448 14.99 -2.32 -8.12
N VAL B 449 15.94 -1.99 -7.25
CA VAL B 449 16.45 -0.61 -7.23
C VAL B 449 16.98 -0.23 -8.61
N ALA B 450 17.80 -1.10 -9.21
CA ALA B 450 18.34 -0.82 -10.53
C ALA B 450 17.27 -0.81 -11.60
N ILE B 451 16.29 -1.73 -11.50
CA ILE B 451 15.21 -1.76 -12.47
C ILE B 451 14.39 -0.49 -12.40
N ALA B 452 14.23 0.10 -11.21
CA ALA B 452 13.55 1.38 -11.08
C ALA B 452 14.39 2.50 -11.68
N ALA B 453 15.71 2.47 -11.42
CA ALA B 453 16.60 3.41 -12.09
C ALA B 453 16.38 3.40 -13.59
N LEU B 454 16.23 2.21 -14.17
CA LEU B 454 16.01 2.10 -15.61
C LEU B 454 14.62 2.60 -15.99
N GLY B 455 13.59 2.09 -15.32
CA GLY B 455 12.23 2.44 -15.66
C GLY B 455 11.97 3.94 -15.60
N MET B 456 12.67 4.66 -14.72
CA MET B 456 12.55 6.11 -14.72
C MET B 456 12.91 6.68 -16.08
N LEU B 457 13.72 5.97 -16.85
CA LEU B 457 14.06 6.35 -18.22
C LEU B 457 13.48 5.39 -19.25
N SER B 458 12.54 4.54 -18.84
CA SER B 458 11.95 3.58 -19.78
C SER B 458 11.45 4.25 -21.04
N PHE B 459 10.76 5.39 -20.89
CA PHE B 459 10.35 6.19 -22.05
C PHE B 459 11.37 7.27 -22.34
N VAL B 460 12.65 6.89 -22.40
CA VAL B 460 13.71 7.86 -22.60
C VAL B 460 13.55 8.55 -23.95
N ALA B 461 12.95 7.86 -24.93
CA ALA B 461 12.75 8.48 -26.24
C ALA B 461 11.85 9.71 -26.12
N THR B 462 10.71 9.56 -25.43
CA THR B 462 9.79 10.69 -25.27
C THR B 462 10.42 11.81 -24.45
N SER B 463 11.20 11.45 -23.43
CA SER B 463 11.87 12.46 -22.62
C SER B 463 12.88 13.25 -23.46
N VAL B 464 13.72 12.55 -24.21
CA VAL B 464 14.69 13.22 -25.08
C VAL B 464 13.98 14.09 -26.09
N SER B 465 12.84 13.61 -26.61
CA SER B 465 12.08 14.41 -27.57
C SER B 465 11.60 15.72 -26.95
N VAL B 466 10.88 15.61 -25.83
CA VAL B 466 10.34 16.80 -25.17
C VAL B 466 11.45 17.73 -24.72
N ASP B 467 12.64 17.19 -24.45
CA ASP B 467 13.75 18.03 -24.02
C ASP B 467 14.38 18.77 -25.20
N SER B 468 14.74 18.03 -26.26
CA SER B 468 15.33 18.66 -27.44
C SER B 468 14.35 19.60 -28.12
N TYR B 469 13.05 19.47 -27.84
CA TYR B 469 12.10 20.45 -28.36
C TYR B 469 12.50 21.88 -28.03
N GLY B 470 13.15 22.08 -26.89
CA GLY B 470 13.46 23.41 -26.40
C GLY B 470 14.48 24.16 -27.24
N PRO B 471 15.69 23.61 -27.34
CA PRO B 471 16.74 24.31 -28.12
C PRO B 471 16.30 24.68 -29.52
N ILE B 472 15.46 23.86 -30.15
CA ILE B 472 14.94 24.21 -31.47
C ILE B 472 14.15 25.51 -31.39
N ALA B 473 13.30 25.65 -30.36
CA ALA B 473 12.54 26.87 -30.19
C ALA B 473 13.44 28.05 -29.88
N ASP B 474 14.48 27.83 -29.06
CA ASP B 474 15.43 28.90 -28.77
C ASP B 474 16.09 29.40 -30.05
N ASN B 475 16.52 28.48 -30.92
CA ASN B 475 17.15 28.88 -32.17
C ASN B 475 16.15 29.58 -33.09
N ALA B 476 14.91 29.09 -33.15
CA ALA B 476 13.90 29.76 -33.95
C ALA B 476 13.67 31.18 -33.48
N GLY B 477 13.59 31.38 -32.16
CA GLY B 477 13.43 32.71 -31.63
C GLY B 477 14.62 33.61 -31.94
N GLY B 478 15.83 33.08 -31.77
CA GLY B 478 17.01 33.86 -32.10
C GLY B 478 17.05 34.27 -33.56
N ILE B 479 16.65 33.36 -34.46
CA ILE B 479 16.67 33.68 -35.89
C ILE B 479 15.59 34.69 -36.23
N SER B 480 14.41 34.55 -35.63
CA SER B 480 13.34 35.50 -35.89
C SER B 480 13.68 36.89 -35.35
N GLU B 481 14.37 36.95 -34.20
CA GLU B 481 14.77 38.23 -33.65
C GLU B 481 15.91 38.85 -34.45
N MET B 482 16.78 38.01 -35.03
CA MET B 482 17.89 38.53 -35.81
C MET B 482 17.41 39.19 -37.10
N CYS B 483 16.34 38.67 -37.69
CA CYS B 483 15.81 39.20 -38.95
C CYS B 483 14.74 40.26 -38.75
N GLU B 484 14.48 40.68 -37.51
CA GLU B 484 13.47 41.71 -37.24
C GLU B 484 12.12 41.33 -37.83
N LEU B 485 11.41 40.42 -37.17
CA LEU B 485 10.14 39.90 -37.64
C LEU B 485 8.98 40.56 -36.89
N ASP B 486 7.79 39.97 -37.03
CA ASP B 486 6.60 40.44 -36.34
C ASP B 486 6.64 40.05 -34.88
N PRO B 487 6.35 40.97 -33.95
CA PRO B 487 6.41 40.63 -32.52
C PRO B 487 5.55 39.44 -32.14
N GLU B 488 4.50 39.12 -32.91
CA GLU B 488 3.73 37.91 -32.61
C GLU B 488 4.59 36.66 -32.75
N VAL B 489 5.46 36.64 -33.75
CA VAL B 489 6.40 35.52 -33.90
C VAL B 489 7.29 35.43 -32.68
N ARG B 490 7.77 36.58 -32.18
CA ARG B 490 8.63 36.57 -31.01
C ARG B 490 7.89 36.08 -29.78
N LYS B 491 6.61 36.43 -29.65
CA LYS B 491 5.83 35.95 -28.51
C LYS B 491 5.61 34.44 -28.58
N ILE B 492 5.33 33.93 -29.78
CA ILE B 492 5.22 32.49 -29.96
C ILE B 492 6.53 31.81 -29.56
N THR B 493 7.65 32.35 -30.03
CA THR B 493 8.95 31.76 -29.72
C THR B 493 9.25 31.83 -28.24
N ASP B 494 8.83 32.91 -27.57
CA ASP B 494 9.10 33.05 -26.14
C ASP B 494 8.29 32.04 -25.32
N HIS B 495 7.00 31.87 -25.65
CA HIS B 495 6.21 30.85 -24.97
C HIS B 495 6.82 29.47 -25.18
N LEU B 496 7.16 29.14 -26.43
CA LEU B 496 7.74 27.83 -26.71
C LEU B 496 9.07 27.65 -25.97
N ASP B 497 9.85 28.73 -25.84
CA ASP B 497 11.16 28.61 -25.19
C ASP B 497 11.01 28.44 -23.69
N ALA B 498 10.01 29.10 -23.09
CA ALA B 498 9.75 28.87 -21.67
C ALA B 498 9.33 27.42 -21.44
N VAL B 499 8.42 26.91 -22.27
CA VAL B 499 8.04 25.51 -22.14
C VAL B 499 9.25 24.60 -22.31
N GLY B 500 10.15 24.97 -23.23
CA GLY B 500 11.33 24.15 -23.46
C GLY B 500 12.30 24.18 -22.30
N ASN B 501 12.44 25.34 -21.65
CA ASN B 501 13.27 25.41 -20.45
C ASN B 501 12.69 24.53 -19.34
N THR B 502 11.37 24.58 -19.15
CA THR B 502 10.76 23.70 -18.16
C THR B 502 11.01 22.23 -18.49
N THR B 503 10.87 21.86 -19.77
CA THR B 503 11.10 20.48 -20.17
C THR B 503 12.56 20.08 -19.98
N ALA B 504 13.49 21.00 -20.21
CA ALA B 504 14.90 20.71 -20.00
C ALA B 504 15.18 20.49 -18.52
N ALA B 505 14.57 21.30 -17.65
CA ALA B 505 14.68 21.05 -16.21
C ALA B 505 14.14 19.67 -15.84
N ILE B 506 12.99 19.30 -16.41
CA ILE B 506 12.41 17.99 -16.14
C ILE B 506 13.37 16.89 -16.58
N GLY B 507 13.99 17.06 -17.74
CA GLY B 507 14.93 16.06 -18.22
C GLY B 507 16.16 15.94 -17.34
N LYS B 508 16.70 17.08 -16.88
CA LYS B 508 17.81 17.04 -15.94
C LYS B 508 17.42 16.30 -14.67
N GLY B 509 16.21 16.53 -14.18
CA GLY B 509 15.74 15.79 -13.02
C GLY B 509 15.67 14.30 -13.28
N PHE B 510 15.11 13.92 -14.43
CA PHE B 510 15.08 12.52 -14.83
C PHE B 510 16.47 11.91 -14.76
N ALA B 511 17.44 12.60 -15.37
CA ALA B 511 18.80 12.09 -15.43
C ALA B 511 19.39 11.92 -14.04
N ILE B 512 19.21 12.92 -13.17
CA ILE B 512 19.82 12.85 -11.84
C ILE B 512 19.19 11.74 -11.02
N GLY B 513 17.87 11.56 -11.12
CA GLY B 513 17.22 10.49 -10.37
C GLY B 513 17.66 9.11 -10.84
N SER B 514 17.65 8.89 -12.15
CA SER B 514 18.17 7.63 -12.68
C SER B 514 19.61 7.42 -12.25
N ALA B 515 20.40 8.50 -12.20
CA ALA B 515 21.79 8.40 -11.78
C ALA B 515 21.89 7.94 -10.34
N ILE B 516 21.05 8.47 -9.46
CA ILE B 516 21.11 8.08 -8.06
C ILE B 516 20.77 6.60 -7.90
N PHE B 517 19.67 6.18 -8.53
CA PHE B 517 19.29 4.77 -8.44
C PHE B 517 20.39 3.86 -8.97
N ALA B 518 20.87 4.14 -10.19
CA ALA B 518 21.92 3.31 -10.78
C ALA B 518 23.21 3.36 -9.99
N ALA B 519 23.48 4.48 -9.31
CA ALA B 519 24.71 4.58 -8.53
C ALA B 519 24.63 3.71 -7.27
N LEU B 520 23.45 3.63 -6.66
CA LEU B 520 23.29 2.68 -5.56
C LEU B 520 23.45 1.25 -6.06
N SER B 521 22.81 0.93 -7.20
CA SER B 521 22.96 -0.40 -7.77
C SER B 521 24.42 -0.71 -8.07
N LEU B 522 25.18 0.28 -8.52
CA LEU B 522 26.59 0.08 -8.84
C LEU B 522 27.45 -0.01 -7.59
N PHE B 523 27.06 0.66 -6.51
CA PHE B 523 27.69 0.40 -5.21
C PHE B 523 27.53 -1.07 -4.84
N ALA B 524 26.34 -1.61 -5.05
CA ALA B 524 26.13 -3.05 -4.83
C ALA B 524 27.07 -3.89 -5.70
N SER B 525 27.06 -3.63 -7.00
CA SER B 525 27.92 -4.40 -7.91
C SER B 525 29.39 -4.26 -7.56
N TYR B 526 29.78 -3.12 -6.98
CA TYR B 526 31.17 -2.88 -6.62
C TYR B 526 31.55 -3.61 -5.35
N MET B 527 30.66 -3.65 -4.37
CA MET B 527 30.88 -4.53 -3.22
C MET B 527 30.94 -5.98 -3.64
N PHE B 528 30.22 -6.36 -4.71
CA PHE B 528 30.30 -7.74 -5.19
C PHE B 528 31.62 -8.02 -5.90
N SER B 529 32.06 -7.10 -6.77
CA SER B 529 33.24 -7.35 -7.59
C SER B 529 34.49 -7.63 -6.78
N GLN B 530 34.55 -7.14 -5.54
CA GLN B 530 35.74 -7.35 -4.73
C GLN B 530 35.97 -8.82 -4.40
N ILE B 531 34.96 -9.67 -4.56
CA ILE B 531 35.11 -11.08 -4.25
C ILE B 531 36.06 -11.72 -5.25
N SER B 532 37.03 -12.48 -4.73
CA SER B 532 38.00 -13.21 -5.52
C SER B 532 37.66 -14.69 -5.55
N PRO B 533 38.14 -15.43 -6.55
CA PRO B 533 37.84 -16.86 -6.60
C PRO B 533 38.30 -17.62 -5.36
N SER B 534 39.34 -17.13 -4.68
CA SER B 534 39.81 -17.79 -3.47
C SER B 534 38.72 -17.85 -2.42
N ASP B 535 38.10 -16.72 -2.12
CA ASP B 535 37.04 -16.66 -1.12
C ASP B 535 35.68 -16.48 -1.78
N ILE B 536 35.33 -17.38 -2.70
CA ILE B 536 34.05 -17.30 -3.40
C ILE B 536 33.04 -18.18 -2.69
N GLY B 537 32.97 -18.03 -1.36
CA GLY B 537 32.06 -18.84 -0.57
C GLY B 537 31.40 -18.06 0.55
N LYS B 538 31.97 -16.90 0.89
CA LYS B 538 31.41 -16.11 1.97
C LYS B 538 29.97 -15.76 1.66
N PRO B 539 29.11 -15.69 2.68
CA PRO B 539 27.70 -15.44 2.45
C PRO B 539 27.48 -14.03 1.92
N PRO B 540 26.64 -13.88 0.89
CA PRO B 540 26.38 -12.53 0.35
C PRO B 540 25.98 -11.52 1.42
N SER B 541 25.31 -11.96 2.48
CA SER B 541 24.94 -11.03 3.55
C SER B 541 26.16 -10.35 4.15
N LEU B 542 27.31 -11.02 4.17
CA LEU B 542 28.53 -10.42 4.67
C LEU B 542 29.32 -9.68 3.59
N VAL B 543 29.14 -10.05 2.32
CA VAL B 543 29.84 -9.37 1.24
C VAL B 543 29.31 -7.95 1.08
N LEU B 544 28.01 -7.81 0.88
CA LEU B 544 27.37 -6.49 0.74
C LEU B 544 27.43 -5.78 2.10
N LEU B 545 28.58 -5.18 2.38
CA LEU B 545 28.78 -4.50 3.66
C LEU B 545 29.84 -3.44 3.50
N LEU B 546 29.46 -2.17 3.70
CA LEU B 546 30.36 -1.02 3.62
C LEU B 546 30.15 -0.18 4.88
N ASN B 547 30.80 -0.58 5.97
CA ASN B 547 30.61 0.11 7.25
C ASN B 547 30.94 1.59 7.13
N MET B 548 29.99 2.43 7.53
CA MET B 548 30.20 3.88 7.50
C MET B 548 31.02 4.39 8.67
N LEU B 549 31.14 3.61 9.75
CA LEU B 549 31.94 4.02 10.89
C LEU B 549 33.43 3.78 10.69
N ASP B 550 33.82 3.12 9.60
CA ASP B 550 35.23 3.02 9.24
C ASP B 550 35.76 4.41 8.91
N ALA B 551 36.75 4.87 9.68
CA ALA B 551 37.27 6.22 9.49
C ALA B 551 37.64 6.46 8.03
N ARG B 552 38.17 5.45 7.35
CA ARG B 552 38.53 5.61 5.95
C ARG B 552 37.32 5.92 5.09
N VAL B 553 36.19 5.26 5.36
CA VAL B 553 35.00 5.48 4.54
C VAL B 553 34.48 6.90 4.70
N ILE B 554 34.45 7.40 5.94
CA ILE B 554 33.95 8.75 6.17
C ILE B 554 34.91 9.80 5.61
N ALA B 555 36.21 9.56 5.74
CA ALA B 555 37.18 10.46 5.12
C ALA B 555 37.00 10.47 3.61
N GLY B 556 36.78 9.30 3.01
CA GLY B 556 36.56 9.24 1.58
C GLY B 556 35.28 9.94 1.16
N ALA B 557 34.24 9.87 2.00
CA ALA B 557 33.00 10.58 1.70
C ALA B 557 33.22 12.09 1.71
N LEU B 558 33.90 12.59 2.74
CA LEU B 558 34.26 14.01 2.77
C LEU B 558 35.05 14.39 1.53
N LEU B 559 36.05 13.58 1.17
CA LEU B 559 36.88 13.88 0.01
C LEU B 559 36.06 13.87 -1.27
N GLY B 560 35.10 12.96 -1.38
CA GLY B 560 34.27 12.90 -2.57
C GLY B 560 33.36 14.11 -2.71
N ALA B 561 32.76 14.55 -1.61
CA ALA B 561 31.98 15.78 -1.64
C ALA B 561 32.85 16.96 -2.07
N ALA B 562 34.05 17.07 -1.48
CA ALA B 562 34.95 18.16 -1.84
C ALA B 562 35.34 18.08 -3.31
N ILE B 563 35.57 16.88 -3.83
CA ILE B 563 35.98 16.72 -5.22
C ILE B 563 34.85 17.10 -6.15
N THR B 564 33.61 16.75 -5.81
CA THR B 564 32.47 17.18 -6.60
C THR B 564 32.38 18.70 -6.63
N TYR B 565 32.51 19.34 -5.47
CA TYR B 565 32.44 20.80 -5.43
C TYR B 565 33.55 21.42 -6.27
N TYR B 566 34.77 20.86 -6.21
CA TYR B 566 35.85 21.42 -6.99
C TYR B 566 35.66 21.19 -8.48
N PHE B 567 35.09 20.04 -8.86
CA PHE B 567 34.74 19.81 -10.25
C PHE B 567 33.79 20.89 -10.75
N SER B 568 32.73 21.16 -9.97
CA SER B 568 31.80 22.21 -10.34
C SER B 568 32.49 23.56 -10.46
N GLY B 569 33.35 23.89 -9.49
CA GLY B 569 34.04 25.17 -9.53
C GLY B 569 34.96 25.31 -10.73
N TYR B 570 35.66 24.24 -11.08
CA TYR B 570 36.54 24.27 -12.25
C TYR B 570 35.74 24.45 -13.53
N LEU B 571 34.59 23.78 -13.65
CA LEU B 571 33.75 24.00 -14.82
C LEU B 571 33.29 25.45 -14.89
N ILE B 572 32.85 26.01 -13.75
CA ILE B 572 32.41 27.40 -13.71
C ILE B 572 33.54 28.33 -14.16
N SER B 573 34.77 28.07 -13.69
CA SER B 573 35.89 28.92 -14.06
C SER B 573 36.22 28.80 -15.55
N ALA B 574 36.18 27.57 -16.07
CA ALA B 574 36.39 27.38 -17.50
C ALA B 574 35.38 28.16 -18.31
N VAL B 575 34.14 28.26 -17.82
CA VAL B 575 33.14 29.06 -18.51
C VAL B 575 33.48 30.55 -18.40
N THR B 576 33.79 31.02 -17.18
CA THR B 576 33.98 32.44 -16.96
C THR B 576 35.18 33.00 -17.72
N LYS B 577 36.20 32.18 -17.96
CA LYS B 577 37.35 32.65 -18.73
C LYS B 577 36.92 33.16 -20.10
N ALA B 578 36.30 32.27 -20.90
CA ALA B 578 35.82 32.67 -22.21
C ALA B 578 34.73 33.73 -22.13
N ALA B 579 33.91 33.68 -21.08
CA ALA B 579 32.89 34.71 -20.92
C ALA B 579 33.51 36.10 -20.83
N MET B 580 34.54 36.24 -19.99
CA MET B 580 35.22 37.53 -19.86
C MET B 580 35.94 37.92 -21.15
N LYS B 581 36.58 36.94 -21.80
CA LYS B 581 37.24 37.23 -23.07
C LYS B 581 36.25 37.83 -24.07
N MET B 582 35.08 37.19 -24.21
CA MET B 582 34.09 37.67 -25.17
C MET B 582 33.47 38.99 -24.76
N VAL B 583 33.28 39.22 -23.45
CA VAL B 583 32.78 40.51 -22.99
C VAL B 583 33.73 41.61 -23.40
N ASP B 584 35.03 41.41 -23.16
CA ASP B 584 36.02 42.41 -23.55
C ASP B 584 36.02 42.60 -25.06
N GLU B 585 35.90 41.50 -25.82
CA GLU B 585 35.88 41.61 -27.27
C GLU B 585 34.69 42.41 -27.77
N ILE B 586 33.52 42.21 -27.17
CA ILE B 586 32.33 42.93 -27.60
C ILE B 586 32.45 44.41 -27.26
N ARG B 587 32.96 44.73 -26.07
CA ARG B 587 33.18 46.14 -25.73
C ARG B 587 34.14 46.79 -26.73
N ARG B 588 35.23 46.10 -27.04
CA ARG B 588 36.20 46.63 -28.00
C ARG B 588 35.54 46.87 -29.36
N GLN B 589 34.76 45.90 -29.83
CA GLN B 589 34.07 46.06 -31.10
C GLN B 589 33.14 47.27 -31.06
N ALA B 590 32.37 47.40 -29.98
CA ALA B 590 31.44 48.52 -29.86
C ALA B 590 32.17 49.86 -29.91
N ARG B 591 33.40 49.91 -29.39
CA ARG B 591 34.09 51.20 -29.32
C ARG B 591 35.02 51.47 -30.50
N GLU B 592 35.38 50.46 -31.30
CA GLU B 592 36.34 50.68 -32.37
C GLU B 592 35.81 50.43 -33.78
N ILE B 593 34.56 50.01 -33.94
CA ILE B 593 33.96 49.83 -35.26
C ILE B 593 32.90 50.92 -35.44
N PRO B 594 33.05 51.80 -36.41
CA PRO B 594 32.09 52.91 -36.55
C PRO B 594 30.73 52.42 -37.02
N GLY B 595 29.69 52.95 -36.38
CA GLY B 595 28.32 52.67 -36.75
C GLY B 595 27.78 51.31 -36.36
N LEU B 596 28.49 50.53 -35.55
CA LEU B 596 27.98 49.23 -35.14
C LEU B 596 26.73 49.38 -34.29
N LEU B 597 26.79 50.24 -33.26
CA LEU B 597 25.62 50.47 -32.43
C LEU B 597 24.54 51.22 -33.20
N GLU B 598 24.95 52.20 -34.00
CA GLU B 598 24.01 52.93 -34.85
C GLU B 598 23.32 52.02 -35.85
N GLY B 599 23.95 50.90 -36.21
CA GLY B 599 23.37 49.95 -37.14
C GLY B 599 23.89 50.03 -38.57
N LYS B 600 24.92 50.82 -38.83
CA LYS B 600 25.48 50.98 -40.16
C LYS B 600 26.73 50.12 -40.38
N ALA B 601 27.01 49.17 -39.49
CA ALA B 601 28.18 48.32 -39.63
C ALA B 601 27.82 46.88 -39.27
N LYS B 602 28.62 45.94 -39.80
CA LYS B 602 28.41 44.51 -39.58
C LYS B 602 29.42 43.98 -38.57
N PRO B 603 28.97 43.27 -37.53
CA PRO B 603 29.91 42.75 -36.53
C PRO B 603 30.73 41.56 -37.03
N ASP B 604 31.59 41.03 -36.18
CA ASP B 604 32.45 39.89 -36.48
C ASP B 604 32.06 38.72 -35.60
N TYR B 605 31.12 37.90 -36.08
CA TYR B 605 30.71 36.74 -35.31
C TYR B 605 31.81 35.69 -35.24
N ASN B 606 32.65 35.60 -36.28
CA ASN B 606 33.72 34.61 -36.29
C ASN B 606 34.66 34.79 -35.12
N ARG B 607 34.87 36.03 -34.67
CA ARG B 607 35.76 36.26 -33.53
C ARG B 607 35.27 35.52 -32.30
N CYS B 608 34.01 35.75 -31.92
CA CYS B 608 33.45 35.07 -30.76
C CYS B 608 33.37 33.56 -30.99
N ILE B 609 33.01 33.14 -32.20
CA ILE B 609 32.98 31.72 -32.51
C ILE B 609 34.33 31.08 -32.18
N GLU B 610 35.41 31.68 -32.67
CA GLU B 610 36.73 31.12 -32.47
C GLU B 610 37.15 31.18 -31.00
N ILE B 611 36.84 32.29 -30.32
CA ILE B 611 37.18 32.39 -28.90
C ILE B 611 36.55 31.26 -28.11
N THR B 612 35.22 31.11 -28.23
CA THR B 612 34.52 30.07 -27.49
C THR B 612 34.99 28.68 -27.90
N SER B 613 35.21 28.46 -29.20
CA SER B 613 35.65 27.16 -29.66
C SER B 613 36.99 26.78 -29.05
N ASP B 614 37.95 27.71 -29.09
CA ASP B 614 39.27 27.43 -28.54
C ASP B 614 39.19 27.16 -27.03
N ASN B 615 38.47 28.01 -26.30
CA ASN B 615 38.37 27.81 -24.86
C ASN B 615 37.71 26.47 -24.54
N ALA B 616 36.61 26.14 -25.22
CA ALA B 616 35.91 24.89 -24.95
C ALA B 616 36.79 23.69 -25.28
N LEU B 617 37.46 23.71 -26.43
CA LEU B 617 38.32 22.59 -26.79
C LEU B 617 39.47 22.44 -25.81
N LYS B 618 39.98 23.55 -25.26
CA LYS B 618 41.09 23.46 -24.32
C LYS B 618 40.63 22.91 -22.97
N GLN B 619 39.45 23.35 -22.51
CA GLN B 619 38.95 22.94 -21.19
C GLN B 619 38.16 21.65 -21.23
N MET B 620 37.86 21.14 -22.43
CA MET B 620 36.97 19.99 -22.57
C MET B 620 37.57 18.69 -22.06
N GLY B 621 38.89 18.60 -21.94
CA GLY B 621 39.53 17.34 -21.62
C GLY B 621 39.61 16.96 -20.15
N TYR B 622 39.94 17.95 -19.31
CA TYR B 622 40.29 17.65 -17.93
C TYR B 622 39.17 17.00 -17.12
N PRO B 623 37.90 17.40 -17.24
CA PRO B 623 36.87 16.79 -16.39
C PRO B 623 36.70 15.29 -16.59
N ALA B 624 36.70 14.84 -17.85
CA ALA B 624 36.58 13.40 -18.11
C ALA B 624 37.72 12.63 -17.48
N PHE B 625 38.95 13.14 -17.61
CA PHE B 625 40.10 12.46 -17.04
C PHE B 625 40.04 12.45 -15.53
N ILE B 626 39.56 13.54 -14.92
CA ILE B 626 39.35 13.54 -13.47
C ILE B 626 38.38 12.44 -13.08
N ALA B 627 37.23 12.39 -13.76
CA ALA B 627 36.22 11.38 -13.44
C ALA B 627 36.76 9.97 -13.63
N ILE B 628 37.70 9.79 -14.55
CA ILE B 628 38.25 8.46 -14.81
C ILE B 628 39.31 8.09 -13.80
N LEU B 629 40.12 9.06 -13.36
CA LEU B 629 41.28 8.76 -12.54
C LEU B 629 41.00 8.77 -11.04
N THR B 630 40.20 9.72 -10.55
CA THR B 630 39.91 9.81 -9.11
C THR B 630 39.72 8.45 -8.45
N PRO B 631 38.88 7.55 -8.95
CA PRO B 631 38.74 6.23 -8.31
C PRO B 631 40.06 5.47 -8.23
N LEU B 632 40.81 5.42 -9.34
CA LEU B 632 42.04 4.65 -9.36
C LEU B 632 43.04 5.16 -8.34
N VAL B 633 43.25 6.48 -8.30
CA VAL B 633 44.23 7.05 -7.37
C VAL B 633 43.78 6.84 -5.93
N THR B 634 42.52 7.18 -5.63
CA THR B 634 42.04 7.02 -4.26
C THR B 634 42.15 5.57 -3.82
N GLY B 635 41.85 4.63 -4.72
CA GLY B 635 41.95 3.22 -4.40
C GLY B 635 43.36 2.78 -4.13
N PHE B 636 44.24 2.96 -5.11
CA PHE B 636 45.64 2.58 -4.92
C PHE B 636 46.29 3.30 -3.75
N LEU B 637 45.66 4.37 -3.25
CA LEU B 637 46.19 5.06 -2.08
C LEU B 637 45.66 4.49 -0.77
N LEU B 638 44.34 4.24 -0.68
CA LEU B 638 43.73 3.91 0.61
C LEU B 638 42.73 2.78 0.47
N GLY B 639 43.08 1.73 -0.28
CA GLY B 639 42.21 0.57 -0.22
C GLY B 639 40.89 0.80 -0.94
N ALA B 640 39.93 -0.07 -0.62
CA ALA B 640 38.61 -0.03 -1.23
C ALA B 640 37.58 0.72 -0.39
N GLU B 641 37.74 0.74 0.93
CA GLU B 641 36.81 1.49 1.77
C GLU B 641 36.89 2.99 1.48
N PHE B 642 38.10 3.50 1.23
CA PHE B 642 38.24 4.91 0.88
C PHE B 642 37.54 5.23 -0.43
N VAL B 643 37.66 4.34 -1.42
CA VAL B 643 36.98 4.55 -2.70
C VAL B 643 35.47 4.48 -2.51
N GLY B 644 35.00 3.56 -1.67
CA GLY B 644 33.57 3.50 -1.40
C GLY B 644 33.04 4.77 -0.77
N GLY B 645 33.76 5.28 0.23
CA GLY B 645 33.37 6.55 0.83
C GLY B 645 33.37 7.68 -0.18
N VAL B 646 34.38 7.71 -1.06
CA VAL B 646 34.45 8.74 -2.08
C VAL B 646 33.24 8.65 -3.00
N LEU B 647 32.87 7.44 -3.41
CA LEU B 647 31.69 7.26 -4.25
C LEU B 647 30.43 7.74 -3.55
N ILE B 648 30.29 7.43 -2.27
CA ILE B 648 29.10 7.85 -1.53
C ILE B 648 29.01 9.37 -1.47
N GLY B 649 30.10 10.01 -1.05
CA GLY B 649 30.09 11.46 -0.96
C GLY B 649 29.85 12.12 -2.30
N THR B 650 30.46 11.58 -3.36
CA THR B 650 30.25 12.12 -4.70
C THR B 650 28.78 11.99 -5.11
N VAL B 651 28.19 10.82 -4.91
CA VAL B 651 26.78 10.62 -5.26
C VAL B 651 25.91 11.64 -4.55
N LEU B 652 26.07 11.75 -3.23
CA LEU B 652 25.22 12.66 -2.45
C LEU B 652 25.37 14.10 -2.93
N SER B 653 26.60 14.62 -2.89
CA SER B 653 26.83 16.01 -3.25
C SER B 653 26.41 16.28 -4.69
N GLY B 654 26.66 15.34 -5.60
CA GLY B 654 26.30 15.54 -6.99
C GLY B 654 24.81 15.61 -7.20
N ALA B 655 24.07 14.68 -6.58
CA ALA B 655 22.62 14.76 -6.66
C ALA B 655 22.12 16.12 -6.19
N MET B 656 22.58 16.53 -5.01
CA MET B 656 22.14 17.81 -4.45
C MET B 656 22.44 18.96 -5.41
N LEU B 657 23.71 19.06 -5.85
CA LEU B 657 24.12 20.18 -6.69
C LEU B 657 23.40 20.16 -8.03
N ALA B 658 23.19 18.98 -8.61
CA ALA B 658 22.52 18.90 -9.89
C ALA B 658 21.08 19.38 -9.79
N ILE B 659 20.34 18.85 -8.82
CA ILE B 659 18.96 19.28 -8.63
C ILE B 659 18.91 20.79 -8.40
N LEU B 660 19.76 21.30 -7.50
CA LEU B 660 19.75 22.71 -7.17
C LEU B 660 20.02 23.56 -8.41
N THR B 661 21.10 23.25 -9.14
CA THR B 661 21.48 24.06 -10.29
C THR B 661 20.42 24.01 -11.38
N ALA B 662 19.87 22.83 -11.66
CA ALA B 662 18.83 22.73 -12.67
C ALA B 662 17.64 23.61 -12.31
N ASN B 663 17.10 23.43 -11.09
CA ASN B 663 15.94 24.22 -10.69
C ASN B 663 16.24 25.71 -10.70
N SER B 664 17.42 26.11 -10.20
CA SER B 664 17.73 27.54 -10.11
C SER B 664 17.90 28.17 -11.48
N GLY B 665 18.60 27.50 -12.40
CA GLY B 665 18.73 28.03 -13.74
C GLY B 665 17.39 28.14 -14.45
N GLY B 666 16.56 27.10 -14.31
CA GLY B 666 15.22 27.19 -14.87
C GLY B 666 14.43 28.36 -14.32
N ALA B 667 14.47 28.53 -13.00
CA ALA B 667 13.74 29.63 -12.37
C ALA B 667 14.23 30.98 -12.89
N TRP B 668 15.55 31.16 -12.95
CA TRP B 668 16.10 32.43 -13.42
C TRP B 668 15.68 32.72 -14.85
N ASP B 669 15.84 31.73 -15.74
CA ASP B 669 15.52 31.96 -17.14
C ASP B 669 14.03 32.23 -17.33
N ASN B 670 13.17 31.46 -16.65
CA ASN B 670 11.74 31.66 -16.82
C ASN B 670 11.26 32.94 -16.15
N ALA B 671 11.94 33.40 -15.09
CA ALA B 671 11.59 34.70 -14.53
C ALA B 671 11.97 35.83 -15.47
N LYS B 672 13.14 35.72 -16.11
CA LYS B 672 13.49 36.69 -17.15
C LYS B 672 12.43 36.71 -18.24
N LYS B 673 12.01 35.53 -18.70
CA LYS B 673 11.00 35.46 -19.75
C LYS B 673 9.65 36.00 -19.27
N TYR B 674 9.33 35.76 -17.99
CA TYR B 674 8.08 36.26 -17.43
C TYR B 674 8.07 37.78 -17.39
N LEU B 675 9.21 38.38 -17.07
CA LEU B 675 9.31 39.83 -17.17
C LEU B 675 9.25 40.29 -18.62
N GLU B 676 9.77 39.48 -19.54
CA GLU B 676 9.73 39.83 -20.96
C GLU B 676 8.31 39.83 -21.51
N ALA B 677 7.42 39.00 -20.96
CA ALA B 677 6.03 38.96 -21.40
C ALA B 677 5.22 40.15 -20.91
N GLY B 678 5.85 41.13 -20.25
CA GLY B 678 5.14 42.28 -19.74
C GLY B 678 4.31 42.03 -18.51
N ASN B 679 4.25 40.78 -18.02
CA ASN B 679 3.43 40.48 -16.85
C ASN B 679 3.87 41.22 -15.61
N LEU B 680 5.08 41.78 -15.61
CA LEU B 680 5.54 42.60 -14.47
C LEU B 680 4.95 44.00 -14.61
N GLU B 681 4.08 44.36 -13.68
CA GLU B 681 3.36 45.62 -13.77
C GLU B 681 4.33 46.80 -13.74
N GLY B 682 4.24 47.67 -14.74
CA GLY B 682 4.98 48.91 -14.78
C GLY B 682 6.36 48.90 -15.43
N TYR B 683 7.15 47.86 -15.20
CA TYR B 683 8.53 47.80 -15.66
C TYR B 683 8.62 47.05 -16.98
N GLY B 684 9.34 47.62 -17.94
CA GLY B 684 9.53 47.04 -19.24
C GLY B 684 10.89 46.39 -19.41
N LYS B 685 11.29 46.23 -20.67
CA LYS B 685 12.54 45.54 -21.00
C LYS B 685 13.78 46.38 -20.72
N GLY B 686 13.65 47.68 -20.49
CA GLY B 686 14.82 48.52 -20.28
C GLY B 686 15.00 48.97 -18.86
N SER B 687 14.07 48.60 -17.98
CA SER B 687 14.11 49.04 -16.60
C SER B 687 15.19 48.30 -15.81
N GLU B 688 15.52 48.84 -14.65
CA GLU B 688 16.50 48.19 -13.78
C GLU B 688 16.11 46.77 -13.39
N PRO B 689 14.83 46.46 -13.12
CA PRO B 689 14.48 45.05 -12.83
C PRO B 689 14.84 44.11 -13.97
N HIS B 690 14.68 44.53 -15.22
CA HIS B 690 15.06 43.65 -16.33
C HIS B 690 16.58 43.42 -16.34
N LYS B 691 17.36 44.45 -16.04
CA LYS B 691 18.81 44.28 -15.98
C LYS B 691 19.19 43.34 -14.85
N ALA B 692 18.51 43.45 -13.70
CA ALA B 692 18.78 42.54 -12.59
C ALA B 692 18.45 41.10 -12.97
N LEU B 693 17.30 40.89 -13.62
CA LEU B 693 16.94 39.55 -14.05
C LEU B 693 17.91 39.01 -15.09
N VAL B 694 18.45 39.89 -15.94
CA VAL B 694 19.43 39.46 -16.93
C VAL B 694 20.73 39.05 -16.23
N ILE B 695 21.13 39.80 -15.21
CA ILE B 695 22.31 39.41 -14.43
C ILE B 695 22.09 38.06 -13.77
N GLY B 696 20.89 37.84 -13.23
CA GLY B 696 20.57 36.55 -12.64
C GLY B 696 20.64 35.43 -13.67
N ASP B 697 20.11 35.68 -14.87
CA ASP B 697 20.14 34.66 -15.91
C ASP B 697 21.57 34.35 -16.34
N THR B 698 22.42 35.37 -16.43
CA THR B 698 23.81 35.14 -16.79
C THR B 698 24.55 34.38 -15.68
N VAL B 699 24.19 34.63 -14.42
CA VAL B 699 24.80 33.88 -13.33
C VAL B 699 24.29 32.45 -13.31
N GLY B 700 23.08 32.21 -13.81
CA GLY B 700 22.53 30.86 -13.81
C GLY B 700 22.94 30.02 -15.00
N ASP B 701 23.28 30.65 -16.12
CA ASP B 701 23.63 29.93 -17.34
C ASP B 701 24.69 28.85 -17.09
N PRO B 702 25.86 29.21 -16.55
CA PRO B 702 26.91 28.20 -16.39
C PRO B 702 26.55 27.10 -15.40
N LEU B 703 25.81 27.43 -14.34
CA LEU B 703 25.39 26.42 -13.38
C LEU B 703 24.29 25.53 -13.92
N LYS B 704 23.56 25.97 -14.94
CA LYS B 704 22.45 25.21 -15.49
C LYS B 704 22.84 24.35 -16.68
N ASP B 705 23.75 24.83 -17.53
CA ASP B 705 24.08 24.15 -18.77
C ASP B 705 25.46 23.48 -18.76
N THR B 706 26.14 23.43 -17.62
CA THR B 706 27.47 22.82 -17.58
C THR B 706 27.66 21.91 -16.37
N VAL B 707 27.52 22.46 -15.16
CA VAL B 707 27.82 21.70 -13.95
C VAL B 707 26.79 20.59 -13.76
N GLY B 708 25.50 20.96 -13.72
CA GLY B 708 24.43 20.04 -13.45
C GLY B 708 24.50 18.77 -14.27
N PRO B 709 24.46 18.92 -15.60
CA PRO B 709 24.52 17.72 -16.46
C PRO B 709 25.78 16.91 -16.24
N SER B 710 26.93 17.56 -16.15
CA SER B 710 28.19 16.85 -15.96
C SER B 710 28.24 16.08 -14.65
N LEU B 711 27.47 16.50 -13.64
CA LEU B 711 27.56 15.86 -12.34
C LEU B 711 27.13 14.39 -12.39
N ASP B 712 25.99 14.10 -13.02
CA ASP B 712 25.52 12.72 -13.07
C ASP B 712 26.41 11.86 -13.97
N ILE B 713 26.90 12.43 -15.07
CA ILE B 713 27.85 11.71 -15.92
C ILE B 713 29.09 11.35 -15.11
N LEU B 714 29.60 12.28 -14.31
CA LEU B 714 30.76 12.01 -13.47
C LEU B 714 30.44 10.91 -12.47
N ILE B 715 29.29 10.99 -11.81
CA ILE B 715 28.90 9.95 -10.86
C ILE B 715 28.95 8.58 -11.52
N LYS B 716 28.29 8.45 -12.67
CA LYS B 716 28.19 7.14 -13.31
C LYS B 716 29.55 6.66 -13.81
N ILE B 717 30.33 7.53 -14.45
CA ILE B 717 31.63 7.13 -14.97
C ILE B 717 32.53 6.67 -13.83
N MET B 718 32.56 7.44 -12.74
CA MET B 718 33.41 7.09 -11.61
C MET B 718 32.97 5.79 -10.95
N SER B 719 31.66 5.60 -10.76
CA SER B 719 31.20 4.37 -10.13
C SER B 719 31.48 3.15 -11.00
N VAL B 720 31.33 3.30 -12.33
CA VAL B 720 31.60 2.18 -13.23
C VAL B 720 33.09 1.84 -13.22
N VAL B 721 33.94 2.86 -13.31
CA VAL B 721 35.38 2.63 -13.26
C VAL B 721 35.75 1.93 -11.95
N SER B 722 35.17 2.37 -10.83
CA SER B 722 35.45 1.74 -9.56
C SER B 722 35.01 0.28 -9.56
N VAL B 723 33.80 0.01 -10.06
CA VAL B 723 33.29 -1.36 -10.07
C VAL B 723 34.19 -2.26 -10.92
N ILE B 724 34.80 -1.70 -11.97
CA ILE B 724 35.65 -2.54 -12.82
C ILE B 724 37.03 -2.74 -12.19
N ALA B 725 37.59 -1.70 -11.56
CA ALA B 725 38.99 -1.72 -11.16
C ALA B 725 39.22 -1.94 -9.67
N VAL B 726 38.17 -2.12 -8.86
CA VAL B 726 38.37 -2.29 -7.43
C VAL B 726 39.16 -3.56 -7.14
N SER B 727 39.06 -4.56 -8.02
CA SER B 727 39.71 -5.84 -7.78
C SER B 727 41.20 -5.70 -7.54
N ILE B 728 41.83 -4.63 -8.01
CA ILE B 728 43.27 -4.47 -7.88
C ILE B 728 43.59 -3.89 -6.52
N PHE B 729 43.28 -2.60 -6.33
CA PHE B 729 43.65 -1.92 -5.09
C PHE B 729 42.85 -2.40 -3.89
N LYS B 730 41.88 -3.30 -4.07
CA LYS B 730 41.16 -3.83 -2.92
C LYS B 730 42.12 -4.48 -1.93
N HIS B 731 43.18 -5.12 -2.43
CA HIS B 731 44.23 -5.65 -1.58
C HIS B 731 45.62 -5.19 -1.98
N VAL B 732 45.76 -4.49 -3.11
CA VAL B 732 47.03 -3.94 -3.54
C VAL B 732 47.06 -2.46 -3.22
N HIS B 733 46.54 -2.10 -2.05
CA HIS B 733 46.52 -0.72 -1.60
C HIS B 733 47.83 -0.37 -0.90
N LEU B 734 48.07 0.94 -0.77
CA LEU B 734 49.29 1.40 -0.14
C LEU B 734 49.18 1.39 1.38
N PHE B 735 47.98 1.53 1.92
CA PHE B 735 47.77 1.49 3.36
C PHE B 735 46.63 0.56 3.74
N TYR C 11 -8.09 -23.37 48.89
CA TYR C 11 -6.80 -23.11 48.27
C TYR C 11 -6.90 -21.97 47.27
N VAL C 12 -6.34 -22.20 46.07
CA VAL C 12 -6.44 -21.21 45.01
C VAL C 12 -7.75 -21.32 44.24
N ALA C 13 -8.46 -22.46 44.39
CA ALA C 13 -9.75 -22.61 43.71
C ALA C 13 -10.74 -21.56 44.18
N ALA C 14 -10.71 -21.23 45.48
CA ALA C 14 -11.59 -20.18 45.99
C ALA C 14 -11.23 -18.84 45.37
N LEU C 15 -9.93 -18.54 45.26
CA LEU C 15 -9.49 -17.32 44.62
C LEU C 15 -9.98 -17.25 43.18
N PHE C 16 -9.96 -18.38 42.48
CA PHE C 16 -10.44 -18.41 41.09
C PHE C 16 -11.95 -18.18 41.02
N PHE C 17 -12.72 -18.85 41.87
CA PHE C 17 -14.18 -18.75 41.81
C PHE C 17 -14.69 -17.35 42.07
N LEU C 18 -13.88 -16.45 42.61
CA LEU C 18 -14.28 -15.08 42.88
C LEU C 18 -13.98 -14.13 41.74
N ILE C 19 -13.46 -14.63 40.62
CA ILE C 19 -13.04 -13.78 39.51
C ILE C 19 -14.25 -13.12 38.84
N PRO C 20 -15.34 -13.85 38.57
CA PRO C 20 -16.50 -13.20 37.95
C PRO C 20 -17.06 -12.04 38.75
N LEU C 21 -17.05 -12.13 40.08
CA LEU C 21 -17.51 -11.01 40.89
C LEU C 21 -16.59 -9.81 40.73
N VAL C 22 -15.28 -10.04 40.65
CA VAL C 22 -14.34 -8.95 40.42
C VAL C 22 -14.59 -8.32 39.05
N ALA C 23 -14.90 -9.15 38.05
CA ALA C 23 -15.20 -8.61 36.72
C ALA C 23 -16.47 -7.78 36.73
N LEU C 24 -17.51 -8.25 37.43
CA LEU C 24 -18.74 -7.47 37.53
C LEU C 24 -18.49 -6.15 38.24
N GLY C 25 -17.65 -6.16 39.28
CA GLY C 25 -17.31 -4.91 39.94
C GLY C 25 -16.55 -3.97 39.04
N PHE C 26 -15.62 -4.51 38.24
CA PHE C 26 -14.92 -3.70 37.25
C PHE C 26 -15.89 -3.08 36.25
N ALA C 27 -16.88 -3.86 35.81
CA ALA C 27 -17.88 -3.33 34.90
C ALA C 27 -18.68 -2.21 35.55
N ALA C 28 -19.05 -2.40 36.82
CA ALA C 28 -19.78 -1.35 37.54
C ALA C 28 -18.94 -0.09 37.68
N ALA C 29 -17.63 -0.25 37.92
CA ALA C 29 -16.76 0.91 38.02
C ALA C 29 -16.64 1.64 36.69
N ASN C 30 -16.52 0.89 35.58
CA ASN C 30 -16.49 1.52 34.27
C ASN C 30 -17.80 2.26 33.98
N PHE C 31 -18.93 1.66 34.37
CA PHE C 31 -20.22 2.32 34.19
C PHE C 31 -20.29 3.61 34.98
N ALA C 32 -19.86 3.57 36.24
CA ALA C 32 -19.87 4.78 37.06
C ALA C 32 -18.95 5.84 36.50
N ALA C 33 -17.84 5.42 35.89
CA ALA C 33 -16.92 6.39 35.30
C ALA C 33 -17.52 7.03 34.05
N VAL C 34 -18.15 6.23 33.20
CA VAL C 34 -18.75 6.77 31.98
C VAL C 34 -19.91 7.70 32.32
N VAL C 35 -20.74 7.32 33.29
CA VAL C 35 -21.87 8.17 33.65
C VAL C 35 -21.39 9.48 34.26
N ARG C 36 -20.23 9.46 34.93
CA ARG C 36 -19.65 10.67 35.49
C ARG C 36 -19.10 11.60 34.42
N LYS C 37 -19.04 11.17 33.16
CA LYS C 37 -18.53 12.01 32.09
C LYS C 37 -19.55 13.10 31.75
N PRO C 38 -19.10 14.18 31.12
CA PRO C 38 -20.01 15.28 30.78
C PRO C 38 -20.75 15.01 29.48
N GLU C 39 -22.07 15.23 29.50
CA GLU C 39 -22.89 15.10 28.31
C GLU C 39 -22.88 16.43 27.55
N GLY C 40 -23.68 16.51 26.49
CA GLY C 40 -23.70 17.67 25.61
C GLY C 40 -24.64 18.77 26.06
N THR C 41 -25.23 19.43 25.08
CA THR C 41 -26.12 20.56 25.33
C THR C 41 -27.52 20.04 25.72
N GLU C 42 -28.50 20.93 25.73
CA GLU C 42 -29.86 20.53 26.08
C GLU C 42 -30.46 19.62 25.01
N ARG C 43 -30.24 19.94 23.73
CA ARG C 43 -30.74 19.09 22.66
C ARG C 43 -30.12 17.70 22.74
N MET C 44 -28.84 17.62 23.08
CA MET C 44 -28.20 16.32 23.25
C MET C 44 -28.87 15.53 24.37
N LYS C 45 -29.16 16.20 25.49
CA LYS C 45 -29.84 15.53 26.58
C LYS C 45 -31.21 15.02 26.16
N GLU C 46 -31.95 15.84 25.40
CA GLU C 46 -33.28 15.42 24.96
C GLU C 46 -33.20 14.20 24.03
N ILE C 47 -32.26 14.21 23.10
CA ILE C 47 -32.14 13.08 22.18
C ILE C 47 -31.71 11.82 22.92
N SER C 48 -30.75 11.96 23.84
CA SER C 48 -30.34 10.80 24.63
C SER C 48 -31.51 10.26 25.44
N SER C 49 -32.34 11.15 25.99
CA SER C 49 -33.50 10.70 26.74
C SER C 49 -34.49 9.97 25.85
N TYR C 50 -34.71 10.48 24.63
CA TYR C 50 -35.60 9.80 23.70
C TYR C 50 -35.11 8.39 23.40
N ILE C 51 -33.82 8.27 23.05
CA ILE C 51 -33.28 6.96 22.70
C ILE C 51 -33.34 6.02 23.89
N ARG C 52 -32.99 6.52 25.07
CA ARG C 52 -33.02 5.68 26.27
C ARG C 52 -34.44 5.22 26.57
N SER C 53 -35.42 6.11 26.42
CA SER C 53 -36.80 5.75 26.66
C SER C 53 -37.27 4.66 25.70
N GLY C 54 -36.98 4.84 24.41
CA GLY C 54 -37.37 3.82 23.45
C GLY C 54 -36.76 2.47 23.75
N ALA C 55 -35.44 2.47 23.99
CA ALA C 55 -34.76 1.21 24.29
C ALA C 55 -35.31 0.56 25.56
N ASP C 56 -35.52 1.37 26.61
CA ASP C 56 -36.04 0.83 27.86
C ASP C 56 -37.42 0.21 27.67
N SER C 57 -38.31 0.92 26.98
CA SER C 57 -39.66 0.40 26.78
C SER C 57 -39.63 -0.91 26.00
N PHE C 58 -38.93 -0.93 24.86
CA PHE C 58 -38.92 -2.15 24.05
C PHE C 58 -38.28 -3.30 24.80
N LEU C 59 -37.16 -3.04 25.48
CA LEU C 59 -36.49 -4.11 26.20
C LEU C 59 -37.35 -4.63 27.35
N ALA C 60 -38.12 -3.74 28.00
CA ALA C 60 -39.00 -4.18 29.07
C ALA C 60 -40.09 -5.11 28.53
N HIS C 61 -40.74 -4.72 27.42
CA HIS C 61 -41.76 -5.58 26.84
C HIS C 61 -41.18 -6.93 26.42
N GLU C 62 -40.07 -6.89 25.69
CA GLU C 62 -39.41 -8.11 25.24
C GLU C 62 -39.05 -9.01 26.42
N THR C 63 -38.52 -8.41 27.49
CA THR C 63 -38.10 -9.19 28.66
C THR C 63 -39.30 -9.81 29.36
N LYS C 64 -40.39 -9.06 29.52
CA LYS C 64 -41.59 -9.63 30.15
C LYS C 64 -42.07 -10.85 29.38
N ALA C 65 -42.22 -10.72 28.06
CA ALA C 65 -42.70 -11.84 27.26
C ALA C 65 -41.74 -13.02 27.36
N ILE C 66 -40.44 -12.75 27.18
CA ILE C 66 -39.43 -13.81 27.19
C ILE C 66 -39.41 -14.52 28.53
N PHE C 67 -39.66 -13.80 29.62
CA PHE C 67 -39.60 -14.44 30.93
C PHE C 67 -40.85 -15.24 31.24
N LYS C 68 -42.02 -14.82 30.71
CA LYS C 68 -43.17 -15.71 30.77
C LYS C 68 -42.87 -17.02 30.06
N VAL C 69 -42.35 -16.94 28.84
CA VAL C 69 -42.00 -18.14 28.09
C VAL C 69 -40.95 -18.95 28.84
N ALA C 70 -40.01 -18.26 29.51
CA ALA C 70 -38.94 -18.94 30.22
C ALA C 70 -39.47 -19.70 31.43
N ILE C 71 -40.41 -19.12 32.17
CA ILE C 71 -41.01 -19.83 33.29
C ILE C 71 -41.75 -21.07 32.78
N VAL C 72 -42.48 -20.93 31.68
CA VAL C 72 -43.17 -22.10 31.13
C VAL C 72 -42.18 -23.20 30.76
N ILE C 73 -41.10 -22.82 30.06
CA ILE C 73 -40.12 -23.81 29.60
C ILE C 73 -39.40 -24.44 30.78
N ALA C 74 -39.14 -23.65 31.84
CA ALA C 74 -38.47 -24.20 33.01
C ALA C 74 -39.37 -25.20 33.74
N ILE C 75 -40.66 -24.89 33.85
CA ILE C 75 -41.59 -25.85 34.46
C ILE C 75 -41.63 -27.13 33.64
N LEU C 76 -41.67 -26.99 32.31
CA LEU C 76 -41.67 -28.18 31.46
C LEU C 76 -40.39 -29.00 31.63
N LEU C 77 -39.24 -28.35 31.65
CA LEU C 77 -37.97 -29.06 31.84
C LEU C 77 -37.92 -29.77 33.18
N MET C 78 -38.42 -29.13 34.24
CA MET C 78 -38.47 -29.80 35.53
C MET C 78 -39.40 -30.99 35.49
N ILE C 79 -40.51 -30.88 34.75
CA ILE C 79 -41.46 -31.98 34.67
C ILE C 79 -40.84 -33.18 33.96
N PHE C 80 -40.27 -32.95 32.78
CA PHE C 80 -39.81 -34.04 31.93
C PHE C 80 -38.39 -34.52 32.25
N THR C 81 -37.62 -33.74 33.01
CA THR C 81 -36.28 -34.15 33.42
C THR C 81 -36.14 -33.82 34.91
N THR C 82 -34.90 -33.67 35.36
CA THR C 82 -34.66 -33.35 36.76
C THR C 82 -34.96 -31.89 37.04
N TRP C 83 -35.37 -31.61 38.28
CA TRP C 83 -35.66 -30.23 38.67
C TRP C 83 -34.41 -29.37 38.61
N GLN C 84 -33.24 -29.96 38.87
CA GLN C 84 -31.99 -29.21 38.75
C GLN C 84 -31.84 -28.64 37.35
N THR C 85 -32.28 -29.38 36.33
CA THR C 85 -32.22 -28.90 34.96
C THR C 85 -33.04 -27.63 34.78
N GLY C 86 -34.26 -27.63 35.32
CA GLY C 86 -35.09 -26.43 35.22
C GLY C 86 -34.49 -25.25 35.96
N VAL C 87 -33.91 -25.51 37.14
CA VAL C 87 -33.28 -24.44 37.90
C VAL C 87 -32.11 -23.86 37.11
N ALA C 88 -31.28 -24.71 36.51
CA ALA C 88 -30.17 -24.22 35.70
C ALA C 88 -30.66 -23.47 34.48
N PHE C 89 -31.76 -23.94 33.88
CA PHE C 89 -32.36 -23.23 32.74
C PHE C 89 -32.75 -21.81 33.14
N LEU C 90 -33.47 -21.68 34.25
CA LEU C 90 -33.88 -20.36 34.71
C LEU C 90 -32.67 -19.49 35.05
N LEU C 91 -31.66 -20.08 35.69
CA LEU C 91 -30.46 -19.32 36.04
C LEU C 91 -29.78 -18.77 34.80
N GLY C 92 -29.63 -19.60 33.76
CA GLY C 92 -29.00 -19.13 32.54
C GLY C 92 -29.84 -18.08 31.83
N ALA C 93 -31.16 -18.25 31.83
CA ALA C 93 -32.03 -17.23 31.29
C ALA C 93 -31.79 -15.89 31.98
N VAL C 94 -31.76 -15.91 33.32
CA VAL C 94 -31.54 -14.68 34.08
C VAL C 94 -30.17 -14.08 33.75
N MET C 95 -29.14 -14.94 33.65
CA MET C 95 -27.80 -14.44 33.37
C MET C 95 -27.76 -13.71 32.03
N SER C 96 -28.27 -14.35 30.98
CA SER C 96 -28.20 -13.73 29.65
C SER C 96 -29.05 -12.46 29.59
N ALA C 97 -30.27 -12.52 30.14
CA ALA C 97 -31.12 -11.33 30.14
C ALA C 97 -30.46 -10.18 30.88
N SER C 98 -29.78 -10.48 32.00
CA SER C 98 -29.14 -9.44 32.78
C SER C 98 -27.95 -8.84 32.03
N ALA C 99 -27.16 -9.69 31.37
CA ALA C 99 -26.05 -9.18 30.57
C ALA C 99 -26.57 -8.23 29.50
N GLY C 100 -27.62 -8.63 28.77
CA GLY C 100 -28.17 -7.78 27.75
C GLY C 100 -28.71 -6.46 28.29
N ILE C 101 -29.45 -6.54 29.41
CA ILE C 101 -30.04 -5.34 29.98
C ILE C 101 -28.96 -4.39 30.48
N VAL C 102 -27.89 -4.93 31.08
CA VAL C 102 -26.79 -4.09 31.54
C VAL C 102 -26.13 -3.39 30.37
N GLY C 103 -25.81 -4.15 29.31
CA GLY C 103 -25.23 -3.53 28.13
C GLY C 103 -26.09 -2.41 27.58
N MET C 104 -27.41 -2.64 27.50
CA MET C 104 -28.29 -1.63 26.94
C MET C 104 -28.38 -0.41 27.82
N LYS C 105 -28.51 -0.60 29.14
CA LYS C 105 -28.60 0.52 30.06
C LYS C 105 -27.30 1.33 30.07
N MET C 106 -26.18 0.69 29.77
CA MET C 106 -24.93 1.45 29.68
C MET C 106 -24.83 2.21 28.37
N ALA C 107 -25.18 1.57 27.25
CA ALA C 107 -25.03 2.22 25.96
C ALA C 107 -25.99 3.40 25.80
N THR C 108 -27.23 3.23 26.24
CA THR C 108 -28.21 4.30 26.10
C THR C 108 -27.76 5.61 26.75
N ARG C 109 -26.85 5.54 27.71
CA ARG C 109 -26.29 6.72 28.34
C ARG C 109 -24.91 7.09 27.82
N ALA C 110 -24.12 6.09 27.39
CA ALA C 110 -22.77 6.35 26.92
C ALA C 110 -22.75 6.92 25.51
N ASN C 111 -23.84 6.78 24.75
CA ASN C 111 -23.85 7.33 23.40
C ASN C 111 -23.63 8.84 23.43
N VAL C 112 -24.44 9.56 24.21
CA VAL C 112 -24.30 11.01 24.29
C VAL C 112 -22.99 11.40 24.94
N ARG C 113 -22.47 10.57 25.86
CA ARG C 113 -21.17 10.86 26.45
C ARG C 113 -20.09 10.85 25.38
N VAL C 114 -20.07 9.81 24.54
CA VAL C 114 -19.12 9.74 23.43
C VAL C 114 -19.31 10.93 22.50
N ALA C 115 -20.56 11.29 22.22
CA ALA C 115 -20.83 12.41 21.34
C ALA C 115 -20.24 13.70 21.88
N GLU C 116 -20.49 13.99 23.15
CA GLU C 116 -19.98 15.22 23.76
C GLU C 116 -18.45 15.19 23.82
N ALA C 117 -17.86 14.03 24.08
CA ALA C 117 -16.40 13.93 24.09
C ALA C 117 -15.82 14.26 22.72
N ALA C 118 -16.35 13.64 21.67
CA ALA C 118 -15.86 13.91 20.32
C ALA C 118 -16.14 15.36 19.90
N ARG C 119 -17.18 15.96 20.45
CA ARG C 119 -17.49 17.36 20.12
C ARG C 119 -16.52 18.31 20.79
N THR C 120 -16.24 18.11 22.07
CA THR C 120 -15.36 19.03 22.80
C THR C 120 -13.90 18.82 22.41
N THR C 121 -13.40 17.59 22.54
CA THR C 121 -11.98 17.36 22.27
C THR C 121 -11.66 17.41 20.78
N LYS C 122 -12.64 17.19 19.92
CA LYS C 122 -12.47 17.19 18.46
C LYS C 122 -11.45 16.15 18.00
N LYS C 123 -11.04 15.23 18.87
CA LYS C 123 -10.07 14.21 18.53
C LYS C 123 -10.69 12.82 18.71
N ILE C 124 -10.01 11.82 18.17
CA ILE C 124 -10.50 10.45 18.25
C ILE C 124 -10.18 9.81 19.60
N GLY C 125 -9.20 10.33 20.31
CA GLY C 125 -8.76 9.72 21.55
C GLY C 125 -9.86 9.65 22.60
N PRO C 126 -10.44 10.79 22.97
CA PRO C 126 -11.45 10.80 24.04
C PRO C 126 -12.72 10.04 23.68
N ALA C 127 -13.23 10.26 22.46
CA ALA C 127 -14.42 9.54 22.03
C ALA C 127 -14.15 8.04 21.98
N LEU C 128 -12.99 7.64 21.45
CA LEU C 128 -12.62 6.23 21.46
C LEU C 128 -12.58 5.69 22.88
N LYS C 129 -12.02 6.46 23.81
CA LYS C 129 -11.93 6.00 25.19
C LYS C 129 -13.30 5.79 25.80
N VAL C 130 -14.23 6.72 25.58
CA VAL C 130 -15.55 6.59 26.18
C VAL C 130 -16.33 5.44 25.53
N ALA C 131 -16.23 5.31 24.21
CA ALA C 131 -16.92 4.21 23.53
C ALA C 131 -16.37 2.86 24.00
N TYR C 132 -15.05 2.75 24.16
CA TYR C 132 -14.48 1.52 24.67
C TYR C 132 -14.83 1.31 26.13
N GLN C 133 -15.04 2.39 26.89
CA GLN C 133 -15.53 2.27 28.25
C GLN C 133 -16.89 1.59 28.27
N GLY C 134 -17.81 2.04 27.41
CA GLY C 134 -19.11 1.39 27.33
C GLY C 134 -19.01 -0.06 26.88
N GLY C 135 -18.22 -0.30 25.83
CA GLY C 135 -18.02 -1.67 25.37
C GLY C 135 -17.46 -2.56 26.46
N SER C 136 -16.52 -2.03 27.26
CA SER C 136 -15.96 -2.79 28.36
C SER C 136 -17.01 -3.05 29.43
N VAL C 137 -17.85 -2.05 29.72
CA VAL C 137 -18.97 -2.29 30.63
C VAL C 137 -19.72 -3.54 30.20
N MET C 138 -20.14 -3.56 28.93
CA MET C 138 -20.93 -4.70 28.46
C MET C 138 -20.14 -6.00 28.48
N GLY C 139 -18.88 -5.96 28.06
CA GLY C 139 -18.10 -7.19 27.98
C GLY C 139 -17.81 -7.79 29.35
N LEU C 140 -17.42 -6.94 30.31
CA LEU C 140 -17.23 -7.42 31.68
C LEU C 140 -18.53 -7.95 32.25
N SER C 141 -19.65 -7.26 32.00
CA SER C 141 -20.93 -7.75 32.47
C SER C 141 -21.22 -9.14 31.92
N VAL C 142 -21.04 -9.32 30.61
CA VAL C 142 -21.32 -10.61 29.98
C VAL C 142 -20.44 -11.70 30.57
N GLY C 143 -19.12 -11.48 30.54
CA GLY C 143 -18.21 -12.50 31.05
C GLY C 143 -18.48 -12.85 32.50
N GLY C 144 -18.64 -11.82 33.34
CA GLY C 144 -18.88 -12.07 34.75
C GLY C 144 -20.18 -12.80 35.00
N PHE C 145 -21.26 -12.39 34.32
CA PHE C 145 -22.54 -13.07 34.49
C PHE C 145 -22.44 -14.53 34.09
N ALA C 146 -21.88 -14.80 32.91
CA ALA C 146 -21.77 -16.17 32.43
C ALA C 146 -20.96 -17.03 33.40
N LEU C 147 -19.75 -16.57 33.74
CA LEU C 147 -18.89 -17.38 34.61
C LEU C 147 -19.45 -17.51 36.01
N LEU C 148 -20.14 -16.48 36.50
CA LEU C 148 -20.74 -16.55 37.83
C LEU C 148 -21.87 -17.56 37.87
N GLY C 149 -22.77 -17.52 36.88
CA GLY C 149 -23.80 -18.54 36.80
C GLY C 149 -23.22 -19.94 36.73
N LEU C 150 -22.21 -20.12 35.87
CA LEU C 150 -21.63 -21.45 35.69
C LEU C 150 -20.97 -21.95 36.97
N VAL C 151 -20.24 -21.07 37.67
CA VAL C 151 -19.55 -21.49 38.88
C VAL C 151 -20.54 -21.75 40.01
N LEU C 152 -21.60 -20.94 40.08
CA LEU C 152 -22.65 -21.19 41.06
C LEU C 152 -23.31 -22.55 40.82
N VAL C 153 -23.55 -22.89 39.55
CA VAL C 153 -24.09 -24.21 39.23
C VAL C 153 -23.12 -25.30 39.66
N TYR C 154 -21.84 -25.12 39.34
CA TYR C 154 -20.83 -26.13 39.66
C TYR C 154 -20.69 -26.32 41.17
N LEU C 155 -20.94 -25.27 41.95
CA LEU C 155 -20.79 -25.34 43.40
C LEU C 155 -22.04 -25.85 44.10
N ILE C 156 -23.23 -25.46 43.63
CA ILE C 156 -24.46 -25.85 44.31
C ILE C 156 -24.91 -27.24 43.87
N PHE C 157 -25.07 -27.43 42.57
CA PHE C 157 -25.53 -28.71 42.02
C PHE C 157 -24.38 -29.66 41.71
N GLY C 158 -23.15 -29.17 41.65
CA GLY C 158 -22.03 -30.04 41.37
C GLY C 158 -21.31 -30.48 42.62
N LYS C 159 -21.22 -29.60 43.61
CA LYS C 159 -20.50 -29.88 44.85
C LYS C 159 -21.42 -30.06 46.05
N TRP C 160 -22.21 -29.03 46.38
CA TRP C 160 -23.10 -29.13 47.54
C TRP C 160 -23.98 -30.36 47.45
N MET C 161 -24.60 -30.58 46.28
CA MET C 161 -25.43 -31.76 46.08
C MET C 161 -24.63 -32.96 45.60
N GLY C 162 -23.41 -32.75 45.11
CA GLY C 162 -22.54 -33.85 44.77
C GLY C 162 -22.88 -34.59 43.50
N GLN C 163 -23.57 -33.94 42.56
CA GLN C 163 -23.84 -34.59 41.29
C GLN C 163 -22.56 -34.93 40.54
N VAL C 164 -21.44 -34.27 40.87
CA VAL C 164 -20.15 -34.59 40.28
C VAL C 164 -19.52 -35.81 40.92
N ASP C 165 -20.16 -36.42 41.92
CA ASP C 165 -19.58 -37.56 42.62
C ASP C 165 -20.00 -38.90 42.01
N ASN C 166 -21.27 -39.02 41.59
CA ASN C 166 -21.74 -40.25 41.00
C ASN C 166 -21.44 -40.32 39.50
N LEU C 167 -21.83 -39.29 38.76
CA LEU C 167 -21.58 -39.22 37.32
C LEU C 167 -21.98 -40.54 36.64
N ASN C 168 -23.19 -40.98 36.94
CA ASN C 168 -23.73 -42.23 36.41
C ASN C 168 -24.88 -41.94 35.46
N ILE C 169 -25.23 -42.97 34.68
CA ILE C 169 -26.31 -42.87 33.70
C ILE C 169 -27.57 -43.38 34.40
N TYR C 170 -28.38 -42.45 34.89
CA TYR C 170 -29.64 -42.77 35.53
C TYR C 170 -30.79 -42.64 34.56
N THR C 171 -31.97 -43.06 35.01
CA THR C 171 -33.19 -42.97 34.22
C THR C 171 -34.28 -42.38 35.10
N ASN C 172 -34.93 -41.33 34.60
CA ASN C 172 -35.97 -40.65 35.36
C ASN C 172 -37.32 -41.32 35.13
N TRP C 173 -38.37 -40.79 35.76
CA TRP C 173 -39.65 -41.48 35.75
C TRP C 173 -40.25 -41.56 34.35
N LEU C 174 -39.89 -40.63 33.48
CA LEU C 174 -40.42 -40.62 32.11
C LEU C 174 -39.58 -41.45 31.15
N GLY C 175 -38.63 -42.23 31.66
CA GLY C 175 -37.79 -43.03 30.79
C GLY C 175 -36.73 -42.25 30.05
N ILE C 176 -36.11 -41.28 30.71
CA ILE C 176 -35.06 -40.45 30.13
C ILE C 176 -33.74 -40.83 30.77
N ASN C 177 -32.74 -41.17 29.95
CA ASN C 177 -31.41 -41.47 30.44
C ASN C 177 -30.61 -40.18 30.54
N PHE C 178 -29.98 -39.97 31.69
CA PHE C 178 -29.33 -38.69 31.94
C PHE C 178 -28.22 -38.85 32.96
N VAL C 179 -27.22 -37.99 32.86
CA VAL C 179 -26.21 -37.85 33.91
C VAL C 179 -26.59 -36.59 34.70
N PRO C 180 -26.55 -36.63 36.03
CA PRO C 180 -27.02 -35.47 36.81
C PRO C 180 -26.41 -34.16 36.36
N PHE C 181 -25.09 -34.02 36.50
CA PHE C 181 -24.43 -32.78 36.12
C PHE C 181 -24.59 -32.51 34.63
N ALA C 182 -24.54 -33.55 33.81
CA ALA C 182 -24.74 -33.37 32.37
C ALA C 182 -26.10 -32.74 32.08
N MET C 183 -27.17 -33.31 32.63
CA MET C 183 -28.51 -32.78 32.39
C MET C 183 -28.64 -31.37 32.96
N THR C 184 -28.03 -31.11 34.12
CA THR C 184 -28.13 -29.80 34.74
C THR C 184 -27.48 -28.73 33.86
N VAL C 185 -26.25 -28.98 33.42
CA VAL C 185 -25.57 -28.01 32.56
C VAL C 185 -26.28 -27.90 31.22
N SER C 186 -26.88 -28.98 30.73
CA SER C 186 -27.67 -28.90 29.51
C SER C 186 -28.83 -27.94 29.67
N GLY C 187 -29.55 -28.05 30.80
CA GLY C 187 -30.63 -27.11 31.06
C GLY C 187 -30.15 -25.67 31.18
N TYR C 188 -29.02 -25.47 31.87
CA TYR C 188 -28.47 -24.12 32.00
C TYR C 188 -28.17 -23.51 30.63
N ALA C 189 -27.45 -24.26 29.79
CA ALA C 189 -27.10 -23.77 28.46
C ALA C 189 -28.35 -23.56 27.62
N LEU C 190 -29.34 -24.42 27.77
CA LEU C 190 -30.58 -24.28 26.98
C LEU C 190 -31.29 -22.99 27.36
N GLY C 191 -31.38 -22.69 28.65
CA GLY C 191 -31.97 -21.43 29.07
C GLY C 191 -31.21 -20.24 28.54
N CYS C 192 -29.88 -20.26 28.72
CA CYS C 192 -29.05 -19.18 28.18
C CYS C 192 -29.34 -18.93 26.71
N SER C 193 -29.27 -20.00 25.90
CA SER C 193 -29.39 -19.85 24.47
C SER C 193 -30.80 -19.46 24.05
N ILE C 194 -31.82 -19.95 24.74
CA ILE C 194 -33.19 -19.61 24.36
C ILE C 194 -33.47 -18.13 24.65
N ILE C 195 -33.04 -17.64 25.81
CA ILE C 195 -33.24 -16.23 26.12
C ILE C 195 -32.44 -15.36 25.16
N ALA C 196 -31.20 -15.76 24.86
CA ALA C 196 -30.41 -15.01 23.90
C ALA C 196 -31.07 -14.99 22.53
N MET C 197 -31.67 -16.11 22.13
CA MET C 197 -32.36 -16.19 20.85
C MET C 197 -33.53 -15.21 20.80
N PHE C 198 -34.36 -15.22 21.84
CA PHE C 198 -35.49 -14.29 21.88
C PHE C 198 -34.99 -12.85 21.76
N ASP C 199 -34.04 -12.46 22.60
CA ASP C 199 -33.54 -11.09 22.59
C ASP C 199 -32.97 -10.72 21.22
N ARG C 200 -32.11 -11.58 20.67
CA ARG C 200 -31.47 -11.28 19.40
C ARG C 200 -32.49 -11.14 18.29
N VAL C 201 -33.43 -12.08 18.18
CA VAL C 201 -34.43 -12.01 17.12
C VAL C 201 -35.25 -10.73 17.23
N GLY C 202 -35.75 -10.44 18.44
CA GLY C 202 -36.55 -9.24 18.61
C GLY C 202 -35.80 -7.98 18.24
N GLY C 203 -34.64 -7.79 18.85
CA GLY C 203 -33.86 -6.58 18.58
C GLY C 203 -33.45 -6.47 17.12
N GLY C 204 -33.10 -7.61 16.50
CA GLY C 204 -32.71 -7.57 15.10
C GLY C 204 -33.85 -7.17 14.20
N VAL C 205 -35.02 -7.80 14.34
CA VAL C 205 -36.17 -7.40 13.55
C VAL C 205 -36.42 -5.90 13.73
N TYR C 206 -36.51 -5.46 14.98
CA TYR C 206 -36.75 -4.04 15.27
C TYR C 206 -35.77 -3.14 14.53
N THR C 207 -34.48 -3.27 14.87
CA THR C 207 -33.49 -2.33 14.38
C THR C 207 -33.33 -2.42 12.87
N LYS C 208 -33.40 -3.62 12.30
CA LYS C 208 -33.17 -3.77 10.87
C LYS C 208 -34.35 -3.25 10.05
N ALA C 209 -35.58 -3.49 10.51
CA ALA C 209 -36.73 -2.89 9.83
C ALA C 209 -36.63 -1.37 9.88
N ALA C 210 -36.34 -0.82 11.06
CA ALA C 210 -36.23 0.63 11.18
C ALA C 210 -35.14 1.18 10.26
N ASP C 211 -33.98 0.54 10.26
CA ASP C 211 -32.86 1.02 9.45
C ASP C 211 -33.17 0.95 7.97
N MET C 212 -33.66 -0.20 7.50
CA MET C 212 -34.06 -0.32 6.11
C MET C 212 -35.00 0.80 5.72
N ALA C 213 -36.13 0.92 6.43
CA ALA C 213 -37.12 1.94 6.10
C ALA C 213 -36.49 3.33 6.05
N ALA C 214 -35.86 3.74 7.16
CA ALA C 214 -35.33 5.09 7.26
C ALA C 214 -34.32 5.37 6.15
N ASP C 215 -33.26 4.57 6.10
CA ASP C 215 -32.22 4.78 5.10
C ASP C 215 -32.82 4.83 3.70
N LEU C 216 -33.52 3.78 3.29
CA LEU C 216 -34.07 3.72 1.94
C LEU C 216 -34.88 4.98 1.64
N VAL C 217 -35.95 5.22 2.40
CA VAL C 217 -36.85 6.33 2.09
C VAL C 217 -36.09 7.65 2.07
N GLY C 218 -35.39 7.96 3.16
CA GLY C 218 -34.71 9.23 3.26
C GLY C 218 -33.65 9.49 2.21
N LYS C 219 -32.67 8.58 2.09
CA LYS C 219 -31.55 8.83 1.20
C LYS C 219 -31.94 8.65 -0.27
N THR C 220 -32.68 7.59 -0.59
CA THR C 220 -32.96 7.29 -1.99
C THR C 220 -34.07 8.16 -2.56
N GLU C 221 -35.06 8.55 -1.75
CA GLU C 221 -36.22 9.28 -2.25
C GLU C 221 -36.22 10.73 -1.83
N LEU C 222 -36.25 11.01 -0.52
CA LEU C 222 -36.34 12.38 -0.03
C LEU C 222 -35.01 13.13 -0.12
N ASN C 223 -33.89 12.42 -0.29
CA ASN C 223 -32.58 13.04 -0.39
C ASN C 223 -32.24 13.79 0.90
N LEU C 224 -32.16 13.03 1.98
CA LEU C 224 -31.83 13.54 3.30
C LEU C 224 -30.57 12.87 3.82
N PRO C 225 -29.87 13.50 4.76
CA PRO C 225 -28.66 12.89 5.34
C PRO C 225 -29.02 11.73 6.26
N GLU C 226 -28.00 10.94 6.57
CA GLU C 226 -28.19 9.76 7.42
C GLU C 226 -28.57 10.21 8.83
N ASP C 227 -29.75 9.78 9.28
CA ASP C 227 -30.24 10.11 10.61
C ASP C 227 -30.56 11.61 10.72
N ASP C 228 -31.26 12.12 9.70
CA ASP C 228 -31.64 13.51 9.67
C ASP C 228 -32.84 13.76 10.59
N PRO C 229 -32.90 14.90 11.27
CA PRO C 229 -34.04 15.14 12.17
C PRO C 229 -35.37 15.17 11.44
N ARG C 230 -35.40 15.59 10.18
CA ARG C 230 -36.63 15.55 9.41
C ARG C 230 -37.13 14.13 9.24
N ASN C 231 -36.22 13.16 9.18
CA ASN C 231 -36.57 11.76 8.99
C ASN C 231 -37.24 11.20 10.23
N PRO C 232 -38.53 10.83 10.18
CA PRO C 232 -39.21 10.36 11.39
C PRO C 232 -38.77 8.98 11.87
N ALA C 233 -37.76 8.38 11.25
CA ALA C 233 -37.33 7.03 11.61
C ALA C 233 -35.93 7.00 12.22
N THR C 234 -35.23 8.14 12.27
CA THR C 234 -33.88 8.14 12.81
C THR C 234 -33.87 7.72 14.27
N ILE C 235 -34.84 8.21 15.05
CA ILE C 235 -34.94 7.80 16.45
C ILE C 235 -35.25 6.31 16.55
N ALA C 236 -36.10 5.80 15.65
CA ALA C 236 -36.35 4.37 15.61
C ALA C 236 -35.06 3.61 15.27
N ASP C 237 -34.28 4.12 14.32
CA ASP C 237 -33.03 3.47 13.96
C ASP C 237 -32.07 3.41 15.14
N ASN C 238 -31.97 4.49 15.91
CA ASN C 238 -31.04 4.50 17.03
C ASN C 238 -31.54 3.66 18.20
N VAL C 239 -32.85 3.68 18.45
CA VAL C 239 -33.41 2.77 19.44
C VAL C 239 -33.11 1.33 19.05
N GLY C 240 -33.16 1.04 17.74
CA GLY C 240 -32.78 -0.29 17.30
C GLY C 240 -31.30 -0.57 17.50
N ASP C 241 -30.45 0.41 17.18
CA ASP C 241 -29.03 0.26 17.47
C ASP C 241 -28.80 -0.14 18.92
N ASN C 242 -29.55 0.47 19.84
CA ASN C 242 -29.38 0.17 21.26
C ASN C 242 -30.01 -1.16 21.65
N VAL C 243 -31.09 -1.57 21.00
CA VAL C 243 -31.82 -2.77 21.42
C VAL C 243 -31.21 -4.02 20.81
N GLY C 244 -31.06 -4.05 19.49
CA GLY C 244 -30.57 -5.22 18.78
C GLY C 244 -29.07 -5.30 18.67
N ASP C 245 -28.40 -4.16 18.56
CA ASP C 245 -26.95 -4.12 18.39
C ASP C 245 -26.19 -4.11 19.71
N VAL C 246 -26.88 -3.98 20.84
CA VAL C 246 -26.22 -3.97 22.13
C VAL C 246 -26.68 -5.16 22.95
N ALA C 247 -27.87 -5.07 23.54
CA ALA C 247 -28.41 -6.15 24.36
C ALA C 247 -28.36 -7.48 23.63
N GLY C 248 -28.80 -7.49 22.37
CA GLY C 248 -28.73 -8.71 21.58
C GLY C 248 -27.31 -9.21 21.42
N LEU C 249 -26.36 -8.29 21.24
CA LEU C 249 -24.96 -8.67 21.10
C LEU C 249 -24.45 -9.38 22.36
N GLY C 250 -24.67 -8.77 23.52
CA GLY C 250 -24.27 -9.39 24.76
C GLY C 250 -24.94 -10.72 24.99
N ALA C 251 -26.24 -10.81 24.70
CA ALA C 251 -26.95 -12.07 24.85
C ALA C 251 -26.32 -13.16 23.98
N ASP C 252 -26.10 -12.86 22.70
CA ASP C 252 -25.54 -13.85 21.78
C ASP C 252 -24.15 -14.29 22.22
N LEU C 253 -23.30 -13.33 22.63
CA LEU C 253 -21.93 -13.69 22.98
C LEU C 253 -21.88 -14.46 24.29
N LEU C 254 -22.69 -14.08 25.27
CA LEU C 254 -22.78 -14.85 26.51
C LEU C 254 -23.30 -16.26 26.21
N GLU C 255 -24.26 -16.38 25.29
CA GLU C 255 -24.76 -17.70 24.92
C GLU C 255 -23.66 -18.55 24.31
N SER C 256 -22.86 -17.98 23.41
CA SER C 256 -21.78 -18.75 22.79
C SER C 256 -20.73 -19.16 23.82
N PHE C 257 -20.35 -18.24 24.71
CA PHE C 257 -19.39 -18.55 25.77
C PHE C 257 -19.89 -19.72 26.63
N VAL C 258 -21.09 -19.55 27.19
CA VAL C 258 -21.67 -20.58 28.04
C VAL C 258 -21.81 -21.88 27.27
N GLY C 259 -22.10 -21.82 25.98
CA GLY C 259 -22.29 -23.03 25.21
C GLY C 259 -21.00 -23.79 25.01
N ALA C 260 -19.92 -23.08 24.66
CA ALA C 260 -18.62 -23.74 24.58
C ALA C 260 -18.25 -24.40 25.91
N ILE C 261 -18.37 -23.64 27.00
CA ILE C 261 -17.95 -24.19 28.30
C ILE C 261 -18.82 -25.38 28.69
N VAL C 262 -20.13 -25.28 28.47
CA VAL C 262 -21.04 -26.35 28.86
C VAL C 262 -20.87 -27.56 27.96
N SER C 263 -20.49 -27.35 26.69
CA SER C 263 -20.18 -28.50 25.84
C SER C 263 -18.97 -29.25 26.36
N SER C 264 -17.90 -28.51 26.69
CA SER C 264 -16.74 -29.16 27.31
C SER C 264 -17.15 -29.94 28.55
N ILE C 265 -17.94 -29.31 29.43
CA ILE C 265 -18.31 -29.94 30.69
C ILE C 265 -19.18 -31.18 30.44
N ILE C 266 -20.14 -31.07 29.52
CA ILE C 266 -21.03 -32.19 29.24
C ILE C 266 -20.25 -33.37 28.69
N LEU C 267 -19.33 -33.11 27.76
CA LEU C 267 -18.52 -34.20 27.21
C LEU C 267 -17.68 -34.84 28.30
N ALA C 268 -17.01 -34.04 29.11
CA ALA C 268 -16.19 -34.58 30.19
C ALA C 268 -17.02 -35.44 31.13
N SER C 269 -18.21 -34.97 31.51
CA SER C 269 -19.04 -35.71 32.45
C SER C 269 -19.55 -37.01 31.83
N TYR C 270 -20.04 -36.96 30.59
CA TYR C 270 -20.53 -38.17 29.95
C TYR C 270 -19.42 -39.17 29.67
N MET C 271 -18.16 -38.72 29.64
CA MET C 271 -17.06 -39.66 29.38
C MET C 271 -17.00 -40.74 30.44
N PHE C 272 -17.28 -40.40 31.70
CA PHE C 272 -17.08 -41.36 32.79
C PHE C 272 -17.94 -42.60 32.62
N PRO C 273 -19.28 -42.51 32.64
CA PRO C 273 -20.09 -43.73 32.61
C PRO C 273 -20.02 -44.49 31.30
N ILE C 274 -19.51 -43.88 30.23
CA ILE C 274 -19.44 -44.56 28.94
C ILE C 274 -18.16 -45.38 28.83
N TYR C 275 -17.03 -44.84 29.26
CA TYR C 275 -15.75 -45.55 29.20
C TYR C 275 -15.71 -46.61 30.29
N VAL C 276 -16.39 -47.73 30.01
CA VAL C 276 -16.44 -48.87 30.92
C VAL C 276 -16.18 -50.13 30.10
N GLN C 277 -15.71 -51.17 30.79
CA GLN C 277 -15.43 -52.45 30.16
C GLN C 277 -16.23 -53.55 30.85
N LYS C 278 -16.95 -54.34 30.05
CA LYS C 278 -17.70 -55.49 30.54
C LYS C 278 -16.76 -56.68 30.61
N ILE C 279 -16.46 -57.15 31.82
CA ILE C 279 -15.51 -58.24 32.06
C ILE C 279 -16.24 -59.26 32.93
N GLY C 280 -16.91 -60.22 32.29
CA GLY C 280 -17.65 -61.24 33.01
C GLY C 280 -18.81 -60.68 33.79
N GLU C 281 -19.63 -59.85 33.14
CA GLU C 281 -20.78 -59.22 33.77
C GLU C 281 -20.36 -58.27 34.88
N ASN C 282 -19.09 -57.86 34.90
CA ASN C 282 -18.57 -56.92 35.89
C ASN C 282 -18.02 -55.70 35.16
N LEU C 283 -18.65 -54.55 35.35
CA LEU C 283 -18.22 -53.33 34.69
C LEU C 283 -17.05 -52.71 35.43
N VAL C 284 -15.99 -52.38 34.70
CA VAL C 284 -14.79 -51.77 35.26
C VAL C 284 -14.55 -50.46 34.53
N HIS C 285 -14.48 -49.36 35.28
CA HIS C 285 -14.27 -48.05 34.69
C HIS C 285 -12.85 -47.94 34.15
N GLN C 286 -12.72 -47.62 32.85
CA GLN C 286 -11.42 -47.48 32.23
C GLN C 286 -10.67 -46.23 32.67
N VAL C 287 -11.32 -45.32 33.38
CA VAL C 287 -10.67 -44.08 33.80
C VAL C 287 -11.05 -43.77 35.25
N PRO C 288 -10.11 -43.31 36.07
CA PRO C 288 -10.45 -42.95 37.44
C PRO C 288 -11.31 -41.69 37.49
N LYS C 289 -12.16 -41.62 38.52
CA LYS C 289 -13.06 -40.48 38.65
C LYS C 289 -12.32 -39.17 38.84
N GLU C 290 -11.15 -39.21 39.48
CA GLU C 290 -10.40 -37.97 39.72
C GLU C 290 -10.01 -37.32 38.40
N THR C 291 -9.62 -38.11 37.40
CA THR C 291 -9.27 -37.55 36.10
C THR C 291 -10.47 -36.87 35.44
N ILE C 292 -11.63 -37.51 35.48
CA ILE C 292 -12.82 -36.93 34.87
C ILE C 292 -13.21 -35.64 35.59
N GLN C 293 -13.11 -35.64 36.91
CA GLN C 293 -13.44 -34.42 37.67
C GLN C 293 -12.46 -33.30 37.36
N ALA C 294 -11.17 -33.62 37.23
CA ALA C 294 -10.20 -32.60 36.85
C ALA C 294 -10.51 -32.04 35.47
N LEU C 295 -10.85 -32.91 34.52
CA LEU C 295 -11.20 -32.44 33.19
C LEU C 295 -12.48 -31.62 33.20
N ILE C 296 -13.40 -31.91 34.13
CA ILE C 296 -14.62 -31.13 34.24
C ILE C 296 -14.32 -29.73 34.77
N SER C 297 -13.50 -29.65 35.82
CA SER C 297 -13.17 -28.35 36.40
C SER C 297 -12.22 -27.55 35.52
N TYR C 298 -11.50 -28.21 34.61
CA TYR C 298 -10.51 -27.51 33.79
C TYR C 298 -11.11 -26.39 32.96
N PRO C 299 -12.20 -26.61 32.20
CA PRO C 299 -12.73 -25.52 31.37
C PRO C 299 -13.21 -24.31 32.16
N ILE C 300 -13.72 -24.53 33.38
CA ILE C 300 -14.19 -23.40 34.19
C ILE C 300 -13.02 -22.53 34.62
N PHE C 301 -11.95 -23.15 35.12
CA PHE C 301 -10.76 -22.39 35.48
C PHE C 301 -10.15 -21.73 34.25
N PHE C 302 -10.21 -22.41 33.11
CA PHE C 302 -9.73 -21.81 31.86
C PHE C 302 -10.49 -20.53 31.56
N ALA C 303 -11.82 -20.59 31.58
CA ALA C 303 -12.63 -19.42 31.29
C ALA C 303 -12.40 -18.32 32.31
N LEU C 304 -12.19 -18.69 33.57
CA LEU C 304 -11.94 -17.68 34.59
C LEU C 304 -10.60 -16.97 34.36
N VAL C 305 -9.56 -17.73 34.04
CA VAL C 305 -8.27 -17.12 33.72
C VAL C 305 -8.41 -16.22 32.49
N GLY C 306 -9.19 -16.66 31.51
CA GLY C 306 -9.40 -15.83 30.33
C GLY C 306 -10.13 -14.54 30.66
N LEU C 307 -11.11 -14.62 31.56
CA LEU C 307 -11.82 -13.41 32.00
C LEU C 307 -10.87 -12.47 32.73
N GLY C 308 -9.99 -13.02 33.56
CA GLY C 308 -8.99 -12.18 34.21
C GLY C 308 -8.07 -11.49 33.23
N CYS C 309 -7.62 -12.22 32.20
CA CYS C 309 -6.76 -11.62 31.19
C CYS C 309 -7.51 -10.54 30.41
N SER C 310 -8.79 -10.79 30.12
CA SER C 310 -9.61 -9.77 29.47
C SER C 310 -9.73 -8.51 30.32
N MET C 311 -9.92 -8.70 31.63
CA MET C 311 -9.97 -7.55 32.54
C MET C 311 -8.66 -6.77 32.49
N LEU C 312 -7.53 -7.48 32.54
CA LEU C 312 -6.24 -6.80 32.47
C LEU C 312 -6.10 -6.01 31.18
N GLY C 313 -6.44 -6.62 30.05
CA GLY C 313 -6.32 -5.92 28.78
C GLY C 313 -7.23 -4.71 28.68
N ILE C 314 -8.47 -4.85 29.15
CA ILE C 314 -9.40 -3.73 29.12
C ILE C 314 -8.88 -2.59 29.99
N LEU C 315 -8.35 -2.91 31.16
CA LEU C 315 -7.79 -1.86 32.02
C LEU C 315 -6.62 -1.18 31.35
N TYR C 316 -5.71 -1.95 30.74
CA TYR C 316 -4.57 -1.35 30.06
C TYR C 316 -5.00 -0.44 28.93
N VAL C 317 -6.05 -0.82 28.19
CA VAL C 317 -6.48 0.00 27.06
C VAL C 317 -7.32 1.19 27.49
N ILE C 318 -8.00 1.12 28.64
CA ILE C 318 -8.76 2.26 29.13
C ILE C 318 -7.90 3.25 29.92
N VAL C 319 -6.75 2.82 30.43
CA VAL C 319 -5.87 3.75 31.13
C VAL C 319 -4.82 4.35 30.20
N LYS C 320 -4.44 3.64 29.14
CA LYS C 320 -3.45 4.15 28.20
C LYS C 320 -3.89 5.50 27.64
N LYS C 321 -2.91 6.28 27.21
CA LYS C 321 -3.20 7.56 26.59
C LYS C 321 -4.00 7.33 25.30
N PRO C 322 -5.11 8.04 25.10
CA PRO C 322 -5.91 7.82 23.90
C PRO C 322 -5.13 8.18 22.64
N SER C 323 -5.41 7.45 21.56
CA SER C 323 -4.80 7.67 20.27
C SER C 323 -5.85 8.06 19.24
N ASP C 324 -5.39 8.60 18.12
CA ASP C 324 -6.30 8.97 17.05
C ASP C 324 -6.73 7.77 16.20
N ASN C 325 -5.92 6.70 16.18
CA ASN C 325 -6.27 5.49 15.45
C ASN C 325 -6.92 4.49 16.40
N PRO C 326 -8.25 4.36 16.42
CA PRO C 326 -8.89 3.47 17.40
C PRO C 326 -8.65 1.99 17.12
N GLN C 327 -8.56 1.60 15.85
CA GLN C 327 -8.33 0.19 15.52
C GLN C 327 -7.05 -0.31 16.18
N ARG C 328 -6.03 0.55 16.27
CA ARG C 328 -4.79 0.16 16.94
C ARG C 328 -5.04 -0.18 18.40
N GLU C 329 -5.78 0.67 19.11
CA GLU C 329 -6.05 0.41 20.51
C GLU C 329 -6.85 -0.88 20.70
N LEU C 330 -7.88 -1.08 19.87
CA LEU C 330 -8.71 -2.28 20.01
C LEU C 330 -7.90 -3.55 19.74
N ASN C 331 -7.09 -3.54 18.67
CA ASN C 331 -6.28 -4.70 18.36
C ASN C 331 -5.21 -4.95 19.42
N ILE C 332 -4.65 -3.88 20.00
CA ILE C 332 -3.68 -4.07 21.07
C ILE C 332 -4.33 -4.69 22.28
N SER C 333 -5.53 -4.23 22.65
CA SER C 333 -6.26 -4.86 23.74
C SER C 333 -6.47 -6.34 23.46
N LEU C 334 -6.95 -6.67 22.26
CA LEU C 334 -7.21 -8.07 21.92
C LEU C 334 -5.92 -8.89 22.01
N TRP C 335 -4.82 -8.38 21.46
CA TRP C 335 -3.56 -9.12 21.47
C TRP C 335 -3.07 -9.37 22.88
N THR C 336 -3.12 -8.35 23.73
CA THR C 336 -2.66 -8.51 25.11
C THR C 336 -3.53 -9.53 25.84
N SER C 337 -4.86 -9.43 25.69
CA SER C 337 -5.74 -10.39 26.33
C SER C 337 -5.41 -11.81 25.87
N ALA C 338 -5.25 -12.00 24.57
CA ALA C 338 -5.00 -13.34 24.03
C ALA C 338 -3.68 -13.91 24.54
N LEU C 339 -2.62 -13.11 24.54
CA LEU C 339 -1.32 -13.61 24.99
C LEU C 339 -1.32 -13.92 26.48
N LEU C 340 -1.89 -13.03 27.29
CA LEU C 340 -2.00 -13.30 28.72
C LEU C 340 -2.77 -14.59 28.97
N THR C 341 -3.89 -14.76 28.25
CA THR C 341 -4.67 -15.99 28.39
C THR C 341 -3.83 -17.20 28.01
N VAL C 342 -3.08 -17.12 26.91
CA VAL C 342 -2.27 -18.24 26.46
C VAL C 342 -1.29 -18.65 27.56
N VAL C 343 -0.56 -17.68 28.12
CA VAL C 343 0.48 -18.01 29.10
C VAL C 343 -0.15 -18.58 30.37
N LEU C 344 -1.11 -17.87 30.94
CA LEU C 344 -1.72 -18.33 32.19
C LEU C 344 -2.40 -19.68 32.00
N THR C 345 -3.01 -19.91 30.83
CA THR C 345 -3.66 -21.19 30.59
C THR C 345 -2.66 -22.31 30.37
N ALA C 346 -1.50 -22.02 29.77
CA ALA C 346 -0.44 -23.01 29.72
C ALA C 346 -0.06 -23.46 31.12
N PHE C 347 0.16 -22.50 32.02
CA PHE C 347 0.49 -22.86 33.39
C PHE C 347 -0.63 -23.63 34.06
N LEU C 348 -1.88 -23.18 33.89
CA LEU C 348 -3.02 -23.85 34.49
C LEU C 348 -3.14 -25.29 34.00
N THR C 349 -2.99 -25.51 32.70
CA THR C 349 -3.11 -26.85 32.15
C THR C 349 -1.97 -27.73 32.63
N TYR C 350 -0.75 -27.18 32.71
CA TYR C 350 0.37 -27.97 33.21
C TYR C 350 0.15 -28.40 34.66
N PHE C 351 -0.29 -27.47 35.51
CA PHE C 351 -0.36 -27.76 36.94
C PHE C 351 -1.61 -28.54 37.30
N TYR C 352 -2.80 -28.02 36.95
CA TYR C 352 -4.04 -28.66 37.36
C TYR C 352 -4.09 -30.11 36.90
N LEU C 353 -3.73 -30.37 35.65
CA LEU C 353 -3.74 -31.71 35.09
C LEU C 353 -2.38 -32.41 35.21
N LYS C 354 -1.58 -32.04 36.22
CA LYS C 354 -0.23 -32.57 36.34
C LYS C 354 -0.23 -34.09 36.33
N ASP C 355 -0.82 -34.70 37.35
CA ASP C 355 -0.82 -36.15 37.52
C ASP C 355 -2.25 -36.63 37.78
N LEU C 356 -2.97 -36.96 36.71
CA LEU C 356 -4.32 -37.46 36.81
C LEU C 356 -4.45 -38.95 36.52
N GLN C 357 -3.47 -39.54 35.83
CA GLN C 357 -3.30 -40.99 35.68
C GLN C 357 -4.20 -41.63 34.64
N GLY C 358 -4.87 -40.87 33.77
CA GLY C 358 -5.81 -41.50 32.86
C GLY C 358 -5.90 -40.91 31.46
N LEU C 359 -5.39 -39.69 31.29
CA LEU C 359 -5.55 -38.94 30.05
C LEU C 359 -5.30 -39.77 28.80
N ASP C 360 -4.30 -40.65 28.82
CA ASP C 360 -3.95 -41.41 27.63
C ASP C 360 -5.15 -42.15 27.07
N VAL C 361 -6.01 -42.68 27.94
CA VAL C 361 -7.15 -43.49 27.51
C VAL C 361 -8.14 -42.65 26.70
N LEU C 362 -8.20 -41.35 26.96
CA LEU C 362 -9.19 -40.50 26.30
C LEU C 362 -8.53 -39.21 25.85
N GLY C 363 -8.57 -38.95 24.55
CA GLY C 363 -8.12 -37.69 23.99
C GLY C 363 -6.62 -37.46 24.01
N PHE C 364 -6.17 -36.70 25.00
CA PHE C 364 -4.80 -36.21 25.10
C PHE C 364 -3.77 -37.25 24.68
N ARG C 365 -2.95 -36.91 23.69
CA ARG C 365 -1.82 -37.74 23.30
C ARG C 365 -0.48 -37.16 23.73
N PHE C 366 -0.42 -35.89 24.11
CA PHE C 366 0.79 -35.25 24.60
C PHE C 366 0.68 -34.92 26.09
N GLY C 367 -0.02 -35.74 26.86
CA GLY C 367 -0.09 -35.53 28.28
C GLY C 367 -0.91 -34.30 28.67
N ALA C 368 -0.59 -33.78 29.85
CA ALA C 368 -1.38 -32.70 30.43
C ALA C 368 -1.42 -31.47 29.54
N ILE C 369 -0.39 -31.27 28.69
CA ILE C 369 -0.36 -30.08 27.84
C ILE C 369 -1.20 -30.23 26.59
N SER C 370 -1.74 -31.43 26.33
CA SER C 370 -2.56 -31.62 25.13
C SER C 370 -3.72 -30.65 25.04
N PRO C 371 -4.54 -30.46 26.09
CA PRO C 371 -5.67 -29.53 25.94
C PRO C 371 -5.24 -28.11 25.66
N TRP C 372 -4.25 -27.60 26.39
CA TRP C 372 -3.78 -26.24 26.17
C TRP C 372 -3.49 -25.98 24.70
N PHE C 373 -2.70 -26.85 24.08
CA PHE C 373 -2.42 -26.73 22.65
C PHE C 373 -3.72 -26.53 21.87
N SER C 374 -4.68 -27.44 22.07
CA SER C 374 -5.98 -27.29 21.41
C SER C 374 -6.53 -25.89 21.60
N ALA C 375 -6.61 -25.44 22.86
CA ALA C 375 -7.07 -24.10 23.14
C ALA C 375 -6.33 -23.08 22.28
N ILE C 376 -5.00 -23.16 22.29
CA ILE C 376 -4.19 -22.26 21.45
C ILE C 376 -4.74 -22.26 20.03
N ILE C 377 -4.84 -23.45 19.42
CA ILE C 377 -5.42 -23.61 18.09
C ILE C 377 -6.65 -22.71 18.02
N GLY C 378 -7.66 -23.03 18.84
CA GLY C 378 -8.87 -22.24 18.90
C GLY C 378 -8.56 -20.77 18.86
N ILE C 379 -7.83 -20.29 19.88
CA ILE C 379 -7.47 -18.87 19.92
C ILE C 379 -6.97 -18.42 18.56
N PHE C 380 -5.87 -19.00 18.10
CA PHE C 380 -5.31 -18.62 16.81
C PHE C 380 -6.37 -18.72 15.73
N SER C 381 -7.05 -19.87 15.66
CA SER C 381 -8.15 -20.02 14.72
C SER C 381 -9.07 -18.81 14.79
N GLY C 382 -9.63 -18.55 15.97
CA GLY C 382 -10.46 -17.38 16.14
C GLY C 382 -9.77 -16.15 15.59
N ILE C 383 -8.57 -15.88 16.10
CA ILE C 383 -7.81 -14.71 15.65
C ILE C 383 -7.76 -14.70 14.12
N LEU C 384 -7.37 -15.83 13.52
CA LEU C 384 -7.33 -15.92 12.07
C LEU C 384 -8.63 -15.42 11.45
N ILE C 385 -9.75 -16.03 11.85
CA ILE C 385 -11.05 -15.60 11.34
C ILE C 385 -11.16 -14.09 11.44
N GLY C 386 -10.89 -13.55 12.63
CA GLY C 386 -10.91 -12.12 12.84
C GLY C 386 -10.21 -11.39 11.73
N PHE C 387 -8.93 -11.72 11.52
CA PHE C 387 -8.15 -11.08 10.47
C PHE C 387 -8.91 -11.10 9.15
N TRP C 388 -9.35 -12.27 8.71
CA TRP C 388 -10.06 -12.37 7.44
C TRP C 388 -11.23 -11.40 7.39
N ALA C 389 -11.99 -11.29 8.48
CA ALA C 389 -13.07 -10.31 8.55
C ALA C 389 -12.56 -8.92 8.16
N GLU C 390 -11.53 -8.45 8.89
CA GLU C 390 -10.99 -7.12 8.60
C GLU C 390 -10.51 -7.00 7.16
N TYR C 391 -10.16 -8.10 6.51
CA TYR C 391 -9.73 -8.03 5.12
C TYR C 391 -10.90 -7.80 4.17
N TYR C 392 -12.04 -8.41 4.47
CA TYR C 392 -13.20 -8.30 3.58
C TYR C 392 -14.11 -7.15 3.92
N THR C 393 -14.14 -6.72 5.18
CA THR C 393 -15.08 -5.70 5.62
C THR C 393 -14.49 -4.30 5.67
N SER C 394 -13.21 -4.15 5.98
CA SER C 394 -12.63 -2.81 6.13
C SER C 394 -12.42 -2.16 4.77
N TYR C 395 -12.78 -0.88 4.67
CA TYR C 395 -12.60 -0.13 3.43
C TYR C 395 -11.16 0.32 3.23
N ARG C 396 -10.23 -0.17 4.05
CA ARG C 396 -8.80 0.08 3.87
C ARG C 396 -8.10 -1.06 3.14
N TYR C 397 -8.87 -1.92 2.49
CA TYR C 397 -8.32 -3.06 1.74
C TYR C 397 -8.90 -3.10 0.33
N LYS C 398 -8.62 -4.19 -0.38
CA LYS C 398 -8.99 -4.30 -1.78
C LYS C 398 -10.48 -4.55 -1.99
N PRO C 399 -11.06 -5.52 -1.28
CA PRO C 399 -12.44 -5.92 -1.61
C PRO C 399 -13.46 -4.81 -1.38
N THR C 400 -13.46 -4.18 -0.21
CA THR C 400 -14.43 -3.14 0.06
C THR C 400 -14.25 -1.95 -0.87
N GLN C 401 -13.00 -1.60 -1.19
CA GLN C 401 -12.75 -0.51 -2.11
C GLN C 401 -13.26 -0.85 -3.51
N PHE C 402 -13.06 -2.09 -3.95
CA PHE C 402 -13.59 -2.50 -5.24
C PHE C 402 -15.12 -2.45 -5.25
N LEU C 403 -15.73 -2.80 -4.12
CA LEU C 403 -17.19 -2.70 -4.01
C LEU C 403 -17.65 -1.26 -4.14
N GLY C 404 -17.00 -0.36 -3.40
CA GLY C 404 -17.33 1.05 -3.51
C GLY C 404 -17.16 1.59 -4.93
N LYS C 405 -16.13 1.13 -5.63
CA LYS C 405 -15.91 1.56 -7.00
C LYS C 405 -17.00 1.01 -7.93
N SER C 406 -17.27 -0.28 -7.83
CA SER C 406 -18.35 -0.88 -8.61
C SER C 406 -19.68 -0.19 -8.35
N SER C 407 -19.83 0.43 -7.18
CA SER C 407 -21.03 1.22 -6.91
C SER C 407 -21.34 2.23 -8.01
N ILE C 408 -20.34 2.58 -8.82
CA ILE C 408 -20.56 3.54 -9.90
C ILE C 408 -21.34 2.93 -11.06
N GLU C 409 -21.44 1.61 -11.14
CA GLU C 409 -22.03 0.94 -12.30
C GLU C 409 -23.52 0.65 -12.15
N GLY C 410 -24.09 0.80 -10.97
CA GLY C 410 -25.51 0.57 -10.77
C GLY C 410 -25.81 -0.24 -9.52
N THR C 411 -27.06 -0.13 -9.06
CA THR C 411 -27.48 -0.83 -7.85
C THR C 411 -27.35 -2.35 -8.02
N GLY C 412 -27.74 -2.87 -9.19
CA GLY C 412 -27.59 -4.30 -9.43
C GLY C 412 -26.15 -4.74 -9.31
N MET C 413 -25.22 -3.91 -9.81
CA MET C 413 -23.80 -4.22 -9.65
C MET C 413 -23.42 -4.31 -8.19
N VAL C 414 -23.88 -3.36 -7.37
CA VAL C 414 -23.56 -3.39 -5.94
C VAL C 414 -24.09 -4.67 -5.31
N ILE C 415 -25.34 -5.03 -5.61
CA ILE C 415 -25.94 -6.21 -4.98
C ILE C 415 -25.19 -7.47 -5.40
N SER C 416 -24.94 -7.63 -6.71
CA SER C 416 -24.26 -8.82 -7.18
C SER C 416 -22.85 -8.92 -6.62
N ASN C 417 -22.11 -7.81 -6.60
CA ASN C 417 -20.75 -7.84 -6.08
C ASN C 417 -20.74 -8.13 -4.59
N GLY C 418 -21.73 -7.63 -3.85
CA GLY C 418 -21.81 -7.94 -2.44
C GLY C 418 -22.05 -9.42 -2.19
N LEU C 419 -23.01 -10.00 -2.93
CA LEU C 419 -23.26 -11.43 -2.81
C LEU C 419 -22.00 -12.23 -3.14
N SER C 420 -21.30 -11.84 -4.21
CA SER C 420 -20.10 -12.56 -4.60
C SER C 420 -19.01 -12.44 -3.54
N LEU C 421 -18.82 -11.24 -2.99
CA LEU C 421 -17.82 -11.04 -1.96
C LEU C 421 -18.11 -11.89 -0.72
N GLY C 422 -19.37 -11.91 -0.28
CA GLY C 422 -19.72 -12.75 0.86
C GLY C 422 -19.46 -14.22 0.59
N MET C 423 -19.96 -14.72 -0.55
CA MET C 423 -19.80 -16.13 -0.88
C MET C 423 -18.32 -16.50 -1.02
N LYS C 424 -17.49 -15.56 -1.45
CA LYS C 424 -16.06 -15.83 -1.56
C LYS C 424 -15.41 -15.85 -0.18
N SER C 425 -15.66 -14.82 0.62
CA SER C 425 -15.11 -14.78 1.98
C SER C 425 -15.54 -15.99 2.80
N VAL C 426 -16.60 -16.66 2.39
CA VAL C 426 -17.02 -17.89 3.08
C VAL C 426 -15.88 -18.89 3.19
N PHE C 427 -14.88 -18.79 2.31
CA PHE C 427 -13.86 -19.83 2.19
C PHE C 427 -12.75 -19.75 3.23
N PRO C 428 -11.93 -18.70 3.22
CA PRO C 428 -10.71 -18.68 4.06
C PRO C 428 -11.02 -19.02 5.51
N PRO C 429 -12.02 -18.40 6.12
CA PRO C 429 -12.37 -18.76 7.50
C PRO C 429 -12.82 -20.21 7.65
N THR C 430 -13.52 -20.75 6.65
CA THR C 430 -13.90 -22.16 6.71
C THR C 430 -12.68 -23.07 6.69
N LEU C 431 -11.69 -22.73 5.87
CA LEU C 431 -10.45 -23.49 5.86
C LEU C 431 -9.72 -23.34 7.20
N THR C 432 -9.77 -22.15 7.78
CA THR C 432 -9.23 -21.95 9.12
C THR C 432 -9.87 -22.90 10.12
N LEU C 433 -11.20 -22.99 10.08
CA LEU C 433 -11.90 -23.90 11.00
C LEU C 433 -11.58 -25.36 10.70
N VAL C 434 -11.40 -25.71 9.42
CA VAL C 434 -11.04 -27.07 9.07
C VAL C 434 -9.69 -27.44 9.68
N LEU C 435 -8.69 -26.60 9.45
CA LEU C 435 -7.36 -26.86 10.01
C LEU C 435 -7.39 -26.84 11.53
N GLY C 436 -8.16 -25.94 12.12
CA GLY C 436 -8.27 -25.90 13.58
C GLY C 436 -8.88 -27.16 14.14
N ILE C 437 -9.96 -27.62 13.53
CA ILE C 437 -10.57 -28.88 13.95
C ILE C 437 -9.55 -30.01 13.87
N LEU C 438 -8.86 -30.11 12.73
CA LEU C 438 -7.90 -31.19 12.55
C LEU C 438 -6.82 -31.15 13.63
N PHE C 439 -6.25 -29.97 13.89
CA PHE C 439 -5.16 -29.89 14.85
C PHE C 439 -5.64 -30.12 16.28
N ALA C 440 -6.78 -29.53 16.67
CA ALA C 440 -7.29 -29.75 18.01
C ALA C 440 -7.62 -31.22 18.24
N ASP C 441 -8.20 -31.87 17.23
CA ASP C 441 -8.43 -33.31 17.32
C ASP C 441 -7.11 -34.04 17.53
N TYR C 442 -6.17 -33.89 16.59
CA TYR C 442 -4.89 -34.56 16.72
C TYR C 442 -4.29 -34.37 18.12
N PHE C 443 -4.48 -33.19 18.71
CA PHE C 443 -3.84 -32.90 19.99
C PHE C 443 -4.55 -33.60 21.14
N ALA C 444 -5.89 -33.53 21.21
CA ALA C 444 -6.55 -34.03 22.41
C ALA C 444 -7.98 -34.49 22.11
N GLY C 445 -8.17 -35.23 21.02
CA GLY C 445 -9.49 -35.75 20.73
C GLY C 445 -10.59 -34.71 20.75
N LEU C 446 -11.82 -35.18 21.01
CA LEU C 446 -12.98 -34.31 21.00
C LEU C 446 -12.97 -33.34 22.17
N TYR C 447 -12.37 -33.75 23.30
CA TYR C 447 -12.24 -32.83 24.42
C TYR C 447 -11.41 -31.62 24.03
N GLY C 448 -10.33 -31.83 23.29
CA GLY C 448 -9.53 -30.73 22.79
C GLY C 448 -10.21 -29.94 21.70
N VAL C 449 -11.02 -30.59 20.87
CA VAL C 449 -11.84 -29.84 19.92
C VAL C 449 -12.72 -28.85 20.69
N ALA C 450 -13.37 -29.32 21.75
CA ALA C 450 -14.22 -28.43 22.56
C ALA C 450 -13.40 -27.38 23.27
N ILE C 451 -12.20 -27.75 23.75
CA ILE C 451 -11.34 -26.79 24.42
C ILE C 451 -10.90 -25.70 23.46
N ALA C 452 -10.72 -26.05 22.18
CA ALA C 452 -10.42 -25.03 21.17
C ALA C 452 -11.63 -24.15 20.93
N ALA C 453 -12.82 -24.76 20.85
CA ALA C 453 -14.05 -23.96 20.79
C ALA C 453 -14.09 -22.93 21.89
N LEU C 454 -13.72 -23.33 23.11
CA LEU C 454 -13.75 -22.41 24.25
C LEU C 454 -12.64 -21.36 24.13
N GLY C 455 -11.40 -21.80 23.91
CA GLY C 455 -10.29 -20.87 23.83
C GLY C 455 -10.48 -19.82 22.76
N MET C 456 -11.18 -20.16 21.68
CA MET C 456 -11.51 -19.15 20.68
C MET C 456 -12.28 -18.00 21.31
N LEU C 457 -13.02 -18.26 22.39
CA LEU C 457 -13.72 -17.24 23.16
C LEU C 457 -13.17 -17.10 24.57
N SER C 458 -11.99 -17.67 24.85
CA SER C 458 -11.43 -17.59 26.20
C SER C 458 -11.39 -16.15 26.69
N PHE C 459 -10.98 -15.23 25.84
CA PHE C 459 -11.03 -13.80 26.15
C PHE C 459 -12.32 -13.16 25.64
N VAL C 460 -13.44 -13.80 25.98
CA VAL C 460 -14.75 -13.35 25.49
C VAL C 460 -15.07 -11.95 25.99
N ALA C 461 -14.56 -11.57 27.16
CA ALA C 461 -14.84 -10.26 27.71
C ALA C 461 -14.33 -9.16 26.78
N THR C 462 -13.07 -9.28 26.35
CA THR C 462 -12.50 -8.27 25.46
C THR C 462 -13.21 -8.25 24.11
N SER C 463 -13.60 -9.43 23.62
CA SER C 463 -14.33 -9.48 22.34
C SER C 463 -15.68 -8.76 22.46
N VAL C 464 -16.45 -9.08 23.50
CA VAL C 464 -17.73 -8.41 23.70
C VAL C 464 -17.53 -6.91 23.85
N SER C 465 -16.46 -6.52 24.55
CA SER C 465 -16.19 -5.09 24.73
C SER C 465 -15.93 -4.40 23.39
N VAL C 466 -14.98 -4.92 22.61
CA VAL C 466 -14.63 -4.30 21.33
C VAL C 466 -15.82 -4.33 20.38
N ASP C 467 -16.72 -5.31 20.52
CA ASP C 467 -17.86 -5.38 19.63
C ASP C 467 -18.94 -4.37 20.02
N SER C 468 -19.33 -4.36 21.29
CA SER C 468 -20.32 -3.39 21.75
C SER C 468 -19.81 -1.96 21.64
N TYR C 469 -18.49 -1.77 21.52
CA TYR C 469 -17.95 -0.44 21.29
C TYR C 469 -18.61 0.24 20.08
N GLY C 470 -19.05 -0.55 19.10
CA GLY C 470 -19.58 -0.02 17.87
C GLY C 470 -20.89 0.72 18.03
N PRO C 471 -21.91 0.03 18.54
CA PRO C 471 -23.22 0.67 18.70
C PRO C 471 -23.16 1.98 19.44
N ILE C 472 -22.25 2.11 20.41
CA ILE C 472 -22.09 3.38 21.12
C ILE C 472 -21.65 4.47 20.16
N ALA C 473 -20.70 4.16 19.27
CA ALA C 473 -20.25 5.16 18.30
C ALA C 473 -21.35 5.50 17.30
N ASP C 474 -22.09 4.48 16.85
CA ASP C 474 -23.20 4.75 15.93
C ASP C 474 -24.24 5.67 16.58
N ASN C 475 -24.58 5.40 17.84
CA ASN C 475 -25.56 6.24 18.53
C ASN C 475 -25.02 7.64 18.76
N ALA C 476 -23.73 7.77 19.09
CA ALA C 476 -23.14 9.10 19.24
C ALA C 476 -23.22 9.88 17.94
N GLY C 477 -22.92 9.23 16.81
CA GLY C 477 -23.03 9.90 15.52
C GLY C 477 -24.46 10.31 15.22
N GLY C 478 -25.41 9.43 15.47
CA GLY C 478 -26.81 9.79 15.26
C GLY C 478 -27.24 10.97 16.11
N ILE C 479 -26.79 11.02 17.36
CA ILE C 479 -27.17 12.09 18.26
C ILE C 479 -26.54 13.40 17.81
N SER C 480 -25.28 13.36 17.35
CA SER C 480 -24.64 14.57 16.85
C SER C 480 -25.32 15.05 15.57
N GLU C 481 -25.78 14.13 14.72
CA GLU C 481 -26.44 14.53 13.48
C GLU C 481 -27.84 15.10 13.74
N MET C 482 -28.54 14.59 14.76
CA MET C 482 -29.87 15.11 15.05
C MET C 482 -29.81 16.53 15.60
N CYS C 483 -28.76 16.86 16.35
CA CYS C 483 -28.63 18.18 16.96
C CYS C 483 -27.90 19.18 16.09
N GLU C 484 -27.56 18.80 14.86
CA GLU C 484 -26.86 19.69 13.94
C GLU C 484 -25.59 20.25 14.56
N LEU C 485 -24.55 19.42 14.63
CA LEU C 485 -23.29 19.81 15.26
C LEU C 485 -22.26 20.15 14.18
N ASP C 486 -21.00 20.23 14.61
CA ASP C 486 -19.90 20.49 13.69
C ASP C 486 -19.57 19.22 12.92
N PRO C 487 -19.42 19.29 11.60
CA PRO C 487 -19.14 18.07 10.82
C PRO C 487 -17.94 17.28 11.28
N GLU C 488 -17.01 17.90 12.03
CA GLU C 488 -15.89 17.15 12.59
C GLU C 488 -16.37 16.08 13.54
N VAL C 489 -17.40 16.38 14.33
CA VAL C 489 -17.99 15.36 15.21
C VAL C 489 -18.52 14.20 14.39
N ARG C 490 -19.19 14.49 13.27
CA ARG C 490 -19.70 13.43 12.42
C ARG C 490 -18.58 12.61 11.81
N LYS C 491 -17.46 13.24 11.46
CA LYS C 491 -16.33 12.49 10.91
C LYS C 491 -15.72 11.56 11.95
N ILE C 492 -15.55 12.05 13.18
CA ILE C 492 -15.07 11.20 14.25
C ILE C 492 -16.00 10.02 14.47
N THR C 493 -17.30 10.31 14.53
CA THR C 493 -18.29 9.25 14.75
C THR C 493 -18.29 8.24 13.60
N ASP C 494 -18.07 8.70 12.37
CA ASP C 494 -18.06 7.79 11.24
C ASP C 494 -16.83 6.89 11.26
N HIS C 495 -15.67 7.45 11.61
CA HIS C 495 -14.48 6.60 11.77
C HIS C 495 -14.72 5.54 12.83
N LEU C 496 -15.23 5.95 13.99
CA LEU C 496 -15.50 5.00 15.06
C LEU C 496 -16.54 3.96 14.63
N ASP C 497 -17.52 4.37 13.83
CA ASP C 497 -18.58 3.44 13.42
C ASP C 497 -18.07 2.45 12.40
N ALA C 498 -17.18 2.87 11.50
CA ALA C 498 -16.56 1.92 10.59
C ALA C 498 -15.74 0.88 11.36
N VAL C 499 -14.93 1.35 12.31
CA VAL C 499 -14.17 0.42 13.14
C VAL C 499 -15.13 -0.52 13.88
N GLY C 500 -16.27 0.00 14.34
CA GLY C 500 -17.22 -0.82 15.05
C GLY C 500 -17.91 -1.86 14.17
N ASN C 501 -18.19 -1.49 12.93
CA ASN C 501 -18.74 -2.46 11.98
C ASN C 501 -17.75 -3.59 11.73
N THR C 502 -16.47 -3.24 11.53
CA THR C 502 -15.45 -4.27 11.38
C THR C 502 -15.38 -5.16 12.62
N THR C 503 -15.46 -4.55 13.81
CA THR C 503 -15.41 -5.33 15.04
C THR C 503 -16.63 -6.24 15.17
N ALA C 504 -17.79 -5.77 14.71
CA ALA C 504 -18.98 -6.62 14.75
C ALA C 504 -18.85 -7.81 13.82
N ALA C 505 -18.28 -7.60 12.64
CA ALA C 505 -18.00 -8.73 11.75
C ALA C 505 -17.05 -9.71 12.41
N ILE C 506 -15.99 -9.19 13.06
CA ILE C 506 -15.03 -10.06 13.74
C ILE C 506 -15.72 -10.85 14.84
N GLY C 507 -16.62 -10.21 15.58
CA GLY C 507 -17.33 -10.91 16.65
C GLY C 507 -18.23 -11.99 16.10
N LYS C 508 -18.92 -11.71 15.00
CA LYS C 508 -19.74 -12.73 14.36
C LYS C 508 -18.87 -13.93 13.93
N GLY C 509 -17.70 -13.66 13.39
CA GLY C 509 -16.80 -14.75 13.02
C GLY C 509 -16.38 -15.58 14.21
N PHE C 510 -15.97 -14.90 15.30
CA PHE C 510 -15.63 -15.60 16.53
C PHE C 510 -16.77 -16.49 16.98
N ALA C 511 -17.98 -15.93 17.02
CA ALA C 511 -19.14 -16.68 17.49
C ALA C 511 -19.39 -17.90 16.62
N ILE C 512 -19.33 -17.74 15.30
CA ILE C 512 -19.64 -18.87 14.42
C ILE C 512 -18.57 -19.95 14.54
N GLY C 513 -17.31 -19.57 14.69
CA GLY C 513 -16.27 -20.58 14.86
C GLY C 513 -16.44 -21.36 16.15
N SER C 514 -16.62 -20.64 17.27
CA SER C 514 -16.90 -21.32 18.53
C SER C 514 -18.12 -22.21 18.40
N ALA C 515 -19.14 -21.74 17.67
CA ALA C 515 -20.35 -22.53 17.50
C ALA C 515 -20.07 -23.82 16.74
N ILE C 516 -19.26 -23.76 15.69
CA ILE C 516 -18.95 -24.97 14.93
C ILE C 516 -18.19 -25.97 15.79
N PHE C 517 -17.16 -25.50 16.49
CA PHE C 517 -16.41 -26.40 17.35
C PHE C 517 -17.30 -27.03 18.43
N ALA C 518 -18.06 -26.19 19.14
CA ALA C 518 -18.96 -26.69 20.17
C ALA C 518 -20.05 -27.58 19.59
N ALA C 519 -20.44 -27.36 18.34
CA ALA C 519 -21.46 -28.19 17.72
C ALA C 519 -20.93 -29.57 17.40
N LEU C 520 -19.67 -29.67 16.99
CA LEU C 520 -19.05 -30.98 16.86
C LEU C 520 -18.96 -31.67 18.22
N SER C 521 -18.51 -30.94 19.23
CA SER C 521 -18.45 -31.52 20.57
C SER C 521 -19.83 -31.99 21.03
N LEU C 522 -20.88 -31.24 20.67
CA LEU C 522 -22.23 -31.60 21.06
C LEU C 522 -22.77 -32.76 20.24
N PHE C 523 -22.36 -32.89 18.99
CA PHE C 523 -22.64 -34.12 18.26
C PHE C 523 -22.07 -35.32 19.00
N ALA C 524 -20.84 -35.19 19.50
CA ALA C 524 -20.26 -36.24 20.32
C ALA C 524 -21.13 -36.51 21.55
N SER C 525 -21.45 -35.46 22.30
CA SER C 525 -22.26 -35.62 23.51
C SER C 525 -23.64 -36.21 23.21
N TYR C 526 -24.17 -35.95 22.01
CA TYR C 526 -25.48 -36.43 21.62
C TYR C 526 -25.44 -37.90 21.23
N MET C 527 -24.40 -38.32 20.52
CA MET C 527 -24.17 -39.74 20.32
C MET C 527 -23.97 -40.45 21.64
N PHE C 528 -23.41 -39.74 22.64
CA PHE C 528 -23.25 -40.33 23.97
C PHE C 528 -24.58 -40.47 24.67
N SER C 529 -25.41 -39.43 24.63
CA SER C 529 -26.66 -39.43 25.38
C SER C 529 -27.56 -40.59 24.96
N GLN C 530 -27.40 -41.08 23.73
CA GLN C 530 -28.20 -42.21 23.26
C GLN C 530 -27.88 -43.47 24.04
N ILE C 531 -26.76 -43.51 24.76
CA ILE C 531 -26.39 -44.70 25.51
C ILE C 531 -27.37 -44.91 26.64
N SER C 532 -27.88 -46.14 26.77
CA SER C 532 -28.79 -46.44 27.86
C SER C 532 -28.08 -47.26 28.93
N PRO C 533 -28.55 -47.21 30.18
CA PRO C 533 -27.91 -48.00 31.23
C PRO C 533 -27.95 -49.50 30.97
N SER C 534 -28.95 -49.98 30.23
CA SER C 534 -29.05 -51.41 29.95
C SER C 534 -27.82 -51.92 29.22
N ASP C 535 -27.44 -51.26 28.13
CA ASP C 535 -26.28 -51.67 27.35
C ASP C 535 -25.12 -50.69 27.53
N ILE C 536 -24.67 -50.52 28.76
CA ILE C 536 -23.60 -49.58 29.09
C ILE C 536 -22.27 -50.33 29.08
N GLY C 537 -22.01 -51.06 28.00
CA GLY C 537 -20.79 -51.83 27.88
C GLY C 537 -20.17 -51.74 26.51
N LYS C 538 -20.97 -51.30 25.53
CA LYS C 538 -20.47 -51.19 24.17
C LYS C 538 -19.27 -50.24 24.14
N PRO C 539 -18.29 -50.51 23.28
CA PRO C 539 -17.08 -49.68 23.27
C PRO C 539 -17.38 -48.28 22.79
N PRO C 540 -16.86 -47.26 23.48
CA PRO C 540 -17.08 -45.88 23.03
C PRO C 540 -16.68 -45.66 21.58
N SER C 541 -15.69 -46.39 21.08
CA SER C 541 -15.29 -46.25 19.68
C SER C 541 -16.45 -46.57 18.74
N LEU C 542 -17.37 -47.43 19.16
CA LEU C 542 -18.55 -47.76 18.36
C LEU C 542 -19.72 -46.80 18.61
N VAL C 543 -19.77 -46.15 19.78
CA VAL C 543 -20.86 -45.23 20.06
C VAL C 543 -20.79 -44.02 19.14
N LEU C 544 -19.65 -43.33 19.14
CA LEU C 544 -19.43 -42.17 18.28
C LEU C 544 -19.39 -42.64 16.82
N LEU C 545 -20.58 -42.83 16.25
CA LEU C 545 -20.71 -43.34 14.89
C LEU C 545 -22.03 -42.88 14.32
N LEU C 546 -22.00 -42.05 13.28
CA LEU C 546 -23.20 -41.56 12.60
C LEU C 546 -22.99 -41.81 11.10
N ASN C 547 -23.26 -43.03 10.67
CA ASN C 547 -23.05 -43.41 9.28
C ASN C 547 -23.86 -42.52 8.35
N MET C 548 -23.17 -41.89 7.39
CA MET C 548 -23.83 -41.02 6.44
C MET C 548 -24.52 -41.79 5.32
N LEU C 549 -24.17 -43.05 5.10
CA LEU C 549 -24.82 -43.83 4.06
C LEU C 549 -26.17 -44.38 4.51
N ASP C 550 -26.50 -44.25 5.79
CA ASP C 550 -27.86 -44.53 6.25
C ASP C 550 -28.79 -43.46 5.69
N ALA C 551 -29.78 -43.87 4.89
CA ALA C 551 -30.66 -42.91 4.24
C ALA C 551 -31.25 -41.92 5.24
N ARG C 552 -31.54 -42.39 6.46
CA ARG C 552 -32.15 -41.50 7.46
C ARG C 552 -31.23 -40.34 7.80
N VAL C 553 -29.93 -40.60 7.98
CA VAL C 553 -29.01 -39.54 8.39
C VAL C 553 -28.86 -38.50 7.29
N ILE C 554 -28.72 -38.94 6.04
CA ILE C 554 -28.54 -37.98 4.94
C ILE C 554 -29.83 -37.21 4.69
N ALA C 555 -30.98 -37.88 4.79
CA ALA C 555 -32.25 -37.18 4.68
C ALA C 555 -32.39 -36.12 5.78
N GLY C 556 -31.98 -36.46 7.01
CA GLY C 556 -32.03 -35.49 8.09
C GLY C 556 -31.09 -34.33 7.85
N ALA C 557 -29.92 -34.60 7.25
CA ALA C 557 -28.99 -33.52 6.93
C ALA C 557 -29.59 -32.57 5.91
N LEU C 558 -30.19 -33.13 4.85
CA LEU C 558 -30.89 -32.30 3.87
C LEU C 558 -31.97 -31.47 4.55
N LEU C 559 -32.76 -32.09 5.42
CA LEU C 559 -33.83 -31.37 6.08
C LEU C 559 -33.29 -30.26 6.97
N GLY C 560 -32.15 -30.51 7.63
CA GLY C 560 -31.57 -29.48 8.48
C GLY C 560 -31.05 -28.30 7.69
N ALA C 561 -30.38 -28.56 6.56
CA ALA C 561 -29.97 -27.48 5.69
C ALA C 561 -31.18 -26.66 5.22
N ALA C 562 -32.25 -27.36 4.80
CA ALA C 562 -33.45 -26.68 4.36
C ALA C 562 -34.05 -25.84 5.48
N ILE C 563 -34.04 -26.37 6.70
CA ILE C 563 -34.62 -25.64 7.82
C ILE C 563 -33.81 -24.40 8.13
N THR C 564 -32.48 -24.50 8.04
CA THR C 564 -31.65 -23.31 8.24
C THR C 564 -31.95 -22.25 7.20
N TYR C 565 -32.01 -22.64 5.93
CA TYR C 565 -32.30 -21.65 4.88
C TYR C 565 -33.68 -21.02 5.07
N TYR C 566 -34.67 -21.83 5.43
CA TYR C 566 -36.02 -21.27 5.61
C TYR C 566 -36.09 -20.37 6.84
N PHE C 567 -35.37 -20.73 7.90
CA PHE C 567 -35.27 -19.86 9.07
C PHE C 567 -34.71 -18.50 8.68
N SER C 568 -33.61 -18.49 7.92
CA SER C 568 -33.04 -17.23 7.46
C SER C 568 -34.05 -16.44 6.62
N GLY C 569 -34.74 -17.13 5.71
CA GLY C 569 -35.71 -16.44 4.88
C GLY C 569 -36.87 -15.86 5.67
N TYR C 570 -37.32 -16.59 6.70
CA TYR C 570 -38.40 -16.09 7.54
C TYR C 570 -37.97 -14.86 8.31
N LEU C 571 -36.74 -14.85 8.83
CA LEU C 571 -36.25 -13.63 9.48
C LEU C 571 -36.22 -12.46 8.48
N ILE C 572 -35.73 -12.71 7.27
CA ILE C 572 -35.70 -11.66 6.26
C ILE C 572 -37.10 -11.11 6.01
N SER C 573 -38.09 -12.00 5.92
CA SER C 573 -39.46 -11.56 5.66
C SER C 573 -40.03 -10.77 6.83
N ALA C 574 -39.79 -11.24 8.06
CA ALA C 574 -40.26 -10.50 9.23
C ALA C 574 -39.67 -9.10 9.26
N VAL C 575 -38.42 -8.95 8.81
CA VAL C 575 -37.83 -7.62 8.73
C VAL C 575 -38.50 -6.80 7.63
N THR C 576 -38.65 -7.38 6.45
CA THR C 576 -39.14 -6.62 5.30
C THR C 576 -40.58 -6.15 5.49
N LYS C 577 -41.39 -6.89 6.25
CA LYS C 577 -42.76 -6.45 6.50
C LYS C 577 -42.78 -5.07 7.15
N ALA C 578 -42.14 -4.96 8.32
CA ALA C 578 -42.07 -3.67 9.00
C ALA C 578 -41.30 -2.64 8.19
N ALA C 579 -40.30 -3.09 7.41
CA ALA C 579 -39.58 -2.15 6.55
C ALA C 579 -40.52 -1.47 5.57
N MET C 580 -41.37 -2.25 4.90
CA MET C 580 -42.33 -1.70 3.96
C MET C 580 -43.35 -0.81 4.66
N LYS C 581 -43.84 -1.26 5.82
CA LYS C 581 -44.79 -0.44 6.58
C LYS C 581 -44.19 0.92 6.89
N MET C 582 -42.95 0.94 7.38
CA MET C 582 -42.32 2.20 7.75
C MET C 582 -41.98 3.04 6.53
N VAL C 583 -41.62 2.42 5.41
CA VAL C 583 -41.39 3.18 4.18
C VAL C 583 -42.66 3.91 3.77
N ASP C 584 -43.79 3.21 3.78
CA ASP C 584 -45.06 3.84 3.41
C ASP C 584 -45.41 4.96 4.41
N GLU C 585 -45.19 4.71 5.70
CA GLU C 585 -45.50 5.73 6.70
C GLU C 585 -44.63 6.96 6.52
N ILE C 586 -43.35 6.77 6.19
CA ILE C 586 -42.45 7.91 5.99
C ILE C 586 -42.87 8.70 4.77
N ARG C 587 -43.21 8.02 3.68
CA ARG C 587 -43.73 8.73 2.52
C ARG C 587 -44.97 9.55 2.87
N ARG C 588 -45.90 8.93 3.59
CA ARG C 588 -47.12 9.63 3.98
C ARG C 588 -46.80 10.87 4.81
N GLN C 589 -45.94 10.73 5.82
CA GLN C 589 -45.58 11.88 6.65
C GLN C 589 -44.91 12.96 5.82
N ALA C 590 -43.98 12.59 4.95
CA ALA C 590 -43.27 13.57 4.15
C ALA C 590 -44.23 14.35 3.25
N ARG C 591 -45.28 13.69 2.74
CA ARG C 591 -46.16 14.36 1.79
C ARG C 591 -47.41 14.96 2.42
N GLU C 592 -47.73 14.62 3.66
CA GLU C 592 -48.96 15.08 4.30
C GLU C 592 -48.71 15.95 5.52
N ILE C 593 -47.46 16.15 5.92
CA ILE C 593 -47.12 17.04 7.04
C ILE C 593 -46.48 18.28 6.45
N PRO C 594 -47.10 19.45 6.58
CA PRO C 594 -46.55 20.65 5.95
C PRO C 594 -45.26 21.09 6.63
N GLY C 595 -44.26 21.41 5.81
CA GLY C 595 -43.00 21.93 6.30
C GLY C 595 -42.11 20.93 6.99
N LEU C 596 -42.45 19.63 6.96
CA LEU C 596 -41.58 18.63 7.58
C LEU C 596 -40.25 18.55 6.85
N LEU C 597 -40.30 18.45 5.51
CA LEU C 597 -39.07 18.40 4.73
C LEU C 597 -38.34 19.73 4.78
N GLU C 598 -39.07 20.84 4.75
CA GLU C 598 -38.44 22.15 4.89
C GLU C 598 -37.72 22.29 6.22
N GLY C 599 -38.13 21.52 7.23
CA GLY C 599 -37.51 21.57 8.54
C GLY C 599 -38.22 22.42 9.56
N LYS C 600 -39.40 22.94 9.24
CA LYS C 600 -40.16 23.79 10.15
C LYS C 600 -41.25 23.02 10.89
N ALA C 601 -41.24 21.70 10.84
CA ALA C 601 -42.24 20.88 11.52
C ALA C 601 -41.56 19.69 12.16
N LYS C 602 -42.23 19.13 13.19
CA LYS C 602 -41.67 17.99 13.90
C LYS C 602 -42.37 16.71 13.47
N PRO C 603 -41.63 15.68 13.08
CA PRO C 603 -42.27 14.42 12.66
C PRO C 603 -42.82 13.65 13.85
N ASP C 604 -43.38 12.48 13.60
CA ASP C 604 -43.97 11.63 14.64
C ASP C 604 -43.12 10.36 14.71
N TYR C 605 -42.07 10.41 15.55
CA TYR C 605 -41.19 9.26 15.70
C TYR C 605 -41.90 8.09 16.38
N ASN C 606 -42.88 8.38 17.24
CA ASN C 606 -43.59 7.31 17.93
C ASN C 606 -44.24 6.36 16.94
N ARG C 607 -44.67 6.84 15.78
CA ARG C 607 -45.30 5.95 14.80
C ARG C 607 -44.36 4.84 14.39
N CYS C 608 -43.16 5.19 13.92
CA CYS C 608 -42.19 4.17 13.52
C CYS C 608 -41.75 3.33 14.70
N ILE C 609 -41.53 3.97 15.86
CA ILE C 609 -41.15 3.20 17.05
C ILE C 609 -42.16 2.11 17.33
N GLU C 610 -43.45 2.48 17.34
CA GLU C 610 -44.51 1.53 17.66
C GLU C 610 -44.66 0.47 16.57
N ILE C 611 -44.53 0.86 15.31
CA ILE C 611 -44.63 -0.12 14.23
C ILE C 611 -43.56 -1.19 14.40
N THR C 612 -42.30 -0.77 14.53
CA THR C 612 -41.21 -1.75 14.69
C THR C 612 -41.38 -2.57 15.96
N SER C 613 -41.78 -1.92 17.05
CA SER C 613 -41.95 -2.64 18.32
C SER C 613 -43.02 -3.71 18.20
N ASP C 614 -44.17 -3.36 17.60
CA ASP C 614 -45.25 -4.33 17.44
C ASP C 614 -44.82 -5.48 16.55
N ASN C 615 -44.17 -5.17 15.42
CA ASN C 615 -43.73 -6.24 14.53
C ASN C 615 -42.75 -7.17 15.25
N ALA C 616 -41.78 -6.61 15.97
CA ALA C 616 -40.81 -7.43 16.68
C ALA C 616 -41.47 -8.29 17.74
N LEU C 617 -42.37 -7.71 18.52
CA LEU C 617 -43.06 -8.47 19.57
C LEU C 617 -43.91 -9.58 18.98
N LYS C 618 -44.51 -9.34 17.82
CA LYS C 618 -45.34 -10.37 17.20
C LYS C 618 -44.49 -11.49 16.61
N GLN C 619 -43.37 -11.14 15.98
CA GLN C 619 -42.54 -12.11 15.28
C GLN C 619 -41.51 -12.79 16.18
N MET C 620 -41.34 -12.32 17.42
CA MET C 620 -40.27 -12.82 18.27
C MET C 620 -40.47 -14.26 18.71
N GLY C 621 -41.69 -14.79 18.66
CA GLY C 621 -41.95 -16.09 19.23
C GLY C 621 -41.61 -17.27 18.35
N TYR C 622 -41.96 -17.17 17.07
CA TYR C 622 -41.87 -18.34 16.19
C TYR C 622 -40.45 -18.88 16.03
N PRO C 623 -39.41 -18.06 15.84
CA PRO C 623 -38.07 -18.64 15.60
C PRO C 623 -37.54 -19.46 16.77
N ALA C 624 -37.65 -18.94 17.99
CA ALA C 624 -37.19 -19.70 19.15
C ALA C 624 -37.94 -21.01 19.29
N PHE C 625 -39.26 -20.97 19.10
CA PHE C 625 -40.07 -22.18 19.24
C PHE C 625 -39.72 -23.21 18.17
N ILE C 626 -39.45 -22.75 16.94
CA ILE C 626 -38.96 -23.66 15.91
C ILE C 626 -37.66 -24.30 16.34
N ALA C 627 -36.69 -23.47 16.76
CA ALA C 627 -35.40 -24.01 17.14
C ALA C 627 -35.51 -25.01 18.29
N ILE C 628 -36.50 -24.83 19.17
CA ILE C 628 -36.64 -25.73 20.31
C ILE C 628 -37.38 -27.01 19.91
N LEU C 629 -38.35 -26.91 18.99
CA LEU C 629 -39.21 -28.04 18.71
C LEU C 629 -38.67 -28.93 17.59
N THR C 630 -38.12 -28.35 16.53
CA THR C 630 -37.59 -29.13 15.40
C THR C 630 -36.88 -30.41 15.82
N PRO C 631 -35.93 -30.39 16.75
CA PRO C 631 -35.33 -31.66 17.18
C PRO C 631 -36.37 -32.63 17.71
N LEU C 632 -37.28 -32.16 18.57
CA LEU C 632 -38.27 -33.04 19.17
C LEU C 632 -39.16 -33.69 18.11
N VAL C 633 -39.71 -32.87 17.19
CA VAL C 633 -40.62 -33.40 16.18
C VAL C 633 -39.87 -34.34 15.24
N THR C 634 -38.73 -33.90 14.72
CA THR C 634 -37.97 -34.74 13.79
C THR C 634 -37.57 -36.05 14.46
N GLY C 635 -37.22 -36.03 15.74
CA GLY C 635 -36.87 -37.23 16.45
C GLY C 635 -38.05 -38.16 16.59
N PHE C 636 -39.14 -37.68 17.21
CA PHE C 636 -40.32 -38.50 17.37
C PHE C 636 -40.87 -38.98 16.03
N LEU C 637 -40.45 -38.37 14.92
CA LEU C 637 -40.89 -38.85 13.61
C LEU C 637 -39.96 -39.93 13.03
N LEU C 638 -38.64 -39.72 13.09
CA LEU C 638 -37.73 -40.59 12.35
C LEU C 638 -36.50 -40.93 13.18
N GLY C 639 -36.69 -41.26 14.46
CA GLY C 639 -35.58 -41.80 15.22
C GLY C 639 -34.52 -40.77 15.58
N ALA C 640 -33.36 -41.28 15.99
CA ALA C 640 -32.25 -40.44 16.42
C ALA C 640 -31.21 -40.22 15.33
N GLU C 641 -31.05 -41.17 14.40
CA GLU C 641 -30.13 -40.96 13.29
C GLU C 641 -30.58 -39.80 12.43
N PHE C 642 -31.90 -39.67 12.23
CA PHE C 642 -32.45 -38.54 11.49
C PHE C 642 -32.15 -37.22 12.20
N VAL C 643 -32.27 -37.21 13.53
CA VAL C 643 -31.97 -36.00 14.28
C VAL C 643 -30.49 -35.65 14.17
N GLY C 644 -29.62 -36.67 14.18
CA GLY C 644 -28.21 -36.41 13.98
C GLY C 644 -27.93 -35.79 12.63
N GLY C 645 -28.54 -36.34 11.58
CA GLY C 645 -28.41 -35.74 10.26
C GLY C 645 -28.92 -34.31 10.24
N VAL C 646 -30.04 -34.06 10.91
CA VAL C 646 -30.59 -32.71 10.97
C VAL C 646 -29.59 -31.75 11.62
N LEU C 647 -28.97 -32.19 12.73
CA LEU C 647 -27.97 -31.36 13.38
C LEU C 647 -26.80 -31.09 12.46
N ILE C 648 -26.35 -32.10 11.72
CA ILE C 648 -25.21 -31.92 10.81
C ILE C 648 -25.54 -30.89 9.74
N GLY C 649 -26.69 -31.08 9.06
CA GLY C 649 -27.09 -30.14 8.04
C GLY C 649 -27.28 -28.74 8.58
N THR C 650 -27.86 -28.62 9.77
CA THR C 650 -28.03 -27.32 10.40
C THR C 650 -26.67 -26.65 10.62
N VAL C 651 -25.72 -27.40 11.18
CA VAL C 651 -24.39 -26.85 11.41
C VAL C 651 -23.79 -26.34 10.11
N LEU C 652 -23.79 -27.17 9.07
CA LEU C 652 -23.16 -26.77 7.81
C LEU C 652 -23.82 -25.52 7.23
N SER C 653 -25.13 -25.59 7.00
CA SER C 653 -25.82 -24.48 6.37
C SER C 653 -25.72 -23.21 7.21
N GLY C 654 -25.81 -23.34 8.54
CA GLY C 654 -25.74 -22.18 9.40
C GLY C 654 -24.36 -21.53 9.38
N ALA C 655 -23.31 -22.34 9.49
CA ALA C 655 -21.97 -21.79 9.39
C ALA C 655 -21.79 -21.02 8.09
N MET C 656 -22.13 -21.66 6.96
CA MET C 656 -21.94 -21.01 5.67
C MET C 656 -22.72 -19.70 5.60
N LEU C 657 -24.03 -19.76 5.90
CA LEU C 657 -24.88 -18.58 5.77
C LEU C 657 -24.45 -17.48 6.73
N ALA C 658 -24.06 -17.85 7.96
CA ALA C 658 -23.67 -16.85 8.93
C ALA C 658 -22.41 -16.10 8.49
N ILE C 659 -21.36 -16.84 8.14
CA ILE C 659 -20.15 -16.19 7.67
C ILE C 659 -20.45 -15.32 6.45
N LEU C 660 -21.18 -15.88 5.48
CA LEU C 660 -21.46 -15.15 4.25
C LEU C 660 -22.20 -13.84 4.54
N THR C 661 -23.32 -13.92 5.26
CA THR C 661 -24.12 -12.74 5.51
C THR C 661 -23.38 -11.72 6.35
N ALA C 662 -22.68 -12.15 7.40
CA ALA C 662 -21.92 -11.22 8.21
C ALA C 662 -20.90 -10.47 7.37
N ASN C 663 -20.06 -11.21 6.63
CA ASN C 663 -19.05 -10.55 5.82
C ASN C 663 -19.68 -9.61 4.80
N SER C 664 -20.77 -10.05 4.15
CA SER C 664 -21.37 -9.24 3.10
C SER C 664 -21.98 -7.95 3.65
N GLY C 665 -22.70 -8.05 4.78
CA GLY C 665 -23.25 -6.86 5.39
C GLY C 665 -22.17 -5.89 5.85
N GLY C 666 -21.12 -6.42 6.48
CA GLY C 666 -20.01 -5.57 6.86
C GLY C 666 -19.40 -4.86 5.67
N ALA C 667 -19.15 -5.61 4.59
CA ALA C 667 -18.58 -5.03 3.38
C ALA C 667 -19.47 -3.93 2.82
N TRP C 668 -20.78 -4.19 2.74
CA TRP C 668 -21.69 -3.20 2.20
C TRP C 668 -21.69 -1.92 3.04
N ASP C 669 -21.81 -2.07 4.36
CA ASP C 669 -21.85 -0.88 5.22
C ASP C 669 -20.55 -0.10 5.17
N ASN C 670 -19.41 -0.81 5.19
CA ASN C 670 -18.14 -0.11 5.18
C ASN C 670 -17.84 0.51 3.82
N ALA C 671 -18.36 -0.07 2.73
CA ALA C 671 -18.23 0.56 1.42
C ALA C 671 -19.09 1.83 1.35
N LYS C 672 -20.30 1.78 1.92
CA LYS C 672 -21.10 2.99 2.02
C LYS C 672 -20.35 4.07 2.78
N LYS C 673 -19.74 3.70 3.92
CA LYS C 673 -18.99 4.67 4.70
C LYS C 673 -17.77 5.18 3.94
N TYR C 674 -17.12 4.31 3.17
CA TYR C 674 -15.95 4.69 2.39
C TYR C 674 -16.32 5.69 1.31
N LEU C 675 -17.47 5.49 0.65
CA LEU C 675 -17.92 6.48 -0.32
C LEU C 675 -18.36 7.78 0.37
N GLU C 676 -18.92 7.67 1.58
CA GLU C 676 -19.34 8.87 2.30
C GLU C 676 -18.15 9.72 2.71
N ALA C 677 -16.99 9.12 2.94
CA ALA C 677 -15.78 9.86 3.28
C ALA C 677 -15.17 10.56 2.08
N GLY C 678 -15.84 10.54 0.94
CA GLY C 678 -15.33 11.17 -0.26
C GLY C 678 -14.21 10.43 -0.96
N ASN C 679 -13.78 9.28 -0.42
CA ASN C 679 -12.68 8.55 -1.02
C ASN C 679 -12.99 8.08 -2.44
N LEU C 680 -14.26 8.06 -2.82
CA LEU C 680 -14.65 7.72 -4.19
C LEU C 680 -14.50 8.96 -5.05
N GLU C 681 -13.58 8.90 -6.00
CA GLU C 681 -13.25 10.09 -6.79
C GLU C 681 -14.46 10.58 -7.58
N GLY C 682 -14.77 11.87 -7.41
CA GLY C 682 -15.81 12.54 -8.18
C GLY C 682 -17.22 12.51 -7.63
N TYR C 683 -17.63 11.38 -7.05
CA TYR C 683 -19.00 11.19 -6.60
C TYR C 683 -19.11 11.50 -5.11
N GLY C 684 -20.12 12.28 -4.75
CA GLY C 684 -20.37 12.67 -3.39
C GLY C 684 -21.50 11.89 -2.75
N LYS C 685 -22.07 12.46 -1.68
CA LYS C 685 -23.13 11.81 -0.92
C LYS C 685 -24.48 11.84 -1.62
N GLY C 686 -24.65 12.65 -2.65
CA GLY C 686 -25.94 12.76 -3.32
C GLY C 686 -25.99 12.12 -4.69
N SER C 687 -24.87 11.58 -5.14
CA SER C 687 -24.77 11.02 -6.48
C SER C 687 -25.49 9.67 -6.56
N GLU C 688 -25.74 9.24 -7.79
CA GLU C 688 -26.36 7.94 -8.01
C GLU C 688 -25.54 6.79 -7.41
N PRO C 689 -24.21 6.80 -7.48
CA PRO C 689 -23.46 5.74 -6.78
C PRO C 689 -23.76 5.68 -5.30
N HIS C 690 -23.99 6.83 -4.65
CA HIS C 690 -24.34 6.81 -3.24
C HIS C 690 -25.70 6.15 -3.02
N LYS C 691 -26.65 6.40 -3.92
CA LYS C 691 -27.96 5.75 -3.80
C LYS C 691 -27.83 4.24 -4.01
N ALA C 692 -27.00 3.82 -4.97
CA ALA C 692 -26.78 2.39 -5.17
C ALA C 692 -26.16 1.74 -3.94
N LEU C 693 -25.15 2.40 -3.36
CA LEU C 693 -24.54 1.87 -2.14
C LEU C 693 -25.52 1.86 -0.99
N VAL C 694 -26.44 2.82 -0.94
CA VAL C 694 -27.46 2.83 0.12
C VAL C 694 -28.42 1.66 -0.07
N ILE C 695 -28.80 1.37 -1.32
CA ILE C 695 -29.64 0.21 -1.57
C ILE C 695 -28.92 -1.06 -1.16
N GLY C 696 -27.62 -1.15 -1.47
CA GLY C 696 -26.84 -2.31 -1.04
C GLY C 696 -26.79 -2.43 0.47
N ASP C 697 -26.60 -1.31 1.17
CA ASP C 697 -26.53 -1.35 2.63
C ASP C 697 -27.87 -1.77 3.23
N THR C 698 -28.98 -1.28 2.68
CA THR C 698 -30.29 -1.71 3.17
C THR C 698 -30.53 -3.18 2.88
N VAL C 699 -30.02 -3.68 1.74
CA VAL C 699 -30.15 -5.10 1.45
C VAL C 699 -29.28 -5.93 2.37
N GLY C 700 -28.19 -5.36 2.87
CA GLY C 700 -27.31 -6.07 3.77
C GLY C 700 -27.71 -6.05 5.23
N ASP C 701 -28.44 -5.01 5.64
CA ASP C 701 -28.83 -4.83 7.04
C ASP C 701 -29.46 -6.09 7.62
N PRO C 702 -30.55 -6.60 7.05
CA PRO C 702 -31.20 -7.79 7.65
C PRO C 702 -30.36 -9.05 7.59
N LEU C 703 -29.54 -9.23 6.55
CA LEU C 703 -28.71 -10.43 6.48
C LEU C 703 -27.54 -10.40 7.45
N LYS C 704 -27.08 -9.22 7.87
CA LYS C 704 -25.94 -9.14 8.77
C LYS C 704 -26.35 -8.99 10.24
N ASP C 705 -27.46 -8.31 10.52
CA ASP C 705 -27.87 -8.04 11.89
C ASP C 705 -29.05 -8.91 12.33
N THR C 706 -29.43 -9.90 11.54
CA THR C 706 -30.55 -10.77 11.90
C THR C 706 -30.25 -12.23 11.63
N VAL C 707 -29.91 -12.56 10.38
CA VAL C 707 -29.73 -13.96 9.99
C VAL C 707 -28.50 -14.56 10.66
N GLY C 708 -27.34 -13.92 10.50
CA GLY C 708 -26.09 -14.45 10.98
C GLY C 708 -26.09 -14.92 12.42
N PRO C 709 -26.36 -14.00 13.36
CA PRO C 709 -26.34 -14.41 14.78
C PRO C 709 -27.35 -15.49 15.10
N SER C 710 -28.57 -15.35 14.60
CA SER C 710 -29.59 -16.34 14.90
C SER C 710 -29.21 -17.71 14.35
N LEU C 711 -28.37 -17.77 13.32
CA LEU C 711 -27.99 -19.08 12.79
C LEU C 711 -27.18 -19.88 13.81
N ASP C 712 -26.17 -19.26 14.42
CA ASP C 712 -25.38 -19.99 15.40
C ASP C 712 -26.19 -20.22 16.67
N ILE C 713 -27.04 -19.26 17.04
CA ILE C 713 -27.92 -19.48 18.19
C ILE C 713 -28.78 -20.71 17.96
N LEU C 714 -29.35 -20.82 16.75
CA LEU C 714 -30.17 -21.98 16.39
C LEU C 714 -29.35 -23.26 16.45
N ILE C 715 -28.14 -23.24 15.88
CA ILE C 715 -27.29 -24.42 15.92
C ILE C 715 -27.14 -24.92 17.36
N LYS C 716 -26.73 -24.03 18.26
CA LYS C 716 -26.45 -24.46 19.62
C LYS C 716 -27.72 -24.88 20.35
N ILE C 717 -28.80 -24.10 20.22
CA ILE C 717 -30.05 -24.42 20.91
C ILE C 717 -30.58 -25.78 20.44
N MET C 718 -30.58 -26.01 19.12
CA MET C 718 -31.08 -27.26 18.58
C MET C 718 -30.23 -28.44 19.01
N SER C 719 -28.89 -28.28 18.98
CA SER C 719 -28.03 -29.38 19.37
C SER C 719 -28.19 -29.69 20.85
N VAL C 720 -28.37 -28.67 21.69
CA VAL C 720 -28.56 -28.93 23.11
C VAL C 720 -29.90 -29.62 23.37
N VAL C 721 -30.97 -29.14 22.72
CA VAL C 721 -32.27 -29.78 22.90
C VAL C 721 -32.20 -31.25 22.47
N SER C 722 -31.55 -31.52 21.33
CA SER C 722 -31.43 -32.90 20.88
C SER C 722 -30.61 -33.74 21.86
N VAL C 723 -29.49 -33.21 22.34
CA VAL C 723 -28.69 -33.96 23.30
C VAL C 723 -29.49 -34.25 24.56
N ILE C 724 -30.42 -33.36 24.91
CA ILE C 724 -31.20 -33.56 26.12
C ILE C 724 -32.31 -34.59 25.90
N ALA C 725 -32.93 -34.58 24.72
CA ALA C 725 -34.15 -35.35 24.50
C ALA C 725 -33.94 -36.62 23.68
N VAL C 726 -32.70 -36.91 23.24
CA VAL C 726 -32.49 -38.09 22.41
C VAL C 726 -32.80 -39.37 23.17
N SER C 727 -32.66 -39.35 24.50
CA SER C 727 -32.87 -40.56 25.27
C SER C 727 -34.26 -41.15 25.05
N ILE C 728 -35.23 -40.31 24.69
CA ILE C 728 -36.61 -40.75 24.51
C ILE C 728 -36.85 -41.23 23.08
N PHE C 729 -36.87 -40.29 22.13
CA PHE C 729 -37.21 -40.60 20.75
C PHE C 729 -36.17 -41.44 20.03
N LYS C 730 -35.06 -41.79 20.68
CA LYS C 730 -34.07 -42.65 20.03
C LYS C 730 -34.71 -43.96 19.57
N HIS C 731 -35.67 -44.47 20.33
CA HIS C 731 -36.43 -45.64 19.93
C HIS C 731 -37.94 -45.41 19.98
N VAL C 732 -38.40 -44.26 20.44
CA VAL C 732 -39.82 -43.94 20.50
C VAL C 732 -40.20 -43.06 19.31
N HIS C 733 -39.66 -43.39 18.14
CA HIS C 733 -39.97 -42.68 16.91
C HIS C 733 -41.21 -43.26 16.25
N LEU C 734 -41.76 -42.49 15.31
CA LEU C 734 -42.97 -42.93 14.60
C LEU C 734 -42.66 -43.88 13.46
N PHE C 735 -41.47 -43.79 12.88
CA PHE C 735 -41.09 -44.70 11.80
C PHE C 735 -39.71 -45.28 12.03
N TYR D 11 -33.55 -60.29 -30.37
CA TYR D 11 -34.87 -60.34 -29.77
C TYR D 11 -35.47 -58.93 -29.68
N VAL D 12 -35.99 -58.60 -28.51
CA VAL D 12 -36.52 -57.26 -28.26
C VAL D 12 -35.41 -56.30 -27.84
N ALA D 13 -34.26 -56.82 -27.41
CA ALA D 13 -33.16 -55.95 -27.01
C ALA D 13 -32.70 -55.08 -28.16
N ALA D 14 -32.66 -55.63 -29.38
CA ALA D 14 -32.31 -54.83 -30.54
C ALA D 14 -33.35 -53.76 -30.80
N LEU D 15 -34.64 -54.11 -30.67
CA LEU D 15 -35.70 -53.12 -30.83
C LEU D 15 -35.53 -51.97 -29.84
N PHE D 16 -35.14 -52.29 -28.60
CA PHE D 16 -34.92 -51.25 -27.60
C PHE D 16 -33.71 -50.40 -27.95
N PHE D 17 -32.59 -51.05 -28.32
CA PHE D 17 -31.36 -50.35 -28.61
C PHE D 17 -31.46 -49.42 -29.82
N LEU D 18 -32.50 -49.57 -30.63
CA LEU D 18 -32.71 -48.71 -31.80
C LEU D 18 -33.57 -47.49 -31.49
N ILE D 19 -33.99 -47.32 -30.24
CA ILE D 19 -34.87 -46.23 -29.85
C ILE D 19 -34.18 -44.88 -29.94
N PRO D 20 -32.95 -44.74 -29.45
CA PRO D 20 -32.28 -43.42 -29.56
C PRO D 20 -32.17 -42.92 -30.98
N LEU D 21 -31.94 -43.82 -31.95
CA LEU D 21 -31.94 -43.40 -33.34
C LEU D 21 -33.31 -42.90 -33.77
N VAL D 22 -34.37 -43.55 -33.29
CA VAL D 22 -35.72 -43.08 -33.59
C VAL D 22 -35.95 -41.70 -33.00
N ALA D 23 -35.41 -41.45 -31.80
CA ALA D 23 -35.55 -40.13 -31.20
C ALA D 23 -34.80 -39.08 -32.00
N LEU D 24 -33.59 -39.41 -32.46
CA LEU D 24 -32.84 -38.48 -33.29
C LEU D 24 -33.57 -38.20 -34.59
N GLY D 25 -34.18 -39.23 -35.18
CA GLY D 25 -34.96 -39.02 -36.40
C GLY D 25 -36.19 -38.15 -36.16
N PHE D 26 -36.87 -38.35 -35.03
CA PHE D 26 -37.99 -37.49 -34.67
C PHE D 26 -37.52 -36.05 -34.51
N ALA D 27 -36.34 -35.86 -33.90
CA ALA D 27 -35.79 -34.51 -33.76
C ALA D 27 -35.51 -33.89 -35.12
N ALA D 28 -34.93 -34.67 -36.04
CA ALA D 28 -34.66 -34.16 -37.38
C ALA D 28 -35.96 -33.80 -38.10
N ALA D 29 -36.99 -34.61 -37.92
CA ALA D 29 -38.28 -34.31 -38.56
C ALA D 29 -38.90 -33.05 -37.97
N ASN D 30 -38.82 -32.87 -36.65
CA ASN D 30 -39.31 -31.65 -36.03
C ASN D 30 -38.55 -30.43 -36.53
N PHE D 31 -37.23 -30.56 -36.70
CA PHE D 31 -36.44 -29.46 -37.24
C PHE D 31 -36.87 -29.12 -38.65
N ALA D 32 -37.05 -30.15 -39.50
CA ALA D 32 -37.47 -29.91 -40.87
C ALA D 32 -38.86 -29.27 -40.92
N ALA D 33 -39.74 -29.63 -39.99
CA ALA D 33 -41.07 -29.04 -39.97
C ALA D 33 -41.03 -27.59 -39.51
N VAL D 34 -40.24 -27.29 -38.48
CA VAL D 34 -40.15 -25.94 -37.98
C VAL D 34 -39.50 -25.02 -39.00
N VAL D 35 -38.46 -25.51 -39.69
CA VAL D 35 -37.79 -24.68 -40.68
C VAL D 35 -38.72 -24.35 -41.85
N ARG D 36 -39.69 -25.23 -42.13
CA ARG D 36 -40.66 -24.98 -43.20
C ARG D 36 -41.65 -23.88 -42.87
N LYS D 37 -41.66 -23.37 -41.62
CA LYS D 37 -42.56 -22.31 -41.26
C LYS D 37 -42.11 -20.97 -41.86
N PRO D 38 -43.02 -20.01 -41.97
CA PRO D 38 -42.67 -18.71 -42.57
C PRO D 38 -42.06 -17.77 -41.53
N GLU D 39 -40.98 -17.10 -41.90
CA GLU D 39 -40.37 -16.10 -41.03
C GLU D 39 -41.05 -14.75 -41.25
N GLY D 40 -40.51 -13.70 -40.62
CA GLY D 40 -41.10 -12.38 -40.65
C GLY D 40 -40.68 -11.53 -41.83
N THR D 41 -40.55 -10.22 -41.59
CA THR D 41 -40.21 -9.27 -42.64
C THR D 41 -38.70 -9.32 -42.90
N GLU D 42 -38.20 -8.33 -43.66
CA GLU D 42 -36.77 -8.29 -43.96
C GLU D 42 -35.95 -7.93 -42.73
N ARG D 43 -36.43 -6.97 -41.93
CA ARG D 43 -35.72 -6.63 -40.70
C ARG D 43 -35.67 -7.80 -39.74
N MET D 44 -36.77 -8.56 -39.68
CA MET D 44 -36.80 -9.76 -38.82
C MET D 44 -35.74 -10.76 -39.28
N LYS D 45 -35.63 -10.98 -40.58
CA LYS D 45 -34.62 -11.90 -41.10
C LYS D 45 -33.22 -11.39 -40.79
N GLU D 46 -32.98 -10.08 -40.93
CA GLU D 46 -31.67 -9.53 -40.64
C GLU D 46 -31.31 -9.72 -39.17
N ILE D 47 -32.26 -9.48 -38.27
CA ILE D 47 -31.99 -9.65 -36.84
C ILE D 47 -31.71 -11.11 -36.52
N SER D 48 -32.51 -12.03 -37.09
CA SER D 48 -32.26 -13.44 -36.87
C SER D 48 -30.89 -13.85 -37.38
N SER D 49 -30.48 -13.32 -38.53
CA SER D 49 -29.17 -13.65 -39.07
C SER D 49 -28.06 -13.13 -38.16
N TYR D 50 -28.19 -11.91 -37.66
CA TYR D 50 -27.20 -11.37 -36.75
C TYR D 50 -27.05 -12.24 -35.51
N ILE D 51 -28.18 -12.57 -34.87
CA ILE D 51 -28.12 -13.37 -33.65
C ILE D 51 -27.55 -14.75 -33.95
N ARG D 52 -27.94 -15.35 -35.08
CA ARG D 52 -27.42 -16.67 -35.44
C ARG D 52 -25.92 -16.62 -35.64
N SER D 53 -25.42 -15.58 -36.31
CA SER D 53 -23.99 -15.46 -36.52
C SER D 53 -23.25 -15.35 -35.21
N GLY D 54 -23.73 -14.48 -34.31
CA GLY D 54 -23.07 -14.35 -33.01
C GLY D 54 -23.05 -15.66 -32.24
N ALA D 55 -24.21 -16.33 -32.16
CA ALA D 55 -24.30 -17.58 -31.43
C ALA D 55 -23.37 -18.64 -32.04
N ASP D 56 -23.38 -18.76 -33.37
CA ASP D 56 -22.54 -19.75 -34.02
C ASP D 56 -21.07 -19.50 -33.74
N SER D 57 -20.63 -18.24 -33.87
CA SER D 57 -19.23 -17.92 -33.64
C SER D 57 -18.81 -18.25 -32.22
N PHE D 58 -19.60 -17.78 -31.23
CA PHE D 58 -19.22 -18.03 -29.84
C PHE D 58 -19.23 -19.52 -29.53
N LEU D 59 -20.24 -20.24 -30.02
CA LEU D 59 -20.30 -21.68 -29.76
C LEU D 59 -19.13 -22.41 -30.41
N ALA D 60 -18.69 -21.94 -31.59
CA ALA D 60 -17.55 -22.55 -32.24
C ALA D 60 -16.29 -22.38 -31.42
N HIS D 61 -16.04 -21.15 -30.95
CA HIS D 61 -14.85 -20.92 -30.12
C HIS D 61 -14.90 -21.77 -28.85
N GLU D 62 -16.03 -21.71 -28.14
CA GLU D 62 -16.18 -22.48 -26.91
C GLU D 62 -15.97 -23.97 -27.15
N THR D 63 -16.53 -24.49 -28.24
CA THR D 63 -16.42 -25.92 -28.52
C THR D 63 -14.99 -26.31 -28.86
N LYS D 64 -14.30 -25.49 -29.65
CA LYS D 64 -12.90 -25.79 -29.95
C LYS D 64 -12.08 -25.88 -28.66
N ALA D 65 -12.20 -24.87 -27.80
CA ALA D 65 -11.42 -24.88 -26.57
C ALA D 65 -11.76 -26.09 -25.69
N ILE D 66 -13.06 -26.30 -25.46
CA ILE D 66 -13.48 -27.37 -24.56
C ILE D 66 -13.06 -28.73 -25.10
N PHE D 67 -13.07 -28.90 -26.43
CA PHE D 67 -12.71 -30.21 -26.98
C PHE D 67 -11.21 -30.44 -27.02
N LYS D 68 -10.41 -29.38 -27.18
CA LYS D 68 -8.97 -29.55 -26.95
C LYS D 68 -8.72 -30.03 -25.53
N VAL D 69 -9.34 -29.36 -24.55
CA VAL D 69 -9.18 -29.79 -23.16
C VAL D 69 -9.68 -31.22 -22.99
N ALA D 70 -10.75 -31.59 -23.69
CA ALA D 70 -11.32 -32.92 -23.56
C ALA D 70 -10.39 -33.99 -24.11
N ILE D 71 -9.73 -33.72 -25.24
CA ILE D 71 -8.75 -34.66 -25.76
C ILE D 71 -7.61 -34.83 -24.76
N VAL D 72 -7.16 -33.72 -24.17
CA VAL D 72 -6.10 -33.83 -23.16
C VAL D 72 -6.55 -34.71 -22.00
N ILE D 73 -7.76 -34.50 -21.51
CA ILE D 73 -8.26 -35.26 -20.37
C ILE D 73 -8.42 -36.73 -20.75
N ALA D 74 -8.82 -37.01 -21.99
CA ALA D 74 -8.97 -38.39 -22.43
C ALA D 74 -7.63 -39.09 -22.50
N ILE D 75 -6.59 -38.40 -22.99
CA ILE D 75 -5.25 -38.98 -23.00
C ILE D 75 -4.80 -39.27 -21.58
N LEU D 76 -5.08 -38.34 -20.65
CA LEU D 76 -4.71 -38.56 -19.25
C LEU D 76 -5.38 -39.80 -18.69
N LEU D 77 -6.69 -39.94 -18.95
CA LEU D 77 -7.42 -41.11 -18.46
C LEU D 77 -6.87 -42.39 -19.08
N MET D 78 -6.52 -42.35 -20.37
CA MET D 78 -5.96 -43.53 -21.01
C MET D 78 -4.62 -43.92 -20.38
N ILE D 79 -3.79 -42.93 -20.06
CA ILE D 79 -2.49 -43.22 -19.46
C ILE D 79 -2.67 -43.81 -18.06
N PHE D 80 -3.42 -43.12 -17.21
CA PHE D 80 -3.50 -43.48 -15.80
C PHE D 80 -4.57 -44.53 -15.50
N THR D 81 -5.49 -44.77 -16.42
CA THR D 81 -6.50 -45.82 -16.24
C THR D 81 -6.60 -46.60 -17.55
N THR D 82 -7.73 -47.28 -17.76
CA THR D 82 -7.94 -48.04 -18.97
C THR D 82 -8.28 -47.14 -20.14
N TRP D 83 -7.92 -47.58 -21.35
CA TRP D 83 -8.23 -46.81 -22.54
C TRP D 83 -9.74 -46.70 -22.78
N GLN D 84 -10.49 -47.73 -22.37
CA GLN D 84 -11.94 -47.67 -22.52
C GLN D 84 -12.51 -46.44 -21.81
N THR D 85 -11.92 -46.06 -20.67
CA THR D 85 -12.37 -44.87 -19.97
C THR D 85 -12.22 -43.63 -20.85
N GLY D 86 -11.07 -43.49 -21.49
CA GLY D 86 -10.86 -42.35 -22.38
C GLY D 86 -11.79 -42.36 -23.58
N VAL D 87 -12.04 -43.54 -24.14
CA VAL D 87 -12.94 -43.65 -25.28
C VAL D 87 -14.35 -43.23 -24.88
N ALA D 88 -14.83 -43.71 -23.74
CA ALA D 88 -16.14 -43.32 -23.26
C ALA D 88 -16.19 -41.84 -22.93
N PHE D 89 -15.10 -41.31 -22.39
CA PHE D 89 -15.02 -39.88 -22.11
C PHE D 89 -15.23 -39.06 -23.37
N LEU D 90 -14.49 -39.40 -24.44
CA LEU D 90 -14.65 -38.68 -25.70
C LEU D 90 -16.07 -38.86 -26.25
N LEU D 91 -16.61 -40.07 -26.16
CA LEU D 91 -17.97 -40.31 -26.66
C LEU D 91 -18.98 -39.41 -25.96
N GLY D 92 -18.90 -39.35 -24.62
CA GLY D 92 -19.84 -38.53 -23.89
C GLY D 92 -19.65 -37.05 -24.15
N ALA D 93 -18.40 -36.60 -24.26
CA ALA D 93 -18.13 -35.22 -24.64
C ALA D 93 -18.80 -34.88 -25.96
N VAL D 94 -18.60 -35.73 -26.97
CA VAL D 94 -19.20 -35.48 -28.28
C VAL D 94 -20.71 -35.47 -28.19
N MET D 95 -21.29 -36.41 -27.43
CA MET D 95 -22.74 -36.48 -27.32
C MET D 95 -23.32 -35.20 -26.73
N SER D 96 -22.76 -34.75 -25.60
CA SER D 96 -23.30 -33.55 -24.96
C SER D 96 -23.07 -32.32 -25.83
N ALA D 97 -21.88 -32.16 -26.40
CA ALA D 97 -21.62 -31.02 -27.25
C ALA D 97 -22.56 -30.99 -28.44
N SER D 98 -22.85 -32.16 -29.02
CA SER D 98 -23.75 -32.23 -30.17
C SER D 98 -25.17 -31.88 -29.76
N ALA D 99 -25.63 -32.38 -28.62
CA ALA D 99 -26.96 -32.00 -28.14
C ALA D 99 -27.07 -30.49 -28.00
N GLY D 100 -26.07 -29.87 -27.35
CA GLY D 100 -26.10 -28.43 -27.20
C GLY D 100 -26.07 -27.68 -28.52
N ILE D 101 -25.20 -28.11 -29.44
CA ILE D 101 -25.07 -27.43 -30.72
C ILE D 101 -26.35 -27.56 -31.54
N VAL D 102 -26.97 -28.74 -31.51
CA VAL D 102 -28.23 -28.93 -32.23
C VAL D 102 -29.32 -28.04 -31.65
N GLY D 103 -29.45 -28.03 -30.32
CA GLY D 103 -30.42 -27.14 -29.70
C GLY D 103 -30.22 -25.69 -30.10
N MET D 104 -28.95 -25.24 -30.10
CA MET D 104 -28.68 -23.85 -30.43
C MET D 104 -28.99 -23.55 -31.89
N LYS D 105 -28.57 -24.43 -32.80
CA LYS D 105 -28.84 -24.21 -34.22
C LYS D 105 -30.33 -24.26 -34.53
N MET D 106 -31.10 -24.98 -33.71
CA MET D 106 -32.55 -25.00 -33.90
C MET D 106 -33.19 -23.72 -33.36
N ALA D 107 -32.78 -23.28 -32.18
CA ALA D 107 -33.39 -22.08 -31.60
C ALA D 107 -33.06 -20.83 -32.41
N THR D 108 -31.80 -20.71 -32.86
CA THR D 108 -31.40 -19.54 -33.64
C THR D 108 -32.24 -19.34 -34.88
N ARG D 109 -32.89 -20.40 -35.37
CA ARG D 109 -33.78 -20.30 -36.53
C ARG D 109 -35.24 -20.28 -36.15
N ALA D 110 -35.63 -20.92 -35.05
CA ALA D 110 -37.03 -20.95 -34.65
C ALA D 110 -37.48 -19.67 -33.97
N ASN D 111 -36.56 -18.84 -33.47
CA ASN D 111 -36.95 -17.62 -32.79
C ASN D 111 -37.75 -16.69 -33.70
N VAL D 112 -37.21 -16.35 -34.87
CA VAL D 112 -37.91 -15.44 -35.77
C VAL D 112 -39.18 -16.07 -36.32
N ARG D 113 -39.19 -17.41 -36.47
CA ARG D 113 -40.41 -18.07 -36.89
C ARG D 113 -41.51 -17.87 -35.86
N VAL D 114 -41.20 -18.08 -34.59
CA VAL D 114 -42.18 -17.84 -33.52
C VAL D 114 -42.63 -16.38 -33.53
N ALA D 115 -41.69 -15.46 -33.72
CA ALA D 115 -42.02 -14.04 -33.72
C ALA D 115 -43.02 -13.71 -34.83
N GLU D 116 -42.73 -14.14 -36.06
CA GLU D 116 -43.61 -13.84 -37.18
C GLU D 116 -44.97 -14.53 -37.02
N ALA D 117 -44.97 -15.76 -36.49
CA ALA D 117 -46.24 -16.45 -36.26
C ALA D 117 -47.11 -15.68 -35.26
N ALA D 118 -46.51 -15.29 -34.13
CA ALA D 118 -47.27 -14.53 -33.14
C ALA D 118 -47.70 -13.18 -33.68
N ARG D 119 -46.95 -12.62 -34.63
CA ARG D 119 -47.34 -11.34 -35.20
C ARG D 119 -48.54 -11.50 -36.13
N THR D 120 -48.53 -12.52 -36.98
CA THR D 120 -49.60 -12.69 -37.95
C THR D 120 -50.87 -13.18 -37.28
N THR D 121 -50.79 -14.27 -36.51
CA THR D 121 -51.99 -14.86 -35.93
C THR D 121 -52.59 -14.03 -34.82
N LYS D 122 -51.82 -13.16 -34.18
CA LYS D 122 -52.28 -12.32 -33.08
C LYS D 122 -52.80 -13.15 -31.90
N LYS D 123 -52.55 -14.46 -31.89
CA LYS D 123 -52.98 -15.36 -30.83
C LYS D 123 -51.76 -16.03 -30.20
N ILE D 124 -51.99 -16.66 -29.05
CA ILE D 124 -50.91 -17.34 -28.33
C ILE D 124 -50.63 -18.73 -28.88
N GLY D 125 -51.60 -19.34 -29.57
CA GLY D 125 -51.52 -20.70 -30.03
C GLY D 125 -50.35 -20.99 -30.94
N PRO D 126 -50.22 -20.23 -32.03
CA PRO D 126 -49.16 -20.53 -33.01
C PRO D 126 -47.76 -20.37 -32.42
N ALA D 127 -47.52 -19.29 -31.67
CA ALA D 127 -46.22 -19.11 -31.03
C ALA D 127 -45.94 -20.25 -30.06
N LEU D 128 -46.94 -20.63 -29.25
CA LEU D 128 -46.73 -21.77 -28.35
C LEU D 128 -46.37 -23.03 -29.12
N LYS D 129 -47.07 -23.29 -30.23
CA LYS D 129 -46.83 -24.52 -30.99
C LYS D 129 -45.42 -24.54 -31.57
N VAL D 130 -45.00 -23.43 -32.18
CA VAL D 130 -43.67 -23.40 -32.80
C VAL D 130 -42.58 -23.49 -31.75
N ALA D 131 -42.74 -22.77 -30.63
CA ALA D 131 -41.75 -22.84 -29.57
C ALA D 131 -41.65 -24.24 -28.99
N TYR D 132 -42.80 -24.92 -28.82
CA TYR D 132 -42.76 -26.29 -28.31
C TYR D 132 -42.17 -27.24 -29.34
N GLN D 133 -42.34 -26.97 -30.62
CA GLN D 133 -41.66 -27.77 -31.64
C GLN D 133 -40.15 -27.66 -31.48
N GLY D 134 -39.64 -26.44 -31.31
CA GLY D 134 -38.20 -26.26 -31.10
C GLY D 134 -37.73 -26.94 -29.82
N GLY D 135 -38.48 -26.76 -28.73
CA GLY D 135 -38.13 -27.43 -27.49
C GLY D 135 -38.10 -28.93 -27.64
N SER D 136 -39.03 -29.49 -28.41
CA SER D 136 -39.04 -30.93 -28.66
C SER D 136 -37.81 -31.34 -29.45
N VAL D 137 -37.44 -30.55 -30.44
CA VAL D 137 -36.18 -30.81 -31.17
C VAL D 137 -35.03 -30.95 -30.18
N MET D 138 -34.86 -29.96 -29.31
CA MET D 138 -33.71 -29.99 -28.40
C MET D 138 -33.81 -31.16 -27.41
N GLY D 139 -35.00 -31.41 -26.87
CA GLY D 139 -35.14 -32.47 -25.88
C GLY D 139 -34.89 -33.84 -26.48
N LEU D 140 -35.43 -34.08 -27.68
CA LEU D 140 -35.14 -35.33 -28.38
C LEU D 140 -33.65 -35.45 -28.69
N SER D 141 -33.01 -34.34 -29.07
CA SER D 141 -31.57 -34.40 -29.30
C SER D 141 -30.83 -34.84 -28.04
N VAL D 142 -31.15 -34.23 -26.90
CA VAL D 142 -30.47 -34.55 -25.65
C VAL D 142 -30.70 -36.02 -25.30
N GLY D 143 -31.97 -36.43 -25.21
CA GLY D 143 -32.27 -37.80 -24.84
C GLY D 143 -31.63 -38.81 -25.78
N GLY D 144 -31.79 -38.60 -27.08
CA GLY D 144 -31.25 -39.53 -28.05
C GLY D 144 -29.74 -39.62 -28.00
N PHE D 145 -29.05 -38.48 -27.90
CA PHE D 145 -27.60 -38.50 -27.83
C PHE D 145 -27.13 -39.24 -26.58
N ALA D 146 -27.71 -38.91 -25.42
CA ALA D 146 -27.31 -39.58 -24.18
C ALA D 146 -27.52 -41.08 -24.28
N LEU D 147 -28.73 -41.49 -24.67
CA LEU D 147 -29.02 -42.92 -24.72
C LEU D 147 -28.23 -43.62 -25.80
N LEU D 148 -27.92 -42.94 -26.91
CA LEU D 148 -27.13 -43.56 -27.97
C LEU D 148 -25.69 -43.80 -27.50
N GLY D 149 -25.07 -42.79 -26.89
CA GLY D 149 -23.75 -43.01 -26.31
C GLY D 149 -23.76 -44.14 -25.30
N LEU D 150 -24.74 -44.13 -24.41
CA LEU D 150 -24.80 -45.16 -23.36
C LEU D 150 -24.99 -46.54 -23.96
N VAL D 151 -25.85 -46.67 -24.98
CA VAL D 151 -26.12 -47.97 -25.58
C VAL D 151 -24.93 -48.45 -26.39
N LEU D 152 -24.23 -47.54 -27.07
CA LEU D 152 -23.01 -47.92 -27.76
C LEU D 152 -21.98 -48.44 -26.78
N VAL D 153 -21.85 -47.79 -25.63
CA VAL D 153 -20.93 -48.27 -24.60
C VAL D 153 -21.36 -49.65 -24.11
N TYR D 154 -22.66 -49.82 -23.82
CA TYR D 154 -23.15 -51.09 -23.30
C TYR D 154 -22.99 -52.22 -24.31
N LEU D 155 -23.04 -51.92 -25.61
CA LEU D 155 -22.96 -52.95 -26.63
C LEU D 155 -21.53 -53.27 -27.02
N ILE D 156 -20.67 -52.27 -27.14
CA ILE D 156 -19.30 -52.50 -27.57
C ILE D 156 -18.43 -52.93 -26.40
N PHE D 157 -18.41 -52.13 -25.33
CA PHE D 157 -17.60 -52.43 -24.17
C PHE D 157 -18.31 -53.31 -23.15
N GLY D 158 -19.63 -53.44 -23.26
CA GLY D 158 -20.38 -54.29 -22.35
C GLY D 158 -20.66 -55.67 -22.92
N LYS D 159 -20.89 -55.73 -24.23
CA LYS D 159 -21.23 -56.97 -24.90
C LYS D 159 -20.12 -57.43 -25.84
N TRP D 160 -19.76 -56.62 -26.82
CA TRP D 160 -18.73 -57.00 -27.79
C TRP D 160 -17.44 -57.45 -27.09
N MET D 161 -16.97 -56.66 -26.13
CA MET D 161 -15.78 -57.02 -25.37
C MET D 161 -16.10 -57.84 -24.12
N GLY D 162 -17.35 -57.86 -23.68
CA GLY D 162 -17.73 -58.70 -22.56
C GLY D 162 -17.29 -58.19 -21.20
N GLN D 163 -17.09 -56.87 -21.06
CA GLN D 163 -16.73 -56.32 -19.76
C GLN D 163 -17.81 -56.55 -18.72
N VAL D 164 -19.05 -56.79 -19.15
CA VAL D 164 -20.13 -57.12 -18.22
C VAL D 164 -20.10 -58.58 -17.79
N ASP D 165 -19.15 -59.36 -18.29
CA ASP D 165 -19.07 -60.79 -17.99
C ASP D 165 -18.18 -61.10 -16.81
N ASN D 166 -17.05 -60.41 -16.67
CA ASN D 166 -16.12 -60.69 -15.58
C ASN D 166 -16.51 -59.96 -14.29
N LEU D 167 -16.71 -58.65 -14.39
CA LEU D 167 -17.11 -57.83 -13.24
C LEU D 167 -16.25 -58.10 -12.02
N ASN D 168 -14.93 -58.02 -12.21
CA ASN D 168 -13.98 -58.22 -11.13
C ASN D 168 -13.26 -56.92 -10.82
N ILE D 169 -12.64 -56.86 -9.65
CA ILE D 169 -11.91 -55.69 -9.18
C ILE D 169 -10.44 -55.91 -9.49
N TYR D 170 -9.97 -55.31 -10.58
CA TYR D 170 -8.57 -55.40 -10.97
C TYR D 170 -7.81 -54.17 -10.48
N THR D 171 -6.49 -54.22 -10.61
CA THR D 171 -5.63 -53.11 -10.23
C THR D 171 -4.60 -52.87 -11.34
N ASN D 172 -4.51 -51.64 -11.80
CA ASN D 172 -3.59 -51.30 -12.87
C ASN D 172 -2.21 -50.94 -12.30
N TRP D 173 -1.29 -50.58 -13.19
CA TRP D 173 0.11 -50.43 -12.79
C TRP D 173 0.30 -49.29 -11.80
N LEU D 174 -0.57 -48.28 -11.83
CA LEU D 174 -0.45 -47.14 -10.94
C LEU D 174 -1.11 -47.37 -9.59
N GLY D 175 -1.52 -48.61 -9.30
CA GLY D 175 -2.16 -48.90 -8.03
C GLY D 175 -3.59 -48.40 -7.93
N ILE D 176 -4.36 -48.52 -9.01
CA ILE D 176 -5.75 -48.10 -9.04
C ILE D 176 -6.63 -49.34 -9.11
N ASN D 177 -7.56 -49.45 -8.16
CA ASN D 177 -8.55 -50.54 -8.17
C ASN D 177 -9.76 -50.10 -8.97
N PHE D 178 -10.21 -50.98 -9.87
CA PHE D 178 -11.26 -50.60 -10.81
C PHE D 178 -11.98 -51.84 -11.30
N VAL D 179 -13.26 -51.67 -11.61
CA VAL D 179 -14.03 -52.67 -12.34
C VAL D 179 -14.16 -52.19 -13.78
N PRO D 180 -13.99 -53.06 -14.77
CA PRO D 180 -13.96 -52.61 -16.17
C PRO D 180 -15.13 -51.74 -16.60
N PHE D 181 -16.34 -52.32 -16.64
CA PHE D 181 -17.50 -51.56 -17.11
C PHE D 181 -17.77 -50.37 -16.21
N ALA D 182 -17.54 -50.51 -14.90
CA ALA D 182 -17.69 -49.39 -13.99
C ALA D 182 -16.79 -48.23 -14.43
N MET D 183 -15.51 -48.51 -14.69
CA MET D 183 -14.59 -47.47 -15.12
C MET D 183 -15.01 -46.87 -16.46
N THR D 184 -15.51 -47.71 -17.37
CA THR D 184 -15.92 -47.20 -18.68
C THR D 184 -17.09 -46.22 -18.56
N VAL D 185 -18.13 -46.62 -17.83
CA VAL D 185 -19.27 -45.74 -17.65
C VAL D 185 -18.89 -44.51 -16.84
N SER D 186 -17.98 -44.65 -15.88
CA SER D 186 -17.50 -43.50 -15.14
C SER D 186 -16.83 -42.49 -16.05
N GLY D 187 -15.97 -42.97 -16.96
CA GLY D 187 -15.35 -42.07 -17.91
C GLY D 187 -16.35 -41.41 -18.83
N TYR D 188 -17.34 -42.18 -19.30
CA TYR D 188 -18.39 -41.60 -20.15
C TYR D 188 -19.12 -40.47 -19.42
N ALA D 189 -19.57 -40.75 -18.19
CA ALA D 189 -20.28 -39.74 -17.42
C ALA D 189 -19.40 -38.54 -17.13
N LEU D 190 -18.12 -38.77 -16.87
CA LEU D 190 -17.21 -37.67 -16.57
C LEU D 190 -17.03 -36.76 -17.79
N GLY D 191 -16.87 -37.35 -18.97
CA GLY D 191 -16.80 -36.55 -20.18
C GLY D 191 -18.06 -35.74 -20.42
N CYS D 192 -19.22 -36.41 -20.33
CA CYS D 192 -20.49 -35.71 -20.46
C CYS D 192 -20.56 -34.53 -19.50
N SER D 193 -20.28 -34.78 -18.22
CA SER D 193 -20.44 -33.74 -17.20
C SER D 193 -19.44 -32.61 -17.38
N ILE D 194 -18.22 -32.91 -17.82
CA ILE D 194 -17.23 -31.85 -18.02
C ILE D 194 -17.62 -30.97 -19.19
N ILE D 195 -18.08 -31.58 -20.30
CA ILE D 195 -18.52 -30.77 -21.43
C ILE D 195 -19.74 -29.93 -21.03
N ALA D 196 -20.68 -30.53 -20.30
CA ALA D 196 -21.83 -29.78 -19.84
C ALA D 196 -21.42 -28.64 -18.93
N MET D 197 -20.42 -28.87 -18.07
CA MET D 197 -19.94 -27.82 -17.18
C MET D 197 -19.36 -26.66 -17.98
N PHE D 198 -18.48 -26.96 -18.93
CA PHE D 198 -17.92 -25.90 -19.76
C PHE D 198 -19.01 -25.12 -20.48
N ASP D 199 -19.92 -25.84 -21.16
CA ASP D 199 -20.98 -25.16 -21.90
C ASP D 199 -21.83 -24.29 -20.99
N ARG D 200 -22.28 -24.85 -19.85
CA ARG D 200 -23.16 -24.10 -18.96
C ARG D 200 -22.46 -22.87 -18.41
N VAL D 201 -21.24 -23.03 -17.89
CA VAL D 201 -20.52 -21.90 -17.32
C VAL D 201 -20.32 -20.81 -18.37
N GLY D 202 -19.80 -21.19 -19.54
CA GLY D 202 -19.55 -20.22 -20.58
C GLY D 202 -20.79 -19.47 -21.02
N GLY D 203 -21.82 -20.22 -21.43
CA GLY D 203 -23.05 -19.59 -21.87
C GLY D 203 -23.70 -18.75 -20.80
N GLY D 204 -23.65 -19.22 -19.55
CA GLY D 204 -24.24 -18.46 -18.47
C GLY D 204 -23.53 -17.14 -18.25
N VAL D 205 -22.21 -17.17 -18.14
CA VAL D 205 -21.45 -15.92 -18.00
C VAL D 205 -21.80 -14.97 -19.13
N TYR D 206 -21.69 -15.46 -20.37
CA TYR D 206 -21.98 -14.63 -21.54
C TYR D 206 -23.35 -13.98 -21.43
N THR D 207 -24.41 -14.81 -21.38
CA THR D 207 -25.76 -14.31 -21.44
C THR D 207 -26.09 -13.44 -20.24
N LYS D 208 -25.60 -13.79 -19.05
CA LYS D 208 -25.97 -13.04 -17.86
C LYS D 208 -25.26 -11.69 -17.83
N ALA D 209 -24.00 -11.63 -18.23
CA ALA D 209 -23.34 -10.34 -18.35
C ALA D 209 -24.07 -9.44 -19.34
N ALA D 210 -24.39 -10.00 -20.53
CA ALA D 210 -25.10 -9.21 -21.53
C ALA D 210 -26.43 -8.71 -21.00
N ASP D 211 -27.19 -9.60 -20.34
CA ASP D 211 -28.51 -9.25 -19.84
C ASP D 211 -28.42 -8.19 -18.76
N MET D 212 -27.54 -8.38 -17.78
CA MET D 212 -27.34 -7.36 -16.75
C MET D 212 -27.06 -6.01 -17.38
N ALA D 213 -26.01 -5.94 -18.21
CA ALA D 213 -25.64 -4.66 -18.82
C ALA D 213 -26.83 -4.03 -19.53
N ALA D 214 -27.41 -4.77 -20.49
CA ALA D 214 -28.49 -4.22 -21.31
C ALA D 214 -29.65 -3.77 -20.45
N ASP D 215 -30.25 -4.68 -19.68
CA ASP D 215 -31.40 -4.33 -18.86
C ASP D 215 -31.10 -3.13 -17.98
N LEU D 216 -30.06 -3.24 -17.15
CA LEU D 216 -29.73 -2.16 -16.22
C LEU D 216 -29.63 -0.82 -16.95
N VAL D 217 -28.68 -0.72 -17.90
CA VAL D 217 -28.44 0.56 -18.54
C VAL D 217 -29.70 1.07 -19.23
N GLY D 218 -30.27 0.26 -20.13
CA GLY D 218 -31.42 0.69 -20.90
C GLY D 218 -32.63 1.07 -20.08
N LYS D 219 -33.14 0.15 -19.25
CA LYS D 219 -34.37 0.41 -18.53
C LYS D 219 -34.15 1.41 -17.41
N THR D 220 -33.09 1.23 -16.62
CA THR D 220 -32.88 2.06 -15.44
C THR D 220 -32.30 3.43 -15.78
N GLU D 221 -31.45 3.51 -16.80
CA GLU D 221 -30.76 4.73 -17.15
C GLU D 221 -31.26 5.33 -18.47
N LEU D 222 -31.15 4.59 -19.57
CA LEU D 222 -31.55 5.13 -20.87
C LEU D 222 -33.06 5.20 -21.06
N ASN D 223 -33.82 4.48 -20.24
CA ASN D 223 -35.29 4.49 -20.31
C ASN D 223 -35.79 3.97 -21.67
N LEU D 224 -35.46 2.71 -21.94
CA LEU D 224 -35.88 2.01 -23.14
C LEU D 224 -36.66 0.76 -22.78
N PRO D 225 -37.46 0.24 -23.71
CA PRO D 225 -38.20 -1.00 -23.45
C PRO D 225 -37.26 -2.19 -23.43
N GLU D 226 -37.78 -3.31 -22.93
CA GLU D 226 -36.97 -4.51 -22.81
C GLU D 226 -36.55 -5.02 -24.18
N ASP D 227 -35.24 -5.07 -24.43
CA ASP D 227 -34.69 -5.54 -25.69
C ASP D 227 -35.00 -4.55 -26.82
N ASP D 228 -34.78 -3.26 -26.56
CA ASP D 228 -35.03 -2.22 -27.53
C ASP D 228 -33.88 -2.13 -28.54
N PRO D 229 -34.18 -1.85 -29.81
CA PRO D 229 -33.09 -1.78 -30.81
C PRO D 229 -32.08 -0.68 -30.56
N ARG D 230 -32.48 0.43 -29.93
CA ARG D 230 -31.51 1.48 -29.63
C ARG D 230 -30.45 0.99 -28.64
N ASN D 231 -30.81 0.05 -27.78
CA ASN D 231 -29.87 -0.48 -26.79
C ASN D 231 -28.82 -1.33 -27.47
N PRO D 232 -27.54 -0.94 -27.44
CA PRO D 232 -26.52 -1.69 -28.19
C PRO D 232 -26.22 -3.07 -27.61
N ALA D 233 -26.96 -3.48 -26.58
CA ALA D 233 -26.72 -4.76 -25.95
C ALA D 233 -27.86 -5.76 -26.12
N THR D 234 -28.99 -5.34 -26.69
CA THR D 234 -30.12 -6.26 -26.84
C THR D 234 -29.76 -7.45 -27.74
N ILE D 235 -29.05 -7.18 -28.84
CA ILE D 235 -28.62 -8.27 -29.71
C ILE D 235 -27.63 -9.17 -28.99
N ALA D 236 -26.73 -8.57 -28.21
CA ALA D 236 -25.83 -9.37 -27.38
C ALA D 236 -26.62 -10.17 -26.34
N ASP D 237 -27.64 -9.55 -25.74
CA ASP D 237 -28.46 -10.25 -24.77
C ASP D 237 -29.14 -11.47 -25.37
N ASN D 238 -29.65 -11.33 -26.59
CA ASN D 238 -30.34 -12.46 -27.22
C ASN D 238 -29.36 -13.53 -27.68
N VAL D 239 -28.20 -13.12 -28.20
CA VAL D 239 -27.17 -14.10 -28.51
C VAL D 239 -26.77 -14.88 -27.26
N GLY D 240 -26.73 -14.20 -26.12
CA GLY D 240 -26.47 -14.89 -24.87
C GLY D 240 -27.60 -15.83 -24.48
N ASP D 241 -28.84 -15.36 -24.60
CA ASP D 241 -29.98 -16.24 -24.38
C ASP D 241 -29.86 -17.53 -25.18
N ASN D 242 -29.37 -17.42 -26.42
CA ASN D 242 -29.22 -18.59 -27.28
C ASN D 242 -28.01 -19.43 -26.91
N VAL D 243 -26.94 -18.81 -26.38
CA VAL D 243 -25.71 -19.55 -26.12
C VAL D 243 -25.78 -20.24 -24.76
N GLY D 244 -26.09 -19.49 -23.71
CA GLY D 244 -26.08 -20.04 -22.35
C GLY D 244 -27.36 -20.70 -21.92
N ASP D 245 -28.50 -20.20 -22.40
CA ASP D 245 -29.78 -20.77 -22.02
C ASP D 245 -30.24 -21.89 -22.94
N VAL D 246 -29.50 -22.18 -24.01
CA VAL D 246 -29.87 -23.24 -24.94
C VAL D 246 -28.83 -24.36 -24.88
N ALA D 247 -27.69 -24.15 -25.54
CA ALA D 247 -26.65 -25.18 -25.57
C ALA D 247 -26.29 -25.64 -24.16
N GLY D 248 -26.07 -24.69 -23.25
CA GLY D 248 -25.75 -25.06 -21.88
C GLY D 248 -26.87 -25.85 -21.22
N LEU D 249 -28.12 -25.48 -21.50
CA LEU D 249 -29.25 -26.19 -20.91
C LEU D 249 -29.28 -27.65 -21.35
N GLY D 250 -29.20 -27.88 -22.67
CA GLY D 250 -29.18 -29.24 -23.16
C GLY D 250 -27.99 -30.03 -22.65
N ALA D 251 -26.81 -29.41 -22.61
CA ALA D 251 -25.64 -30.09 -22.08
C ALA D 251 -25.87 -30.51 -20.64
N ASP D 252 -26.36 -29.60 -19.81
CA ASP D 252 -26.58 -29.90 -18.40
C ASP D 252 -27.59 -31.03 -18.22
N LEU D 253 -28.70 -30.98 -18.98
CA LEU D 253 -29.74 -31.98 -18.78
C LEU D 253 -29.31 -33.35 -19.29
N LEU D 254 -28.61 -33.40 -20.44
CA LEU D 254 -28.05 -34.66 -20.90
C LEU D 254 -27.05 -35.21 -19.89
N GLU D 255 -26.26 -34.32 -19.29
CA GLU D 255 -25.31 -34.75 -18.28
C GLU D 255 -26.03 -35.34 -17.07
N SER D 256 -27.12 -34.72 -16.64
CA SER D 256 -27.86 -35.24 -15.49
C SER D 256 -28.47 -36.61 -15.79
N PHE D 257 -29.06 -36.76 -16.98
CA PHE D 257 -29.62 -38.05 -17.39
C PHE D 257 -28.53 -39.13 -17.37
N VAL D 258 -27.45 -38.89 -18.12
CA VAL D 258 -26.35 -39.85 -18.18
C VAL D 258 -25.79 -40.13 -16.80
N GLY D 259 -25.76 -39.12 -15.92
CA GLY D 259 -25.21 -39.32 -14.60
C GLY D 259 -26.07 -40.22 -13.74
N ALA D 260 -27.38 -40.02 -13.76
CA ALA D 260 -28.27 -40.93 -13.06
C ALA D 260 -28.08 -42.37 -13.54
N ILE D 261 -28.08 -42.56 -14.87
CA ILE D 261 -27.98 -43.91 -15.39
C ILE D 261 -26.63 -44.53 -15.04
N VAL D 262 -25.55 -43.75 -15.14
CA VAL D 262 -24.22 -44.26 -14.88
C VAL D 262 -24.03 -44.54 -13.39
N SER D 263 -24.70 -43.78 -12.52
CA SER D 263 -24.67 -44.10 -11.10
C SER D 263 -25.32 -45.44 -10.84
N SER D 264 -26.51 -45.66 -11.43
CA SER D 264 -27.14 -46.97 -11.31
C SER D 264 -26.19 -48.08 -11.76
N ILE D 265 -25.57 -47.90 -12.94
CA ILE D 265 -24.73 -48.96 -13.50
C ILE D 265 -23.50 -49.20 -12.62
N ILE D 266 -22.87 -48.13 -12.14
CA ILE D 266 -21.66 -48.28 -11.33
C ILE D 266 -21.96 -49.00 -10.03
N LEU D 267 -23.06 -48.61 -9.37
CA LEU D 267 -23.42 -49.28 -8.12
C LEU D 267 -23.71 -50.76 -8.38
N ALA D 268 -24.51 -51.05 -9.41
CA ALA D 268 -24.82 -52.44 -9.72
C ALA D 268 -23.56 -53.26 -9.98
N SER D 269 -22.62 -52.71 -10.75
CA SER D 269 -21.41 -53.47 -11.08
C SER D 269 -20.55 -53.69 -9.84
N TYR D 270 -20.32 -52.65 -9.04
CA TYR D 270 -19.51 -52.82 -7.85
C TYR D 270 -20.18 -53.73 -6.82
N MET D 271 -21.50 -53.89 -6.87
CA MET D 271 -22.17 -54.75 -5.91
C MET D 271 -21.69 -56.19 -6.01
N PHE D 272 -21.42 -56.67 -7.23
CA PHE D 272 -21.14 -58.09 -7.42
C PHE D 272 -19.92 -58.56 -6.64
N PRO D 273 -18.70 -58.09 -6.91
CA PRO D 273 -17.52 -58.68 -6.24
C PRO D 273 -17.45 -58.38 -4.75
N ILE D 274 -18.23 -57.44 -4.24
CA ILE D 274 -18.18 -57.11 -2.81
C ILE D 274 -19.08 -58.02 -1.99
N TYR D 275 -20.30 -58.27 -2.46
CA TYR D 275 -21.25 -59.13 -1.75
C TYR D 275 -20.81 -60.58 -1.91
N VAL D 276 -19.82 -60.97 -1.11
CA VAL D 276 -19.29 -62.33 -1.13
C VAL D 276 -19.19 -62.84 0.31
N GLN D 277 -19.18 -64.17 0.43
CA GLN D 277 -19.09 -64.82 1.74
C GLN D 277 -17.88 -65.73 1.80
N VAL D 284 -17.61 -67.35 -2.04
CA VAL D 284 -18.87 -67.62 -2.71
C VAL D 284 -19.65 -66.33 -2.90
N HIS D 285 -19.96 -66.02 -4.16
CA HIS D 285 -20.68 -64.78 -4.46
C HIS D 285 -22.10 -64.85 -3.93
N GLN D 286 -22.49 -63.85 -3.14
CA GLN D 286 -23.82 -63.82 -2.55
C GLN D 286 -24.90 -63.55 -3.58
N VAL D 287 -24.55 -63.15 -4.79
CA VAL D 287 -25.52 -62.87 -5.84
C VAL D 287 -24.99 -63.42 -7.15
N PRO D 288 -25.82 -64.07 -7.96
CA PRO D 288 -25.35 -64.59 -9.24
C PRO D 288 -25.05 -63.47 -10.22
N LYS D 289 -24.10 -63.74 -11.13
CA LYS D 289 -23.70 -62.72 -12.09
C LYS D 289 -24.87 -62.30 -12.98
N GLU D 290 -25.81 -63.21 -13.24
CA GLU D 290 -26.96 -62.86 -14.07
C GLU D 290 -27.79 -61.76 -13.42
N THR D 291 -27.97 -61.82 -12.10
CA THR D 291 -28.74 -60.78 -11.41
C THR D 291 -28.06 -59.42 -11.53
N ILE D 292 -26.74 -59.39 -11.30
CA ILE D 292 -26.01 -58.13 -11.38
C ILE D 292 -26.03 -57.58 -12.80
N GLN D 293 -25.89 -58.46 -13.80
CA GLN D 293 -25.94 -58.00 -15.18
C GLN D 293 -27.33 -57.47 -15.54
N ALA D 294 -28.38 -58.13 -15.05
CA ALA D 294 -29.74 -57.64 -15.26
C ALA D 294 -29.92 -56.28 -14.62
N LEU D 295 -29.40 -56.10 -13.40
CA LEU D 295 -29.49 -54.80 -12.74
C LEU D 295 -28.68 -53.73 -13.47
N ILE D 296 -27.59 -54.13 -14.12
CA ILE D 296 -26.77 -53.18 -14.86
C ILE D 296 -27.50 -52.72 -16.12
N SER D 297 -28.06 -53.68 -16.87
CA SER D 297 -28.77 -53.34 -18.10
C SER D 297 -30.13 -52.72 -17.84
N TYR D 298 -30.70 -52.91 -16.65
CA TYR D 298 -32.04 -52.43 -16.36
C TYR D 298 -32.16 -50.92 -16.51
N PRO D 299 -31.27 -50.10 -15.94
CA PRO D 299 -31.43 -48.65 -16.10
C PRO D 299 -31.34 -48.19 -17.55
N ILE D 300 -30.58 -48.90 -18.39
CA ILE D 300 -30.49 -48.50 -19.79
C ILE D 300 -31.82 -48.72 -20.51
N PHE D 301 -32.43 -49.89 -20.32
CA PHE D 301 -33.74 -50.14 -20.89
C PHE D 301 -34.78 -49.20 -20.30
N PHE D 302 -34.66 -48.89 -19.01
CA PHE D 302 -35.55 -47.92 -18.38
C PHE D 302 -35.46 -46.57 -19.06
N ALA D 303 -34.24 -46.07 -19.26
CA ALA D 303 -34.06 -44.77 -19.90
C ALA D 303 -34.57 -44.80 -21.33
N LEU D 304 -34.41 -45.93 -22.01
CA LEU D 304 -34.92 -46.04 -23.38
C LEU D 304 -36.44 -45.98 -23.41
N VAL D 305 -37.11 -46.70 -22.51
CA VAL D 305 -38.56 -46.63 -22.41
C VAL D 305 -39.01 -45.22 -22.07
N GLY D 306 -38.26 -44.54 -21.19
CA GLY D 306 -38.60 -43.18 -20.84
C GLY D 306 -38.47 -42.23 -22.02
N LEU D 307 -37.43 -42.41 -22.83
CA LEU D 307 -37.27 -41.59 -24.03
C LEU D 307 -38.41 -41.85 -25.02
N GLY D 308 -38.81 -43.11 -25.16
CA GLY D 308 -39.95 -43.41 -26.02
C GLY D 308 -41.23 -42.77 -25.54
N CYS D 309 -41.49 -42.83 -24.25
CA CYS D 309 -42.69 -42.19 -23.70
C CYS D 309 -42.62 -40.67 -23.86
N SER D 310 -41.43 -40.09 -23.70
CA SER D 310 -41.27 -38.66 -23.92
C SER D 310 -41.59 -38.29 -25.37
N MET D 311 -41.12 -39.10 -26.31
CA MET D 311 -41.45 -38.87 -27.72
C MET D 311 -42.95 -38.95 -27.95
N LEU D 312 -43.60 -39.96 -27.36
CA LEU D 312 -45.05 -40.09 -27.50
C LEU D 312 -45.77 -38.86 -26.97
N GLY D 313 -45.39 -38.41 -25.77
CA GLY D 313 -46.05 -37.24 -25.20
C GLY D 313 -45.81 -35.99 -26.03
N ILE D 314 -44.58 -35.81 -26.52
CA ILE D 314 -44.28 -34.66 -27.36
C ILE D 314 -45.13 -34.68 -28.62
N LEU D 315 -45.29 -35.87 -29.21
CA LEU D 315 -46.11 -35.99 -30.41
C LEU D 315 -47.57 -35.64 -30.10
N TYR D 316 -48.09 -36.16 -28.98
CA TYR D 316 -49.48 -35.85 -28.62
C TYR D 316 -49.67 -34.36 -28.40
N VAL D 317 -48.69 -33.69 -27.81
CA VAL D 317 -48.85 -32.26 -27.51
C VAL D 317 -48.60 -31.40 -28.73
N ILE D 318 -47.81 -31.87 -29.69
CA ILE D 318 -47.59 -31.11 -30.92
C ILE D 318 -48.67 -31.36 -31.97
N VAL D 319 -49.41 -32.46 -31.87
CA VAL D 319 -50.50 -32.71 -32.80
C VAL D 319 -51.84 -32.19 -32.28
N LYS D 320 -52.02 -32.13 -30.96
CA LYS D 320 -53.27 -31.65 -30.39
C LYS D 320 -53.60 -30.24 -30.89
N LYS D 321 -54.88 -29.92 -30.83
CA LYS D 321 -55.33 -28.58 -31.22
C LYS D 321 -54.70 -27.54 -30.29
N PRO D 322 -54.10 -26.48 -30.82
CA PRO D 322 -53.44 -25.49 -29.95
C PRO D 322 -54.45 -24.80 -29.03
N SER D 323 -53.97 -24.45 -27.83
CA SER D 323 -54.76 -23.75 -26.83
C SER D 323 -54.14 -22.40 -26.53
N ASP D 324 -54.94 -21.53 -25.92
CA ASP D 324 -54.45 -20.20 -25.53
C ASP D 324 -53.70 -20.22 -24.21
N ASN D 325 -53.96 -21.20 -23.33
CA ASN D 325 -53.25 -21.32 -22.07
C ASN D 325 -52.09 -22.29 -22.24
N PRO D 326 -50.86 -21.80 -22.41
CA PRO D 326 -49.75 -22.73 -22.70
C PRO D 326 -49.35 -23.59 -21.51
N GLN D 327 -49.43 -23.05 -20.29
CA GLN D 327 -49.08 -23.85 -19.12
C GLN D 327 -49.92 -25.11 -19.03
N ARG D 328 -51.19 -25.03 -19.41
CA ARG D 328 -52.05 -26.21 -19.41
C ARG D 328 -51.53 -27.26 -20.37
N GLU D 329 -51.17 -26.86 -21.59
CA GLU D 329 -50.67 -27.81 -22.57
C GLU D 329 -49.36 -28.45 -22.09
N LEU D 330 -48.46 -27.64 -21.54
CA LEU D 330 -47.18 -28.18 -21.09
C LEU D 330 -47.38 -29.15 -19.93
N ASN D 331 -48.25 -28.80 -18.98
CA ASN D 331 -48.52 -29.69 -17.85
C ASN D 331 -49.18 -30.98 -18.31
N ILE D 332 -50.06 -30.91 -19.32
CA ILE D 332 -50.68 -32.11 -19.84
C ILE D 332 -49.63 -33.00 -20.50
N SER D 333 -48.72 -32.39 -21.27
CA SER D 333 -47.62 -33.16 -21.85
C SER D 333 -46.83 -33.88 -20.77
N LEU D 334 -46.43 -33.16 -19.72
CA LEU D 334 -45.65 -33.76 -18.65
C LEU D 334 -46.41 -34.90 -17.99
N TRP D 335 -47.70 -34.69 -17.69
CA TRP D 335 -48.49 -35.71 -17.03
C TRP D 335 -48.62 -36.97 -17.89
N THR D 336 -48.88 -36.79 -19.19
CA THR D 336 -48.99 -37.94 -20.07
C THR D 336 -47.69 -38.71 -20.15
N SER D 337 -46.57 -37.99 -20.31
CA SER D 337 -45.27 -38.66 -20.33
C SER D 337 -45.05 -39.45 -19.05
N ALA D 338 -45.36 -38.84 -17.90
CA ALA D 338 -45.14 -39.52 -16.62
C ALA D 338 -46.00 -40.77 -16.49
N LEU D 339 -47.27 -40.68 -16.89
CA LEU D 339 -48.15 -41.84 -16.77
C LEU D 339 -47.71 -42.97 -17.69
N LEU D 340 -47.40 -42.65 -18.94
CA LEU D 340 -46.89 -43.66 -19.85
C LEU D 340 -45.63 -44.31 -19.31
N THR D 341 -44.71 -43.50 -18.79
CA THR D 341 -43.48 -44.05 -18.21
C THR D 341 -43.79 -44.98 -17.06
N VAL D 342 -44.68 -44.57 -16.15
CA VAL D 342 -45.01 -45.39 -15.00
C VAL D 342 -45.54 -46.74 -15.45
N VAL D 343 -46.50 -46.75 -16.37
CA VAL D 343 -47.12 -48.01 -16.78
C VAL D 343 -46.12 -48.91 -17.50
N LEU D 344 -45.44 -48.36 -18.52
CA LEU D 344 -44.50 -49.17 -19.29
C LEU D 344 -43.36 -49.68 -18.42
N THR D 345 -42.93 -48.88 -17.44
CA THR D 345 -41.86 -49.31 -16.56
C THR D 345 -42.36 -50.36 -15.58
N ALA D 346 -43.63 -50.28 -15.16
CA ALA D 346 -44.20 -51.38 -14.39
C ALA D 346 -44.11 -52.68 -15.16
N PHE D 347 -44.50 -52.66 -16.43
CA PHE D 347 -44.42 -53.87 -17.25
C PHE D 347 -42.98 -54.36 -17.38
N LEU D 348 -42.07 -53.43 -17.69
CA LEU D 348 -40.66 -53.80 -17.88
C LEU D 348 -40.07 -54.39 -16.61
N THR D 349 -40.36 -53.79 -15.45
CA THR D 349 -39.82 -54.29 -14.20
C THR D 349 -40.41 -55.65 -13.86
N TYR D 350 -41.71 -55.84 -14.10
CA TYR D 350 -42.31 -57.14 -13.81
C TYR D 350 -41.67 -58.24 -14.64
N PHE D 351 -41.50 -57.99 -15.95
CA PHE D 351 -41.04 -59.07 -16.82
C PHE D 351 -39.52 -59.23 -16.77
N TYR D 352 -38.78 -58.15 -17.01
CA TYR D 352 -37.32 -58.21 -17.11
C TYR D 352 -36.69 -58.81 -15.85
N LEU D 353 -37.13 -58.36 -14.67
CA LEU D 353 -36.57 -58.83 -13.41
C LEU D 353 -37.36 -59.99 -12.82
N LYS D 354 -38.00 -60.81 -13.66
CA LYS D 354 -38.90 -61.86 -13.19
C LYS D 354 -38.23 -62.77 -12.17
N ASP D 355 -37.22 -63.53 -12.60
CA ASP D 355 -36.54 -64.49 -11.72
C ASP D 355 -35.03 -64.24 -11.79
N LEU D 356 -34.49 -63.59 -10.76
CA LEU D 356 -33.06 -63.38 -10.64
C LEU D 356 -32.44 -64.08 -9.44
N GLN D 357 -33.21 -64.29 -8.36
CA GLN D 357 -32.86 -65.14 -7.22
C GLN D 357 -31.88 -64.48 -6.25
N GLY D 358 -31.38 -63.29 -6.55
CA GLY D 358 -30.41 -62.67 -5.66
C GLY D 358 -30.76 -61.24 -5.26
N LEU D 359 -32.03 -60.85 -5.44
CA LEU D 359 -32.43 -59.49 -5.12
C LEU D 359 -32.41 -59.24 -3.62
N ASP D 360 -32.86 -60.22 -2.84
CA ASP D 360 -32.96 -60.02 -1.39
C ASP D 360 -31.62 -59.61 -0.80
N VAL D 361 -30.52 -60.13 -1.34
CA VAL D 361 -29.20 -59.87 -0.76
C VAL D 361 -28.86 -58.39 -0.81
N LEU D 362 -29.37 -57.67 -1.82
CA LEU D 362 -29.04 -56.26 -1.99
C LEU D 362 -30.31 -55.50 -2.33
N GLY D 363 -30.66 -54.52 -1.49
CA GLY D 363 -31.75 -53.62 -1.79
C GLY D 363 -33.13 -54.23 -1.73
N PHE D 364 -33.67 -54.61 -2.88
CA PHE D 364 -35.06 -55.02 -3.04
C PHE D 364 -35.55 -55.87 -1.87
N ARG D 365 -36.60 -55.39 -1.20
CA ARG D 365 -37.29 -56.16 -0.18
C ARG D 365 -38.67 -56.62 -0.63
N PHE D 366 -39.18 -56.08 -1.75
CA PHE D 366 -40.45 -56.51 -2.33
C PHE D 366 -40.25 -57.24 -3.66
N GLY D 367 -39.16 -57.98 -3.79
CA GLY D 367 -38.94 -58.78 -4.97
C GLY D 367 -38.64 -57.95 -6.21
N ALA D 368 -38.93 -58.55 -7.37
CA ALA D 368 -38.58 -57.93 -8.64
C ALA D 368 -39.23 -56.57 -8.82
N ILE D 369 -40.38 -56.34 -8.17
CA ILE D 369 -41.06 -55.07 -8.32
C ILE D 369 -40.49 -53.97 -7.45
N SER D 370 -39.57 -54.29 -6.54
CA SER D 370 -38.97 -53.28 -5.67
C SER D 370 -38.35 -52.12 -6.44
N PRO D 371 -37.54 -52.33 -7.47
CA PRO D 371 -36.97 -51.17 -8.18
C PRO D 371 -38.03 -50.27 -8.77
N TRP D 372 -39.03 -50.83 -9.45
CA TRP D 372 -40.08 -50.02 -10.05
C TRP D 372 -40.63 -49.02 -9.03
N PHE D 373 -41.03 -49.52 -7.85
CA PHE D 373 -41.52 -48.64 -6.79
C PHE D 373 -40.59 -47.45 -6.61
N SER D 374 -39.30 -47.73 -6.38
CA SER D 374 -38.32 -46.65 -6.24
C SER D 374 -38.43 -45.66 -7.38
N ALA D 375 -38.35 -46.16 -8.62
CA ALA D 375 -38.50 -45.28 -9.78
C ALA D 375 -39.73 -44.39 -9.64
N ILE D 376 -40.88 -44.99 -9.34
CA ILE D 376 -42.10 -44.23 -9.14
C ILE D 376 -41.83 -43.03 -8.24
N ILE D 377 -41.31 -43.31 -7.04
CA ILE D 377 -40.95 -42.28 -6.07
C ILE D 377 -40.30 -41.13 -6.82
N GLY D 378 -39.16 -41.41 -7.46
CA GLY D 378 -38.45 -40.39 -8.22
C GLY D 378 -39.38 -39.51 -9.01
N ILE D 379 -40.09 -40.11 -9.98
CA ILE D 379 -41.03 -39.34 -10.80
C ILE D 379 -41.87 -38.42 -9.93
N PHE D 380 -42.63 -39.00 -9.00
CA PHE D 380 -43.49 -38.20 -8.15
C PHE D 380 -42.71 -37.07 -7.50
N SER D 381 -41.57 -37.39 -6.89
CA SER D 381 -40.73 -36.34 -6.31
C SER D 381 -40.57 -35.19 -7.29
N GLY D 382 -40.02 -35.48 -8.47
CA GLY D 382 -39.87 -34.47 -9.49
C GLY D 382 -41.16 -33.70 -9.70
N ILE D 383 -42.25 -34.42 -9.98
CA ILE D 383 -43.53 -33.76 -10.21
C ILE D 383 -43.82 -32.77 -9.09
N LEU D 384 -43.72 -33.25 -7.84
CA LEU D 384 -43.95 -32.36 -6.71
C LEU D 384 -43.14 -31.08 -6.86
N ILE D 385 -41.82 -31.21 -6.99
CA ILE D 385 -40.97 -30.05 -7.16
C ILE D 385 -41.55 -29.11 -8.20
N GLY D 386 -41.90 -29.67 -9.36
CA GLY D 386 -42.49 -28.87 -10.43
C GLY D 386 -43.56 -27.93 -9.91
N PHE D 387 -44.61 -28.48 -9.29
CA PHE D 387 -45.67 -27.63 -8.78
C PHE D 387 -45.08 -26.51 -7.92
N TRP D 388 -44.28 -26.88 -6.92
CA TRP D 388 -43.71 -25.89 -6.02
C TRP D 388 -42.96 -24.82 -6.81
N ALA D 389 -42.17 -25.24 -7.80
CA ALA D 389 -41.51 -24.27 -8.68
C ALA D 389 -42.54 -23.30 -9.26
N GLU D 390 -43.54 -23.85 -9.95
CA GLU D 390 -44.58 -23.00 -10.54
C GLU D 390 -45.29 -22.17 -9.49
N TYR D 391 -45.27 -22.61 -8.23
CA TYR D 391 -45.92 -21.83 -7.18
C TYR D 391 -45.08 -20.62 -6.80
N TYR D 392 -43.75 -20.77 -6.79
CA TYR D 392 -42.87 -19.68 -6.37
C TYR D 392 -42.43 -18.80 -7.52
N THR D 393 -42.37 -19.33 -8.74
CA THR D 393 -41.86 -18.58 -9.88
C THR D 393 -42.95 -17.93 -10.72
N SER D 394 -44.11 -18.57 -10.85
CA SER D 394 -45.18 -18.05 -11.69
C SER D 394 -45.88 -16.87 -11.02
N TYR D 395 -46.15 -15.83 -11.80
CA TYR D 395 -46.81 -14.64 -11.30
C TYR D 395 -48.32 -14.83 -11.14
N ARG D 396 -48.82 -16.06 -11.27
CA ARG D 396 -50.22 -16.36 -11.03
C ARG D 396 -50.48 -16.90 -9.63
N TYR D 397 -49.52 -16.72 -8.71
CA TYR D 397 -49.68 -17.18 -7.34
C TYR D 397 -49.33 -16.09 -6.34
N LYS D 398 -49.27 -16.45 -5.05
CA LYS D 398 -49.11 -15.44 -4.02
C LYS D 398 -47.69 -14.89 -3.96
N PRO D 399 -46.64 -15.70 -3.95
CA PRO D 399 -45.29 -15.14 -3.70
C PRO D 399 -44.82 -14.15 -4.76
N THR D 400 -44.91 -14.51 -6.04
CA THR D 400 -44.44 -13.61 -7.09
C THR D 400 -45.24 -12.32 -7.11
N GLN D 401 -46.57 -12.42 -6.91
CA GLN D 401 -47.38 -11.21 -6.87
C GLN D 401 -47.02 -10.34 -5.68
N PHE D 402 -46.77 -10.96 -4.52
CA PHE D 402 -46.35 -10.17 -3.36
C PHE D 402 -45.00 -9.50 -3.61
N LEU D 403 -44.10 -10.18 -4.32
CA LEU D 403 -42.83 -9.56 -4.67
C LEU D 403 -43.04 -8.34 -5.57
N GLY D 404 -43.84 -8.51 -6.63
CA GLY D 404 -44.15 -7.39 -7.49
C GLY D 404 -44.80 -6.24 -6.74
N LYS D 405 -45.65 -6.56 -5.78
CA LYS D 405 -46.30 -5.52 -4.98
C LYS D 405 -45.28 -4.80 -4.09
N SER D 406 -44.45 -5.58 -3.39
CA SER D 406 -43.40 -4.98 -2.57
C SER D 406 -42.50 -4.08 -3.40
N SER D 407 -42.41 -4.35 -4.71
CA SER D 407 -41.64 -3.47 -5.58
C SER D 407 -42.05 -2.00 -5.43
N ILE D 408 -43.24 -1.73 -4.89
CA ILE D 408 -43.69 -0.35 -4.71
C ILE D 408 -42.99 0.33 -3.54
N GLU D 409 -42.37 -0.43 -2.65
CA GLU D 409 -41.77 0.11 -1.44
C GLU D 409 -40.30 0.48 -1.60
N GLY D 410 -39.68 0.09 -2.70
CA GLY D 410 -38.28 0.43 -2.93
C GLY D 410 -37.45 -0.73 -3.43
N THR D 411 -36.32 -0.44 -4.08
CA THR D 411 -35.48 -1.49 -4.64
C THR D 411 -34.95 -2.42 -3.55
N GLY D 412 -34.53 -1.86 -2.41
CA GLY D 412 -34.08 -2.69 -1.31
C GLY D 412 -35.15 -3.67 -0.87
N MET D 413 -36.40 -3.21 -0.83
CA MET D 413 -37.51 -4.11 -0.52
C MET D 413 -37.58 -5.25 -1.51
N VAL D 414 -37.46 -4.95 -2.80
CA VAL D 414 -37.53 -5.98 -3.83
C VAL D 414 -36.41 -7.01 -3.63
N ILE D 415 -35.18 -6.54 -3.41
CA ILE D 415 -34.06 -7.45 -3.25
C ILE D 415 -34.25 -8.33 -2.03
N SER D 416 -34.62 -7.72 -0.89
CA SER D 416 -34.80 -8.48 0.33
C SER D 416 -35.91 -9.51 0.17
N ASN D 417 -37.04 -9.12 -0.43
CA ASN D 417 -38.15 -10.05 -0.63
C ASN D 417 -37.76 -11.17 -1.57
N GLY D 418 -36.95 -10.88 -2.59
CA GLY D 418 -36.51 -11.95 -3.49
C GLY D 418 -35.63 -12.96 -2.78
N LEU D 419 -34.64 -12.48 -2.01
CA LEU D 419 -33.82 -13.40 -1.24
C LEU D 419 -34.66 -14.22 -0.27
N SER D 420 -35.62 -13.58 0.39
CA SER D 420 -36.47 -14.29 1.34
C SER D 420 -37.31 -15.35 0.63
N LEU D 421 -37.87 -15.01 -0.54
CA LEU D 421 -38.67 -15.97 -1.29
C LEU D 421 -37.84 -17.18 -1.69
N GLY D 422 -36.62 -16.94 -2.19
CA GLY D 422 -35.77 -18.07 -2.52
C GLY D 422 -35.45 -18.94 -1.33
N MET D 423 -35.00 -18.32 -0.24
CA MET D 423 -34.62 -19.08 0.94
C MET D 423 -35.79 -19.85 1.53
N LYS D 424 -37.01 -19.32 1.41
CA LYS D 424 -38.19 -20.04 1.90
C LYS D 424 -38.54 -21.19 0.97
N SER D 425 -38.63 -20.93 -0.33
CA SER D 425 -38.92 -21.99 -1.29
C SER D 425 -37.89 -23.11 -1.20
N VAL D 426 -36.73 -22.84 -0.62
CA VAL D 426 -35.71 -23.88 -0.40
C VAL D 426 -36.29 -25.08 0.33
N PHE D 427 -37.38 -24.90 1.07
CA PHE D 427 -37.84 -25.94 1.97
C PHE D 427 -38.68 -27.03 1.29
N PRO D 428 -39.85 -26.70 0.76
CA PRO D 428 -40.80 -27.75 0.31
C PRO D 428 -40.14 -28.78 -0.59
N PRO D 429 -39.38 -28.35 -1.60
CA PRO D 429 -38.68 -29.35 -2.44
C PRO D 429 -37.67 -30.17 -1.66
N THR D 430 -37.00 -29.58 -0.66
CA THR D 430 -36.08 -30.36 0.16
C THR D 430 -36.83 -31.41 0.97
N LEU D 431 -38.01 -31.08 1.50
CA LEU D 431 -38.79 -32.08 2.22
C LEU D 431 -39.26 -33.18 1.28
N THR D 432 -39.65 -32.80 0.06
CA THR D 432 -40.00 -33.81 -0.94
C THR D 432 -38.83 -34.75 -1.19
N LEU D 433 -37.63 -34.20 -1.35
CA LEU D 433 -36.45 -35.03 -1.59
C LEU D 433 -36.14 -35.91 -0.38
N VAL D 434 -36.37 -35.40 0.82
CA VAL D 434 -36.14 -36.21 2.03
C VAL D 434 -37.06 -37.42 2.03
N LEU D 435 -38.37 -37.18 1.84
CA LEU D 435 -39.31 -38.29 1.82
C LEU D 435 -38.99 -39.28 0.70
N GLY D 436 -38.62 -38.76 -0.48
CA GLY D 436 -38.29 -39.64 -1.59
C GLY D 436 -37.07 -40.50 -1.30
N ILE D 437 -36.01 -39.90 -0.77
CA ILE D 437 -34.82 -40.67 -0.39
C ILE D 437 -35.19 -41.76 0.60
N LEU D 438 -35.91 -41.40 1.65
CA LEU D 438 -36.28 -42.38 2.67
C LEU D 438 -37.05 -43.53 2.06
N PHE D 439 -38.04 -43.21 1.21
CA PHE D 439 -38.89 -44.26 0.65
C PHE D 439 -38.12 -45.15 -0.32
N ALA D 440 -37.31 -44.56 -1.19
CA ALA D 440 -36.50 -45.36 -2.11
C ALA D 440 -35.56 -46.28 -1.35
N ASP D 441 -34.97 -45.77 -0.26
CA ASP D 441 -34.16 -46.63 0.59
C ASP D 441 -34.99 -47.79 1.11
N TYR D 442 -36.08 -47.49 1.82
CA TYR D 442 -36.94 -48.55 2.35
C TYR D 442 -37.28 -49.59 1.29
N PHE D 443 -37.50 -49.14 0.04
CA PHE D 443 -37.96 -50.06 -0.99
C PHE D 443 -36.86 -50.96 -1.51
N ALA D 444 -35.69 -50.38 -1.84
CA ALA D 444 -34.68 -51.18 -2.52
C ALA D 444 -33.28 -50.63 -2.27
N GLY D 445 -32.96 -50.28 -1.03
CA GLY D 445 -31.62 -49.82 -0.72
C GLY D 445 -31.08 -48.72 -1.63
N LEU D 446 -29.75 -48.65 -1.70
CA LEU D 446 -29.10 -47.60 -2.48
C LEU D 446 -29.32 -47.79 -3.98
N TYR D 447 -29.45 -49.03 -4.45
CA TYR D 447 -29.76 -49.24 -5.86
C TYR D 447 -31.09 -48.60 -6.23
N GLY D 448 -32.10 -48.73 -5.37
CA GLY D 448 -33.37 -48.07 -5.63
C GLY D 448 -33.30 -46.57 -5.44
N VAL D 449 -32.45 -46.11 -4.52
CA VAL D 449 -32.21 -44.66 -4.44
C VAL D 449 -31.71 -44.13 -5.78
N ALA D 450 -30.75 -44.85 -6.38
CA ALA D 450 -30.23 -44.44 -7.69
C ALA D 450 -31.29 -44.59 -8.78
N ILE D 451 -32.12 -45.63 -8.70
CA ILE D 451 -33.18 -45.81 -9.69
C ILE D 451 -34.18 -44.67 -9.61
N ALA D 452 -34.42 -44.15 -8.40
CA ALA D 452 -35.29 -42.98 -8.26
C ALA D 452 -34.60 -41.73 -8.82
N ALA D 453 -33.30 -41.59 -8.56
CA ALA D 453 -32.53 -40.53 -9.19
C ALA D 453 -32.73 -40.55 -10.70
N LEU D 454 -32.72 -41.74 -11.29
CA LEU D 454 -32.93 -41.86 -12.74
C LEU D 454 -34.37 -41.52 -13.13
N GLY D 455 -35.33 -42.14 -12.45
CA GLY D 455 -36.74 -41.92 -12.79
C GLY D 455 -37.14 -40.46 -12.71
N MET D 456 -36.51 -39.69 -11.83
CA MET D 456 -36.80 -38.25 -11.78
C MET D 456 -36.55 -37.59 -13.13
N LEU D 457 -35.64 -38.14 -13.93
CA LEU D 457 -35.38 -37.66 -15.28
C LEU D 457 -35.78 -38.67 -16.35
N SER D 458 -36.55 -39.70 -15.98
CA SER D 458 -36.93 -40.73 -16.95
C SER D 458 -37.53 -40.10 -18.21
N PHE D 459 -38.39 -39.10 -18.06
CA PHE D 459 -38.90 -38.34 -19.20
C PHE D 459 -38.08 -37.08 -19.45
N VAL D 460 -36.75 -37.25 -19.50
CA VAL D 460 -35.87 -36.10 -19.64
C VAL D 460 -36.11 -35.36 -20.95
N ALA D 461 -36.57 -36.08 -21.98
CA ALA D 461 -36.82 -35.42 -23.27
C ALA D 461 -37.89 -34.35 -23.14
N THR D 462 -39.03 -34.69 -22.53
CA THR D 462 -40.10 -33.72 -22.37
C THR D 462 -39.67 -32.56 -21.48
N SER D 463 -38.88 -32.85 -20.45
CA SER D 463 -38.39 -31.79 -19.57
C SER D 463 -37.50 -30.82 -20.33
N VAL D 464 -36.54 -31.34 -21.08
CA VAL D 464 -35.65 -30.48 -21.87
C VAL D 464 -36.45 -29.67 -22.87
N SER D 465 -37.48 -30.28 -23.47
CA SER D 465 -38.31 -29.54 -24.42
C SER D 465 -39.02 -28.38 -23.74
N VAL D 466 -39.74 -28.66 -22.65
CA VAL D 466 -40.49 -27.62 -21.96
C VAL D 466 -39.55 -26.55 -21.42
N ASP D 467 -38.30 -26.91 -21.14
CA ASP D 467 -37.34 -25.94 -20.63
C ASP D 467 -36.82 -25.03 -21.75
N SER D 468 -36.36 -25.61 -22.85
CA SER D 468 -35.88 -24.82 -23.98
C SER D 468 -36.99 -24.01 -24.62
N TYR D 469 -38.26 -24.35 -24.36
CA TYR D 469 -39.36 -23.55 -24.90
C TYR D 469 -39.22 -22.07 -24.56
N GLY D 470 -38.62 -21.73 -23.43
CA GLY D 470 -38.54 -20.36 -22.96
C GLY D 470 -37.66 -19.43 -23.78
N PRO D 471 -36.38 -19.77 -23.89
CA PRO D 471 -35.45 -18.89 -24.64
C PRO D 471 -35.93 -18.54 -26.03
N ILE D 472 -36.64 -19.45 -26.69
CA ILE D 472 -37.20 -19.13 -28.01
C ILE D 472 -38.18 -17.97 -27.90
N ALA D 473 -39.04 -18.00 -26.88
CA ALA D 473 -39.99 -16.90 -26.68
C ALA D 473 -39.26 -15.60 -26.33
N ASP D 474 -38.21 -15.68 -25.50
CA ASP D 474 -37.45 -14.48 -25.19
C ASP D 474 -36.85 -13.88 -26.46
N ASN D 475 -36.29 -14.72 -27.33
CA ASN D 475 -35.70 -14.23 -28.58
C ASN D 475 -36.79 -13.66 -29.50
N ALA D 476 -37.95 -14.30 -29.53
CA ALA D 476 -39.05 -13.76 -30.34
C ALA D 476 -39.44 -12.38 -29.86
N GLY D 477 -39.52 -12.18 -28.55
CA GLY D 477 -39.81 -10.86 -28.03
C GLY D 477 -38.74 -9.84 -28.36
N GLY D 478 -37.48 -10.24 -28.22
CA GLY D 478 -36.41 -9.33 -28.58
C GLY D 478 -36.47 -8.92 -30.05
N ILE D 479 -36.79 -9.87 -30.93
CA ILE D 479 -36.86 -9.58 -32.35
C ILE D 479 -38.07 -8.71 -32.67
N SER D 480 -39.20 -8.97 -32.02
CA SER D 480 -40.38 -8.15 -32.26
C SER D 480 -40.17 -6.72 -31.76
N GLU D 481 -39.47 -6.56 -30.65
CA GLU D 481 -39.18 -5.22 -30.15
C GLU D 481 -38.14 -4.52 -31.01
N MET D 482 -37.18 -5.27 -31.55
CA MET D 482 -36.17 -4.66 -32.41
C MET D 482 -36.76 -4.24 -33.75
N CYS D 483 -37.71 -5.02 -34.28
CA CYS D 483 -38.31 -4.74 -35.57
C CYS D 483 -39.56 -3.88 -35.46
N GLU D 484 -39.91 -3.40 -34.27
CA GLU D 484 -41.08 -2.55 -34.10
C GLU D 484 -42.33 -3.22 -34.66
N LEU D 485 -42.86 -4.19 -33.92
CA LEU D 485 -44.01 -4.96 -34.35
C LEU D 485 -45.27 -4.45 -33.66
N ASP D 486 -46.34 -5.24 -33.75
CA ASP D 486 -47.58 -4.90 -33.08
C ASP D 486 -47.45 -5.20 -31.59
N PRO D 487 -47.83 -4.26 -30.70
CA PRO D 487 -47.68 -4.50 -29.26
C PRO D 487 -48.34 -5.80 -28.79
N GLU D 488 -49.31 -6.29 -29.55
CA GLU D 488 -49.91 -7.58 -29.22
C GLU D 488 -48.87 -8.69 -29.32
N VAL D 489 -47.98 -8.59 -30.31
CA VAL D 489 -46.89 -9.56 -30.43
C VAL D 489 -46.01 -9.52 -29.19
N ARG D 490 -45.69 -8.31 -28.70
CA ARG D 490 -44.86 -8.20 -27.51
C ARG D 490 -45.57 -8.75 -26.28
N LYS D 491 -46.88 -8.55 -26.17
CA LYS D 491 -47.60 -9.09 -25.03
C LYS D 491 -47.65 -10.62 -25.07
N ILE D 492 -47.89 -11.19 -26.26
CA ILE D 492 -47.85 -12.64 -26.42
C ILE D 492 -46.48 -13.17 -26.02
N THR D 493 -45.42 -12.52 -26.52
CA THR D 493 -44.07 -12.97 -26.20
C THR D 493 -43.77 -12.83 -24.72
N ASP D 494 -44.30 -11.80 -24.06
CA ASP D 494 -44.05 -11.63 -22.64
C ASP D 494 -44.73 -12.74 -21.84
N HIS D 495 -45.96 -13.09 -22.23
CA HIS D 495 -46.63 -14.23 -21.60
C HIS D 495 -45.80 -15.50 -21.77
N LEU D 496 -45.36 -15.75 -23.01
CA LEU D 496 -44.55 -16.94 -23.27
C LEU D 496 -43.23 -16.90 -22.49
N ASP D 497 -42.65 -15.71 -22.32
CA ASP D 497 -41.37 -15.60 -21.63
C ASP D 497 -41.53 -15.84 -20.13
N ALA D 498 -42.65 -15.40 -19.56
CA ALA D 498 -42.93 -15.74 -18.16
C ALA D 498 -43.10 -17.25 -18.00
N VAL D 499 -43.88 -17.86 -18.88
CA VAL D 499 -44.03 -19.32 -18.84
C VAL D 499 -42.67 -20.01 -18.98
N GLY D 500 -41.81 -19.45 -19.83
CA GLY D 500 -40.50 -20.06 -20.04
C GLY D 500 -39.59 -19.92 -18.83
N ASN D 501 -39.68 -18.79 -18.12
CA ASN D 501 -38.94 -18.66 -16.87
C ASN D 501 -39.41 -19.69 -15.86
N THR D 502 -40.73 -19.89 -15.76
CA THR D 502 -41.24 -20.92 -14.87
C THR D 502 -40.71 -22.30 -15.27
N THR D 503 -40.71 -22.60 -16.57
CA THR D 503 -40.24 -23.90 -17.02
C THR D 503 -38.75 -24.08 -16.75
N ALA D 504 -37.96 -23.01 -16.88
CA ALA D 504 -36.54 -23.10 -16.59
C ALA D 504 -36.29 -23.35 -15.12
N ALA D 505 -37.07 -22.70 -14.24
CA ALA D 505 -36.97 -23.00 -12.82
C ALA D 505 -37.32 -24.46 -12.55
N ILE D 506 -38.37 -24.97 -13.19
CA ILE D 506 -38.76 -26.36 -12.99
C ILE D 506 -37.64 -27.30 -13.44
N GLY D 507 -37.00 -26.98 -14.56
CA GLY D 507 -35.91 -27.83 -15.04
C GLY D 507 -34.71 -27.81 -14.12
N LYS D 508 -34.35 -26.63 -13.60
CA LYS D 508 -33.27 -26.56 -12.62
C LYS D 508 -33.59 -27.40 -11.40
N GLY D 509 -34.85 -27.35 -10.94
CA GLY D 509 -35.24 -28.18 -9.80
C GLY D 509 -35.11 -29.66 -10.08
N PHE D 510 -35.62 -30.11 -11.24
CA PHE D 510 -35.47 -31.50 -11.64
C PHE D 510 -34.00 -31.91 -11.62
N ALA D 511 -33.14 -31.10 -12.23
CA ALA D 511 -31.72 -31.43 -12.31
C ALA D 511 -31.11 -31.54 -10.92
N ILE D 512 -31.42 -30.59 -10.02
CA ILE D 512 -30.81 -30.61 -8.70
C ILE D 512 -31.28 -31.82 -7.91
N GLY D 513 -32.56 -32.19 -8.04
CA GLY D 513 -33.06 -33.36 -7.34
C GLY D 513 -32.39 -34.64 -7.82
N SER D 514 -32.35 -34.83 -9.14
CA SER D 514 -31.64 -35.99 -9.69
C SER D 514 -30.19 -36.00 -9.21
N ALA D 515 -29.57 -34.83 -9.14
CA ALA D 515 -28.18 -34.74 -8.70
C ALA D 515 -28.05 -35.20 -7.26
N ILE D 516 -28.97 -34.80 -6.38
CA ILE D 516 -28.89 -35.19 -4.98
C ILE D 516 -29.03 -36.71 -4.84
N PHE D 517 -30.05 -37.28 -5.50
CA PHE D 517 -30.23 -38.72 -5.42
C PHE D 517 -29.01 -39.47 -5.94
N ALA D 518 -28.53 -39.09 -7.13
CA ALA D 518 -27.36 -39.76 -7.71
C ALA D 518 -26.12 -39.53 -6.88
N ALA D 519 -26.03 -38.41 -6.16
CA ALA D 519 -24.86 -38.15 -5.33
C ALA D 519 -24.85 -39.04 -4.10
N LEU D 520 -26.02 -39.32 -3.53
CA LEU D 520 -26.08 -40.32 -2.47
C LEU D 520 -25.68 -41.70 -3.00
N SER D 521 -26.25 -42.09 -4.14
CA SER D 521 -25.88 -43.38 -4.72
C SER D 521 -24.39 -43.46 -5.02
N LEU D 522 -23.80 -42.34 -5.44
CA LEU D 522 -22.37 -42.33 -5.75
C LEU D 522 -21.51 -42.29 -4.49
N PHE D 523 -21.99 -41.70 -3.40
CA PHE D 523 -21.31 -41.88 -2.13
C PHE D 523 -21.21 -43.37 -1.81
N ALA D 524 -22.32 -44.10 -2.02
CA ALA D 524 -22.28 -45.55 -1.84
C ALA D 524 -21.24 -46.20 -2.75
N SER D 525 -21.32 -45.92 -4.05
CA SER D 525 -20.40 -46.53 -5.01
C SER D 525 -18.95 -46.16 -4.72
N TYR D 526 -18.71 -44.99 -4.13
CA TYR D 526 -17.37 -44.52 -3.83
C TYR D 526 -16.82 -45.20 -2.58
N MET D 527 -17.67 -45.41 -1.56
CA MET D 527 -17.27 -46.25 -0.46
C MET D 527 -16.98 -47.67 -0.93
N PHE D 528 -17.65 -48.11 -1.99
CA PHE D 528 -17.38 -49.44 -2.55
C PHE D 528 -16.04 -49.47 -3.27
N SER D 529 -15.76 -48.46 -4.11
CA SER D 529 -14.59 -48.46 -4.96
C SER D 529 -13.27 -48.54 -4.19
N GLN D 530 -13.26 -48.10 -2.92
CA GLN D 530 -12.02 -48.12 -2.15
C GLN D 530 -11.49 -49.52 -1.89
N ILE D 531 -12.30 -50.55 -2.07
CA ILE D 531 -11.88 -51.92 -1.78
C ILE D 531 -10.81 -52.35 -2.78
N SER D 532 -9.73 -52.92 -2.28
CA SER D 532 -8.64 -53.48 -3.07
C SER D 532 -8.70 -55.00 -3.05
N PRO D 533 -8.08 -55.67 -4.02
CA PRO D 533 -8.15 -57.14 -4.04
C PRO D 533 -7.58 -57.78 -2.79
N SER D 534 -6.64 -57.12 -2.10
CA SER D 534 -6.10 -57.69 -0.87
C SER D 534 -7.20 -57.88 0.17
N ASP D 535 -8.01 -56.84 0.39
CA ASP D 535 -9.10 -56.91 1.36
C ASP D 535 -10.45 -56.96 0.65
N ILE D 536 -10.64 -57.94 -0.22
CA ILE D 536 -11.88 -58.09 -0.96
C ILE D 536 -12.76 -59.11 -0.24
N GLY D 537 -12.92 -58.95 1.06
CA GLY D 537 -13.72 -59.88 1.84
C GLY D 537 -14.58 -59.26 2.92
N LYS D 538 -14.27 -58.02 3.30
CA LYS D 538 -15.00 -57.38 4.38
C LYS D 538 -16.49 -57.32 4.04
N PRO D 539 -17.37 -57.46 5.02
CA PRO D 539 -18.82 -57.47 4.75
C PRO D 539 -19.30 -56.12 4.28
N PRO D 540 -20.14 -56.07 3.24
CA PRO D 540 -20.63 -54.78 2.75
C PRO D 540 -21.25 -53.92 3.84
N SER D 541 -21.85 -54.53 4.86
CA SER D 541 -22.42 -53.74 5.95
C SER D 541 -21.37 -52.87 6.63
N LEU D 542 -20.12 -53.34 6.68
CA LEU D 542 -19.04 -52.56 7.26
C LEU D 542 -18.35 -51.66 6.24
N VAL D 543 -18.38 -52.01 4.96
CA VAL D 543 -17.75 -51.18 3.94
C VAL D 543 -18.51 -49.87 3.78
N LEU D 544 -19.80 -49.96 3.51
CA LEU D 544 -20.65 -48.78 3.35
C LEU D 544 -20.79 -48.09 4.71
N LEU D 545 -19.78 -47.31 5.05
CA LEU D 545 -19.74 -46.63 6.35
C LEU D 545 -18.86 -45.41 6.25
N LEU D 546 -19.44 -44.22 6.44
CA LEU D 546 -18.72 -42.95 6.43
C LEU D 546 -19.09 -42.20 7.71
N ASN D 547 -18.44 -42.55 8.81
CA ASN D 547 -18.74 -41.95 10.10
C ASN D 547 -18.56 -40.44 10.06
N MET D 548 -19.60 -39.72 10.48
CA MET D 548 -19.53 -38.26 10.52
C MET D 548 -18.77 -37.74 11.73
N LEU D 549 -18.54 -38.59 12.75
CA LEU D 549 -17.79 -38.16 13.92
C LEU D 549 -16.28 -38.21 13.70
N ASP D 550 -15.81 -38.73 12.58
CA ASP D 550 -14.40 -38.60 12.22
C ASP D 550 -14.09 -37.14 11.95
N ALA D 551 -13.17 -36.56 12.73
CA ALA D 551 -12.86 -35.14 12.58
C ALA D 551 -12.55 -34.79 11.12
N ARG D 552 -11.89 -35.69 10.41
CA ARG D 552 -11.57 -35.43 9.01
C ARG D 552 -12.83 -35.29 8.17
N VAL D 553 -13.85 -36.12 8.42
CA VAL D 553 -15.06 -36.06 7.60
C VAL D 553 -15.79 -34.74 7.80
N ILE D 554 -15.91 -34.28 9.05
CA ILE D 554 -16.63 -33.04 9.31
C ILE D 554 -15.82 -31.85 8.81
N ALA D 555 -14.50 -31.90 8.97
CA ALA D 555 -13.66 -30.84 8.40
C ALA D 555 -13.81 -30.77 6.89
N GLY D 556 -13.83 -31.93 6.23
CA GLY D 556 -14.03 -31.95 4.80
C GLY D 556 -15.39 -31.45 4.38
N ALA D 557 -16.42 -31.73 5.19
CA ALA D 557 -17.75 -31.21 4.89
C ALA D 557 -17.77 -29.69 4.98
N LEU D 558 -17.17 -29.13 6.02
CA LEU D 558 -17.05 -27.68 6.12
C LEU D 558 -16.31 -27.11 4.92
N LEU D 559 -15.18 -27.72 4.56
CA LEU D 559 -14.40 -27.22 3.43
C LEU D 559 -15.17 -27.33 2.13
N GLY D 560 -15.97 -28.38 1.97
CA GLY D 560 -16.74 -28.54 0.75
C GLY D 560 -17.87 -27.52 0.64
N ALA D 561 -18.56 -27.25 1.74
CA ALA D 561 -19.55 -26.18 1.75
C ALA D 561 -18.90 -24.85 1.39
N ALA D 562 -17.74 -24.56 2.00
CA ALA D 562 -17.04 -23.33 1.69
C ALA D 562 -16.65 -23.27 0.21
N ILE D 563 -16.22 -24.40 -0.35
CA ILE D 563 -15.81 -24.43 -1.75
C ILE D 563 -17.00 -24.22 -2.66
N THR D 564 -18.15 -24.79 -2.31
CA THR D 564 -19.37 -24.55 -3.09
C THR D 564 -19.72 -23.07 -3.10
N TYR D 565 -19.71 -22.44 -1.92
CA TYR D 565 -20.00 -21.02 -1.85
C TYR D 565 -18.99 -20.21 -2.64
N TYR D 566 -17.71 -20.60 -2.59
CA TYR D 566 -16.68 -19.86 -3.31
C TYR D 566 -16.82 -20.02 -4.82
N PHE D 567 -17.18 -21.21 -5.27
CA PHE D 567 -17.47 -21.42 -6.69
C PHE D 567 -18.60 -20.51 -7.15
N SER D 568 -19.69 -20.47 -6.38
CA SER D 568 -20.80 -19.59 -6.73
C SER D 568 -20.35 -18.13 -6.78
N GLY D 569 -19.56 -17.70 -5.79
CA GLY D 569 -19.10 -16.32 -5.77
C GLY D 569 -18.19 -15.98 -6.94
N TYR D 570 -17.32 -16.93 -7.31
CA TYR D 570 -16.44 -16.71 -8.45
C TYR D 570 -17.24 -16.59 -9.74
N LEU D 571 -18.27 -17.42 -9.89
CA LEU D 571 -19.14 -17.30 -11.06
C LEU D 571 -19.82 -15.93 -11.10
N ILE D 572 -20.35 -15.49 -9.94
CA ILE D 572 -21.00 -14.18 -9.88
C ILE D 572 -20.02 -13.08 -10.26
N SER D 573 -18.79 -13.15 -9.77
CA SER D 573 -17.81 -12.12 -10.07
C SER D 573 -17.42 -12.13 -11.55
N ALA D 574 -17.22 -13.33 -12.12
CA ALA D 574 -16.91 -13.42 -13.53
C ALA D 574 -18.03 -12.81 -14.37
N VAL D 575 -19.27 -12.97 -13.94
CA VAL D 575 -20.39 -12.34 -14.65
C VAL D 575 -20.33 -10.82 -14.50
N THR D 576 -20.14 -10.35 -13.26
CA THR D 576 -20.21 -8.92 -12.99
C THR D 576 -19.09 -8.16 -13.69
N LYS D 577 -17.95 -8.81 -13.93
CA LYS D 577 -16.88 -8.13 -14.66
C LYS D 577 -17.36 -7.66 -16.02
N ALA D 578 -17.84 -8.60 -16.85
CA ALA D 578 -18.37 -8.23 -18.15
C ALA D 578 -19.61 -7.36 -18.04
N ALA D 579 -20.40 -7.55 -16.98
CA ALA D 579 -21.57 -6.71 -16.78
C ALA D 579 -21.16 -5.24 -16.67
N MET D 580 -20.17 -4.95 -15.83
CA MET D 580 -19.68 -3.57 -15.69
C MET D 580 -19.03 -3.09 -16.98
N LYS D 581 -18.24 -3.94 -17.64
CA LYS D 581 -17.62 -3.55 -18.90
C LYS D 581 -18.68 -3.10 -19.91
N MET D 582 -19.73 -3.91 -20.08
CA MET D 582 -20.77 -3.58 -21.05
C MET D 582 -21.61 -2.39 -20.62
N VAL D 583 -21.85 -2.24 -19.31
CA VAL D 583 -22.56 -1.06 -18.82
C VAL D 583 -21.80 0.20 -19.18
N ASP D 584 -20.48 0.20 -18.91
CA ASP D 584 -19.67 1.36 -19.24
C ASP D 584 -19.65 1.61 -20.74
N GLU D 585 -19.57 0.54 -21.54
CA GLU D 585 -19.55 0.72 -22.99
C GLU D 585 -20.88 1.29 -23.49
N ILE D 586 -22.00 0.83 -22.93
CA ILE D 586 -23.30 1.33 -23.36
C ILE D 586 -23.47 2.80 -22.98
N ARG D 587 -23.05 3.17 -21.75
CA ARG D 587 -23.06 4.58 -21.39
C ARG D 587 -22.20 5.39 -22.34
N ARG D 588 -21.01 4.88 -22.66
CA ARG D 588 -20.11 5.56 -23.59
C ARG D 588 -20.78 5.75 -24.94
N GLN D 589 -21.42 4.71 -25.47
CA GLN D 589 -22.12 4.83 -26.74
C GLN D 589 -23.22 5.87 -26.67
N ALA D 590 -24.03 5.84 -25.60
CA ALA D 590 -25.14 6.78 -25.47
C ALA D 590 -24.63 8.22 -25.44
N ARG D 591 -23.46 8.45 -24.85
CA ARG D 591 -22.97 9.81 -24.70
C ARG D 591 -22.00 10.24 -25.79
N GLU D 592 -21.47 9.30 -26.57
CA GLU D 592 -20.45 9.58 -27.57
C GLU D 592 -20.87 9.24 -28.99
N ILE D 593 -22.06 8.69 -29.18
CA ILE D 593 -22.60 8.41 -30.50
C ILE D 593 -23.74 9.40 -30.75
N PRO D 594 -23.62 10.30 -31.72
CA PRO D 594 -24.65 11.31 -31.91
C PRO D 594 -25.94 10.69 -32.44
N GLY D 595 -27.06 11.13 -31.87
CA GLY D 595 -28.35 10.66 -32.34
C GLY D 595 -28.71 9.25 -31.94
N LEU D 596 -27.95 8.63 -31.04
CA LEU D 596 -28.24 7.26 -30.63
C LEU D 596 -29.59 7.18 -29.92
N LEU D 597 -29.83 8.09 -28.96
CA LEU D 597 -31.08 8.06 -28.23
C LEU D 597 -32.27 8.45 -29.11
N GLU D 598 -32.10 9.46 -29.97
CA GLU D 598 -33.19 9.85 -30.86
C GLU D 598 -33.58 8.72 -31.81
N GLY D 599 -32.65 7.82 -32.12
CA GLY D 599 -32.95 6.69 -32.97
C GLY D 599 -32.55 6.85 -34.43
N LYS D 600 -31.84 7.91 -34.79
CA LYS D 600 -31.45 8.15 -36.17
C LYS D 600 -30.03 7.65 -36.46
N ALA D 601 -29.45 6.86 -35.56
CA ALA D 601 -28.12 6.32 -35.74
C ALA D 601 -28.13 4.87 -35.29
N LYS D 602 -27.16 4.10 -35.79
CA LYS D 602 -27.12 2.69 -35.45
C LYS D 602 -26.04 2.44 -34.41
N PRO D 603 -26.36 1.77 -33.30
CA PRO D 603 -25.35 1.50 -32.27
C PRO D 603 -24.36 0.45 -32.74
N ASP D 604 -23.41 0.09 -31.89
CA ASP D 604 -22.37 -0.88 -32.21
C ASP D 604 -22.60 -2.12 -31.33
N TYR D 605 -23.41 -3.05 -31.83
CA TYR D 605 -23.67 -4.28 -31.10
C TYR D 605 -22.42 -5.13 -30.97
N ASN D 606 -21.53 -5.05 -31.96
CA ASN D 606 -20.30 -5.83 -31.95
C ASN D 606 -19.47 -5.54 -30.71
N ARG D 607 -19.51 -4.31 -30.20
CA ARG D 607 -18.76 -3.98 -28.99
C ARG D 607 -19.18 -4.85 -27.81
N CYS D 608 -20.49 -4.88 -27.52
CA CYS D 608 -20.98 -5.69 -26.41
C CYS D 608 -20.75 -7.17 -26.69
N ILE D 609 -20.96 -7.60 -27.94
CA ILE D 609 -20.70 -9.00 -28.29
C ILE D 609 -19.28 -9.37 -27.93
N GLU D 610 -18.31 -8.52 -28.31
CA GLU D 610 -16.91 -8.81 -28.05
C GLU D 610 -16.61 -8.78 -26.55
N ILE D 611 -17.19 -7.85 -25.82
CA ILE D 611 -16.99 -7.81 -24.38
C ILE D 611 -17.41 -9.14 -23.75
N THR D 612 -18.63 -9.58 -24.03
CA THR D 612 -19.11 -10.83 -23.45
C THR D 612 -18.27 -12.01 -23.91
N SER D 613 -17.90 -12.05 -25.18
CA SER D 613 -17.10 -13.17 -25.70
C SER D 613 -15.76 -13.25 -24.98
N ASP D 614 -15.07 -12.12 -24.85
CA ASP D 614 -13.78 -12.10 -24.18
C ASP D 614 -13.91 -12.55 -22.72
N ASN D 615 -14.90 -12.00 -22.02
CA ASN D 615 -15.07 -12.39 -20.62
C ASN D 615 -15.34 -13.89 -20.49
N ALA D 616 -16.22 -14.42 -21.34
CA ALA D 616 -16.54 -15.84 -21.25
C ALA D 616 -15.32 -16.70 -21.55
N LEU D 617 -14.58 -16.36 -22.61
CA LEU D 617 -13.41 -17.17 -22.96
C LEU D 617 -12.35 -17.10 -21.87
N LYS D 618 -12.20 -15.96 -21.21
CA LYS D 618 -11.18 -15.84 -20.16
C LYS D 618 -11.59 -16.57 -18.90
N GLN D 619 -12.86 -16.46 -18.49
CA GLN D 619 -13.31 -17.02 -17.21
C GLN D 619 -13.81 -18.45 -17.31
N MET D 620 -13.96 -19.01 -18.51
CA MET D 620 -14.59 -20.32 -18.64
C MET D 620 -13.77 -21.47 -18.08
N GLY D 621 -12.46 -21.30 -17.90
CA GLY D 621 -11.61 -22.42 -17.56
C GLY D 621 -11.54 -22.83 -16.11
N TYR D 622 -11.43 -21.85 -15.21
CA TYR D 622 -11.14 -22.17 -13.81
C TYR D 622 -12.19 -23.04 -13.14
N PRO D 623 -13.49 -22.82 -13.33
CA PRO D 623 -14.49 -23.64 -12.60
C PRO D 623 -14.38 -25.13 -12.91
N ALA D 624 -14.22 -25.49 -14.19
CA ALA D 624 -14.08 -26.90 -14.54
C ALA D 624 -12.86 -27.51 -13.88
N PHE D 625 -11.73 -26.78 -13.89
CA PHE D 625 -10.52 -27.31 -13.28
C PHE D 625 -10.67 -27.47 -11.78
N ILE D 626 -11.34 -26.52 -11.12
CA ILE D 626 -11.62 -26.68 -9.69
C ILE D 626 -12.44 -27.94 -9.46
N ALA D 627 -13.55 -28.08 -10.19
CA ALA D 627 -14.42 -29.24 -10.00
C ALA D 627 -13.70 -30.55 -10.28
N ILE D 628 -12.73 -30.55 -11.19
CA ILE D 628 -12.02 -31.79 -11.52
C ILE D 628 -10.91 -32.09 -10.52
N LEU D 629 -10.23 -31.06 -10.02
CA LEU D 629 -9.03 -31.24 -9.22
C LEU D 629 -9.31 -31.36 -7.73
N THR D 630 -10.25 -30.57 -7.20
CA THR D 630 -10.57 -30.60 -5.77
C THR D 630 -10.53 -31.98 -5.15
N PRO D 631 -11.19 -33.00 -5.70
CA PRO D 631 -11.11 -34.33 -5.08
C PRO D 631 -9.69 -34.85 -4.97
N LEU D 632 -8.90 -34.75 -6.04
CA LEU D 632 -7.54 -35.28 -6.03
C LEU D 632 -6.70 -34.60 -4.95
N VAL D 633 -6.74 -33.27 -4.90
CA VAL D 633 -5.92 -32.54 -3.95
C VAL D 633 -6.35 -32.85 -2.52
N THR D 634 -7.65 -32.73 -2.24
CA THR D 634 -8.12 -33.00 -0.87
C THR D 634 -7.79 -34.43 -0.45
N GLY D 635 -7.90 -35.38 -1.37
CA GLY D 635 -7.59 -36.76 -1.05
C GLY D 635 -6.12 -36.97 -0.77
N PHE D 636 -5.26 -36.63 -1.73
CA PHE D 636 -3.81 -36.77 -1.52
C PHE D 636 -3.33 -35.96 -0.33
N LEU D 637 -4.13 -35.02 0.17
CA LEU D 637 -3.73 -34.29 1.36
C LEU D 637 -4.20 -34.96 2.65
N LEU D 638 -5.46 -35.40 2.71
CA LEU D 638 -6.04 -35.87 3.97
C LEU D 638 -6.86 -37.13 3.74
N GLY D 639 -6.33 -38.07 2.97
CA GLY D 639 -6.99 -39.36 2.89
C GLY D 639 -8.28 -39.32 2.09
N ALA D 640 -9.08 -40.38 2.27
CA ALA D 640 -10.34 -40.53 1.56
C ALA D 640 -11.56 -40.07 2.36
N GLU D 641 -11.49 -40.14 3.69
CA GLU D 641 -12.60 -39.66 4.52
C GLU D 641 -12.77 -38.16 4.36
N PHE D 642 -11.66 -37.42 4.25
CA PHE D 642 -11.75 -35.99 4.00
C PHE D 642 -12.46 -35.70 2.68
N VAL D 643 -12.17 -36.51 1.66
CA VAL D 643 -12.84 -36.33 0.37
C VAL D 643 -14.33 -36.64 0.50
N GLY D 644 -14.69 -37.66 1.29
CA GLY D 644 -16.10 -37.94 1.51
C GLY D 644 -16.82 -36.80 2.18
N GLY D 645 -16.21 -36.24 3.24
CA GLY D 645 -16.80 -35.08 3.87
C GLY D 645 -16.92 -33.90 2.92
N VAL D 646 -15.91 -33.70 2.08
CA VAL D 646 -15.96 -32.62 1.10
C VAL D 646 -17.13 -32.82 0.15
N LEU D 647 -17.31 -34.04 -0.33
CA LEU D 647 -18.44 -34.34 -1.22
C LEU D 647 -19.77 -34.08 -0.53
N ILE D 648 -19.88 -34.47 0.75
CA ILE D 648 -21.12 -34.26 1.49
C ILE D 648 -21.43 -32.77 1.61
N GLY D 649 -20.45 -31.99 2.04
CA GLY D 649 -20.65 -30.56 2.16
C GLY D 649 -20.99 -29.92 0.82
N THR D 650 -20.33 -30.36 -0.24
CA THR D 650 -20.63 -29.85 -1.57
C THR D 650 -22.08 -30.15 -1.95
N VAL D 651 -22.52 -31.39 -1.74
CA VAL D 651 -23.90 -31.75 -2.06
C VAL D 651 -24.87 -30.85 -1.31
N LEU D 652 -24.70 -30.73 0.00
CA LEU D 652 -25.64 -29.95 0.80
C LEU D 652 -25.68 -28.48 0.34
N SER D 653 -24.52 -27.82 0.36
CA SER D 653 -24.49 -26.41 0.01
C SER D 653 -24.95 -26.17 -1.42
N GLY D 654 -24.57 -27.05 -2.34
CA GLY D 654 -24.97 -26.87 -3.73
C GLY D 654 -26.46 -27.02 -3.92
N ALA D 655 -27.05 -28.06 -3.32
CA ALA D 655 -28.50 -28.22 -3.40
C ALA D 655 -29.21 -26.97 -2.89
N MET D 656 -28.84 -26.52 -1.68
CA MET D 656 -29.51 -25.36 -1.12
C MET D 656 -29.34 -24.14 -2.01
N LEU D 657 -28.10 -23.81 -2.39
CA LEU D 657 -27.85 -22.61 -3.17
C LEU D 657 -28.53 -22.67 -4.53
N ALA D 658 -28.54 -23.84 -5.16
CA ALA D 658 -29.17 -23.98 -6.47
C ALA D 658 -30.67 -23.74 -6.37
N ILE D 659 -31.33 -24.42 -5.43
CA ILE D 659 -32.76 -24.20 -5.24
C ILE D 659 -33.04 -22.73 -4.98
N LEU D 660 -32.29 -22.13 -4.05
CA LEU D 660 -32.51 -20.74 -3.67
C LEU D 660 -32.37 -19.81 -4.88
N THR D 661 -31.25 -19.89 -5.58
CA THR D 661 -31.00 -18.97 -6.69
C THR D 661 -32.00 -19.19 -7.82
N ALA D 662 -32.29 -20.44 -8.16
CA ALA D 662 -33.26 -20.71 -9.22
C ALA D 662 -34.61 -20.09 -8.89
N ASN D 663 -35.15 -20.41 -7.72
CA ASN D 663 -36.47 -19.88 -7.35
C ASN D 663 -36.45 -18.35 -7.30
N SER D 664 -35.39 -17.77 -6.72
CA SER D 664 -35.37 -16.32 -6.55
C SER D 664 -35.28 -15.61 -7.89
N GLY D 665 -34.41 -16.08 -8.80
CA GLY D 665 -34.32 -15.48 -10.11
C GLY D 665 -35.60 -15.62 -10.90
N GLY D 666 -36.22 -16.80 -10.86
CA GLY D 666 -37.50 -16.97 -11.52
C GLY D 666 -38.54 -15.99 -11.00
N ALA D 667 -38.64 -15.88 -9.67
CA ALA D 667 -39.61 -14.97 -9.08
C ALA D 667 -39.34 -13.53 -9.50
N TRP D 668 -38.06 -13.11 -9.47
CA TRP D 668 -37.73 -11.74 -9.84
C TRP D 668 -38.12 -11.44 -11.28
N ASP D 669 -37.72 -12.32 -12.20
CA ASP D 669 -38.02 -12.07 -13.61
C ASP D 669 -39.52 -12.08 -13.88
N ASN D 670 -40.24 -13.02 -13.26
CA ASN D 670 -41.67 -13.09 -13.50
C ASN D 670 -42.41 -11.92 -12.85
N ALA D 671 -41.89 -11.39 -11.74
CA ALA D 671 -42.48 -10.18 -11.18
C ALA D 671 -42.22 -8.97 -12.07
N LYS D 672 -41.02 -8.88 -12.64
CA LYS D 672 -40.75 -7.82 -13.60
C LYS D 672 -41.72 -7.91 -14.78
N LYS D 673 -41.91 -9.11 -15.32
CA LYS D 673 -42.84 -9.27 -16.45
C LYS D 673 -44.29 -9.01 -16.03
N TYR D 674 -44.64 -9.38 -14.80
CA TYR D 674 -45.99 -9.14 -14.29
C TYR D 674 -46.28 -7.65 -14.16
N LEU D 675 -45.30 -6.88 -13.72
CA LEU D 675 -45.45 -5.43 -13.71
C LEU D 675 -45.44 -4.87 -15.14
N GLU D 676 -44.66 -5.49 -16.03
CA GLU D 676 -44.65 -5.04 -17.42
C GLU D 676 -45.97 -5.32 -18.11
N ALA D 677 -46.68 -6.36 -17.68
CA ALA D 677 -47.99 -6.68 -18.23
C ALA D 677 -49.09 -5.75 -17.71
N GLY D 678 -48.71 -4.71 -16.96
CA GLY D 678 -49.68 -3.78 -16.42
C GLY D 678 -50.50 -4.30 -15.26
N ASN D 679 -50.31 -5.55 -14.85
CA ASN D 679 -51.12 -6.11 -13.78
C ASN D 679 -50.93 -5.37 -12.46
N LEU D 680 -49.88 -4.59 -12.32
CA LEU D 680 -49.68 -3.76 -11.12
C LEU D 680 -50.53 -2.51 -11.27
N GLU D 681 -51.52 -2.37 -10.38
CA GLU D 681 -52.50 -1.30 -10.53
C GLU D 681 -51.83 0.06 -10.49
N GLY D 682 -52.09 0.88 -11.50
CA GLY D 682 -51.61 2.25 -11.57
C GLY D 682 -50.26 2.42 -12.21
N TYR D 683 -49.32 1.52 -11.91
CA TYR D 683 -47.95 1.65 -12.37
C TYR D 683 -47.76 0.80 -13.63
N GLY D 684 -47.16 1.40 -14.66
CA GLY D 684 -46.93 0.76 -15.93
C GLY D 684 -45.50 0.30 -16.11
N LYS D 685 -45.11 0.14 -17.38
CA LYS D 685 -43.79 -0.36 -17.71
C LYS D 685 -42.70 0.67 -17.46
N GLY D 686 -43.06 1.93 -17.24
CA GLY D 686 -42.08 2.98 -17.01
C GLY D 686 -42.02 3.49 -15.59
N SER D 687 -42.86 2.93 -14.71
CA SER D 687 -42.96 3.40 -13.34
C SER D 687 -41.75 2.96 -12.50
N GLU D 688 -41.60 3.61 -11.35
CA GLU D 688 -40.52 3.26 -10.43
C GLU D 688 -40.58 1.82 -9.97
N PRO D 689 -41.74 1.23 -9.69
CA PRO D 689 -41.77 -0.21 -9.37
C PRO D 689 -41.16 -1.05 -10.47
N HIS D 690 -41.32 -0.65 -11.73
CA HIS D 690 -40.68 -1.37 -12.83
C HIS D 690 -39.17 -1.31 -12.72
N LYS D 691 -38.62 -0.16 -12.36
CA LYS D 691 -37.17 -0.04 -12.18
C LYS D 691 -36.68 -0.88 -11.02
N ALA D 692 -37.43 -0.89 -9.91
CA ALA D 692 -37.05 -1.73 -8.78
C ALA D 692 -37.07 -3.20 -9.14
N LEU D 693 -38.12 -3.64 -9.84
CA LEU D 693 -38.20 -5.01 -10.29
C LEU D 693 -37.11 -5.33 -11.29
N VAL D 694 -36.68 -4.34 -12.09
CA VAL D 694 -35.59 -4.56 -13.03
C VAL D 694 -34.29 -4.78 -12.27
N ILE D 695 -34.04 -4.01 -11.22
CA ILE D 695 -32.84 -4.25 -10.41
C ILE D 695 -32.90 -5.63 -9.77
N GLY D 696 -34.06 -6.01 -9.26
CA GLY D 696 -34.21 -7.35 -8.71
C GLY D 696 -33.95 -8.43 -9.74
N ASP D 697 -34.47 -8.24 -10.96
CA ASP D 697 -34.28 -9.22 -12.03
C ASP D 697 -32.82 -9.32 -12.43
N THR D 698 -32.11 -8.18 -12.48
CA THR D 698 -30.69 -8.22 -12.80
C THR D 698 -29.89 -8.90 -11.69
N VAL D 699 -30.32 -8.74 -10.43
CA VAL D 699 -29.62 -9.43 -9.34
C VAL D 699 -29.92 -10.92 -9.39
N GLY D 700 -31.09 -11.31 -9.92
CA GLY D 700 -31.42 -12.72 -9.99
C GLY D 700 -30.86 -13.43 -11.20
N ASP D 701 -30.64 -12.72 -12.30
CA ASP D 701 -30.14 -13.28 -13.54
C ASP D 701 -28.88 -14.12 -13.33
N PRO D 702 -27.82 -13.53 -12.76
CA PRO D 702 -26.57 -14.30 -12.60
C PRO D 702 -26.70 -15.43 -11.61
N LEU D 703 -27.52 -15.29 -10.58
CA LEU D 703 -27.70 -16.37 -9.62
C LEU D 703 -28.49 -17.54 -10.19
N LYS D 704 -29.31 -17.29 -11.21
CA LYS D 704 -30.16 -18.31 -11.80
C LYS D 704 -29.55 -18.96 -13.03
N ASP D 705 -28.79 -18.22 -13.83
CA ASP D 705 -28.28 -18.72 -15.10
C ASP D 705 -26.81 -19.07 -15.06
N THR D 706 -26.18 -19.03 -13.88
CA THR D 706 -24.77 -19.39 -13.77
C THR D 706 -24.53 -20.25 -12.53
N VAL D 707 -24.85 -19.72 -11.36
CA VAL D 707 -24.58 -20.42 -10.11
C VAL D 707 -25.48 -21.65 -9.99
N GLY D 708 -26.79 -21.44 -10.05
CA GLY D 708 -27.76 -22.49 -9.86
C GLY D 708 -27.48 -23.71 -10.70
N PRO D 709 -27.46 -23.53 -12.03
CA PRO D 709 -27.20 -24.69 -12.91
C PRO D 709 -25.83 -25.32 -12.70
N SER D 710 -24.77 -24.50 -12.60
CA SER D 710 -23.42 -25.03 -12.48
C SER D 710 -23.20 -25.80 -11.18
N LEU D 711 -24.00 -25.53 -10.13
CA LEU D 711 -23.75 -26.19 -8.85
C LEU D 711 -23.92 -27.71 -8.97
N ASP D 712 -24.99 -28.16 -9.61
CA ASP D 712 -25.22 -29.60 -9.73
C ASP D 712 -24.19 -30.25 -10.65
N ILE D 713 -23.80 -29.56 -11.72
CA ILE D 713 -22.74 -30.08 -12.58
C ILE D 713 -21.46 -30.26 -11.78
N LEU D 714 -21.11 -29.28 -10.94
CA LEU D 714 -19.93 -29.39 -10.11
C LEU D 714 -20.05 -30.59 -9.17
N ILE D 715 -21.21 -30.72 -8.52
CA ILE D 715 -21.44 -31.86 -7.62
C ILE D 715 -21.14 -33.16 -8.34
N LYS D 716 -21.74 -33.35 -9.51
CA LYS D 716 -21.63 -34.62 -10.21
C LYS D 716 -20.20 -34.86 -10.71
N ILE D 717 -19.57 -33.85 -11.29
CA ILE D 717 -18.20 -34.01 -11.79
C ILE D 717 -17.26 -34.35 -10.66
N MET D 718 -17.39 -33.65 -9.53
CA MET D 718 -16.52 -33.90 -8.38
C MET D 718 -16.73 -35.31 -7.84
N SER D 719 -17.99 -35.74 -7.73
CA SER D 719 -18.26 -37.07 -7.21
C SER D 719 -17.72 -38.15 -8.14
N VAL D 720 -17.79 -37.92 -9.46
CA VAL D 720 -17.27 -38.91 -10.41
C VAL D 720 -15.74 -38.99 -10.30
N VAL D 721 -15.08 -37.83 -10.25
CA VAL D 721 -13.63 -37.84 -10.11
C VAL D 721 -13.22 -38.57 -8.84
N SER D 722 -13.93 -38.31 -7.73
CA SER D 722 -13.61 -38.99 -6.49
C SER D 722 -13.83 -40.49 -6.61
N VAL D 723 -14.96 -40.90 -7.19
CA VAL D 723 -15.25 -42.32 -7.32
C VAL D 723 -14.20 -43.01 -8.17
N ILE D 724 -13.62 -42.31 -9.14
CA ILE D 724 -12.62 -42.97 -9.99
C ILE D 724 -11.26 -43.01 -9.30
N ALA D 725 -10.90 -41.97 -8.55
CA ALA D 725 -9.54 -41.83 -8.06
C ALA D 725 -9.38 -42.17 -6.58
N VAL D 726 -10.45 -42.56 -5.88
CA VAL D 726 -10.32 -42.85 -4.45
C VAL D 726 -9.42 -44.05 -4.20
N SER D 727 -9.33 -44.97 -5.16
CA SER D 727 -8.55 -46.18 -4.95
C SER D 727 -7.09 -45.85 -4.61
N ILE D 728 -6.59 -44.69 -5.04
CA ILE D 728 -5.20 -44.33 -4.83
C ILE D 728 -5.01 -43.64 -3.48
N PHE D 729 -5.50 -42.41 -3.35
CA PHE D 729 -5.22 -41.60 -2.17
C PHE D 729 -5.87 -42.11 -0.89
N LYS D 730 -6.67 -43.19 -0.95
CA LYS D 730 -7.22 -43.73 0.28
C LYS D 730 -6.13 -44.11 1.26
N HIS D 731 -4.99 -44.58 0.75
CA HIS D 731 -3.84 -44.90 1.59
C HIS D 731 -2.55 -44.21 1.13
N VAL D 732 -2.57 -43.50 0.00
CA VAL D 732 -1.40 -42.75 -0.45
C VAL D 732 -1.60 -41.29 -0.09
N HIS D 733 -2.16 -41.04 1.09
CA HIS D 733 -2.37 -39.68 1.57
C HIS D 733 -1.14 -39.19 2.33
N LEU D 734 -1.07 -37.87 2.51
CA LEU D 734 0.07 -37.29 3.21
C LEU D 734 -0.10 -37.37 4.72
N PHE D 735 -1.34 -37.39 5.20
CA PHE D 735 -1.61 -37.52 6.63
C PHE D 735 -2.62 -38.62 6.89
MG MG E . 28.57 46.04 3.82
MG MG F . 30.29 48.25 7.86
MG MG G . 28.81 42.91 4.31
MG MG H . 28.65 45.02 8.72
MG MG I . 33.69 42.52 6.34
P1 2PN J . 30.36 42.36 6.72
O1 2PN J . 31.01 41.26 7.52
O2 2PN J . 29.95 41.84 5.36
O3 2PN J . 29.13 42.86 7.45
N1 2PN J . 31.45 43.65 6.52
P2 2PN J . 30.86 45.23 6.29
O4 2PN J . 32.01 46.19 6.17
O5 2PN J . 30.02 45.29 5.04
O6 2PN J . 30.01 45.63 7.48
NA NA K . 29.90 24.78 15.65
K K L . 32.33 40.31 9.69
C21 GQB M . 40.73 -14.45 27.08
C10 GQB M . 34.29 -11.11 23.72
C02 GQB M . 35.77 -14.24 25.32
C03 GQB M . 34.87 -13.15 24.70
C04 GQB M . 33.46 -13.13 24.53
C05 GQB M . 33.11 -11.84 23.90
C06 GQB M . 31.84 -11.29 23.49
C07 GQB M . 31.83 -10.02 22.91
C08 GQB M . 33.01 -9.29 22.73
C09 GQB M . 34.24 -9.80 23.11
C13 GQB M . 36.98 -16.52 25.69
C14 GQB M . 38.34 -15.79 26.10
C15 GQB M . 39.36 -15.36 25.22
C16 GQB M . 40.53 -14.71 25.72
C18 GQB M . 42.72 -13.52 26.43
C22 GQB M . 39.70 -14.87 27.97
C23 GQB M . 38.55 -15.51 27.46
N11 GQB M . 35.33 -11.89 24.19
N12 GQB M . 36.00 -15.62 24.97
N19 GQB M . 43.95 -12.89 26.41
N20 GQB M . 41.96 -13.78 27.47
O01 GQB M . 36.45 -13.84 26.29
S17 GQB M . 41.94 -14.10 24.86
H041 GQB M . 32.91 -13.83 24.78
H061 GQB M . 31.05 -11.76 23.62
H071 GQB M . 31.01 -9.65 22.65
H081 GQB M . 32.95 -8.44 22.34
H091 GQB M . 35.02 -9.30 22.97
H131 GQB M . 37.15 -17.32 25.18
H132 GQB M . 36.55 -16.91 26.47
H151 GQB M . 39.25 -15.51 24.31
H221 GQB M . 39.78 -14.72 28.88
H231 GQB M . 37.90 -15.76 28.08
H111 GQB M . 36.16 -11.68 24.20
H121 GQB M . 35.56 -15.98 24.32
H191 GQB M . 44.46 -12.77 25.73
H192 GQB M . 44.33 -12.56 27.11
H201 GQB M . 42.17 -13.58 28.28
C21 GQB N . 44.90 -6.54 28.23
C10 GQB N . 39.57 -12.34 23.23
C02 GQB N . 41.14 -9.65 25.49
C03 GQB N . 40.76 -10.70 24.41
C04 GQB N . 41.46 -11.01 23.22
C05 GQB N . 40.72 -12.05 22.48
C06 GQB N . 40.98 -12.72 21.24
C07 GQB N . 40.06 -13.68 20.78
C08 GQB N . 38.91 -13.97 21.53
C09 GQB N . 38.64 -13.33 22.74
C13 GQB N . 40.84 -8.41 27.85
C14 GQB N . 42.30 -7.79 27.98
C15 GQB N . 43.49 -8.52 27.79
C16 GQB N . 44.75 -7.90 27.91
C18 GQB N . 47.16 -6.96 28.10
C22 GQB N . 43.71 -5.79 28.43
C23 GQB N . 42.45 -6.42 28.30
N11 GQB N . 39.58 -11.54 24.37
N12 GQB N . 40.51 -9.43 26.79
N19 GQB N . 48.53 -6.83 28.11
N20 GQB N . 46.26 -6.02 28.33
O01 GQB N . 42.09 -8.90 25.21
S17 GQB N . 46.36 -8.59 27.74
H041 GQB N . 42.27 -10.60 22.99
H061 GQB N . 41.74 -12.53 20.74
H071 GQB N . 40.21 -14.13 19.98
H081 GQB N . 38.32 -14.62 21.21
H091 GQB N . 37.86 -13.55 23.21
H131 GQB N . 40.59 -8.78 28.71
H132 GQB N . 40.20 -7.69 27.78
H151 GQB N . 43.42 -9.42 27.57
H221 GQB N . 43.75 -4.88 28.63
H231 GQB N . 41.70 -5.90 28.43
H111 GQB N . 39.00 -11.51 24.99
H121 GQB N . 39.87 -9.95 26.99
H191 GQB N . 49.10 -7.43 27.88
H192 GQB N . 48.95 -6.11 28.34
H201 GQB N . 46.45 -5.21 28.51
MG MG O . 20.79 31.63 -20.95
MG MG P . 18.59 32.37 -27.44
MG MG Q . 19.90 30.23 -26.08
MG MG R . 16.36 29.82 -22.83
MG MG S . 20.72 34.26 -22.45
P1 2PN T . 19.39 29.46 -22.54
O1 2PN T . 20.68 29.13 -23.24
O2 2PN T . 19.69 30.05 -21.19
O3 2PN T . 18.57 28.19 -22.37
N1 2PN T . 18.50 30.56 -23.48
P2 2PN T . 19.14 32.10 -23.84
O4 2PN T . 20.45 31.94 -24.58
O5 2PN T . 19.38 32.86 -22.56
O6 2PN T . 18.17 32.86 -24.71
NA NA U . 23.65 11.26 -17.03
K K V . 18.51 25.62 -23.34
MG MG W . -28.05 1.96 7.66
MG MG X . -27.25 2.02 13.21
MG MG Y . -27.33 -0.54 8.61
MG MG Z . -27.14 4.89 12.54
MG MG AA . -22.89 0.44 10.57
P1 2PN BA . -25.57 -0.66 11.38
O1 2PN BA . -24.45 -1.61 11.76
O2 2PN BA . -26.47 -1.34 10.37
O3 2PN BA . -26.37 -0.31 12.61
N1 2PN BA . -24.91 0.75 10.71
P2 2PN BA . -25.94 2.03 10.25
O4 2PN BA . -25.12 3.18 9.73
O5 2PN BA . -26.89 1.55 9.18
O6 2PN BA . -26.73 2.49 11.46
S1 D1D CA . -41.98 6.70 22.81
C1 D1D CA . -43.54 7.24 22.09
C2 D1D CA . -44.66 7.31 23.13
O2 D1D CA . -45.72 7.89 22.46
C3 D1D CA . -45.04 5.85 23.56
O3 D1D CA . -46.12 6.05 24.39
C4 D1D CA . -43.84 5.17 24.33
S4 D1D CA . -42.50 4.76 23.17
H1C1 D1D CA . -43.79 6.64 21.37
H1C2 D1D CA . -43.41 8.11 21.68
H2 D1D CA . -44.45 7.82 23.92
HA D1D CA . -46.28 8.13 23.05
H3 D1D CA . -45.30 5.27 22.83
HB D1D CA . -46.57 5.33 24.40
H4C1 D1D CA . -44.09 4.34 24.78
H4C2 D1D CA . -43.46 5.72 25.02
C21 GQB DA . -6.63 -53.09 30.42
C10 GQB DA . -13.94 -54.22 26.46
C02 GQB DA . -10.72 -55.58 28.03
C03 GQB DA . -12.12 -55.31 27.44
C04 GQB DA . -13.22 -56.20 27.43
C05 GQB DA . -14.37 -55.51 26.80
C06 GQB DA . -15.71 -55.93 26.51
C07 GQB DA . -16.58 -55.01 25.89
C08 GQB DA . -16.15 -53.73 25.56
C09 GQB DA . -14.85 -53.30 25.82
C13 GQB DA . -8.32 -56.68 28.31
C14 GQB DA . -7.71 -55.38 29.02
C15 GQB DA . -7.36 -54.21 28.34
C16 GQB DA . -6.83 -53.10 29.03
C18 GQB DA . -5.84 -50.95 30.12
C22 GQB DA . -6.99 -54.28 31.12
C23 GQB DA . -7.52 -55.38 30.41
N11 GQB DA . -12.61 -54.10 26.85
N12 GQB DA . -9.66 -56.52 27.64
N19 GQB DA . -5.33 -49.69 30.31
N20 GQB DA . -6.07 -51.88 31.02
O01 GQB DA . -10.43 -54.89 29.03
S17 GQB DA . -6.30 -51.52 28.41
H041 GQB DA . -13.19 -57.06 27.76
H061 GQB DA . -16.01 -56.78 26.73
H071 GQB DA . -17.46 -55.27 25.71
H081 GQB DA . -16.76 -53.15 25.14
H091 GQB DA . -14.59 -52.44 25.59
H131 GQB DA . -7.69 -57.05 27.69
H132 GQB DA . -8.38 -57.40 28.95
H151 GQB DA . -7.49 -54.17 27.41
H221 GQB DA . -6.89 -54.34 32.04
H231 GQB DA . -7.75 -56.14 30.91
H111 GQB DA . -12.10 -53.41 26.77
H121 GQB DA . -9.80 -57.03 26.95
H191 GQB DA . -5.47 -49.17 30.98
H192 GQB DA . -4.80 -49.29 29.76
H201 GQB DA . -5.92 -51.79 31.86
MG MG EA . -33.33 -9.42 -18.70
MG MG FA . -34.50 -11.38 -24.14
MG MG GA . -34.87 -15.28 -21.05
MG MG HA . -36.84 -13.11 -18.67
MG MG IA . -33.74 -13.22 -16.45
P1 2PN JA . -33.94 -13.11 -18.94
O1 2PN JA . -32.70 -13.36 -19.78
O2 2PN JA . -33.64 -12.07 -17.89
O3 2PN JA . -34.37 -14.39 -18.27
N1 2PN JA . -35.19 -12.54 -19.94
P2 2PN JA . -34.99 -11.08 -20.80
O4 2PN JA . -33.76 -11.19 -21.69
O5 2PN JA . -34.79 -9.95 -19.82
O6 2PN JA . -36.20 -10.80 -21.65
NA NA KA . -27.98 -31.78 -12.94
K K LA . -33.97 -17.21 -18.82
#